data_6EU1
#
_entry.id   6EU1
#
_cell.length_a   1.0
_cell.length_b   1.0
_cell.length_c   1.0
_cell.angle_alpha   90.00
_cell.angle_beta   90.00
_cell.angle_gamma   90.00
#
_symmetry.space_group_name_H-M   'P 1'
#
loop_
_entity.id
_entity.type
_entity.pdbx_description
1 polymer 'DNA-directed RNA polymerase III subunit RPC1'
2 polymer 'DNA-directed RNA polymerase III subunit RPC2'
3 polymer 'DNA-directed RNA polymerases I and III subunit RPAC1'
4 polymer 'DNA-directed RNA polymerase III subunit RPC9'
5 polymer 'DNA-directed RNA polymerases I, II, and III subunit RPABC1'
6 polymer 'DNA-directed RNA polymerases I, II, and III subunit RPABC2'
7 polymer 'DNA-directed RNA polymerase III subunit RPC8'
8 polymer 'DNA-directed RNA polymerases I, II, and III subunit RPABC3'
9 polymer 'DNA-directed RNA polymerase III subunit RPC10'
10 polymer 'DNA-directed RNA polymerases I, II, and III subunit RPABC5'
11 polymer 'DNA-directed RNA polymerases I and III subunit RPAC2'
12 polymer 'DNA-directed RNA polymerases I, II, and III subunit RPABC4'
13 polymer 'DNA-directed RNA polymerase III subunit RPC5'
14 polymer 'DNA-directed RNA polymerase III subunit RPC4'
15 polymer 'DNA-directed RNA polymerase III subunit RPC3'
16 polymer 'DNA-directed RNA polymerase III subunit RPC6'
17 polymer 'DNA-directed RNA polymerase III subunit RPC7'
18 polymer Non-Template
19 polymer Template
20 non-polymer 'ZINC ION'
21 non-polymer 'MAGNESIUM ION'
#
loop_
_entity_poly.entity_id
_entity_poly.type
_entity_poly.pdbx_seq_one_letter_code
_entity_poly.pdbx_strand_id
1 'polypeptide(L)'
;MKEVVVSETPKRIKGLEFSALSAADIVAQSEVEVSTRDLFDLEKDRAPKANGALDPKMGVSSSSLECATCHGNLASCHGH
FGHLKLALPVFHIGYFKATIQILQGICKNCSAILLSETDKRQFLHELRRPGVDNLRRMGILKKILDQCKKQRRCLHCGAL
NGVVKKAAAGAGSAALKIIHDTFRWVGKKSAPEKDIWVGEWKEVLAHNPELERYVKRCMDDLNPLKTLNLFKQIKSADCE
LLGIDATVPSGRPETYIWRYLPAPPVCIRPSVMMQDSPASNEDDLTVKLTEIVWTSSLIKAGLDKGISINNMMEHWDYLQ
LTVAMYINSDSVNPAMLPGSSNGGGKVKPIRGFCQRLKGKQGRFRGNLSGKRVDFSGRTVISPDPNLSIDEVAVPDRVAK
VLTYPEKVTRYNRHKLQELIVNGPNVHPGANYLLKRNEDARRNLRYGDRMKLAKNLQIGDVVERHLEDGDVVLFNRQPSL
HRLSILSHYAKIRPWRTFRLNECVCTPYNADFDGDEMNLHVPQTEEARAEAINLMGVKNNLLTPKSGEPIIAATQDFITG
SYLISHKDSFYDRATLTQLLSMMSDGIEHFDIPPPAIMKPYYLWTGKQVFSLLIKPNHNSPVVINLDAKNKVFVPPKSKS
LPNEMSQNDGFVIIRGSQILSGVMDKSVLGDGKKHSVFYTILRDYGPQEAANAMNRMAKLCARFLGNRGFSIGINDVTPA
DDLKQKKEELVEIAYHKCDELITLFNKGELETQPGCNEEQTLEAKIGGLLSKVREEVGDVCINELDNWNAPLIMATCGSK
GSTLNVSQMVAVVGQQIISGNRVPDGFQDRSLPHFPKNSKTPQSKGFVRNSFFSGLSPPEFLFHAISGREGLVDTAVKTA
ETGYMSRRLMKSLEDLSCQYDNTVRTSANGIVQFTYGGDGLDPLEMEGNAQPVNFNRSWDHAYNITFNNQDKGLLPYAIM
ETANEILGPLEERLVRYDNSGCLVKREDLNKAEYVDQYDAERDFYHSLREYINGKATALANLRKSRGMLGLLEPPAKELQ
GIDPDETVPDNVKTSVSQLYRISEKSVRKFLEIALFKYRKARLEPGTAIGAIGAQSIGEPGTQMTLKTFHFAGVASMNVT
LGVPRIKEIINASKVISTPIINAVLVNDNDERAARVVKGRVEKTLLSDVAFYVQDVYKDNLSFIQVRIDLGTIDKLQLEL
TIEDIAVAITRASKLKIQASDVNIIGKDRIAINVFPEGYKAKSISTSAKEPSENDVFYRMQQLRRALPDVVVKGLPDISR
AVINIRDDGKRELLVEGYGLRDVMCTDGVIGSRTTTNHVLEVFSVLGIEAARYSIIREINYTMSNHGMSVDPRHIQLLGD
VMTYKGEVLGITRFGLSKMRDSVLQLASFEKTTDHLFDAAFYMKKDAVEGVSECIILGQTMSIGTGSFKVVKGTNISEKD
LVPKRCLFESLSNEAALKAN
;
A
2 'polypeptide(L)'
;MVAATKRRKTHIHKHVKDEAFDDLLKPVYKGKKLTDEINTAQDKWHLLPAFLKVKGLVKQHLDSFNYFVDTDLKKIIKAN
QLILSDVDPEFYLKYVDIRVGKKSSSSTKDYLTPPHECRLRDMTYSAPIYVDIEYTRGRNIIMHKDVEIGRMPIMLRSNK
CILYDADESKMAKLNECPLDPGGYFIVNGTEKVILVQEQLSKNRIIVEADEKKGIVQASVTSSTHERKSKTYVITKNGKI
YLKHNSIAEEIPIAIVLKACGILSDLEIMQLVCGNDSSYQDIFAVNLEESSKLDIYTQQQALEYIGAKVKTMRRQKLTIL
QEGIEAIATTVIAHLTVEALDFREKALYIAMMTRRVVMAMYNPKMIDDRDYVGNKRLELAGQLISLLFEDLFKKFNNDFK
LSIDKVLKKPNRAMEYDALLSINVHSNNITSGLNRAISTGNWSLKRFKMERAGVTHVLSRLSYISALGMMTRISSQFEKS
RKVSGPRALQPSQFGMLCTADTPEGEACGLVKNLALMTHITTDDEEEPIKKLCYVLGVEDITLIDSASLHLNYGVYLNGT
LIGSIRFPTKFVTQFRHLRRTGKVSEFISIYSNSHQMAVHIATDGGRICRPLIIVSDGQSRVKDIHLRKLLDGELDFDDF
LKLGLVEYLDVNEENDSYIALYEKDIVPSMTHLEIEPFTILGAVAGLIPYPHHNQSPRNTYQCAMGKQAIGAIAYNQFKR
IDTLLYLMTYPQQPMVKTKTIELIDYDKLPAGQNATVAVMSYSGYDIEDALVLNKSSIDRGFGRCETRRKTTTVLKRYAN
HTQDIIGGMRVDENGDPIWQHQSLGPDGLGEVGMKVQSGQIYINKSVPTNSADAPNPNNVNVQTQYREAPVIYRGPEPSH
IDQVMMSVSDNDQALIKVLLRQNRRPELGDKFSSRHGQKGVCGIIVKQEDMPFNDQGIVPDIIMNPHGFPSRMTVGKMIE
LISGKAGVLNGTLEYGTCFGGSKLEDMSKILVDQGFNYSGKDMLYSGITGECLQAYIFFGPIYYQKLKHMVLDKMHARAR
GPRAVLTRQPTEGRSRDGGLRLGEMERDCVIAYGASQLLLERLMISSDAFEVDVCDKCGLMGYSGWCTTCKSAENIIKMT
IPYAAKLLFQELLSMNIAPRLRLEDIFQQ
;
B
3 'polypeptide(L)'
;MSNIVGIEYNRVTNTTSTDFPGFSKDAENEWNVEKFKKDFEVNISSLDAREANFDLINIDTSIANAFRRIMISEVPSVAA
EYVYFFNNTSVIQDEVLAHRIGLVPLKVDPDMLTWVDSNLPDDEKFTDENTIVLSLNVKCTRNPDAPKGSTDPKELYNNA
HVYARDLKFEPQGRQSTTFADCPVVPADPDILLAKLRPGQEISLKAHCILGIGGDHAKFSPVSTASYRLLPQINILQPIK
GESARRFQKCFPPGVIGIDEGSDEAYVKDARKDTVSREVLRYEEFADKVKLGRVRNHFIFNVESAGAMTPEEIFFKSVRI
LKNKAEYLKNCPITQ
;
C
4 'polypeptide(L)'
;MKVLEERNAFLSDYEVLKFLTDLEKKHLWDQKSLAALKKSRSKGKQNRPYNHPELQGITRNVVNYLSINKNFINQEDEGE
ERESSGAKDAEKSGISKMSDESFAELMTKLNSFKLFKAEKLQIVNQLPANMVHLYSIVEECDARFDEKTIEEMLEIISGY
A
;
D
5 'polypeptide(L)'
;MDQENERNISRLWRAFRTVKEMVKDRGYFITQEEVELPLEDFKAKYCDSMGRPQRKMMSFQANPTEESISKFPDMGSLWV
EFCDEPSVGVKTMKTFVIHIQEKNFQTGIFVYQNNITPSAMKLVPSIPPATIETFNEAALVVNITHHELVPKHIRLSSDE
KRELLKRYRLKESQLPRIQRADPVALYLGLKRGEVVKIIRKSETSGRYASYRICM
;
E
6 'polypeptide(L)'
;MSDYEEAFNDGNENFEDFDVEHFSDEETYEEKPQFKDGETTDANGKTIVTGGNGPEDFQQHEQIRRKTLKEKAIPKDQRA
TTPYMTKYERARILGTRALQISMNAPVFVDLEGETDPLRIAMKELAEKKIPLVIRRYLPDGSFEDWSVEELIVDL
;
F
7 'polypeptide(L)'
;MFILSKIADLVRIPPDQFHRDTISAITHQLNNKFANKIIPNVGLCITIYDLLTVEEGQLKPGDGSSYINVTFRAVVFKPF
LGEIVTGWISKCTAEGIKVSLLGIFDDIFIPQNMLFEGCYYTPEESAWIWPMDEETKLYFDVNEKIRFRIEREVFVDVKP
KSPKERELEERAQLENEIEGKNEETPQNEKPPAYALLGSCQTDGMGLVSWWE
;
G
8 'polypeptide(L)'
;MSNTLFDDIFQVSEVDPGRYNKVCRIEAASTTQDQCKLTLDINVELFPVAAQDSLTVTIASSLNLEDTPANDSSATRSWR
PPQAGDRSLADDYDYVMYGTAYKFEEVSKDLIAVYYSFGGLLMRLEGNYRNLNNLKQENAYLLIRR
;
H
9 'polypeptide(L)'
;MLSFCPSCNNMLLITSGDSGVYTLACRSCPYEFPIEGIEIYDRKKLPRKEVDDVLGGGWDNVDQTKTQCPNYDTCGGESA
YFFQLQIRSADEPMTTFYKCVNCGHRWKEN
;
I
10 'polypeptide(L)' MIVPVRCFSCGKVVGDKWESYLNLLQEDELDEGTALSRLGLKRYCCRRMILTHVDLIEKFLRYNPLEKRD J
11 'polypeptide(L)'
;MTEDIEQKKTATEVTPQEPKHIQEEEEQDVDMTGDEEQEEEPDREKIKLLTQATSEDGTSASFQIVEEDHTLGNALRYVI
MKNPDVEFCGYSIPHPSENLLNIRIQTYGETTAVDALQKGLKDLMDLCDVVESKFTEKIKSM
;
K
12 'polypeptide(L)' MSREGFQIPTNLDAAAAGTSQARTATLKYICAECSSKLSLSRTDAVRCKDCGHRILLKARTKRLVQFEAR L
13 'polypeptide(L)'
;MSIDNKLFVTEEDEEDRTQDRADVEDESNDIDMIADENGTNSAIANEQEEKSEEVKAEDDTGEEEEDDPVIEEFPLKISG
EEESLHVFQYANRPRLVGRKPAEHPFISAARYKPKSHLWEIDIPLDEQAFYNKDKAESEWNGVNVQTLKGVGVENNGQYA
AFVKDMQVYLVPIERVAQLKPFFKYIDDANVTRKQEDARRNPNPSSQRAQVVTMSVKSVNDPSQNRLTGSLLAHKVADEE
ANIELTWAEGTFEQFKDTIVKEAEDKTLVALEKQEDYIDNLV
;
M
14 'polypeptide(L)'
;MSSNKGNGRLPSLKDSSSNGGGSAKPSLKFKPKAVARKSKEEREAAASKVKLEEESKRGNDKKHFNNKNKRVTGAGGQQR
RMAKYLNNTHVISSGPLAAGNFVSEKGDLRRGFIKSEGSGSSLVQKGLETIDNGAESSENEAEDDDNEGVASKSKKKFNM
GKEFEARNLIEDEDDGESEKSSDVDMDDEEWRSKRIEQLFPVRPVRVRHEDVETVKREIQEALSEKPTREPTPSVKTEPV
GTGLQSYLEERERQVNEKLADLGLEKEFQSVDGKEAAAELELLNADHQHILRKLKKMNNKPERFMVFQLPTRLPAFERPA
VKEEKEDMETQASDPSKKKKNIKKKDTKDALSTRELAGKVGSIRVHKSGKLSVKIGNVVMDIGKGAETTFLQDVIALSIA
DDASSAELLGRVDGKIVVTPQI
;
N
15 'polypeptide(L)'
;MDELLGEALSAENQTGESTVESEKLVTPEDVMTISSLEQRTLNPDLFLYKELVKAHLGERAASVIGMLVALGRLSVRELV
EKIDGMDVDSVKTTLVSLTQLRCVKYLQETAISGKKTTYYYYNEEGIHILLYSGLIIDEIITQMRVNDEEEHKQLVAEIV
QNVISLGSLTVEDYLSSVTSDSMKYTISSLFVQLCEMGYLIQISKLHYTPIEDLWQFLYEKHYKNIPRNSPLSDLKKRSQ
AKMNAKTDFAKIINKPNELSQILTVDPKTSLRIVKPTVSLTINLDRFMKGRRSKQLINLAKTRVGSVTAQVYKIALRLTE
QKSPKIRDPLTQTGLLQDLEEAKSFQDEAELVEEKTPGLTFNAIDLARHLPAELDLRGSLLSRKPSDNKKRSGSNAAASL
PSKKLKTEDGFVIPALPAAVSKSLQESGDTQEEDEEEEDLDADTEDPHSASLINSHLKILASSNFPFLNETKPGVYYVPY
SKLMPVLKSSVYEYVIASTLGPSAMRLSRCIRDNKLVSEKIINSTALMKEKDIRSTLASLIRYNSVEIQEVPRTADRSAS
RAVFLFRCKETHSYNFMRQNLEWNMANLLFKKEKLKQENSTLLKKANRDDVKGRENELLLPSELNQLKMVNERELNVFAR
LSRLLSLWEVFQMA
;
O
16 'polypeptide(L)'
;MSGMIENGLQLSDNAKTLHSQMMSKGIGALFTQQELQKQMGIGSLTDLMSIVQELLDKNLIKLVKQNDELKFQGVLESEA
QKKATMSAEEALVYSYIEASGREGIWSKTIKARTNLHQHVVLKCLKSLESQRYVKSVKSVKFPTRKIYMLYSLQPSVDIT
GGPWFTDGELDIEFINSLLTIVWRFISENTFPNGFKNFENGPKKNVFYAPNVKNYSTTQEILEFITAAQVANVELTPSNI
RSLCEVLVYDDKLEKVTHDCYRVTLESILQMNQGEGEPEAGNKALEDEEEFSIFNYFKMFPASKHDKEVVYFDEWTI
;
P
17 'polypeptide(L)'
;MSSYRGGSRGGGSNYMSNLPFGLGYGDVGKNHITEFPSIPLPINGPITNKERSLAVKYINFGKTVKDGPFYTGSMSLIID
QQENSKSGKRKPNIILDEDDTNDGIERYSDKYLKKRKIGISIDDHPYNLNLFPNELYNVMGINKKKLLAISKFNNADDVF
TGTGLQDENIGLSMLAKLKELAEDVDDASTGDGAAKGSKTGEGEDDDLADDDFEEDEDEEDDDDYNAEKYFNNGDDDDYG
DEEDPNEEAAF
;
Q
18 'polydeoxyribonucleotide'
;(DC)(DG)(DT)(DC)(DC)(DA)(DC)(DT)(DA)(DT)(DT)(DT)(DT)(DC)(DG)(DG)(DC)(DT)(DA)(DC)
(DT)(DA)(DT)(DA)(DA)(DA)(DA)(DA)(DA)(DA)(DT)(DG)(DT)(DT)(DT)(DT)(DT)(DT)(DT)(DC)
(DG)(DC)(DA)(DA)(DC)(DT)(DA)(DT)(DG)(DT)(DG)(DT)(DT)(DC)(DG)(DC)(DG)(DA)(DA)(DG)
(DT)(DA)(DA)(DC)(DC)(DC)(DT)(DT)(DC)(DG)
;
R
19 'polydeoxyribonucleotide'
;(DC)(DG)(DA)(DA)(DG)(DG)(DG)(DT)(DT)(DA)(DC)(DT)(DT)(DC)(DG)(DC)(DG)(DA)(DA)(DC)
(DA)(DC)(DA)(DT)(DA)(DG)(DT)(DT)(DG)(DC)(DG)(DA)(DA)(DA)(DA)(DA)(DA)(DA)(DC)(DA)
(DT)(DT)(DT)(DT)(DT)(DT)(DT)(DA)(DT)(DA)(DG)(DT)(DA)(DG)(DC)(DC)(DG)(DA)(DA)(DA)
(DA)(DT)(DA)(DG)(DT)(DG)(DG)(DA)(DC)(DG)
;
S
#
# COMPACT_ATOMS: atom_id res chain seq x y z
N LYS A 2 15.83 15.42 -54.76
CA LYS A 2 16.13 16.14 -53.53
C LYS A 2 14.85 16.37 -52.73
N GLU A 3 15.03 16.48 -51.40
CA GLU A 3 13.99 16.72 -50.38
C GLU A 3 12.74 15.85 -50.60
N VAL A 4 12.95 14.55 -50.42
CA VAL A 4 11.90 13.56 -50.69
C VAL A 4 10.73 13.73 -49.71
N VAL A 5 9.58 13.18 -50.10
CA VAL A 5 8.35 13.33 -49.35
C VAL A 5 8.42 12.50 -48.07
N VAL A 6 8.29 13.17 -46.93
CA VAL A 6 8.20 12.51 -45.63
C VAL A 6 6.82 12.80 -45.05
N SER A 7 6.22 11.78 -44.44
CA SER A 7 4.89 11.90 -43.86
C SER A 7 4.79 10.93 -42.69
N GLU A 8 4.39 11.44 -41.53
CA GLU A 8 4.39 10.68 -40.29
C GLU A 8 2.99 10.68 -39.70
N THR A 9 2.56 9.51 -39.22
CA THR A 9 1.24 9.30 -38.63
C THR A 9 1.36 9.24 -37.11
N PRO A 10 0.56 10.03 -36.38
CA PRO A 10 0.64 9.99 -34.91
C PRO A 10 0.03 8.73 -34.32
N LYS A 11 0.81 7.66 -34.27
CA LYS A 11 0.29 6.35 -33.88
C LYS A 11 0.05 6.25 -32.38
N ARG A 12 -0.81 5.29 -32.02
CA ARG A 12 -1.13 5.00 -30.63
C ARG A 12 -0.06 4.10 -30.02
N ILE A 13 -0.40 3.49 -28.88
CA ILE A 13 0.44 2.50 -28.24
C ILE A 13 -0.45 1.36 -27.71
N LYS A 14 -0.61 0.31 -28.52
CA LYS A 14 -1.49 -0.79 -28.19
C LYS A 14 -0.69 -2.04 -27.87
N GLY A 15 -1.14 -2.78 -26.86
CA GLY A 15 -0.46 -3.99 -26.45
C GLY A 15 0.87 -3.78 -25.77
N LEU A 16 1.34 -4.79 -25.06
CA LEU A 16 2.68 -4.73 -24.47
C LEU A 16 3.20 -6.17 -24.41
N GLU A 17 3.89 -6.57 -25.47
CA GLU A 17 4.29 -7.97 -25.65
C GLU A 17 5.50 -8.26 -24.77
N PHE A 18 5.32 -9.12 -23.79
CA PHE A 18 6.38 -9.49 -22.86
C PHE A 18 7.24 -10.62 -23.44
N SER A 19 8.54 -10.51 -23.22
CA SER A 19 9.49 -11.55 -23.61
C SER A 19 10.72 -11.42 -22.70
N ALA A 20 11.74 -12.21 -22.99
CA ALA A 20 13.02 -12.11 -22.32
C ALA A 20 14.10 -11.78 -23.33
N LEU A 21 15.11 -11.03 -22.88
CA LEU A 21 16.21 -10.64 -23.76
C LEU A 21 17.11 -11.83 -24.02
N SER A 22 17.26 -12.18 -25.29
CA SER A 22 18.24 -13.18 -25.68
C SER A 22 19.65 -12.64 -25.54
N ALA A 23 20.63 -13.54 -25.60
CA ALA A 23 22.02 -13.12 -25.53
C ALA A 23 22.45 -12.35 -26.77
N ALA A 24 21.78 -12.58 -27.90
CA ALA A 24 22.04 -11.80 -29.10
C ALA A 24 21.40 -10.42 -29.04
N ASP A 25 20.39 -10.23 -28.19
CA ASP A 25 19.74 -8.93 -28.07
C ASP A 25 20.42 -8.06 -27.02
N ILE A 26 21.06 -8.67 -26.03
CA ILE A 26 21.87 -7.92 -25.07
C ILE A 26 23.10 -7.35 -25.76
N VAL A 27 23.70 -8.12 -26.67
CA VAL A 27 24.86 -7.66 -27.43
C VAL A 27 24.44 -6.86 -28.67
N ALA A 28 23.14 -6.67 -28.87
CA ALA A 28 22.70 -5.71 -29.88
C ALA A 28 22.73 -4.29 -29.32
N GLN A 29 22.23 -4.11 -28.11
CA GLN A 29 22.32 -2.84 -27.39
C GLN A 29 23.63 -2.77 -26.59
N SER A 30 24.72 -2.69 -27.35
CA SER A 30 26.06 -2.94 -26.85
C SER A 30 27.01 -1.81 -27.25
N GLU A 31 26.63 -0.58 -26.92
CA GLU A 31 27.46 0.59 -27.21
C GLU A 31 28.82 0.53 -26.52
N VAL A 32 28.89 -0.09 -25.34
CA VAL A 32 30.15 -0.32 -24.66
C VAL A 32 30.41 -1.82 -24.56
N GLU A 33 31.62 -2.17 -24.14
CA GLU A 33 31.99 -3.55 -23.84
C GLU A 33 32.59 -3.56 -22.44
N VAL A 34 31.92 -4.26 -21.53
CA VAL A 34 32.23 -4.19 -20.12
C VAL A 34 33.00 -5.47 -19.78
N SER A 35 33.50 -5.56 -18.53
CA SER A 35 34.23 -6.71 -17.98
C SER A 35 35.59 -6.91 -18.65
N THR A 36 36.40 -5.86 -18.65
CA THR A 36 37.83 -5.98 -18.92
C THR A 36 38.67 -5.65 -17.70
N ARG A 37 38.58 -4.41 -17.20
CA ARG A 37 39.14 -4.08 -15.88
C ARG A 37 38.09 -3.51 -14.95
N ASP A 38 37.43 -2.43 -15.35
CA ASP A 38 36.31 -1.76 -14.68
C ASP A 38 36.57 -1.22 -13.28
N LEU A 39 37.81 -1.31 -12.80
CA LEU A 39 38.25 -0.58 -11.62
C LEU A 39 38.95 0.71 -12.02
N PHE A 40 38.26 1.49 -12.86
CA PHE A 40 38.87 2.62 -13.55
C PHE A 40 37.96 3.84 -13.57
N ASP A 41 36.72 3.73 -13.07
CA ASP A 41 35.71 4.77 -13.22
C ASP A 41 36.03 6.05 -12.44
N LEU A 42 36.91 5.98 -11.44
CA LEU A 42 37.44 7.16 -10.77
C LEU A 42 38.95 7.00 -10.78
N GLU A 43 39.59 7.38 -11.87
CA GLU A 43 41.00 7.09 -12.08
C GLU A 43 41.87 8.30 -11.71
N LYS A 44 43.16 8.23 -12.07
CA LYS A 44 44.18 9.09 -11.46
C LYS A 44 44.19 10.51 -12.00
N ASP A 45 43.79 10.73 -13.26
CA ASP A 45 44.02 12.00 -13.94
C ASP A 45 42.91 13.03 -13.62
N ARG A 46 42.77 13.30 -12.32
CA ARG A 46 41.69 14.12 -11.74
C ARG A 46 40.31 13.58 -12.10
N ALA A 47 40.21 12.24 -12.10
CA ALA A 47 39.00 11.43 -12.19
C ALA A 47 38.05 11.68 -13.37
N PRO A 48 38.46 11.41 -14.63
CA PRO A 48 37.45 11.09 -15.66
C PRO A 48 37.23 9.59 -15.70
N LYS A 49 36.44 9.12 -16.66
CA LYS A 49 36.11 7.71 -16.78
C LYS A 49 36.27 7.28 -18.23
N ALA A 50 36.75 6.03 -18.43
CA ALA A 50 36.99 5.51 -19.78
C ALA A 50 36.97 3.98 -19.72
N ASN A 51 35.86 3.38 -20.16
CA ASN A 51 35.65 1.93 -20.23
C ASN A 51 35.80 1.27 -18.85
N GLY A 52 34.92 1.67 -17.94
CA GLY A 52 34.86 1.12 -16.61
C GLY A 52 33.46 0.64 -16.29
N ALA A 53 33.07 0.79 -15.02
CA ALA A 53 31.69 0.53 -14.64
C ALA A 53 30.74 1.59 -15.14
N LEU A 54 31.24 2.80 -15.38
CA LEU A 54 30.49 3.89 -15.99
C LEU A 54 31.40 4.58 -17.00
N ASP A 55 30.82 5.02 -18.11
CA ASP A 55 31.56 5.41 -19.29
C ASP A 55 30.95 6.70 -19.80
N PRO A 56 31.67 7.46 -20.67
CA PRO A 56 31.01 8.54 -21.41
C PRO A 56 30.38 8.06 -22.70
N LYS A 57 30.18 6.75 -22.85
CA LYS A 57 29.38 6.22 -23.94
C LYS A 57 28.07 5.63 -23.44
N MET A 58 27.85 5.60 -22.12
CA MET A 58 26.59 5.20 -21.53
C MET A 58 25.82 6.36 -20.93
N GLY A 59 26.20 7.59 -21.24
CA GLY A 59 25.47 8.76 -20.81
C GLY A 59 26.32 9.69 -19.97
N VAL A 60 25.64 10.66 -19.35
CA VAL A 60 26.27 11.72 -18.57
C VAL A 60 25.70 11.65 -17.15
N SER A 61 26.58 11.70 -16.16
CA SER A 61 26.18 11.73 -14.75
C SER A 61 26.42 13.09 -14.11
N SER A 62 26.56 14.13 -14.91
CA SER A 62 26.87 15.48 -14.41
C SER A 62 26.23 16.49 -15.36
N SER A 63 26.69 17.74 -15.29
CA SER A 63 26.28 18.78 -16.22
C SER A 63 27.27 18.96 -17.36
N SER A 64 28.56 18.85 -17.09
CA SER A 64 29.60 18.84 -18.11
C SER A 64 29.83 17.40 -18.56
N LEU A 65 30.96 17.15 -19.25
CA LEU A 65 31.42 15.82 -19.68
C LEU A 65 30.40 15.15 -20.62
N GLU A 66 30.32 15.75 -21.81
CA GLU A 66 29.43 15.31 -22.88
C GLU A 66 29.61 13.84 -23.23
N CYS A 67 28.48 13.16 -23.46
CA CYS A 67 28.51 11.75 -23.83
C CYS A 67 28.97 11.56 -25.28
N ALA A 68 29.62 10.43 -25.53
CA ALA A 68 30.24 10.17 -26.83
C ALA A 68 29.29 9.57 -27.85
N THR A 69 28.07 9.21 -27.45
CA THR A 69 27.06 8.71 -28.39
C THR A 69 25.89 9.67 -28.51
N CYS A 70 25.24 10.03 -27.40
CA CYS A 70 24.25 11.10 -27.37
C CYS A 70 24.98 12.37 -26.95
N HIS A 71 25.30 13.23 -27.92
CA HIS A 71 26.06 14.45 -27.64
C HIS A 71 25.16 15.42 -26.89
N GLY A 72 25.09 15.21 -25.58
CA GLY A 72 24.23 16.00 -24.72
C GLY A 72 24.66 15.88 -23.28
N ASN A 73 23.71 16.02 -22.37
CA ASN A 73 24.02 16.11 -20.95
C ASN A 73 22.89 15.44 -20.18
N LEU A 74 22.79 15.76 -18.88
CA LEU A 74 21.80 15.16 -17.99
C LEU A 74 20.36 15.45 -18.41
N ALA A 75 20.13 16.54 -19.14
CA ALA A 75 18.80 16.86 -19.66
C ALA A 75 18.67 16.57 -21.15
N SER A 76 19.63 15.85 -21.76
CA SER A 76 19.58 15.57 -23.18
C SER A 76 19.79 14.10 -23.49
N CYS A 77 20.54 13.41 -22.64
CA CYS A 77 20.88 12.02 -22.90
C CYS A 77 19.77 11.08 -22.41
N HIS A 78 19.49 10.06 -23.20
CA HIS A 78 18.51 9.06 -22.82
C HIS A 78 19.13 8.00 -21.91
N GLY A 79 20.12 7.28 -22.41
CA GLY A 79 20.74 6.19 -21.68
C GLY A 79 21.15 5.10 -22.65
N HIS A 80 22.21 4.38 -22.29
CA HIS A 80 22.79 3.35 -23.14
C HIS A 80 23.19 2.15 -22.30
N PHE A 81 22.89 0.96 -22.79
CA PHE A 81 23.17 -0.27 -22.07
C PHE A 81 24.56 -0.79 -22.43
N GLY A 82 24.95 -1.91 -21.82
CA GLY A 82 26.22 -2.55 -22.11
C GLY A 82 26.29 -3.98 -21.64
N HIS A 83 26.72 -4.89 -22.51
CA HIS A 83 26.79 -6.30 -22.16
C HIS A 83 27.99 -6.58 -21.26
N LEU A 84 27.87 -7.62 -20.44
CA LEU A 84 28.94 -8.03 -19.54
C LEU A 84 29.06 -9.54 -19.66
N LYS A 85 29.99 -10.00 -20.49
CA LYS A 85 30.18 -11.43 -20.70
C LYS A 85 30.83 -12.07 -19.48
N LEU A 86 30.26 -13.18 -19.01
CA LEU A 86 30.78 -13.90 -17.86
C LEU A 86 30.81 -15.39 -18.18
N ALA A 87 31.92 -16.05 -17.85
CA ALA A 87 32.00 -17.49 -17.98
C ALA A 87 31.30 -18.15 -16.79
N LEU A 88 31.06 -19.48 -16.94
CA LEU A 88 30.37 -20.32 -15.97
C LEU A 88 29.00 -19.76 -15.61
N PRO A 89 27.99 -19.96 -16.46
CA PRO A 89 26.69 -19.29 -16.31
C PRO A 89 25.97 -19.65 -15.02
N VAL A 90 24.93 -18.87 -14.73
CA VAL A 90 24.32 -18.79 -13.41
C VAL A 90 22.80 -18.64 -13.56
N PHE A 91 22.06 -19.35 -12.70
CA PHE A 91 20.61 -19.24 -12.59
C PHE A 91 20.14 -17.80 -12.42
N HIS A 92 19.01 -17.50 -13.07
CA HIS A 92 18.31 -16.25 -12.84
C HIS A 92 17.50 -16.36 -11.54
N ILE A 93 17.58 -15.34 -10.70
CA ILE A 93 16.95 -15.43 -9.38
C ILE A 93 15.42 -15.29 -9.48
N GLY A 94 14.91 -14.64 -10.52
CA GLY A 94 13.50 -14.56 -10.74
C GLY A 94 12.99 -15.74 -11.56
N TYR A 95 13.82 -16.19 -12.50
CA TYR A 95 13.53 -17.42 -13.25
C TYR A 95 14.19 -18.61 -12.56
N PHE A 96 13.79 -18.84 -11.32
CA PHE A 96 14.31 -19.94 -10.53
C PHE A 96 13.23 -20.89 -10.05
N LYS A 97 12.01 -20.38 -9.79
CA LYS A 97 10.89 -21.27 -9.51
C LYS A 97 10.30 -21.84 -10.80
N ALA A 98 10.29 -21.03 -11.86
CA ALA A 98 9.81 -21.47 -13.16
C ALA A 98 10.85 -22.26 -13.94
N THR A 99 12.10 -22.30 -13.47
CA THR A 99 13.11 -23.17 -14.07
C THR A 99 12.78 -24.64 -13.80
N ILE A 100 12.20 -24.93 -12.62
CA ILE A 100 11.85 -26.30 -12.26
C ILE A 100 10.73 -26.83 -13.16
N GLN A 101 9.73 -26.00 -13.44
CA GLN A 101 8.56 -26.42 -14.21
C GLN A 101 8.90 -26.79 -15.65
N ILE A 102 9.99 -26.26 -16.20
CA ILE A 102 10.54 -26.79 -17.44
C ILE A 102 11.29 -28.08 -17.17
N LEU A 103 12.13 -28.07 -16.14
CA LEU A 103 13.15 -29.10 -15.94
C LEU A 103 12.60 -30.34 -15.24
N GLN A 104 11.47 -30.22 -14.55
CA GLN A 104 10.87 -31.41 -13.94
C GLN A 104 9.99 -32.16 -14.92
N GLY A 105 9.41 -31.46 -15.90
CA GLY A 105 8.54 -32.08 -16.88
C GLY A 105 9.22 -32.68 -18.08
N ILE A 106 10.55 -32.69 -18.12
CA ILE A 106 11.31 -33.28 -19.21
C ILE A 106 12.23 -34.36 -18.64
N CYS A 107 12.83 -35.13 -19.54
CA CYS A 107 13.80 -36.15 -19.15
C CYS A 107 15.13 -35.50 -18.81
N LYS A 108 16.05 -36.30 -18.28
CA LYS A 108 17.36 -35.80 -17.88
C LYS A 108 18.50 -36.42 -18.66
N ASN A 109 18.23 -37.36 -19.56
CA ASN A 109 19.25 -37.92 -20.44
C ASN A 109 19.01 -37.58 -21.90
N CYS A 110 17.83 -37.92 -22.43
CA CYS A 110 17.44 -37.50 -23.77
C CYS A 110 16.90 -36.07 -23.77
N SER A 111 16.52 -35.57 -22.59
CA SER A 111 15.95 -34.23 -22.37
C SER A 111 14.67 -34.01 -23.16
N ALA A 112 13.92 -35.06 -23.44
CA ALA A 112 12.62 -34.93 -24.09
C ALA A 112 11.52 -34.86 -23.05
N ILE A 113 10.37 -34.31 -23.45
CA ILE A 113 9.23 -34.21 -22.56
C ILE A 113 8.64 -35.59 -22.35
N LEU A 114 8.32 -35.92 -21.10
CA LEU A 114 7.81 -37.24 -20.75
C LEU A 114 6.28 -37.16 -20.74
N LEU A 115 5.70 -37.51 -21.89
CA LEU A 115 4.28 -37.32 -22.17
C LEU A 115 3.91 -38.13 -23.39
N SER A 116 2.81 -38.88 -23.33
CA SER A 116 2.41 -39.71 -24.45
C SER A 116 1.86 -38.86 -25.59
N GLU A 117 1.92 -39.42 -26.80
CA GLU A 117 1.57 -38.66 -28.01
C GLU A 117 0.06 -38.41 -28.13
N THR A 118 -0.77 -39.22 -27.48
CA THR A 118 -2.20 -38.95 -27.48
C THR A 118 -2.54 -37.85 -26.47
N ASP A 119 -1.87 -37.85 -25.31
CA ASP A 119 -2.08 -36.82 -24.31
C ASP A 119 -1.56 -35.46 -24.77
N LYS A 120 -0.60 -35.45 -25.69
CA LYS A 120 -0.14 -34.18 -26.27
C LYS A 120 -1.25 -33.51 -27.06
N ARG A 121 -1.95 -34.26 -27.92
CA ARG A 121 -3.06 -33.68 -28.64
C ARG A 121 -4.26 -33.42 -27.73
N GLN A 122 -4.44 -34.24 -26.69
CA GLN A 122 -5.54 -34.02 -25.76
C GLN A 122 -5.33 -32.76 -24.94
N PHE A 123 -4.07 -32.38 -24.69
CA PHE A 123 -3.76 -31.13 -24.01
C PHE A 123 -3.72 -29.94 -24.96
N LEU A 124 -3.27 -30.11 -26.20
CA LEU A 124 -3.23 -29.00 -27.14
C LEU A 124 -4.62 -28.63 -27.66
N HIS A 125 -5.56 -29.58 -27.65
CA HIS A 125 -6.91 -29.26 -28.06
C HIS A 125 -7.62 -28.40 -27.02
N GLU A 126 -7.22 -28.50 -25.77
CA GLU A 126 -7.79 -27.69 -24.70
C GLU A 126 -7.01 -26.41 -24.48
N LEU A 127 -5.72 -26.40 -24.79
CA LEU A 127 -4.89 -25.23 -24.56
C LEU A 127 -4.96 -24.23 -25.72
N ARG A 128 -5.02 -24.72 -26.96
CA ARG A 128 -5.14 -23.85 -28.12
C ARG A 128 -6.59 -23.61 -28.53
N ARG A 129 -7.51 -23.66 -27.58
CA ARG A 129 -8.89 -23.31 -27.84
C ARG A 129 -9.02 -21.79 -27.97
N PRO A 130 -9.87 -21.29 -28.87
CA PRO A 130 -10.12 -19.84 -28.91
C PRO A 130 -10.94 -19.39 -27.71
N GLY A 131 -10.36 -18.49 -26.91
CA GLY A 131 -11.03 -17.94 -25.75
C GLY A 131 -10.63 -18.59 -24.44
N VAL A 132 -9.32 -18.78 -24.23
CA VAL A 132 -8.80 -19.38 -23.01
C VAL A 132 -8.36 -18.25 -22.06
N ASP A 133 -8.94 -18.24 -20.87
CA ASP A 133 -8.61 -17.26 -19.84
C ASP A 133 -7.22 -17.56 -19.27
N ASN A 134 -6.67 -16.59 -18.53
CA ASN A 134 -5.41 -16.82 -17.84
C ASN A 134 -5.56 -17.87 -16.74
N LEU A 135 -6.71 -17.86 -16.05
CA LEU A 135 -6.99 -18.89 -15.05
C LEU A 135 -7.11 -20.26 -15.69
N ARG A 136 -7.73 -20.33 -16.88
CA ARG A 136 -7.81 -21.59 -17.61
C ARG A 136 -6.44 -22.05 -18.08
N ARG A 137 -5.59 -21.10 -18.48
CA ARG A 137 -4.23 -21.46 -18.90
C ARG A 137 -3.41 -21.98 -17.71
N MET A 138 -3.58 -21.38 -16.54
CA MET A 138 -2.94 -21.91 -15.34
C MET A 138 -3.47 -23.30 -14.98
N GLY A 139 -4.77 -23.53 -15.19
CA GLY A 139 -5.34 -24.84 -14.90
C GLY A 139 -4.83 -25.94 -15.82
N ILE A 140 -4.72 -25.63 -17.12
CA ILE A 140 -4.19 -26.62 -18.06
C ILE A 140 -2.68 -26.82 -17.85
N LEU A 141 -1.95 -25.75 -17.57
CA LEU A 141 -0.51 -25.91 -17.32
C LEU A 141 -0.22 -26.53 -15.96
N LYS A 142 -1.18 -26.56 -15.04
CA LYS A 142 -1.07 -27.37 -13.84
C LYS A 142 -1.51 -28.81 -14.09
N LYS A 143 -2.44 -29.02 -15.03
CA LYS A 143 -2.90 -30.36 -15.33
C LYS A 143 -1.82 -31.18 -16.06
N ILE A 144 -1.04 -30.52 -16.92
CA ILE A 144 0.07 -31.20 -17.55
C ILE A 144 1.23 -31.35 -16.55
N LEU A 145 1.29 -30.48 -15.55
CA LEU A 145 2.38 -30.55 -14.58
C LEU A 145 2.18 -31.69 -13.59
N ASP A 146 0.92 -32.03 -13.28
CA ASP A 146 0.67 -33.13 -12.36
C ASP A 146 0.90 -34.48 -13.03
N GLN A 147 0.67 -34.57 -14.34
CA GLN A 147 0.82 -35.84 -15.05
C GLN A 147 2.28 -36.20 -15.26
N CYS A 148 3.16 -35.21 -15.40
CA CYS A 148 4.57 -35.45 -15.67
C CYS A 148 5.39 -35.61 -14.40
N LYS A 149 4.75 -35.73 -13.25
CA LYS A 149 5.43 -35.97 -11.99
C LYS A 149 5.29 -37.41 -11.51
N LYS A 150 4.44 -38.21 -12.16
CA LYS A 150 4.17 -39.57 -11.72
C LYS A 150 4.75 -40.64 -12.64
N GLN A 151 5.16 -40.29 -13.86
CA GLN A 151 5.74 -41.26 -14.77
C GLN A 151 7.20 -41.48 -14.37
N ARG A 152 7.51 -42.67 -13.85
CA ARG A 152 8.81 -42.91 -13.27
C ARG A 152 9.89 -43.16 -14.31
N ARG A 153 9.53 -43.63 -15.49
CA ARG A 153 10.49 -43.87 -16.56
C ARG A 153 10.29 -42.87 -17.69
N CYS A 154 11.18 -42.93 -18.67
CA CYS A 154 11.12 -42.06 -19.83
C CYS A 154 10.22 -42.70 -20.89
N LEU A 155 10.28 -42.18 -22.12
CA LEU A 155 9.47 -42.70 -23.22
C LEU A 155 10.30 -43.36 -24.32
N HIS A 156 11.43 -42.76 -24.73
CA HIS A 156 12.24 -43.34 -25.79
C HIS A 156 13.73 -43.22 -25.52
N CYS A 157 14.14 -43.30 -24.24
CA CYS A 157 15.55 -43.22 -23.89
C CYS A 157 16.05 -44.40 -23.05
N GLY A 158 15.21 -44.98 -22.20
CA GLY A 158 15.67 -46.00 -21.28
C GLY A 158 16.26 -45.39 -20.03
N ALA A 159 15.46 -44.58 -19.34
CA ALA A 159 15.94 -43.80 -18.20
C ALA A 159 14.83 -43.62 -17.19
N LEU A 160 15.19 -43.66 -15.91
CA LEU A 160 14.25 -43.43 -14.83
C LEU A 160 14.37 -42.00 -14.31
N ASN A 161 13.25 -41.47 -13.83
CA ASN A 161 13.17 -40.09 -13.40
C ASN A 161 12.49 -40.01 -12.04
N GLY A 162 13.09 -39.25 -11.12
CA GLY A 162 12.56 -39.05 -9.79
C GLY A 162 11.90 -37.69 -9.65
N VAL A 163 11.91 -37.17 -8.43
CA VAL A 163 11.33 -35.86 -8.14
C VAL A 163 12.45 -34.84 -8.07
N VAL A 164 12.15 -33.61 -8.51
CA VAL A 164 13.14 -32.53 -8.57
C VAL A 164 12.69 -31.44 -7.61
N LYS A 165 13.56 -31.09 -6.66
CA LYS A 165 13.25 -30.10 -5.65
C LYS A 165 14.44 -29.16 -5.53
N LYS A 166 14.40 -28.29 -4.51
CA LYS A 166 15.49 -27.37 -4.24
C LYS A 166 16.56 -28.07 -3.41
N ALA A 167 17.55 -27.32 -2.95
CA ALA A 167 18.61 -27.91 -2.13
C ALA A 167 18.14 -28.08 -0.69
N ALA A 168 17.84 -26.98 -0.01
CA ALA A 168 17.38 -27.02 1.38
C ALA A 168 16.18 -26.12 1.67
N ALA A 169 15.94 -25.08 0.87
CA ALA A 169 14.83 -24.17 1.12
C ALA A 169 14.14 -23.78 -0.18
N ALA A 175 21.37 -23.37 -0.73
CA ALA A 175 21.10 -22.00 -1.17
C ALA A 175 21.37 -21.85 -2.65
N LEU A 176 20.28 -21.72 -3.43
CA LEU A 176 20.29 -21.56 -4.89
C LEU A 176 21.01 -22.74 -5.55
N LYS A 177 20.59 -23.95 -5.19
CA LYS A 177 21.08 -25.18 -5.79
C LYS A 177 19.91 -26.10 -6.03
N ILE A 178 20.04 -26.97 -7.03
CA ILE A 178 18.99 -27.91 -7.37
C ILE A 178 19.54 -29.32 -7.11
N ILE A 179 19.20 -29.87 -5.95
CA ILE A 179 19.62 -31.20 -5.56
C ILE A 179 18.40 -32.11 -5.67
N HIS A 180 18.39 -32.98 -6.67
CA HIS A 180 17.28 -33.88 -6.90
C HIS A 180 17.72 -35.32 -6.70
N ASP A 181 16.76 -36.23 -6.82
CA ASP A 181 17.01 -37.66 -6.77
C ASP A 181 16.29 -38.35 -7.92
N THR A 182 16.72 -39.57 -8.21
CA THR A 182 16.06 -40.40 -9.20
C THR A 182 15.75 -41.80 -8.69
N PHE A 183 16.28 -42.18 -7.53
CA PHE A 183 16.06 -43.50 -6.94
C PHE A 183 14.98 -43.44 -5.86
N ARG A 184 13.76 -43.12 -6.29
CA ARG A 184 12.67 -42.90 -5.35
C ARG A 184 11.45 -43.77 -5.63
N TRP A 185 11.14 -44.03 -6.90
CA TRP A 185 9.87 -44.66 -7.23
C TRP A 185 9.92 -46.18 -7.16
N VAL A 186 10.95 -46.81 -7.71
CA VAL A 186 11.10 -48.25 -7.68
C VAL A 186 12.30 -48.57 -6.80
N GLY A 187 12.10 -49.41 -5.79
CA GLY A 187 13.10 -49.60 -4.76
C GLY A 187 13.60 -51.01 -4.54
N LYS A 188 12.96 -52.01 -5.16
CA LYS A 188 13.35 -53.40 -4.96
C LYS A 188 13.82 -54.10 -6.23
N LYS A 189 13.06 -54.05 -7.32
CA LYS A 189 13.57 -54.43 -8.64
C LYS A 189 14.01 -53.20 -9.43
N SER A 190 14.89 -52.41 -8.79
CA SER A 190 15.03 -50.97 -8.99
C SER A 190 15.32 -50.54 -10.43
N ALA A 191 16.50 -50.85 -10.92
CA ALA A 191 16.95 -50.43 -12.25
C ALA A 191 18.24 -51.15 -12.58
N PRO A 192 18.55 -51.30 -13.87
CA PRO A 192 19.95 -51.52 -14.25
C PRO A 192 20.83 -50.33 -13.94
N GLU A 193 20.25 -49.12 -13.92
CA GLU A 193 20.98 -47.94 -13.46
C GLU A 193 21.32 -48.05 -11.98
N LYS A 194 20.46 -48.67 -11.17
CA LYS A 194 20.80 -48.97 -9.79
C LYS A 194 21.97 -49.94 -9.70
N ASP A 195 22.01 -50.92 -10.62
CA ASP A 195 23.08 -51.91 -10.63
C ASP A 195 24.41 -51.27 -11.01
N ILE A 196 24.41 -50.40 -12.02
CA ILE A 196 25.67 -49.73 -12.38
C ILE A 196 26.03 -48.65 -11.35
N TRP A 197 25.04 -48.13 -10.60
CA TRP A 197 25.32 -47.17 -9.54
C TRP A 197 26.01 -47.84 -8.36
N VAL A 198 25.53 -49.03 -7.97
CA VAL A 198 26.19 -49.74 -6.88
C VAL A 198 27.44 -50.46 -7.35
N GLY A 199 27.60 -50.69 -8.66
CA GLY A 199 28.84 -51.24 -9.16
C GLY A 199 29.94 -50.21 -9.28
N GLU A 200 29.59 -48.97 -9.59
CA GLU A 200 30.56 -47.88 -9.58
C GLU A 200 30.67 -47.21 -8.22
N TRP A 201 30.08 -47.80 -7.18
CA TRP A 201 30.23 -47.33 -5.81
C TRP A 201 31.14 -48.22 -4.98
N LYS A 202 31.21 -49.51 -5.31
CA LYS A 202 32.11 -50.43 -4.61
C LYS A 202 33.57 -50.16 -4.97
N GLU A 203 33.82 -49.65 -6.18
CA GLU A 203 35.19 -49.29 -6.56
C GLU A 203 35.68 -48.07 -5.78
N VAL A 204 34.76 -47.21 -5.34
CA VAL A 204 35.14 -45.99 -4.65
C VAL A 204 35.62 -46.30 -3.24
N LEU A 205 34.90 -47.16 -2.52
CA LEU A 205 35.10 -47.35 -1.09
C LEU A 205 36.33 -48.18 -0.75
N ALA A 206 37.06 -48.68 -1.74
CA ALA A 206 38.35 -49.30 -1.48
C ALA A 206 39.49 -48.28 -1.38
N HIS A 207 39.21 -47.01 -1.63
CA HIS A 207 40.22 -45.96 -1.61
C HIS A 207 39.95 -44.89 -0.57
N ASN A 208 38.68 -44.59 -0.29
CA ASN A 208 38.30 -43.66 0.79
C ASN A 208 37.13 -44.24 1.57
N PRO A 209 37.41 -45.01 2.63
CA PRO A 209 36.31 -45.60 3.42
C PRO A 209 35.70 -44.66 4.45
N GLU A 210 35.92 -43.35 4.32
CA GLU A 210 35.45 -42.41 5.34
C GLU A 210 33.94 -42.18 5.26
N LEU A 211 33.36 -42.25 4.07
CA LEU A 211 31.97 -41.88 3.86
C LEU A 211 31.12 -43.10 3.50
N GLU A 212 31.34 -44.21 4.21
CA GLU A 212 30.80 -45.50 3.78
C GLU A 212 29.30 -45.61 4.02
N ARG A 213 28.76 -44.91 5.02
CA ARG A 213 27.33 -45.01 5.33
C ARG A 213 26.65 -43.68 5.60
N TYR A 214 27.37 -42.59 5.84
CA TYR A 214 26.74 -41.34 6.22
C TYR A 214 26.52 -40.41 5.03
N VAL A 215 27.43 -40.41 4.06
CA VAL A 215 27.38 -39.44 2.98
C VAL A 215 27.12 -40.25 1.71
N LYS A 216 26.38 -41.35 1.87
CA LYS A 216 26.07 -42.22 0.73
C LYS A 216 24.81 -41.78 -0.01
N ARG A 217 23.75 -41.44 0.71
CA ARG A 217 22.46 -41.14 0.10
C ARG A 217 22.42 -39.68 -0.33
N CYS A 218 23.10 -39.39 -1.44
CA CYS A 218 23.09 -38.07 -2.05
C CYS A 218 23.38 -38.26 -3.53
N MET A 219 22.39 -37.97 -4.38
CA MET A 219 22.47 -38.44 -5.77
C MET A 219 23.32 -37.52 -6.65
N ASP A 220 22.88 -36.29 -6.88
CA ASP A 220 23.55 -35.42 -7.84
C ASP A 220 23.08 -33.97 -7.66
N ASP A 221 23.87 -33.06 -8.20
CA ASP A 221 23.49 -31.67 -8.36
C ASP A 221 23.04 -31.40 -9.79
N LEU A 222 22.41 -30.24 -9.98
CA LEU A 222 21.86 -29.86 -11.27
C LEU A 222 22.23 -28.41 -11.55
N ASN A 223 23.54 -28.13 -11.43
CA ASN A 223 24.12 -26.79 -11.52
C ASN A 223 23.85 -26.14 -12.88
N PRO A 224 23.90 -24.79 -12.95
CA PRO A 224 23.66 -24.10 -14.23
C PRO A 224 24.66 -24.41 -15.34
N LEU A 225 25.84 -24.92 -15.01
CA LEU A 225 26.79 -25.30 -16.04
C LEU A 225 26.36 -26.54 -16.81
N LYS A 226 25.46 -27.36 -16.23
CA LYS A 226 24.96 -28.56 -16.89
C LYS A 226 23.59 -28.37 -17.50
N THR A 227 22.65 -27.71 -16.80
CA THR A 227 21.32 -27.52 -17.34
C THR A 227 21.25 -26.47 -18.44
N LEU A 228 22.30 -25.66 -18.62
CA LEU A 228 22.36 -24.81 -19.81
C LEU A 228 22.62 -25.66 -21.05
N ASN A 229 23.43 -26.72 -20.90
CA ASN A 229 23.64 -27.69 -21.96
C ASN A 229 22.52 -28.71 -22.05
N LEU A 230 21.55 -28.67 -21.14
CA LEU A 230 20.40 -29.55 -21.19
C LEU A 230 19.12 -28.83 -21.61
N PHE A 231 19.00 -27.53 -21.32
CA PHE A 231 17.90 -26.74 -21.86
C PHE A 231 18.02 -26.54 -23.37
N LYS A 232 19.24 -26.58 -23.90
CA LYS A 232 19.43 -26.46 -25.34
C LYS A 232 18.97 -27.72 -26.08
N GLN A 233 18.93 -28.85 -25.37
CA GLN A 233 18.65 -30.14 -25.99
C GLN A 233 17.17 -30.40 -26.23
N ILE A 234 16.26 -29.64 -25.59
CA ILE A 234 14.95 -30.15 -25.18
C ILE A 234 14.07 -30.54 -26.35
N LYS A 235 13.60 -29.57 -27.12
CA LYS A 235 12.69 -29.79 -28.25
C LYS A 235 12.81 -28.58 -29.17
N SER A 236 11.96 -28.56 -30.19
CA SER A 236 11.70 -27.36 -30.96
C SER A 236 10.19 -27.21 -31.13
N ALA A 237 9.47 -28.34 -31.08
CA ALA A 237 8.05 -28.38 -31.35
C ALA A 237 7.19 -28.68 -30.14
N ASP A 238 7.77 -29.20 -29.06
CA ASP A 238 6.99 -29.59 -27.88
C ASP A 238 7.44 -28.83 -26.64
N CYS A 239 7.96 -27.61 -26.82
CA CYS A 239 8.20 -26.71 -25.70
C CYS A 239 7.07 -25.72 -25.50
N GLU A 240 6.07 -25.73 -26.38
CA GLU A 240 4.87 -24.93 -26.17
C GLU A 240 3.97 -25.55 -25.10
N LEU A 241 4.07 -26.87 -24.90
CA LEU A 241 3.36 -27.53 -23.82
C LEU A 241 3.87 -27.10 -22.45
N LEU A 242 5.12 -26.66 -22.37
CA LEU A 242 5.70 -26.17 -21.12
C LEU A 242 5.27 -24.74 -20.80
N GLY A 243 4.60 -24.05 -21.72
CA GLY A 243 4.05 -22.74 -21.46
C GLY A 243 4.69 -21.61 -22.24
N ILE A 244 5.75 -21.87 -22.99
CA ILE A 244 6.50 -20.80 -23.67
C ILE A 244 6.18 -20.85 -25.15
N ASP A 245 5.85 -19.69 -25.72
CA ASP A 245 5.62 -19.56 -27.15
C ASP A 245 6.91 -19.79 -27.93
N ALA A 246 6.79 -20.46 -29.08
CA ALA A 246 7.96 -20.94 -29.81
C ALA A 246 7.92 -20.55 -31.27
N THR A 247 7.48 -19.32 -31.57
CA THR A 247 7.64 -18.77 -32.90
C THR A 247 8.41 -17.46 -32.93
N VAL A 248 8.58 -16.78 -31.79
CA VAL A 248 9.46 -15.63 -31.65
C VAL A 248 10.82 -16.19 -31.26
N PRO A 249 11.93 -15.74 -31.87
CA PRO A 249 13.24 -16.34 -31.55
C PRO A 249 13.86 -15.87 -30.23
N SER A 250 13.06 -15.85 -29.17
CA SER A 250 13.53 -15.61 -27.81
C SER A 250 12.79 -16.52 -26.82
N GLY A 251 11.96 -17.40 -27.35
CA GLY A 251 11.18 -18.36 -26.59
C GLY A 251 11.87 -19.68 -26.33
N ARG A 252 13.18 -19.72 -26.46
CA ARG A 252 13.92 -20.92 -26.12
C ARG A 252 14.23 -20.92 -24.62
N PRO A 253 14.25 -22.07 -23.96
CA PRO A 253 14.40 -22.08 -22.50
C PRO A 253 15.83 -21.89 -22.00
N GLU A 254 16.79 -21.60 -22.89
CA GLU A 254 18.14 -21.31 -22.45
C GLU A 254 18.44 -19.83 -22.33
N THR A 255 17.49 -18.96 -22.65
CA THR A 255 17.64 -17.53 -22.41
C THR A 255 17.22 -17.14 -21.00
N TYR A 256 16.73 -18.10 -20.21
CA TYR A 256 16.34 -17.88 -18.83
C TYR A 256 17.48 -18.14 -17.86
N ILE A 257 18.69 -18.32 -18.39
CA ILE A 257 19.91 -18.47 -17.61
C ILE A 257 20.83 -17.33 -18.01
N TRP A 258 21.52 -16.73 -17.03
CA TRP A 258 22.43 -15.62 -17.32
C TRP A 258 23.62 -16.12 -18.12
N ARG A 259 23.69 -15.76 -19.40
CA ARG A 259 24.92 -15.97 -20.16
C ARG A 259 25.59 -14.64 -20.51
N TYR A 260 24.83 -13.67 -21.01
CA TYR A 260 25.28 -12.29 -21.12
C TYR A 260 24.50 -11.42 -20.14
N LEU A 261 25.15 -10.39 -19.64
CA LEU A 261 24.62 -9.55 -18.58
C LEU A 261 24.52 -8.10 -19.04
N PRO A 262 23.33 -7.53 -19.16
CA PRO A 262 23.23 -6.11 -19.56
C PRO A 262 23.52 -5.19 -18.39
N ALA A 263 24.37 -4.19 -18.64
CA ALA A 263 24.57 -3.20 -17.59
C ALA A 263 23.65 -2.01 -17.80
N PRO A 264 23.04 -1.48 -16.74
CA PRO A 264 22.13 -0.34 -16.89
C PRO A 264 22.89 0.93 -17.22
N PRO A 265 22.22 1.94 -17.79
CA PRO A 265 22.90 3.21 -18.05
C PRO A 265 23.17 4.02 -16.79
N VAL A 266 23.82 5.17 -16.94
CA VAL A 266 24.04 6.08 -15.81
C VAL A 266 22.84 6.95 -15.53
N CYS A 267 21.80 6.89 -16.36
CA CYS A 267 20.51 7.48 -16.00
C CYS A 267 19.87 6.71 -14.86
N ILE A 268 20.17 5.41 -14.74
CA ILE A 268 19.69 4.62 -13.61
C ILE A 268 20.47 4.95 -12.35
N ARG A 269 21.77 5.23 -12.49
CA ARG A 269 22.64 5.45 -11.34
C ARG A 269 23.19 6.88 -11.29
N PRO A 270 22.59 7.77 -10.48
CA PRO A 270 23.08 9.15 -10.40
C PRO A 270 24.23 9.33 -9.42
N SER A 271 24.62 10.58 -9.18
CA SER A 271 25.66 10.93 -8.23
C SER A 271 25.05 11.32 -6.89
N VAL A 272 25.92 11.69 -5.95
CA VAL A 272 25.54 11.95 -4.56
C VAL A 272 25.94 13.38 -4.19
N MET A 273 25.05 14.06 -3.46
CA MET A 273 25.20 15.44 -3.00
C MET A 273 26.11 15.54 -1.77
N MET A 274 25.98 16.65 -1.03
CA MET A 274 26.74 17.03 0.17
C MET A 274 26.90 15.90 1.19
N GLN A 275 27.90 16.05 2.09
CA GLN A 275 28.92 15.12 2.60
C GLN A 275 29.98 14.90 1.51
N ASP A 276 30.51 16.02 1.01
CA ASP A 276 31.54 16.05 -0.03
C ASP A 276 32.95 15.80 0.49
N SER A 277 33.12 15.15 1.65
CA SER A 277 34.45 14.74 2.08
C SER A 277 35.04 13.66 1.15
N PRO A 278 34.26 12.67 0.63
CA PRO A 278 34.73 11.97 -0.58
C PRO A 278 34.35 12.71 -1.84
N ALA A 279 34.57 12.08 -3.00
CA ALA A 279 34.10 12.64 -4.27
C ALA A 279 32.62 12.35 -4.47
N SER A 280 32.13 12.52 -5.69
CA SER A 280 30.76 12.14 -6.02
C SER A 280 30.58 10.64 -5.83
N ASN A 281 29.82 10.25 -4.81
CA ASN A 281 29.79 8.87 -4.37
C ASN A 281 28.98 8.02 -5.34
N GLU A 282 29.34 6.75 -5.43
CA GLU A 282 28.76 5.84 -6.40
C GLU A 282 27.43 5.28 -5.89
N ASP A 283 26.64 4.77 -6.82
CA ASP A 283 25.40 4.10 -6.48
C ASP A 283 25.71 2.70 -5.92
N ASP A 284 24.73 2.12 -5.24
CA ASP A 284 24.86 0.73 -4.80
C ASP A 284 24.91 -0.22 -5.99
N LEU A 285 24.21 0.12 -7.08
CA LEU A 285 24.31 -0.65 -8.31
C LEU A 285 25.70 -0.56 -8.92
N THR A 286 26.38 0.59 -8.77
CA THR A 286 27.75 0.72 -9.27
C THR A 286 28.71 -0.17 -8.51
N VAL A 287 28.61 -0.17 -7.17
CA VAL A 287 29.49 -0.98 -6.33
C VAL A 287 29.20 -2.46 -6.54
N LYS A 288 27.94 -2.83 -6.76
CA LYS A 288 27.61 -4.23 -6.99
C LYS A 288 27.99 -4.67 -8.41
N LEU A 289 27.96 -3.75 -9.38
CA LEU A 289 28.32 -4.10 -10.74
C LEU A 289 29.82 -4.20 -10.92
N THR A 290 30.59 -3.36 -10.23
CA THR A 290 32.05 -3.46 -10.30
C THR A 290 32.59 -4.59 -9.44
N GLU A 291 31.76 -5.23 -8.63
CA GLU A 291 32.17 -6.35 -7.79
C GLU A 291 32.09 -7.68 -8.53
N ILE A 292 31.06 -7.87 -9.35
CA ILE A 292 30.94 -9.10 -10.14
C ILE A 292 31.86 -9.13 -11.35
N VAL A 293 32.43 -7.99 -11.74
CA VAL A 293 33.46 -7.99 -12.77
C VAL A 293 34.74 -8.65 -12.24
N TRP A 294 35.10 -8.36 -10.99
CA TRP A 294 36.27 -8.96 -10.38
C TRP A 294 36.09 -10.46 -10.20
N THR A 295 34.88 -10.90 -9.86
CA THR A 295 34.64 -12.34 -9.69
C THR A 295 34.56 -13.03 -11.05
N SER A 296 33.98 -12.36 -12.05
CA SER A 296 33.90 -12.94 -13.39
C SER A 296 35.26 -13.02 -14.06
N SER A 297 36.17 -12.09 -13.75
CA SER A 297 37.54 -12.21 -14.24
C SER A 297 38.35 -13.18 -13.40
N LEU A 298 37.97 -13.37 -12.13
CA LEU A 298 38.65 -14.34 -11.29
C LEU A 298 38.22 -15.76 -11.60
N ILE A 299 36.97 -15.96 -12.04
CA ILE A 299 36.51 -17.29 -12.40
C ILE A 299 36.96 -17.67 -13.81
N LYS A 300 37.36 -16.70 -14.63
CA LYS A 300 37.79 -16.96 -16.00
C LYS A 300 39.29 -17.18 -16.10
N ALA A 301 40.08 -16.37 -15.39
CA ALA A 301 41.53 -16.50 -15.43
C ALA A 301 42.03 -17.74 -14.70
N GLY A 302 41.23 -18.34 -13.83
CA GLY A 302 41.61 -19.53 -13.09
C GLY A 302 41.54 -20.84 -13.85
N LEU A 303 41.26 -20.81 -15.15
CA LEU A 303 41.29 -22.03 -15.94
C LEU A 303 42.71 -22.43 -16.31
N ASP A 304 43.53 -21.46 -16.74
CA ASP A 304 44.90 -21.70 -17.15
C ASP A 304 45.91 -21.11 -16.17
N LYS A 305 45.65 -21.22 -14.87
CA LYS A 305 46.46 -20.56 -13.86
C LYS A 305 46.91 -21.46 -12.72
N GLY A 306 46.17 -22.52 -12.38
CA GLY A 306 46.35 -23.07 -11.06
C GLY A 306 45.07 -23.35 -10.31
N ILE A 307 44.75 -22.48 -9.34
CA ILE A 307 44.02 -22.71 -8.08
C ILE A 307 42.83 -23.66 -8.16
N SER A 308 42.70 -24.50 -7.13
CA SER A 308 42.05 -25.81 -7.18
C SER A 308 40.53 -25.72 -7.35
N ILE A 309 39.91 -26.89 -7.37
CA ILE A 309 38.49 -27.03 -7.70
C ILE A 309 37.60 -26.52 -6.57
N ASN A 310 38.05 -26.61 -5.31
CA ASN A 310 37.23 -26.13 -4.20
C ASN A 310 37.25 -24.61 -4.12
N ASN A 311 38.40 -23.99 -4.38
CA ASN A 311 38.47 -22.54 -4.42
C ASN A 311 37.74 -21.97 -5.62
N MET A 312 37.81 -22.64 -6.77
CA MET A 312 37.06 -22.21 -7.95
C MET A 312 35.57 -22.39 -7.74
N MET A 313 35.17 -23.44 -7.02
CA MET A 313 33.76 -23.62 -6.67
C MET A 313 33.29 -22.57 -5.68
N GLU A 314 34.14 -22.17 -4.74
CA GLU A 314 33.78 -21.10 -3.81
C GLU A 314 33.67 -19.76 -4.54
N HIS A 315 34.53 -19.53 -5.53
CA HIS A 315 34.44 -18.31 -6.32
C HIS A 315 33.19 -18.30 -7.19
N TRP A 316 32.83 -19.45 -7.76
CA TRP A 316 31.61 -19.52 -8.57
C TRP A 316 30.36 -19.45 -7.70
N ASP A 317 30.44 -19.92 -6.46
CA ASP A 317 29.32 -19.76 -5.53
C ASP A 317 29.17 -18.30 -5.11
N TYR A 318 30.31 -17.61 -4.91
CA TYR A 318 30.27 -16.18 -4.64
C TYR A 318 29.73 -15.39 -5.84
N LEU A 319 30.03 -15.86 -7.05
CA LEU A 319 29.45 -15.26 -8.25
C LEU A 319 27.94 -15.45 -8.31
N GLN A 320 27.48 -16.68 -8.06
CA GLN A 320 26.04 -16.95 -8.18
C GLN A 320 25.25 -16.38 -7.01
N LEU A 321 25.91 -16.07 -5.90
CA LEU A 321 25.23 -15.41 -4.78
C LEU A 321 25.32 -13.89 -4.85
N THR A 322 26.31 -13.35 -5.57
CA THR A 322 26.44 -11.91 -5.66
C THR A 322 25.53 -11.33 -6.74
N VAL A 323 25.37 -12.03 -7.87
CA VAL A 323 24.48 -11.56 -8.91
C VAL A 323 23.02 -11.83 -8.56
N ALA A 324 22.74 -12.81 -7.70
CA ALA A 324 21.37 -13.04 -7.25
C ALA A 324 20.95 -12.11 -6.13
N MET A 325 21.89 -11.34 -5.59
CA MET A 325 21.58 -10.28 -4.63
C MET A 325 21.60 -8.91 -5.31
N TYR A 326 22.12 -8.85 -6.54
CA TYR A 326 21.95 -7.69 -7.41
C TYR A 326 20.48 -7.46 -7.75
N ILE A 327 19.67 -8.52 -7.73
CA ILE A 327 18.23 -8.42 -7.92
C ILE A 327 17.54 -8.92 -6.64
N ASN A 328 16.69 -8.07 -6.06
CA ASN A 328 15.75 -8.32 -4.97
C ASN A 328 16.40 -8.48 -3.59
N SER A 329 17.74 -8.61 -3.55
CA SER A 329 18.55 -8.65 -2.31
C SER A 329 18.03 -9.64 -1.27
N ASP A 330 17.62 -10.83 -1.73
CA ASP A 330 17.00 -11.82 -0.86
C ASP A 330 18.01 -12.81 -0.28
N SER A 331 19.06 -12.28 0.34
CA SER A 331 20.10 -13.12 0.91
C SER A 331 20.81 -12.37 2.03
N VAL A 332 21.47 -13.12 2.90
CA VAL A 332 22.31 -12.54 3.94
C VAL A 332 23.64 -12.12 3.30
N ASN A 333 24.39 -11.27 4.01
CA ASN A 333 25.68 -10.77 3.56
C ASN A 333 26.83 -11.50 4.26
N PRO A 334 27.48 -12.47 3.58
CA PRO A 334 28.61 -13.16 4.23
C PRO A 334 29.93 -12.39 4.10
N GLY A 344 25.48 -7.23 9.93
CA GLY A 344 24.77 -6.09 10.49
C GLY A 344 25.38 -4.78 10.00
N GLY A 345 25.29 -4.55 8.69
CA GLY A 345 25.82 -3.32 8.10
C GLY A 345 24.75 -2.23 8.04
N LYS A 346 23.63 -2.52 7.41
CA LYS A 346 22.53 -1.56 7.26
C LYS A 346 21.23 -2.36 7.16
N VAL A 347 20.17 -1.69 6.71
CA VAL A 347 18.87 -2.35 6.46
C VAL A 347 19.00 -3.14 5.16
N LYS A 348 19.65 -4.32 5.27
CA LYS A 348 20.03 -5.27 4.24
C LYS A 348 21.11 -4.76 3.28
N PRO A 349 21.46 -3.48 3.39
CA PRO A 349 22.66 -2.83 2.82
C PRO A 349 22.71 -2.78 1.29
N ILE A 350 21.75 -3.40 0.60
CA ILE A 350 21.77 -3.54 -0.85
C ILE A 350 20.35 -3.28 -1.35
N ARG A 351 20.21 -2.36 -2.31
CA ARG A 351 18.97 -2.21 -3.07
C ARG A 351 19.29 -2.31 -4.54
N GLY A 352 18.58 -3.19 -5.25
CA GLY A 352 18.65 -3.17 -6.69
C GLY A 352 17.44 -3.76 -7.38
N PHE A 353 16.78 -2.95 -8.21
CA PHE A 353 15.83 -3.35 -9.26
C PHE A 353 14.54 -4.02 -8.77
N CYS A 354 14.42 -4.31 -7.48
CA CYS A 354 13.15 -4.74 -6.91
C CYS A 354 12.88 -3.98 -5.63
N GLN A 355 13.95 -3.62 -4.92
CA GLN A 355 13.79 -2.80 -3.71
C GLN A 355 13.45 -1.36 -4.07
N ARG A 356 13.89 -0.91 -5.24
CA ARG A 356 13.44 0.34 -5.83
C ARG A 356 12.17 0.16 -6.66
N LEU A 357 11.55 -1.02 -6.58
CA LEU A 357 10.30 -1.31 -7.26
C LEU A 357 9.24 -1.88 -6.33
N LYS A 358 9.63 -2.38 -5.15
CA LYS A 358 8.70 -2.75 -4.09
C LYS A 358 7.91 -1.52 -3.65
N GLY A 359 6.67 -1.75 -3.20
CA GLY A 359 5.74 -0.68 -2.88
C GLY A 359 6.19 0.21 -1.72
N LYS A 360 5.46 1.34 -1.61
CA LYS A 360 5.58 2.47 -0.68
C LYS A 360 6.79 3.36 -0.97
N GLN A 361 7.67 2.95 -1.88
CA GLN A 361 8.69 3.82 -2.44
C GLN A 361 8.98 3.55 -3.91
N GLY A 362 8.27 2.62 -4.54
CA GLY A 362 8.63 2.12 -5.84
C GLY A 362 8.11 2.98 -6.98
N ARG A 363 8.02 2.34 -8.15
CA ARG A 363 7.60 3.02 -9.38
C ARG A 363 6.09 2.90 -9.60
N PHE A 364 5.56 1.68 -9.53
CA PHE A 364 4.13 1.46 -9.73
C PHE A 364 3.32 2.09 -8.61
N ARG A 365 3.88 2.21 -7.42
CA ARG A 365 3.22 2.74 -6.25
C ARG A 365 3.53 4.21 -6.02
N GLY A 366 4.78 4.62 -6.20
CA GLY A 366 5.18 5.96 -5.84
C GLY A 366 5.72 6.83 -6.96
N ASN A 367 5.70 6.34 -8.20
CA ASN A 367 6.15 7.18 -9.32
C ASN A 367 5.25 7.11 -10.55
N LEU A 368 4.48 6.04 -10.75
CA LEU A 368 3.56 5.95 -11.88
C LEU A 368 2.12 6.30 -11.49
N SER A 369 1.61 5.68 -10.43
CA SER A 369 0.27 5.99 -9.96
C SER A 369 0.24 7.31 -9.22
N GLY A 370 1.03 7.43 -8.15
CA GLY A 370 1.06 8.65 -7.37
C GLY A 370 2.35 9.40 -7.52
N LYS A 371 2.30 10.61 -8.09
CA LYS A 371 3.48 11.37 -8.39
C LYS A 371 3.28 12.84 -8.02
N ARG A 372 4.40 13.54 -7.85
CA ARG A 372 4.38 14.95 -7.48
C ARG A 372 4.21 15.80 -8.72
N VAL A 373 3.32 16.80 -8.63
CA VAL A 373 2.87 17.57 -9.78
C VAL A 373 3.05 19.05 -9.48
N ASP A 374 3.62 19.79 -10.43
CA ASP A 374 3.80 21.23 -10.31
C ASP A 374 2.48 21.97 -10.51
N PHE A 375 2.56 23.31 -10.45
CA PHE A 375 1.41 24.22 -10.47
C PHE A 375 0.41 23.88 -9.37
N SER A 376 0.87 23.99 -8.14
CA SER A 376 0.06 23.64 -6.97
C SER A 376 0.44 24.54 -5.81
N GLY A 377 -0.15 24.26 -4.65
CA GLY A 377 0.15 25.02 -3.44
C GLY A 377 -0.82 24.76 -2.30
N ARG A 378 -0.34 24.80 -1.06
CA ARG A 378 -1.18 24.51 0.09
C ARG A 378 -0.99 25.57 1.17
N THR A 379 -2.11 25.98 1.79
CA THR A 379 -2.13 27.00 2.82
C THR A 379 -3.29 26.64 3.75
N VAL A 380 -3.26 27.19 4.97
CA VAL A 380 -4.26 26.89 5.99
C VAL A 380 -5.62 27.43 5.57
N ILE A 381 -6.68 26.65 5.81
CA ILE A 381 -8.04 27.08 5.47
C ILE A 381 -8.60 27.96 6.59
N SER A 382 -9.54 28.83 6.22
CA SER A 382 -10.21 29.72 7.16
C SER A 382 -11.63 29.96 6.64
N PRO A 383 -12.56 30.31 7.52
CA PRO A 383 -13.95 30.49 7.07
C PRO A 383 -14.21 31.85 6.44
N ASP A 384 -15.13 31.86 5.45
CA ASP A 384 -15.62 33.07 4.81
C ASP A 384 -16.98 32.81 4.18
N PRO A 385 -18.08 33.20 4.84
CA PRO A 385 -19.42 32.95 4.25
C PRO A 385 -19.79 33.87 3.10
N ASN A 386 -19.07 34.97 2.89
CA ASN A 386 -19.46 35.93 1.88
C ASN A 386 -19.10 35.51 0.45
N LEU A 387 -18.39 34.40 0.28
CA LEU A 387 -18.20 33.86 -1.05
C LEU A 387 -19.50 33.22 -1.54
N SER A 388 -19.61 33.13 -2.86
CA SER A 388 -20.56 32.19 -3.44
C SER A 388 -20.06 30.77 -3.19
N ILE A 389 -20.98 29.82 -3.30
CA ILE A 389 -20.64 28.44 -2.94
C ILE A 389 -19.79 27.79 -4.03
N ASP A 390 -19.80 28.33 -5.24
CA ASP A 390 -18.92 27.88 -6.31
C ASP A 390 -17.69 28.77 -6.45
N GLU A 391 -17.22 29.36 -5.36
CA GLU A 391 -16.09 30.28 -5.40
C GLU A 391 -15.15 29.98 -4.24
N VAL A 392 -13.90 29.65 -4.56
CA VAL A 392 -12.81 29.64 -3.59
C VAL A 392 -12.10 30.97 -3.71
N ALA A 393 -11.47 31.41 -2.64
CA ALA A 393 -10.80 32.71 -2.62
C ALA A 393 -9.33 32.49 -2.26
N VAL A 394 -8.46 32.68 -3.25
CA VAL A 394 -7.02 32.49 -3.10
C VAL A 394 -6.40 33.85 -2.77
N PRO A 395 -5.25 33.91 -2.09
CA PRO A 395 -4.65 35.19 -1.78
C PRO A 395 -3.95 35.80 -3.00
N ASP A 396 -3.40 36.99 -2.78
CA ASP A 396 -2.78 37.79 -3.83
C ASP A 396 -1.29 37.50 -4.00
N ARG A 397 -0.77 36.49 -3.31
CA ARG A 397 0.62 36.07 -3.49
C ARG A 397 0.74 34.68 -4.07
N VAL A 398 -0.20 33.78 -3.76
CA VAL A 398 -0.32 32.51 -4.48
C VAL A 398 -0.64 32.75 -5.94
N ALA A 399 -1.51 33.73 -6.21
CA ALA A 399 -1.86 34.06 -7.59
C ALA A 399 -0.72 34.73 -8.35
N LYS A 400 0.28 35.27 -7.66
CA LYS A 400 1.45 35.78 -8.35
C LYS A 400 2.40 34.68 -8.81
N VAL A 401 2.32 33.49 -8.20
CA VAL A 401 3.16 32.36 -8.57
C VAL A 401 2.35 31.17 -9.06
N LEU A 402 1.06 31.35 -9.31
CA LEU A 402 0.24 30.36 -10.00
C LEU A 402 -0.23 31.01 -11.30
N THR A 403 0.12 30.38 -12.41
CA THR A 403 0.10 31.07 -13.70
C THR A 403 -0.56 30.18 -14.75
N TYR A 404 -1.42 30.76 -15.57
CA TYR A 404 -2.17 30.00 -16.57
C TYR A 404 -1.77 30.40 -17.98
N PRO A 405 -1.51 29.42 -18.88
CA PRO A 405 -1.18 29.74 -20.26
C PRO A 405 -2.41 30.17 -21.04
N GLU A 406 -2.49 31.45 -21.35
CA GLU A 406 -3.62 32.02 -22.09
C GLU A 406 -3.08 32.52 -23.42
N LYS A 407 -3.21 31.71 -24.46
CA LYS A 407 -2.68 32.11 -25.76
C LYS A 407 -3.61 33.10 -26.44
N VAL A 408 -3.03 33.94 -27.29
CA VAL A 408 -3.67 35.16 -27.77
C VAL A 408 -4.32 34.91 -29.13
N THR A 409 -5.63 35.17 -29.20
CA THR A 409 -6.38 35.06 -30.47
C THR A 409 -7.58 36.01 -30.44
N ARG A 410 -7.38 37.24 -30.91
CA ARG A 410 -8.41 38.15 -31.39
C ARG A 410 -9.45 38.61 -30.35
N TYR A 411 -9.41 38.06 -29.15
CA TYR A 411 -10.27 38.45 -28.04
C TYR A 411 -9.36 38.61 -26.83
N ASN A 412 -8.29 37.81 -26.83
CA ASN A 412 -7.22 37.97 -25.86
C ASN A 412 -6.34 39.16 -26.18
N ARG A 413 -6.28 39.58 -27.46
CA ARG A 413 -5.25 40.49 -27.93
C ARG A 413 -5.39 41.88 -27.31
N HIS A 414 -6.61 42.40 -27.22
CA HIS A 414 -6.77 43.70 -26.57
C HIS A 414 -6.71 43.61 -25.05
N LYS A 415 -6.78 42.41 -24.48
CA LYS A 415 -6.71 42.24 -23.03
C LYS A 415 -5.34 41.79 -22.57
N LEU A 416 -4.66 40.92 -23.32
CA LEU A 416 -3.32 40.46 -22.98
C LEU A 416 -2.24 41.43 -23.41
N GLN A 417 -2.59 42.59 -23.96
CA GLN A 417 -1.65 43.65 -24.27
C GLN A 417 -1.63 44.73 -23.20
N GLU A 418 -2.79 45.08 -22.64
CA GLU A 418 -2.86 45.92 -21.46
C GLU A 418 -2.38 45.18 -20.23
N LEU A 419 -2.41 43.85 -20.24
CA LEU A 419 -1.95 43.03 -19.14
C LEU A 419 -0.45 42.75 -19.20
N ILE A 420 0.15 42.71 -20.39
CA ILE A 420 1.57 42.43 -20.50
C ILE A 420 2.40 43.68 -20.20
N VAL A 421 1.83 44.87 -20.35
CA VAL A 421 2.52 46.09 -19.91
C VAL A 421 2.34 46.33 -18.42
N ASN A 422 1.54 45.51 -17.74
CA ASN A 422 1.21 45.77 -16.35
C ASN A 422 2.28 45.25 -15.41
N GLY A 423 2.92 44.13 -15.75
CA GLY A 423 4.08 43.66 -15.01
C GLY A 423 3.84 42.41 -14.22
N PRO A 424 4.92 41.68 -13.91
CA PRO A 424 4.81 40.54 -12.99
C PRO A 424 4.53 40.94 -11.56
N ASN A 425 4.82 42.19 -11.17
CA ASN A 425 4.64 42.64 -9.80
C ASN A 425 3.20 43.11 -9.55
N VAL A 426 2.63 43.89 -10.46
CA VAL A 426 1.24 44.28 -10.36
C VAL A 426 0.38 43.09 -10.74
N HIS A 427 -0.69 42.84 -9.96
CA HIS A 427 -1.41 41.57 -10.03
C HIS A 427 -2.16 41.30 -11.35
N PRO A 428 -2.86 42.27 -11.98
CA PRO A 428 -3.37 41.87 -13.31
C PRO A 428 -2.31 41.93 -14.40
N GLY A 429 -1.35 41.00 -14.33
CA GLY A 429 -0.22 41.01 -15.23
C GLY A 429 0.19 39.62 -15.68
N ALA A 430 1.44 39.45 -16.08
CA ALA A 430 1.91 38.17 -16.58
C ALA A 430 3.38 37.99 -16.18
N ASN A 431 3.81 36.73 -16.14
CA ASN A 431 5.18 36.39 -15.79
C ASN A 431 6.05 36.11 -17.01
N TYR A 432 5.64 35.15 -17.84
CA TYR A 432 6.45 34.70 -18.97
C TYR A 432 5.74 35.04 -20.26
N LEU A 433 6.43 34.81 -21.38
CA LEU A 433 5.83 34.97 -22.71
C LEU A 433 6.55 34.05 -23.67
N LEU A 434 5.82 33.11 -24.24
CA LEU A 434 6.35 32.19 -25.24
C LEU A 434 6.02 32.73 -26.62
N LYS A 435 7.02 32.76 -27.50
CA LYS A 435 6.85 33.37 -28.82
C LYS A 435 6.16 32.41 -29.78
N ARG A 436 5.95 32.91 -31.01
CA ARG A 436 5.31 32.12 -32.06
C ARG A 436 6.24 31.01 -32.57
N ASN A 437 7.54 31.28 -32.61
CA ASN A 437 8.52 30.32 -33.10
C ASN A 437 9.00 29.34 -32.02
N GLU A 438 8.67 29.61 -30.76
CA GLU A 438 9.01 28.77 -29.59
C GLU A 438 10.52 28.53 -29.48
N ASP A 439 11.28 29.62 -29.50
CA ASP A 439 12.71 29.51 -29.22
C ASP A 439 12.96 29.23 -27.74
N ALA A 440 12.50 30.13 -26.88
CA ALA A 440 12.59 29.97 -25.44
C ALA A 440 11.46 30.76 -24.80
N ARG A 441 11.49 30.88 -23.48
CA ARG A 441 10.50 31.62 -22.72
C ARG A 441 11.14 32.87 -22.13
N ARG A 442 10.67 34.03 -22.56
CA ARG A 442 11.25 35.29 -22.15
C ARG A 442 10.69 35.71 -20.80
N ASN A 443 11.56 36.20 -19.92
CA ASN A 443 11.12 36.77 -18.66
C ASN A 443 10.63 38.19 -18.87
N LEU A 444 9.50 38.52 -18.24
CA LEU A 444 9.02 39.89 -18.26
C LEU A 444 9.69 40.76 -17.21
N ARG A 445 10.44 40.15 -16.29
CA ARG A 445 11.14 40.90 -15.27
C ARG A 445 12.40 41.57 -15.83
N TYR A 446 13.02 40.97 -16.83
CA TYR A 446 14.24 41.50 -17.42
C TYR A 446 14.06 42.09 -18.80
N GLY A 447 12.96 41.79 -19.50
CA GLY A 447 12.77 42.21 -20.87
C GLY A 447 12.46 43.68 -21.00
N ASP A 448 12.21 44.09 -22.25
CA ASP A 448 11.90 45.48 -22.56
C ASP A 448 10.46 45.83 -22.25
N ARG A 449 9.53 44.88 -22.43
CA ARG A 449 8.09 44.91 -22.09
C ARG A 449 7.34 46.17 -22.57
N MET A 450 7.88 46.89 -23.55
CA MET A 450 7.13 47.87 -24.31
C MET A 450 7.17 47.59 -25.81
N LYS A 451 8.38 47.37 -26.35
CA LYS A 451 8.51 46.91 -27.73
C LYS A 451 8.09 45.45 -27.84
N LEU A 452 8.35 44.66 -26.79
CA LEU A 452 7.90 43.28 -26.73
C LEU A 452 6.39 43.18 -26.56
N ALA A 453 5.76 44.23 -26.04
CA ALA A 453 4.33 44.25 -25.78
C ALA A 453 3.51 44.70 -26.98
N LYS A 454 4.14 45.23 -28.02
CA LYS A 454 3.46 45.86 -29.14
C LYS A 454 3.17 44.90 -30.29
N ASN A 455 4.14 44.07 -30.68
CA ASN A 455 3.97 43.16 -31.80
C ASN A 455 2.89 42.12 -31.55
N LEU A 456 3.16 41.18 -30.64
CA LEU A 456 2.19 40.29 -30.00
C LEU A 456 1.38 39.49 -31.03
N GLN A 457 2.08 38.58 -31.72
CA GLN A 457 1.47 37.78 -32.78
C GLN A 457 0.42 36.83 -32.21
N ILE A 458 -0.29 36.14 -33.11
CA ILE A 458 -1.54 35.47 -32.77
C ILE A 458 -1.29 34.00 -32.41
N GLY A 459 -0.06 33.66 -32.03
CA GLY A 459 0.22 32.32 -31.57
C GLY A 459 1.07 32.31 -30.32
N ASP A 460 1.24 33.48 -29.72
CA ASP A 460 2.02 33.60 -28.49
C ASP A 460 1.27 32.97 -27.32
N VAL A 461 2.03 32.39 -26.40
CA VAL A 461 1.48 31.57 -25.33
C VAL A 461 1.79 32.29 -24.01
N VAL A 462 1.60 33.62 -24.02
CA VAL A 462 1.79 34.46 -22.85
C VAL A 462 0.99 33.95 -21.66
N GLU A 463 1.65 33.83 -20.51
CA GLU A 463 1.12 33.15 -19.34
C GLU A 463 0.79 34.18 -18.27
N ARG A 464 -0.49 34.41 -18.06
CA ARG A 464 -1.00 35.44 -17.15
C ARG A 464 -1.25 34.88 -15.75
N HIS A 465 -1.27 35.78 -14.77
CA HIS A 465 -1.51 35.39 -13.39
C HIS A 465 -2.94 34.90 -13.19
N LEU A 466 -3.17 34.25 -12.06
CA LEU A 466 -4.49 33.77 -11.70
C LEU A 466 -5.36 34.95 -11.28
N GLU A 467 -6.51 35.13 -11.93
CA GLU A 467 -7.43 36.18 -11.54
C GLU A 467 -8.81 35.59 -11.22
N ASP A 468 -9.75 36.49 -10.91
CA ASP A 468 -11.13 36.12 -10.62
C ASP A 468 -11.79 35.46 -11.83
N GLY A 469 -12.48 34.35 -11.58
CA GLY A 469 -13.21 33.65 -12.62
C GLY A 469 -12.50 32.47 -13.24
N ASP A 470 -11.44 31.96 -12.60
CA ASP A 470 -10.66 30.87 -13.17
C ASP A 470 -11.03 29.54 -12.53
N VAL A 471 -11.14 28.51 -13.37
CA VAL A 471 -11.41 27.17 -12.89
C VAL A 471 -10.16 26.62 -12.22
N VAL A 472 -10.31 26.12 -11.00
CA VAL A 472 -9.18 25.66 -10.21
C VAL A 472 -9.65 24.54 -9.27
N LEU A 473 -8.88 23.45 -9.24
CA LEU A 473 -9.19 22.31 -8.39
C LEU A 473 -8.92 22.64 -6.92
N PHE A 474 -9.41 21.79 -6.03
CA PHE A 474 -9.24 22.01 -4.60
C PHE A 474 -9.36 20.66 -3.89
N ASN A 475 -8.28 20.23 -3.25
CA ASN A 475 -8.14 18.86 -2.77
C ASN A 475 -8.01 18.82 -1.25
N ARG A 476 -8.57 17.77 -0.65
CA ARG A 476 -8.33 17.40 0.73
C ARG A 476 -7.64 16.04 0.73
N GLN A 477 -6.52 15.95 1.45
CA GLN A 477 -5.59 14.83 1.29
C GLN A 477 -6.12 13.47 1.78
N PRO A 478 -6.80 13.34 2.96
CA PRO A 478 -7.45 12.05 3.23
C PRO A 478 -8.71 11.86 2.41
N SER A 479 -8.54 11.49 1.14
CA SER A 479 -9.66 11.41 0.19
C SER A 479 -10.35 10.06 0.33
N LEU A 480 -11.43 10.03 1.11
CA LEU A 480 -12.16 8.78 1.30
C LEU A 480 -13.06 8.46 0.11
N HIS A 481 -13.88 9.42 -0.30
CA HIS A 481 -14.79 9.26 -1.43
C HIS A 481 -14.51 10.35 -2.46
N ARG A 482 -15.31 10.33 -3.53
CA ARG A 482 -15.03 11.17 -4.71
C ARG A 482 -15.28 12.65 -4.49
N LEU A 483 -15.90 13.04 -3.38
CA LEU A 483 -16.17 14.45 -3.10
C LEU A 483 -15.12 15.06 -2.17
N SER A 484 -13.89 14.57 -2.22
CA SER A 484 -12.80 15.24 -1.54
C SER A 484 -12.02 16.16 -2.47
N ILE A 485 -12.10 15.94 -3.77
CA ILE A 485 -11.53 16.83 -4.78
C ILE A 485 -12.68 17.47 -5.57
N LEU A 486 -12.81 18.78 -5.43
CA LEU A 486 -13.81 19.55 -6.17
C LEU A 486 -13.12 20.76 -6.79
N SER A 487 -13.75 21.30 -7.83
CA SER A 487 -13.23 22.47 -8.52
C SER A 487 -14.29 23.55 -8.55
N HIS A 488 -13.89 24.77 -8.20
CA HIS A 488 -14.78 25.92 -8.23
C HIS A 488 -13.94 27.18 -8.34
N TYR A 489 -14.60 28.26 -8.74
CA TYR A 489 -13.95 29.44 -9.31
C TYR A 489 -13.08 30.16 -8.28
N ALA A 490 -12.10 30.91 -8.79
CA ALA A 490 -11.14 31.59 -7.95
C ALA A 490 -11.62 33.00 -7.62
N LYS A 491 -10.92 33.62 -6.65
CA LYS A 491 -11.19 35.00 -6.24
C LYS A 491 -9.95 35.51 -5.54
N ILE A 492 -9.55 36.75 -5.87
CA ILE A 492 -8.28 37.29 -5.40
C ILE A 492 -8.54 38.18 -4.20
N ARG A 493 -7.89 37.87 -3.07
CA ARG A 493 -8.25 38.45 -1.78
C ARG A 493 -7.05 38.87 -0.95
N PRO A 494 -7.25 39.66 0.12
CA PRO A 494 -6.22 39.83 1.17
C PRO A 494 -5.99 38.59 2.04
N TRP A 495 -5.47 38.79 3.26
CA TRP A 495 -4.47 38.02 3.99
C TRP A 495 -4.31 36.53 3.66
N ARG A 496 -3.05 36.11 3.59
CA ARG A 496 -2.61 34.95 2.82
C ARG A 496 -3.05 33.64 3.48
N THR A 497 -4.28 33.25 3.17
CA THR A 497 -4.86 31.98 3.57
C THR A 497 -5.98 31.64 2.59
N PHE A 498 -6.19 30.35 2.37
CA PHE A 498 -7.34 29.93 1.57
C PHE A 498 -8.60 30.08 2.41
N ARG A 499 -9.68 30.53 1.78
CA ARG A 499 -10.92 30.74 2.50
C ARG A 499 -12.08 30.52 1.56
N LEU A 500 -13.13 29.88 2.08
CA LEU A 500 -14.29 29.50 1.30
C LEU A 500 -15.50 29.37 2.23
N ASN A 501 -16.59 28.83 1.71
CA ASN A 501 -17.87 28.82 2.40
C ASN A 501 -17.87 27.74 3.49
N GLU A 502 -19.01 27.54 4.15
CA GLU A 502 -19.12 26.51 5.17
C GLU A 502 -20.18 25.47 4.86
N CYS A 503 -21.03 25.72 3.86
CA CYS A 503 -21.94 24.68 3.39
C CYS A 503 -21.17 23.57 2.69
N VAL A 504 -20.22 23.93 1.84
CA VAL A 504 -19.31 22.93 1.25
C VAL A 504 -18.12 22.83 2.21
N CYS A 505 -18.35 22.11 3.31
CA CYS A 505 -17.30 21.79 4.27
C CYS A 505 -17.40 20.38 4.81
N THR A 506 -18.55 19.72 4.69
CA THR A 506 -18.78 18.35 5.13
C THR A 506 -18.20 17.23 4.26
N PRO A 507 -18.13 17.32 2.92
CA PRO A 507 -17.41 16.26 2.20
C PRO A 507 -15.91 16.33 2.37
N TYR A 508 -15.35 17.52 2.61
CA TYR A 508 -13.93 17.62 2.89
C TYR A 508 -13.58 17.11 4.29
N ASN A 509 -14.59 16.99 5.16
CA ASN A 509 -14.42 16.71 6.60
C ASN A 509 -13.48 17.73 7.24
N ALA A 510 -13.66 18.99 6.86
CA ALA A 510 -12.86 20.08 7.39
C ALA A 510 -13.55 20.71 8.58
N ASP A 511 -12.75 21.27 9.48
CA ASP A 511 -13.30 21.91 10.67
C ASP A 511 -12.57 23.20 11.05
N PHE A 512 -11.75 23.76 10.14
CA PHE A 512 -11.03 25.03 10.31
C PHE A 512 -10.15 25.01 11.56
N ASP A 513 -9.57 23.86 11.83
CA ASP A 513 -8.80 23.60 13.04
C ASP A 513 -7.36 24.05 12.93
N GLY A 514 -6.87 24.22 11.71
CA GLY A 514 -5.45 24.37 11.45
C GLY A 514 -5.08 23.42 10.34
N ASP A 515 -6.09 22.74 9.81
CA ASP A 515 -5.91 21.79 8.73
C ASP A 515 -5.78 22.53 7.41
N GLU A 516 -4.70 22.27 6.69
CA GLU A 516 -4.43 22.95 5.43
C GLU A 516 -4.76 22.04 4.26
N MET A 517 -5.16 22.65 3.15
CA MET A 517 -5.55 21.94 1.95
C MET A 517 -4.81 22.49 0.75
N ASN A 518 -4.52 21.60 -0.19
CA ASN A 518 -3.75 21.93 -1.38
C ASN A 518 -4.66 22.19 -2.59
N LEU A 519 -4.13 22.95 -3.54
CA LEU A 519 -4.92 23.56 -4.60
C LEU A 519 -4.16 23.49 -5.92
N HIS A 520 -4.72 22.76 -6.89
CA HIS A 520 -4.10 22.53 -8.19
C HIS A 520 -4.83 23.33 -9.25
N VAL A 521 -4.09 23.85 -10.23
CA VAL A 521 -4.70 24.58 -11.34
C VAL A 521 -4.63 23.75 -12.61
N PRO A 522 -5.64 23.82 -13.48
CA PRO A 522 -5.49 23.27 -14.83
C PRO A 522 -4.68 24.20 -15.72
N GLN A 523 -4.09 23.61 -16.76
CA GLN A 523 -3.22 24.36 -17.68
C GLN A 523 -3.70 24.33 -19.13
N THR A 524 -4.47 23.32 -19.53
CA THR A 524 -4.98 23.22 -20.89
C THR A 524 -6.48 23.45 -20.91
N GLU A 525 -7.00 23.86 -22.07
CA GLU A 525 -8.42 24.16 -22.20
C GLU A 525 -9.27 22.90 -22.11
N GLU A 526 -8.75 21.78 -22.61
CA GLU A 526 -9.50 20.53 -22.69
C GLU A 526 -9.82 19.98 -21.32
N ALA A 527 -8.93 20.16 -20.34
CA ALA A 527 -9.18 19.73 -18.98
C ALA A 527 -9.78 20.82 -18.11
N ARG A 528 -9.59 22.08 -18.47
CA ARG A 528 -10.21 23.16 -17.71
C ARG A 528 -11.71 23.25 -17.98
N ALA A 529 -12.14 22.93 -19.21
CA ALA A 529 -13.55 23.01 -19.52
C ALA A 529 -14.35 21.80 -19.03
N GLU A 530 -13.68 20.74 -18.58
CA GLU A 530 -14.39 19.63 -17.95
C GLU A 530 -14.17 19.59 -16.44
N ALA A 531 -13.23 20.36 -15.90
CA ALA A 531 -13.07 20.40 -14.45
C ALA A 531 -14.23 21.15 -13.80
N ILE A 532 -14.85 22.08 -14.51
CA ILE A 532 -15.94 22.87 -13.95
C ILE A 532 -17.31 22.33 -14.37
N ASN A 533 -17.37 21.47 -15.38
CA ASN A 533 -18.67 21.14 -15.96
C ASN A 533 -19.28 19.89 -15.34
N LEU A 534 -18.52 18.82 -15.19
CA LEU A 534 -19.04 17.61 -14.54
C LEU A 534 -18.33 17.31 -13.23
N MET A 535 -17.47 18.21 -12.76
CA MET A 535 -16.73 18.02 -11.53
C MET A 535 -16.90 19.21 -10.57
N GLY A 536 -17.65 20.23 -10.98
CA GLY A 536 -17.84 21.40 -10.16
C GLY A 536 -18.73 21.16 -8.95
N VAL A 537 -18.92 22.22 -8.18
CA VAL A 537 -19.68 22.12 -6.94
C VAL A 537 -21.17 22.04 -7.21
N LYS A 538 -21.67 22.93 -8.09
CA LYS A 538 -23.10 23.08 -8.32
C LYS A 538 -23.73 21.85 -8.96
N ASN A 539 -22.95 21.04 -9.67
CA ASN A 539 -23.46 19.79 -10.21
C ASN A 539 -23.39 18.66 -9.19
N ASN A 540 -22.40 18.68 -8.32
CA ASN A 540 -22.21 17.63 -7.31
C ASN A 540 -22.79 18.07 -5.97
N LEU A 541 -24.09 18.36 -5.95
CA LEU A 541 -24.71 18.74 -4.68
C LEU A 541 -25.13 17.53 -3.86
N LEU A 542 -25.25 16.35 -4.50
CA LEU A 542 -25.64 15.14 -3.82
C LEU A 542 -24.41 14.31 -3.45
N THR A 543 -24.66 13.18 -2.82
CA THR A 543 -23.68 12.12 -2.70
C THR A 543 -24.07 11.00 -3.65
N PRO A 544 -23.11 10.19 -4.11
CA PRO A 544 -23.50 9.05 -4.96
C PRO A 544 -24.02 7.86 -4.17
N LYS A 545 -23.56 7.69 -2.92
CA LYS A 545 -23.87 6.48 -2.17
C LYS A 545 -25.31 6.40 -1.70
N SER A 546 -25.99 7.52 -1.56
CA SER A 546 -27.36 7.50 -1.07
C SER A 546 -28.33 8.29 -1.95
N GLY A 547 -27.89 9.39 -2.52
CA GLY A 547 -28.79 10.30 -3.19
C GLY A 547 -29.29 11.43 -2.32
N GLU A 548 -28.65 11.69 -1.18
CA GLU A 548 -28.95 12.75 -0.24
C GLU A 548 -28.03 13.95 -0.47
N PRO A 549 -28.51 15.18 -0.22
CA PRO A 549 -27.67 16.36 -0.43
C PRO A 549 -26.56 16.45 0.62
N ILE A 550 -25.32 16.51 0.15
CA ILE A 550 -24.17 16.35 1.03
C ILE A 550 -23.63 17.72 1.45
N ILE A 551 -23.85 18.75 0.66
CA ILE A 551 -23.46 20.10 1.04
C ILE A 551 -24.74 20.89 1.35
N ALA A 552 -24.88 21.26 2.61
CA ALA A 552 -26.08 21.87 3.16
C ALA A 552 -25.68 22.52 4.48
N ALA A 553 -26.66 22.66 5.37
CA ALA A 553 -26.56 23.38 6.65
C ALA A 553 -25.35 22.98 7.48
N THR A 554 -24.88 23.95 8.26
CA THR A 554 -23.78 23.79 9.19
C THR A 554 -24.26 24.34 10.53
N GLN A 555 -23.32 24.58 11.44
CA GLN A 555 -23.67 24.84 12.84
C GLN A 555 -24.38 26.17 13.04
N ASP A 556 -23.86 27.26 12.45
CA ASP A 556 -24.49 28.57 12.54
C ASP A 556 -25.41 28.86 11.36
N PHE A 557 -26.01 27.84 10.79
CA PHE A 557 -26.86 27.92 9.61
C PHE A 557 -28.29 27.58 9.94
N ILE A 558 -28.49 26.56 10.80
CA ILE A 558 -29.83 26.20 11.25
C ILE A 558 -30.18 26.77 12.62
N THR A 559 -29.19 27.18 13.41
CA THR A 559 -29.51 27.84 14.66
C THR A 559 -29.87 29.31 14.47
N GLY A 560 -29.56 29.87 13.31
CA GLY A 560 -30.01 31.20 12.97
C GLY A 560 -31.30 31.10 12.21
N SER A 561 -31.49 29.97 11.51
CA SER A 561 -32.73 29.70 10.81
C SER A 561 -33.85 29.25 11.73
N TYR A 562 -33.52 28.80 12.95
CA TYR A 562 -34.53 28.38 13.91
C TYR A 562 -35.06 29.55 14.72
N LEU A 563 -34.23 30.57 14.96
CA LEU A 563 -34.62 31.68 15.81
C LEU A 563 -35.45 32.73 15.08
N ILE A 564 -35.68 32.58 13.78
CA ILE A 564 -36.52 33.49 13.02
C ILE A 564 -37.93 32.89 13.01
N SER A 565 -38.05 31.63 13.42
CA SER A 565 -39.30 30.92 13.16
C SER A 565 -39.98 30.34 14.39
N HIS A 566 -39.66 30.80 15.59
CA HIS A 566 -40.20 30.16 16.80
C HIS A 566 -41.54 30.78 17.22
N LYS A 567 -42.45 30.93 16.25
CA LYS A 567 -43.82 31.43 16.40
C LYS A 567 -43.99 32.81 17.02
N ASP A 568 -42.91 33.51 17.37
CA ASP A 568 -43.02 34.77 18.06
C ASP A 568 -42.05 35.84 17.58
N SER A 569 -41.16 35.52 16.64
CA SER A 569 -40.31 36.54 16.04
C SER A 569 -41.15 37.38 15.10
N PHE A 570 -41.68 38.48 15.61
CA PHE A 570 -42.56 39.36 14.86
C PHE A 570 -41.81 40.61 14.45
N TYR A 571 -41.81 40.92 13.17
CA TYR A 571 -40.96 41.97 12.62
C TYR A 571 -41.79 43.12 12.09
N ASP A 572 -41.26 44.33 12.22
CA ASP A 572 -41.90 45.53 11.71
C ASP A 572 -41.55 45.69 10.23
N ARG A 573 -41.82 46.87 9.66
CA ARG A 573 -41.33 47.13 8.32
C ARG A 573 -39.82 47.37 8.32
N ALA A 574 -39.33 48.15 9.30
CA ALA A 574 -37.94 48.61 9.28
C ALA A 574 -36.97 47.49 9.60
N THR A 575 -37.38 46.50 10.40
CA THR A 575 -36.52 45.36 10.64
C THR A 575 -36.55 44.40 9.46
N LEU A 576 -37.71 44.29 8.80
CA LEU A 576 -37.85 43.38 7.67
C LEU A 576 -37.06 43.86 6.47
N THR A 577 -37.08 45.16 6.17
CA THR A 577 -36.30 45.66 5.05
C THR A 577 -34.80 45.53 5.29
N GLN A 578 -34.37 45.60 6.56
CA GLN A 578 -32.95 45.42 6.86
C GLN A 578 -32.56 43.95 6.75
N LEU A 579 -33.45 43.04 7.14
CA LEU A 579 -33.19 41.60 6.97
C LEU A 579 -33.15 41.22 5.50
N LEU A 580 -34.10 41.70 4.72
CA LEU A 580 -34.11 41.40 3.28
C LEU A 580 -32.97 42.10 2.55
N SER A 581 -32.41 43.19 3.10
CA SER A 581 -31.26 43.82 2.47
C SER A 581 -29.96 43.10 2.82
N MET A 582 -29.78 42.68 4.09
CA MET A 582 -28.59 41.94 4.45
C MET A 582 -28.60 40.51 3.91
N MET A 583 -29.77 40.02 3.47
CA MET A 583 -29.87 38.66 2.97
C MET A 583 -29.25 38.52 1.58
N SER A 584 -29.46 39.52 0.71
CA SER A 584 -29.19 39.39 -0.72
C SER A 584 -28.45 40.65 -1.21
N ASP A 585 -27.29 40.91 -0.60
CA ASP A 585 -26.54 42.17 -0.50
C ASP A 585 -26.63 43.13 -1.68
N GLY A 586 -26.55 42.62 -2.91
CA GLY A 586 -26.51 43.48 -4.08
C GLY A 586 -27.84 43.74 -4.75
N ILE A 587 -28.08 43.08 -5.87
CA ILE A 587 -29.20 43.38 -6.75
C ILE A 587 -30.33 42.39 -6.47
N GLU A 588 -31.44 42.89 -5.92
CA GLU A 588 -32.64 42.07 -5.76
C GLU A 588 -33.86 42.96 -5.52
N HIS A 589 -34.94 42.69 -6.22
CA HIS A 589 -36.26 43.25 -5.96
C HIS A 589 -37.03 42.27 -5.07
N PHE A 590 -38.03 42.78 -4.34
CA PHE A 590 -38.61 41.98 -3.27
C PHE A 590 -40.13 41.91 -3.19
N ASP A 591 -40.87 42.86 -3.78
CA ASP A 591 -42.33 42.99 -3.89
C ASP A 591 -43.14 42.45 -2.68
N ILE A 592 -42.88 43.06 -1.53
CA ILE A 592 -43.29 42.72 -0.16
C ILE A 592 -44.73 42.21 -0.03
N PRO A 593 -44.96 41.06 0.62
CA PRO A 593 -46.32 40.53 0.77
C PRO A 593 -47.09 41.30 1.81
N PRO A 594 -48.42 41.11 1.89
CA PRO A 594 -49.19 41.70 2.99
C PRO A 594 -48.77 41.07 4.32
N PRO A 595 -48.89 41.82 5.42
CA PRO A 595 -48.36 41.33 6.70
C PRO A 595 -49.23 40.23 7.29
N ALA A 596 -48.73 39.65 8.38
CA ALA A 596 -49.48 38.62 9.07
C ALA A 596 -50.65 39.20 9.82
N ILE A 597 -50.47 40.35 10.46
CA ILE A 597 -51.53 41.03 11.20
C ILE A 597 -51.70 42.45 10.66
N MET A 598 -52.95 42.87 10.51
CA MET A 598 -53.33 44.23 10.12
C MET A 598 -53.40 45.11 11.36
N LYS A 599 -54.17 46.22 11.28
CA LYS A 599 -54.19 47.48 12.04
C LYS A 599 -53.75 47.43 13.51
N PRO A 600 -54.15 46.43 14.36
CA PRO A 600 -53.39 46.25 15.62
C PRO A 600 -51.96 45.84 15.31
N TYR A 601 -50.99 46.71 15.66
CA TYR A 601 -49.85 47.14 14.87
C TYR A 601 -49.26 46.16 13.86
N TYR A 602 -48.90 46.66 12.66
CA TYR A 602 -48.46 45.87 11.50
C TYR A 602 -47.18 45.12 11.82
N LEU A 603 -47.29 43.80 12.00
CA LEU A 603 -46.16 42.95 12.39
C LEU A 603 -46.18 41.68 11.55
N TRP A 604 -45.20 41.57 10.64
CA TRP A 604 -44.99 40.34 9.89
C TRP A 604 -44.50 39.22 10.80
N THR A 605 -44.76 37.99 10.38
CA THR A 605 -44.23 36.83 11.08
C THR A 605 -42.82 36.52 10.56
N GLY A 606 -42.26 35.41 11.02
CA GLY A 606 -40.93 35.02 10.56
C GLY A 606 -40.97 34.13 9.34
N LYS A 607 -42.09 33.42 9.16
CA LYS A 607 -42.26 32.56 8.01
C LYS A 607 -42.39 33.36 6.72
N GLN A 608 -42.97 34.56 6.80
CA GLN A 608 -43.07 35.44 5.64
C GLN A 608 -41.74 36.13 5.34
N VAL A 609 -40.90 36.33 6.35
CA VAL A 609 -39.53 36.77 6.09
C VAL A 609 -38.76 35.65 5.41
N PHE A 610 -38.98 34.41 5.84
CA PHE A 610 -38.21 33.29 5.33
C PHE A 610 -38.67 32.83 3.95
N SER A 611 -39.96 33.02 3.62
CA SER A 611 -40.47 32.59 2.33
C SER A 611 -40.06 33.53 1.19
N LEU A 612 -39.64 34.75 1.51
CA LEU A 612 -39.05 35.63 0.51
C LEU A 612 -37.64 35.23 0.14
N LEU A 613 -37.00 34.40 0.95
CA LEU A 613 -35.69 33.87 0.58
C LEU A 613 -35.81 32.83 -0.54
N ILE A 614 -36.95 32.15 -0.62
CA ILE A 614 -37.12 31.13 -1.64
C ILE A 614 -37.55 31.76 -2.97
N LYS A 615 -38.61 32.58 -2.95
CA LYS A 615 -39.15 33.18 -4.16
C LYS A 615 -39.26 34.68 -3.89
N PRO A 616 -38.17 35.43 -4.12
CA PRO A 616 -38.19 36.87 -3.79
C PRO A 616 -38.96 37.75 -4.76
N ASN A 617 -38.81 37.51 -6.07
CA ASN A 617 -39.40 38.37 -7.09
C ASN A 617 -40.82 37.92 -7.41
N HIS A 618 -41.37 38.48 -8.48
CA HIS A 618 -42.49 37.89 -9.19
C HIS A 618 -42.03 37.12 -10.43
N ASN A 619 -40.78 37.32 -10.83
CA ASN A 619 -40.19 36.63 -11.98
C ASN A 619 -39.41 35.38 -11.61
N SER A 620 -39.11 35.19 -10.33
CA SER A 620 -38.40 34.00 -9.88
C SER A 620 -39.30 32.79 -9.98
N PRO A 621 -38.95 31.76 -10.75
CA PRO A 621 -39.89 30.66 -11.02
C PRO A 621 -39.92 29.58 -9.95
N VAL A 622 -39.36 29.84 -8.77
CA VAL A 622 -39.23 28.80 -7.75
C VAL A 622 -40.57 28.72 -7.02
N VAL A 623 -41.40 27.74 -7.39
CA VAL A 623 -42.75 27.57 -6.87
C VAL A 623 -42.78 26.21 -6.18
N ILE A 624 -41.70 25.88 -5.47
CA ILE A 624 -41.57 24.56 -4.83
C ILE A 624 -42.63 24.39 -3.73
N ASN A 625 -42.91 23.13 -3.42
CA ASN A 625 -43.85 22.76 -2.36
C ASN A 625 -43.53 21.34 -1.89
N LEU A 626 -43.70 21.10 -0.58
CA LEU A 626 -43.30 19.83 0.01
C LEU A 626 -44.07 19.61 1.29
N ASP A 627 -43.74 18.50 1.97
CA ASP A 627 -44.35 18.14 3.25
C ASP A 627 -43.35 17.30 4.04
N ALA A 628 -42.82 17.87 5.12
CA ALA A 628 -41.66 17.30 5.78
C ALA A 628 -41.84 17.27 7.29
N LYS A 629 -41.25 16.27 7.92
CA LYS A 629 -41.21 16.15 9.38
C LYS A 629 -40.09 17.03 9.93
N ASN A 630 -39.78 16.84 11.21
CA ASN A 630 -38.57 17.35 11.83
C ASN A 630 -38.14 16.37 12.91
N LYS A 631 -37.05 16.71 13.61
CA LYS A 631 -36.45 15.74 14.53
C LYS A 631 -37.18 15.69 15.86
N VAL A 632 -37.70 16.82 16.32
CA VAL A 632 -38.15 16.98 17.70
C VAL A 632 -39.67 16.77 17.77
N PHE A 633 -40.24 16.17 16.73
CA PHE A 633 -41.69 16.05 16.57
C PHE A 633 -42.37 15.21 17.64
N VAL A 634 -43.10 15.89 18.53
CA VAL A 634 -44.03 15.24 19.46
C VAL A 634 -45.31 15.03 18.66
N PRO A 635 -46.01 13.91 18.80
CA PRO A 635 -47.26 13.72 18.05
C PRO A 635 -48.38 14.58 18.62
N PRO A 636 -49.40 14.89 17.82
CA PRO A 636 -50.56 15.64 18.33
C PRO A 636 -51.48 14.78 19.22
N LYS A 637 -52.65 15.32 19.55
CA LYS A 637 -53.62 14.76 20.48
C LYS A 637 -54.27 13.42 20.00
N SER A 638 -53.89 12.84 18.86
CA SER A 638 -54.26 11.52 18.34
C SER A 638 -55.72 11.40 17.91
N LYS A 639 -56.53 12.44 18.10
CA LYS A 639 -57.89 12.50 17.57
C LYS A 639 -58.00 13.43 16.37
N SER A 640 -57.19 14.49 16.34
CA SER A 640 -57.17 15.41 15.22
C SER A 640 -56.63 14.74 13.96
N LEU A 641 -57.13 15.18 12.80
CA LEU A 641 -56.78 14.53 11.55
C LEU A 641 -55.33 14.77 11.11
N PRO A 642 -54.87 16.01 10.87
CA PRO A 642 -53.60 16.16 10.14
C PRO A 642 -52.40 15.91 11.05
N ASN A 643 -51.24 15.83 10.42
CA ASN A 643 -50.00 15.51 11.10
C ASN A 643 -49.27 16.77 11.58
N GLU A 644 -50.01 17.87 11.77
CA GLU A 644 -49.38 19.15 12.07
C GLU A 644 -50.13 19.97 13.13
N MET A 645 -51.09 19.36 13.84
CA MET A 645 -51.75 20.01 14.97
C MET A 645 -51.02 19.77 16.29
N SER A 646 -49.72 19.51 16.25
CA SER A 646 -48.98 19.09 17.43
C SER A 646 -48.50 20.31 18.21
N GLN A 647 -47.60 20.08 19.16
CA GLN A 647 -47.27 21.09 20.16
C GLN A 647 -46.16 22.04 19.74
N ASN A 648 -45.06 21.54 19.19
CA ASN A 648 -43.93 22.41 18.82
C ASN A 648 -43.65 22.30 17.32
N ASP A 649 -44.46 23.02 16.54
CA ASP A 649 -44.30 23.37 15.12
C ASP A 649 -44.39 22.19 14.16
N GLY A 650 -44.23 20.96 14.65
CA GLY A 650 -44.77 19.77 14.01
C GLY A 650 -44.20 19.31 12.70
N PHE A 651 -44.51 20.05 11.64
CA PHE A 651 -44.55 19.47 10.31
C PHE A 651 -44.52 20.61 9.30
N VAL A 652 -43.52 20.59 8.43
CA VAL A 652 -43.35 21.67 7.45
C VAL A 652 -44.33 21.48 6.31
N ILE A 653 -45.15 22.49 6.06
CA ILE A 653 -46.04 22.51 4.91
C ILE A 653 -45.69 23.73 4.08
N ILE A 654 -45.05 23.51 2.94
CA ILE A 654 -44.78 24.56 1.96
C ILE A 654 -45.75 24.34 0.81
N ARG A 655 -46.45 25.41 0.42
CA ARG A 655 -47.41 25.35 -0.70
C ARG A 655 -47.20 26.59 -1.55
N GLY A 656 -46.37 26.46 -2.58
CA GLY A 656 -46.11 27.56 -3.49
C GLY A 656 -45.08 28.54 -2.98
N SER A 657 -43.95 28.00 -2.48
CA SER A 657 -42.82 28.76 -1.93
C SER A 657 -43.23 29.67 -0.79
N GLN A 658 -44.19 29.21 0.02
CA GLN A 658 -44.64 29.90 1.21
C GLN A 658 -44.74 28.86 2.31
N ILE A 659 -44.21 29.16 3.49
CA ILE A 659 -44.24 28.22 4.61
C ILE A 659 -45.49 28.48 5.43
N LEU A 660 -46.32 27.46 5.58
CA LEU A 660 -47.58 27.59 6.27
C LEU A 660 -47.55 27.04 7.69
N SER A 661 -46.55 26.24 8.03
CA SER A 661 -46.42 25.66 9.37
C SER A 661 -44.99 25.16 9.57
N GLY A 662 -44.44 25.42 10.75
CA GLY A 662 -43.23 24.72 11.18
C GLY A 662 -41.91 25.41 10.99
N VAL A 663 -40.99 25.20 11.94
CA VAL A 663 -39.59 25.59 11.76
C VAL A 663 -38.94 24.67 10.73
N MET A 664 -37.82 25.13 10.17
CA MET A 664 -37.13 24.35 9.15
C MET A 664 -36.41 23.16 9.76
N ASP A 665 -35.37 23.41 10.56
CA ASP A 665 -34.87 22.49 11.59
C ASP A 665 -34.40 21.14 11.02
N LYS A 666 -33.34 21.17 10.21
CA LYS A 666 -32.47 19.99 9.98
C LYS A 666 -33.10 18.72 9.41
N SER A 667 -33.03 18.59 8.06
CA SER A 667 -33.67 17.71 7.08
C SER A 667 -34.97 18.33 6.57
N VAL A 668 -35.01 19.66 6.62
CA VAL A 668 -35.77 20.45 5.66
C VAL A 668 -34.75 21.27 4.90
N LEU A 669 -33.60 21.57 5.53
CA LEU A 669 -32.43 22.04 4.81
C LEU A 669 -31.14 21.53 5.43
N GLY A 670 -31.16 20.32 5.99
CA GLY A 670 -30.21 19.85 6.98
C GLY A 670 -29.33 18.64 6.73
N ASP A 671 -28.61 18.59 5.59
CA ASP A 671 -27.46 17.73 5.26
C ASP A 671 -27.54 16.24 5.63
N GLY A 672 -28.36 15.49 4.91
CA GLY A 672 -28.29 14.05 5.06
C GLY A 672 -29.57 13.27 4.86
N LYS A 673 -30.70 13.95 4.72
CA LYS A 673 -31.94 13.29 4.36
C LYS A 673 -32.50 13.92 3.10
N LYS A 674 -33.45 13.22 2.48
CA LYS A 674 -34.20 13.74 1.35
C LYS A 674 -35.33 14.65 1.84
N HIS A 675 -36.30 14.92 0.96
CA HIS A 675 -37.48 15.79 1.18
C HIS A 675 -37.12 17.14 1.82
N SER A 676 -35.98 17.70 1.40
CA SER A 676 -35.51 18.97 1.90
C SER A 676 -35.96 20.10 0.98
N VAL A 677 -35.63 21.33 1.36
CA VAL A 677 -35.92 22.48 0.50
C VAL A 677 -34.92 22.52 -0.65
N PHE A 678 -33.62 22.48 -0.34
CA PHE A 678 -32.61 22.59 -1.37
C PHE A 678 -32.47 21.34 -2.20
N TYR A 679 -33.03 20.22 -1.75
CA TYR A 679 -33.16 19.06 -2.61
C TYR A 679 -34.33 19.22 -3.58
N THR A 680 -35.37 19.94 -3.16
CA THR A 680 -36.54 20.13 -4.03
C THR A 680 -36.25 21.12 -5.15
N ILE A 681 -35.53 22.21 -4.83
CA ILE A 681 -35.18 23.20 -5.84
C ILE A 681 -34.20 22.60 -6.85
N LEU A 682 -33.25 21.81 -6.37
CA LEU A 682 -32.31 21.11 -7.24
C LEU A 682 -33.02 20.07 -8.10
N ARG A 683 -33.99 19.37 -7.52
CA ARG A 683 -34.68 18.31 -8.27
C ARG A 683 -35.59 18.91 -9.33
N ASP A 684 -36.23 20.04 -9.04
CA ASP A 684 -37.17 20.65 -9.98
C ASP A 684 -36.53 21.76 -10.81
N TYR A 685 -36.14 22.85 -10.18
CA TYR A 685 -35.72 24.06 -10.90
C TYR A 685 -34.21 24.18 -11.03
N GLY A 686 -33.53 23.14 -11.52
CA GLY A 686 -32.13 23.23 -11.86
C GLY A 686 -31.18 23.33 -10.68
N PRO A 687 -29.87 23.23 -10.95
CA PRO A 687 -28.88 23.37 -9.88
C PRO A 687 -28.50 24.83 -9.62
N GLN A 688 -28.71 25.70 -10.61
CA GLN A 688 -28.32 27.09 -10.48
C GLN A 688 -29.19 27.82 -9.46
N GLU A 689 -30.50 27.60 -9.50
CA GLU A 689 -31.39 28.23 -8.52
C GLU A 689 -31.19 27.64 -7.13
N ALA A 690 -30.81 26.36 -7.04
CA ALA A 690 -30.54 25.75 -5.74
C ALA A 690 -29.26 26.30 -5.13
N ALA A 691 -28.24 26.55 -5.95
CA ALA A 691 -27.02 27.18 -5.44
C ALA A 691 -27.20 28.68 -5.20
N ASN A 692 -28.16 29.30 -5.88
CA ASN A 692 -28.40 30.73 -5.67
C ASN A 692 -29.20 30.97 -4.40
N ALA A 693 -30.18 30.12 -4.12
CA ALA A 693 -31.00 30.26 -2.92
C ALA A 693 -30.31 29.75 -1.66
N MET A 694 -29.16 29.10 -1.80
CA MET A 694 -28.37 28.62 -0.67
C MET A 694 -27.22 29.56 -0.33
N ASN A 695 -26.72 30.32 -1.31
CA ASN A 695 -25.91 31.48 -1.02
C ASN A 695 -26.71 32.55 -0.31
N ARG A 696 -28.02 32.61 -0.57
CA ARG A 696 -28.88 33.65 -0.01
C ARG A 696 -29.12 33.43 1.48
N MET A 697 -29.08 32.17 1.93
CA MET A 697 -29.29 31.87 3.35
C MET A 697 -28.07 32.23 4.18
N ALA A 698 -26.87 32.11 3.61
CA ALA A 698 -25.64 32.24 4.37
C ALA A 698 -25.42 33.68 4.82
N LYS A 699 -25.80 34.65 3.99
CA LYS A 699 -25.68 36.05 4.38
C LYS A 699 -26.64 36.40 5.52
N LEU A 700 -27.88 35.91 5.44
CA LEU A 700 -28.86 36.18 6.49
C LEU A 700 -28.44 35.55 7.81
N CYS A 701 -28.02 34.28 7.76
CA CYS A 701 -27.57 33.61 8.97
C CYS A 701 -26.21 34.07 9.46
N ALA A 702 -25.46 34.81 8.63
CA ALA A 702 -24.20 35.38 9.11
C ALA A 702 -24.39 36.74 9.75
N ARG A 703 -25.29 37.57 9.23
CA ARG A 703 -25.46 38.88 9.85
C ARG A 703 -26.48 38.88 10.99
N PHE A 704 -27.65 38.24 10.80
CA PHE A 704 -28.70 38.35 11.81
C PHE A 704 -28.38 37.56 13.08
N LEU A 705 -27.64 36.45 12.97
CA LEU A 705 -27.33 35.67 14.15
C LEU A 705 -26.36 36.39 15.07
N GLY A 706 -25.50 37.24 14.51
CA GLY A 706 -24.69 38.12 15.34
C GLY A 706 -25.43 39.37 15.76
N ASN A 707 -26.42 39.80 14.97
CA ASN A 707 -27.20 40.97 15.32
C ASN A 707 -28.16 40.68 16.47
N ARG A 708 -28.59 39.42 16.62
CA ARG A 708 -29.60 39.06 17.60
C ARG A 708 -28.99 38.72 18.96
N GLY A 709 -27.93 37.91 18.98
CA GLY A 709 -27.30 37.52 20.22
C GLY A 709 -27.71 36.15 20.69
N PHE A 710 -26.73 35.30 20.99
CA PHE A 710 -27.00 33.89 21.29
C PHE A 710 -25.79 33.32 22.02
N SER A 711 -26.00 32.80 23.23
CA SER A 711 -24.88 32.44 24.08
C SER A 711 -25.24 31.27 24.98
N ILE A 712 -24.19 30.62 25.51
CA ILE A 712 -24.31 29.61 26.56
C ILE A 712 -23.69 30.19 27.82
N GLY A 713 -24.49 30.26 28.89
CA GLY A 713 -24.02 30.69 30.19
C GLY A 713 -23.81 29.53 31.14
N ILE A 714 -23.82 29.85 32.44
CA ILE A 714 -23.70 28.83 33.46
C ILE A 714 -25.05 28.52 34.11
N ASN A 715 -26.04 29.41 33.99
CA ASN A 715 -27.36 29.22 34.58
C ASN A 715 -28.26 28.30 33.77
N ASP A 716 -27.75 27.64 32.73
CA ASP A 716 -28.53 26.70 31.94
C ASP A 716 -27.91 25.31 31.94
N VAL A 717 -27.05 25.02 32.91
CA VAL A 717 -26.43 23.71 33.05
C VAL A 717 -26.68 23.25 34.48
N THR A 718 -27.28 24.14 35.30
CA THR A 718 -27.63 23.92 36.69
C THR A 718 -29.02 23.31 36.82
N PRO A 719 -29.19 22.31 37.68
CA PRO A 719 -30.54 21.82 37.99
C PRO A 719 -31.26 22.77 38.94
N ALA A 720 -32.56 22.95 38.69
CA ALA A 720 -33.35 23.93 39.43
C ALA A 720 -34.02 23.33 40.67
N ASP A 721 -33.21 22.65 41.48
CA ASP A 721 -33.47 22.21 42.86
C ASP A 721 -34.48 21.07 42.97
N ASP A 722 -35.24 20.79 41.92
CA ASP A 722 -36.15 19.65 41.93
C ASP A 722 -35.45 18.39 41.45
N LEU A 723 -34.67 18.51 40.38
CA LEU A 723 -33.74 17.45 40.00
C LEU A 723 -32.71 17.22 41.10
N LYS A 724 -32.24 18.31 41.72
CA LYS A 724 -31.29 18.22 42.82
C LYS A 724 -31.90 17.59 44.07
N GLN A 725 -33.22 17.72 44.26
CA GLN A 725 -33.87 17.02 45.37
C GLN A 725 -34.21 15.58 45.02
N LYS A 726 -34.46 15.28 43.74
CA LYS A 726 -35.00 13.99 43.32
C LYS A 726 -33.94 12.97 42.95
N LYS A 727 -32.77 13.41 42.47
CA LYS A 727 -31.82 12.49 41.86
C LYS A 727 -31.19 11.56 42.88
N GLU A 728 -30.90 12.06 44.09
CA GLU A 728 -30.32 11.21 45.12
C GLU A 728 -31.34 10.21 45.67
N GLU A 729 -32.58 10.65 45.86
CA GLU A 729 -33.59 9.71 46.36
C GLU A 729 -34.08 8.74 45.31
N LEU A 730 -33.80 9.00 44.03
CA LEU A 730 -34.11 8.00 43.00
C LEU A 730 -32.92 7.09 42.70
N VAL A 731 -31.68 7.58 42.82
CA VAL A 731 -30.53 6.76 42.46
C VAL A 731 -30.23 5.73 43.54
N GLU A 732 -30.67 5.96 44.79
CA GLU A 732 -30.47 4.99 45.85
C GLU A 732 -31.43 3.81 45.77
N ILE A 733 -32.47 3.90 44.95
CA ILE A 733 -33.38 2.77 44.78
C ILE A 733 -32.71 1.67 43.96
N ALA A 734 -32.18 2.03 42.79
CA ALA A 734 -31.44 1.07 41.98
C ALA A 734 -30.12 0.68 42.63
N TYR A 735 -29.53 1.58 43.42
CA TYR A 735 -28.33 1.24 44.16
C TYR A 735 -28.61 0.19 45.23
N HIS A 736 -29.72 0.34 45.96
CA HIS A 736 -30.10 -0.68 46.93
C HIS A 736 -30.55 -1.97 46.26
N LYS A 737 -31.13 -1.87 45.06
CA LYS A 737 -31.50 -3.07 44.31
C LYS A 737 -30.27 -3.85 43.88
N CYS A 738 -29.24 -3.15 43.37
CA CYS A 738 -27.98 -3.81 43.01
C CYS A 738 -27.23 -4.30 44.24
N ASP A 739 -27.39 -3.63 45.39
CA ASP A 739 -26.75 -4.09 46.60
C ASP A 739 -27.41 -5.34 47.16
N GLU A 740 -28.74 -5.42 47.05
CA GLU A 740 -29.48 -6.58 47.53
C GLU A 740 -29.35 -7.76 46.57
N LEU A 741 -29.11 -7.50 45.29
CA LEU A 741 -28.98 -8.58 44.33
C LEU A 741 -27.62 -9.28 44.46
N ILE A 742 -26.61 -8.58 44.97
CA ILE A 742 -25.33 -9.21 45.29
C ILE A 742 -25.44 -9.99 46.60
N THR A 743 -26.31 -9.53 47.51
CA THR A 743 -26.52 -10.24 48.78
C THR A 743 -27.13 -11.62 48.55
N LEU A 744 -28.03 -11.73 47.56
CA LEU A 744 -28.55 -13.03 47.15
C LEU A 744 -27.55 -13.84 46.32
N PHE A 745 -26.44 -13.23 45.91
CA PHE A 745 -25.46 -13.89 45.05
C PHE A 745 -24.29 -14.48 45.83
N ASN A 746 -23.94 -13.90 46.97
CA ASN A 746 -22.79 -14.39 47.73
C ASN A 746 -23.15 -15.55 48.65
N LYS A 747 -24.17 -15.37 49.49
CA LYS A 747 -24.59 -16.41 50.43
C LYS A 747 -25.55 -17.42 49.82
N GLY A 748 -26.06 -17.15 48.62
CA GLY A 748 -27.00 -18.06 47.96
C GLY A 748 -26.71 -18.14 46.50
N GLU A 749 -27.76 -18.25 45.69
CA GLU A 749 -27.62 -18.33 44.24
C GLU A 749 -28.90 -17.84 43.59
N LEU A 750 -28.75 -17.23 42.42
CA LEU A 750 -29.87 -16.68 41.68
C LEU A 750 -30.30 -17.62 40.57
N GLU A 751 -31.53 -17.41 40.09
CA GLU A 751 -32.01 -18.11 38.92
C GLU A 751 -31.34 -17.54 37.67
N THR A 752 -30.81 -18.42 36.83
CA THR A 752 -30.01 -17.98 35.71
C THR A 752 -30.87 -17.73 34.46
N GLN A 753 -30.29 -17.02 33.51
CA GLN A 753 -30.85 -16.74 32.20
C GLN A 753 -30.36 -17.79 31.20
N PRO A 754 -30.98 -17.87 29.99
CA PRO A 754 -30.38 -18.69 28.94
C PRO A 754 -29.09 -18.10 28.39
N GLY A 755 -28.01 -18.24 29.16
CA GLY A 755 -26.70 -17.76 28.79
C GLY A 755 -25.63 -18.77 29.15
N CYS A 756 -24.44 -18.29 29.54
CA CYS A 756 -23.37 -19.21 29.90
C CYS A 756 -23.58 -19.79 31.30
N ASN A 757 -23.51 -18.94 32.31
CA ASN A 757 -23.58 -19.32 33.72
C ASN A 757 -23.79 -18.06 34.55
N GLU A 758 -23.67 -18.19 35.87
CA GLU A 758 -23.55 -17.02 36.72
C GLU A 758 -22.15 -16.44 36.59
N GLU A 759 -22.00 -15.21 37.13
CA GLU A 759 -20.90 -14.26 36.91
C GLU A 759 -20.77 -13.83 35.45
N GLN A 760 -21.74 -14.15 34.60
CA GLN A 760 -21.89 -13.71 33.23
C GLN A 760 -23.28 -13.14 32.96
N THR A 761 -24.31 -13.73 33.58
CA THR A 761 -25.65 -13.14 33.61
C THR A 761 -25.79 -12.10 34.71
N LEU A 762 -24.78 -11.97 35.58
CA LEU A 762 -24.78 -10.90 36.58
C LEU A 762 -24.54 -9.56 35.93
N GLU A 763 -23.62 -9.50 34.95
CA GLU A 763 -23.32 -8.26 34.27
C GLU A 763 -24.47 -7.83 33.37
N ALA A 764 -25.21 -8.79 32.80
CA ALA A 764 -26.36 -8.45 31.97
C ALA A 764 -27.53 -7.92 32.78
N LYS A 765 -27.62 -8.27 34.06
CA LYS A 765 -28.68 -7.76 34.91
C LYS A 765 -28.27 -6.52 35.68
N ILE A 766 -26.98 -6.30 35.89
CA ILE A 766 -26.54 -5.08 36.56
C ILE A 766 -26.21 -3.98 35.55
N GLY A 767 -26.04 -4.32 34.28
CA GLY A 767 -25.81 -3.32 33.25
C GLY A 767 -27.09 -2.93 32.57
N GLY A 768 -28.05 -3.87 32.51
CA GLY A 768 -29.37 -3.57 32.00
C GLY A 768 -30.28 -2.86 32.97
N LEU A 769 -29.85 -2.70 34.22
CA LEU A 769 -30.59 -1.98 35.23
C LEU A 769 -30.06 -0.57 35.45
N LEU A 770 -28.74 -0.39 35.42
CA LEU A 770 -28.16 0.94 35.55
C LEU A 770 -28.28 1.77 34.28
N SER A 771 -28.52 1.13 33.13
CA SER A 771 -28.73 1.87 31.89
C SER A 771 -30.12 2.48 31.82
N LYS A 772 -31.08 1.99 32.61
CA LYS A 772 -32.41 2.58 32.63
C LYS A 772 -32.46 3.83 33.48
N VAL A 773 -31.56 3.95 34.48
CA VAL A 773 -31.54 5.11 35.35
C VAL A 773 -31.13 6.36 34.59
N ARG A 774 -30.13 6.23 33.70
CA ARG A 774 -29.67 7.36 32.91
C ARG A 774 -30.73 7.80 31.90
N GLU A 775 -31.44 6.84 31.31
CA GLU A 775 -32.50 7.18 30.36
C GLU A 775 -33.68 7.84 31.06
N GLU A 776 -34.03 7.35 32.25
CA GLU A 776 -35.13 7.96 33.02
C GLU A 776 -34.77 9.37 33.47
N VAL A 777 -33.55 9.59 33.94
CA VAL A 777 -33.19 10.92 34.38
C VAL A 777 -32.95 11.85 33.18
N GLY A 778 -32.60 11.30 32.01
CA GLY A 778 -32.50 12.13 30.82
C GLY A 778 -33.85 12.52 30.25
N ASP A 779 -34.87 11.67 30.46
CA ASP A 779 -36.22 12.06 30.10
C ASP A 779 -36.76 13.12 31.03
N VAL A 780 -36.61 12.92 32.34
CA VAL A 780 -37.18 13.88 33.30
C VAL A 780 -36.33 15.13 33.47
N CYS A 781 -35.12 15.16 32.90
CA CYS A 781 -34.35 16.40 32.90
C CYS A 781 -34.82 17.33 31.78
N ILE A 782 -35.02 16.78 30.58
CA ILE A 782 -35.53 17.58 29.48
C ILE A 782 -37.02 17.87 29.66
N ASN A 783 -37.71 17.08 30.49
CA ASN A 783 -39.08 17.44 30.87
C ASN A 783 -39.09 18.68 31.77
N GLU A 784 -38.02 18.89 32.54
CA GLU A 784 -37.94 19.97 33.52
C GLU A 784 -37.23 21.21 32.98
N LEU A 785 -36.33 21.04 32.01
CA LEU A 785 -35.33 22.06 31.67
C LEU A 785 -35.98 23.31 31.07
N ASP A 786 -35.44 24.47 31.47
CA ASP A 786 -36.08 25.76 31.26
C ASP A 786 -36.06 26.14 29.78
N ASN A 787 -37.01 27.01 29.41
CA ASN A 787 -37.13 27.51 28.04
C ASN A 787 -36.05 28.54 27.77
N TRP A 788 -35.80 28.77 26.47
CA TRP A 788 -34.91 29.82 25.96
C TRP A 788 -33.47 29.65 26.42
N ASN A 789 -33.01 28.42 26.52
CA ASN A 789 -31.61 28.14 26.80
C ASN A 789 -30.97 27.44 25.61
N ALA A 790 -29.71 27.77 25.37
CA ALA A 790 -29.02 27.35 24.15
C ALA A 790 -28.66 25.86 24.05
N PRO A 791 -28.26 25.12 25.11
CA PRO A 791 -28.04 23.68 24.92
C PRO A 791 -29.30 22.89 24.60
N LEU A 792 -30.50 23.40 24.92
CA LEU A 792 -31.71 22.73 24.48
C LEU A 792 -32.05 23.10 23.04
N ILE A 793 -31.75 24.33 22.62
CA ILE A 793 -32.03 24.74 21.25
C ILE A 793 -31.07 24.03 20.28
N MET A 794 -29.81 23.87 20.68
CA MET A 794 -28.87 23.09 19.87
C MET A 794 -29.20 21.61 19.86
N ALA A 795 -29.89 21.10 20.89
CA ALA A 795 -30.35 19.73 20.90
C ALA A 795 -31.69 19.54 20.19
N THR A 796 -32.54 20.57 20.22
CA THR A 796 -33.78 20.55 19.44
C THR A 796 -33.47 20.56 17.94
N CYS A 797 -32.53 21.41 17.52
CA CYS A 797 -32.14 21.45 16.12
C CYS A 797 -31.21 20.28 15.79
N GLY A 798 -30.06 20.24 16.43
CA GLY A 798 -28.99 19.36 16.02
C GLY A 798 -27.82 20.18 15.51
N SER A 799 -27.61 21.35 16.11
CA SER A 799 -26.50 22.21 15.74
C SER A 799 -25.16 21.53 16.01
N LYS A 800 -24.86 21.30 17.29
CA LYS A 800 -23.76 20.42 17.66
C LYS A 800 -24.08 19.88 19.06
N GLY A 801 -24.65 18.68 19.11
CA GLY A 801 -25.04 18.08 20.38
C GLY A 801 -26.31 17.25 20.28
N SER A 802 -26.69 16.59 21.37
CA SER A 802 -27.89 15.75 21.39
C SER A 802 -28.57 15.92 22.74
N THR A 803 -29.54 15.05 23.02
CA THR A 803 -30.29 15.10 24.26
C THR A 803 -29.74 14.19 25.35
N LEU A 804 -29.03 13.12 24.99
CA LEU A 804 -28.21 12.41 25.97
C LEU A 804 -27.01 13.24 26.37
N ASN A 805 -26.56 14.11 25.46
CA ASN A 805 -25.43 14.99 25.70
C ASN A 805 -25.77 16.04 26.74
N VAL A 806 -26.95 16.65 26.65
CA VAL A 806 -27.29 17.75 27.55
C VAL A 806 -27.65 17.21 28.94
N SER A 807 -28.14 15.98 29.04
CA SER A 807 -28.44 15.40 30.34
C SER A 807 -27.21 14.81 31.02
N GLN A 808 -26.09 14.72 30.31
CA GLN A 808 -24.88 14.15 30.87
C GLN A 808 -24.05 15.19 31.60
N MET A 809 -24.14 16.45 31.20
CA MET A 809 -23.48 17.54 31.90
C MET A 809 -24.41 18.25 32.89
N VAL A 810 -25.67 17.84 32.98
CA VAL A 810 -26.62 18.45 33.91
C VAL A 810 -27.06 17.43 34.95
N ALA A 811 -27.69 16.34 34.50
CA ALA A 811 -28.30 15.41 35.46
C ALA A 811 -27.27 14.47 36.05
N VAL A 812 -26.72 13.56 35.22
CA VAL A 812 -25.73 12.59 35.67
C VAL A 812 -25.05 11.98 34.46
N VAL A 813 -23.78 11.57 34.62
CA VAL A 813 -23.04 10.75 33.68
C VAL A 813 -23.40 9.32 34.09
N GLY A 814 -23.07 8.31 33.29
CA GLY A 814 -23.31 6.97 33.78
C GLY A 814 -22.72 5.83 32.99
N GLN A 815 -22.09 4.89 33.71
CA GLN A 815 -21.72 3.55 33.23
C GLN A 815 -20.77 3.62 32.04
N GLN A 816 -19.52 3.94 32.35
CA GLN A 816 -18.47 4.00 31.32
C GLN A 816 -18.15 2.58 30.86
N ILE A 817 -18.77 2.15 29.76
CA ILE A 817 -18.49 0.84 29.16
C ILE A 817 -17.15 0.89 28.44
N ILE A 818 -16.27 -0.07 28.75
CA ILE A 818 -15.08 -0.32 27.94
C ILE A 818 -15.14 -1.75 27.41
N SER A 819 -14.84 -1.91 26.12
CA SER A 819 -14.76 -3.20 25.41
C SER A 819 -16.03 -4.03 25.51
N GLY A 820 -17.19 -3.38 25.57
CA GLY A 820 -18.48 -4.05 25.65
C GLY A 820 -18.99 -4.29 27.06
N ASN A 821 -18.15 -4.77 27.96
CA ASN A 821 -18.52 -5.05 29.33
C ASN A 821 -18.17 -3.87 30.24
N ARG A 822 -18.23 -4.10 31.55
CA ARG A 822 -17.88 -3.07 32.52
C ARG A 822 -16.36 -3.00 32.65
N VAL A 823 -15.87 -2.19 33.58
CA VAL A 823 -14.43 -2.05 33.81
C VAL A 823 -13.92 -3.28 34.55
N PRO A 824 -12.96 -4.01 33.99
CA PRO A 824 -12.44 -5.20 34.66
C PRO A 824 -11.45 -4.80 35.75
N ASP A 825 -10.96 -5.81 36.46
CA ASP A 825 -10.03 -5.59 37.56
C ASP A 825 -8.61 -5.40 37.04
N GLY A 826 -7.97 -4.31 37.46
CA GLY A 826 -6.57 -4.08 37.16
C GLY A 826 -5.69 -4.78 38.17
N PHE A 827 -6.15 -4.80 39.42
CA PHE A 827 -5.50 -5.51 40.50
C PHE A 827 -6.17 -6.86 40.69
N GLN A 828 -5.80 -7.57 41.76
CA GLN A 828 -6.34 -8.90 42.03
C GLN A 828 -7.74 -8.75 42.64
N ASP A 829 -8.75 -9.22 41.90
CA ASP A 829 -10.16 -9.29 42.30
C ASP A 829 -10.80 -7.93 42.56
N ARG A 830 -10.16 -6.83 42.17
CA ARG A 830 -10.70 -5.49 42.36
C ARG A 830 -10.04 -4.54 41.38
N SER A 831 -10.73 -3.47 41.03
CA SER A 831 -10.25 -2.53 40.03
C SER A 831 -9.24 -1.55 40.62
N LEU A 832 -9.53 -0.99 41.79
CA LEU A 832 -8.66 -0.08 42.50
C LEU A 832 -8.50 -0.52 43.94
N PRO A 833 -7.39 -0.17 44.60
CA PRO A 833 -7.24 -0.50 46.03
C PRO A 833 -8.10 0.34 46.96
N HIS A 834 -8.90 1.25 46.44
CA HIS A 834 -9.79 2.09 47.24
C HIS A 834 -11.13 1.42 47.50
N PHE A 835 -11.31 0.19 47.04
CA PHE A 835 -12.51 -0.59 47.16
C PHE A 835 -12.17 -1.96 47.71
N PRO A 836 -13.06 -2.58 48.49
CA PRO A 836 -12.74 -3.88 49.09
C PRO A 836 -12.70 -4.98 48.04
N LYS A 837 -12.05 -6.08 48.42
CA LYS A 837 -11.81 -7.17 47.48
C LYS A 837 -13.09 -7.92 47.17
N ASN A 838 -13.18 -8.38 45.91
CA ASN A 838 -14.32 -9.15 45.37
C ASN A 838 -15.63 -8.36 45.50
N SER A 839 -15.57 -7.06 45.24
CA SER A 839 -16.74 -6.19 45.29
C SER A 839 -17.25 -5.97 43.87
N LYS A 840 -18.44 -6.47 43.59
CA LYS A 840 -19.09 -6.29 42.30
C LYS A 840 -20.24 -5.30 42.38
N THR A 841 -20.26 -4.48 43.42
CA THR A 841 -21.26 -3.43 43.57
C THR A 841 -21.02 -2.33 42.53
N PRO A 842 -22.05 -1.58 42.16
CA PRO A 842 -21.82 -0.35 41.38
C PRO A 842 -21.04 0.68 42.18
N GLN A 843 -20.41 1.59 41.43
CA GLN A 843 -19.45 2.65 41.80
C GLN A 843 -18.07 2.05 42.12
N SER A 844 -17.98 0.72 42.19
CA SER A 844 -16.70 0.03 42.35
C SER A 844 -16.19 -0.57 41.05
N LYS A 845 -17.06 -1.22 40.28
CA LYS A 845 -16.72 -1.72 38.96
C LYS A 845 -16.98 -0.69 37.87
N GLY A 846 -17.36 0.52 38.24
CA GLY A 846 -17.52 1.63 37.32
C GLY A 846 -18.95 2.12 37.13
N PHE A 847 -19.30 3.17 37.88
CA PHE A 847 -20.57 3.86 37.67
C PHE A 847 -20.39 5.28 38.21
N VAL A 848 -20.19 6.23 37.30
CA VAL A 848 -20.05 7.64 37.64
C VAL A 848 -21.40 8.23 38.02
N ARG A 849 -21.64 8.43 39.31
CA ARG A 849 -22.89 9.01 39.76
C ARG A 849 -22.80 10.51 40.04
N ASN A 850 -22.22 11.26 39.11
CA ASN A 850 -22.19 12.71 39.19
C ASN A 850 -22.34 13.28 37.78
N SER A 851 -22.31 14.60 37.71
CA SER A 851 -22.37 15.32 36.44
C SER A 851 -20.97 15.84 36.09
N PHE A 852 -20.90 16.61 35.03
CA PHE A 852 -19.71 17.41 34.77
C PHE A 852 -19.77 18.76 35.47
N PHE A 853 -20.98 19.27 35.72
CA PHE A 853 -21.12 20.48 36.52
C PHE A 853 -20.81 20.20 37.98
N SER A 854 -21.18 19.03 38.47
CA SER A 854 -21.02 18.73 39.90
C SER A 854 -19.56 18.40 40.24
N GLY A 855 -18.86 17.73 39.36
CA GLY A 855 -17.50 17.31 39.65
C GLY A 855 -17.42 15.84 39.99
N LEU A 856 -16.28 15.24 39.71
CA LEU A 856 -16.09 13.81 39.87
C LEU A 856 -15.15 13.48 41.04
N SER A 857 -15.36 12.29 41.62
CA SER A 857 -14.51 11.64 42.60
C SER A 857 -13.28 11.08 41.91
N PRO A 858 -12.15 10.92 42.61
CA PRO A 858 -10.92 10.42 41.95
C PRO A 858 -11.01 9.00 41.37
N PRO A 859 -11.61 7.99 42.03
CA PRO A 859 -11.81 6.73 41.28
C PRO A 859 -12.83 6.84 40.17
N GLU A 860 -13.83 7.69 40.36
CA GLU A 860 -14.79 8.08 39.33
C GLU A 860 -14.12 8.82 38.18
N PHE A 861 -13.14 9.68 38.49
CA PHE A 861 -12.36 10.34 37.45
C PHE A 861 -11.51 9.35 36.67
N LEU A 862 -10.94 8.36 37.36
CA LEU A 862 -10.19 7.31 36.67
C LEU A 862 -11.09 6.46 35.78
N PHE A 863 -12.28 6.12 36.28
CA PHE A 863 -13.22 5.33 35.49
C PHE A 863 -13.71 6.09 34.26
N HIS A 864 -13.83 7.42 34.35
CA HIS A 864 -14.13 8.18 33.15
C HIS A 864 -12.92 8.29 32.23
N ALA A 865 -11.71 8.38 32.79
CA ALA A 865 -10.50 8.55 31.98
C ALA A 865 -10.09 7.27 31.26
N ILE A 866 -10.53 6.10 31.72
CA ILE A 866 -10.25 4.87 30.98
C ILE A 866 -11.09 4.83 29.70
N SER A 867 -12.38 5.13 29.82
CA SER A 867 -13.28 5.07 28.67
C SER A 867 -13.05 6.21 27.67
N GLY A 868 -12.43 7.30 28.10
CA GLY A 868 -12.05 8.35 27.18
C GLY A 868 -10.81 8.05 26.37
N ARG A 869 -10.13 6.95 26.64
CA ARG A 869 -8.95 6.51 25.92
C ARG A 869 -9.25 5.49 24.84
N GLU A 870 -10.14 4.54 25.11
CA GLU A 870 -10.42 3.45 24.18
C GLU A 870 -11.18 3.90 22.95
N GLY A 871 -11.87 5.04 23.01
CA GLY A 871 -12.46 5.61 21.81
C GLY A 871 -11.47 6.54 21.13
N LEU A 872 -10.63 7.18 21.94
CA LEU A 872 -9.57 8.03 21.42
C LEU A 872 -8.49 7.23 20.69
N VAL A 873 -8.26 5.98 21.12
CA VAL A 873 -7.27 5.15 20.47
C VAL A 873 -7.82 4.51 19.20
N ASP A 874 -9.14 4.54 19.00
CA ASP A 874 -9.76 3.97 17.81
C ASP A 874 -9.45 4.79 16.57
N THR A 875 -9.07 6.06 16.73
CA THR A 875 -8.64 6.87 15.60
C THR A 875 -7.31 6.37 15.03
N ALA A 876 -6.38 6.00 15.91
CA ALA A 876 -5.03 5.65 15.51
C ALA A 876 -4.84 4.13 15.32
N VAL A 877 -5.91 3.35 15.31
CA VAL A 877 -5.80 1.92 15.08
C VAL A 877 -6.74 1.41 13.99
N LYS A 878 -7.84 2.09 13.68
CA LYS A 878 -8.81 1.60 12.72
C LYS A 878 -8.58 2.13 11.32
N THR A 879 -8.14 3.39 11.20
CA THR A 879 -8.15 4.10 9.93
C THR A 879 -7.11 3.56 8.94
N ALA A 880 -5.97 3.05 9.41
CA ALA A 880 -4.98 2.49 8.50
C ALA A 880 -5.44 1.15 7.94
N GLU A 881 -6.10 0.34 8.77
CA GLU A 881 -6.58 -0.97 8.35
C GLU A 881 -7.71 -0.85 7.32
N THR A 882 -8.59 0.13 7.48
CA THR A 882 -9.61 0.38 6.48
C THR A 882 -9.10 1.24 5.33
N GLY A 883 -7.92 1.86 5.48
CA GLY A 883 -7.27 2.45 4.33
C GLY A 883 -6.66 1.41 3.42
N TYR A 884 -6.17 0.30 4.00
CA TYR A 884 -5.76 -0.83 3.18
C TYR A 884 -6.96 -1.56 2.59
N MET A 885 -8.12 -1.47 3.24
CA MET A 885 -9.31 -2.20 2.80
C MET A 885 -9.98 -1.52 1.62
N SER A 886 -10.09 -0.19 1.66
CA SER A 886 -10.67 0.55 0.55
C SER A 886 -9.72 0.67 -0.64
N ARG A 887 -8.42 0.45 -0.40
CA ARG A 887 -7.44 0.46 -1.50
C ARG A 887 -7.61 -0.73 -2.41
N ARG A 888 -7.72 -1.93 -1.84
CA ARG A 888 -7.80 -3.14 -2.63
C ARG A 888 -9.17 -3.35 -3.26
N LEU A 889 -10.22 -2.74 -2.68
CA LEU A 889 -11.55 -2.81 -3.26
C LEU A 889 -11.69 -1.95 -4.49
N MET A 890 -10.79 -0.97 -4.67
CA MET A 890 -10.75 -0.18 -5.90
C MET A 890 -10.35 -1.02 -7.10
N LYS A 891 -9.28 -1.81 -6.96
CA LYS A 891 -8.59 -2.37 -8.12
C LYS A 891 -9.40 -3.46 -8.79
N SER A 892 -10.22 -4.18 -8.04
CA SER A 892 -11.07 -5.20 -8.62
C SER A 892 -12.34 -4.63 -9.25
N LEU A 893 -12.68 -3.38 -8.95
CA LEU A 893 -13.85 -2.72 -9.49
C LEU A 893 -13.50 -1.49 -10.33
N GLU A 894 -12.25 -1.36 -10.76
CA GLU A 894 -11.78 -0.08 -11.29
C GLU A 894 -12.29 0.18 -12.70
N ASP A 895 -11.95 -0.69 -13.65
CA ASP A 895 -12.41 -0.52 -15.03
C ASP A 895 -13.68 -1.34 -15.19
N LEU A 896 -14.81 -0.74 -14.89
CA LEU A 896 -16.10 -1.40 -14.97
C LEU A 896 -17.15 -0.32 -15.17
N SER A 897 -17.57 -0.11 -16.42
CA SER A 897 -18.45 1.00 -16.76
C SER A 897 -19.61 0.52 -17.60
N CYS A 898 -20.69 1.31 -17.58
CA CYS A 898 -21.88 1.01 -18.37
C CYS A 898 -21.65 1.42 -19.83
N GLN A 899 -22.01 0.53 -20.75
CA GLN A 899 -21.80 0.77 -22.17
C GLN A 899 -23.04 1.44 -22.76
N TYR A 900 -23.05 1.62 -24.08
CA TYR A 900 -24.17 2.26 -24.76
C TYR A 900 -25.32 1.31 -25.07
N ASP A 901 -25.16 0.02 -24.79
CA ASP A 901 -26.25 -0.95 -24.92
C ASP A 901 -26.85 -1.33 -23.57
N ASN A 902 -26.74 -0.43 -22.58
CA ASN A 902 -27.29 -0.57 -21.23
C ASN A 902 -26.74 -1.80 -20.50
N THR A 903 -25.51 -2.18 -20.79
CA THR A 903 -24.85 -3.32 -20.16
C THR A 903 -23.52 -2.85 -19.60
N VAL A 904 -23.24 -3.21 -18.35
CA VAL A 904 -21.94 -2.90 -17.75
C VAL A 904 -20.97 -4.03 -18.10
N ARG A 905 -19.75 -3.64 -18.49
CA ARG A 905 -18.76 -4.58 -18.99
C ARG A 905 -17.42 -4.32 -18.32
N THR A 906 -16.56 -5.33 -18.35
CA THR A 906 -15.22 -5.23 -17.78
C THR A 906 -14.26 -4.63 -18.80
N SER A 907 -12.97 -4.70 -18.50
CA SER A 907 -11.95 -4.16 -19.39
C SER A 907 -11.73 -5.02 -20.62
N ALA A 908 -11.79 -6.35 -20.46
CA ALA A 908 -11.55 -7.28 -21.56
C ALA A 908 -12.82 -7.63 -22.31
N ASN A 909 -13.79 -6.71 -22.34
CA ASN A 909 -15.08 -6.81 -23.03
C ASN A 909 -15.94 -7.96 -22.50
N GLY A 910 -15.66 -8.42 -21.28
CA GLY A 910 -16.49 -9.42 -20.64
C GLY A 910 -17.62 -8.76 -19.86
N ILE A 911 -18.77 -9.40 -19.87
CA ILE A 911 -19.99 -8.80 -19.33
C ILE A 911 -20.23 -9.39 -17.94
N VAL A 912 -20.78 -8.55 -17.06
CA VAL A 912 -21.08 -8.95 -15.69
C VAL A 912 -22.57 -8.83 -15.37
N GLN A 913 -23.22 -7.77 -15.85
CA GLN A 913 -24.64 -7.57 -15.64
C GLN A 913 -25.26 -7.06 -16.92
N PHE A 914 -26.42 -7.62 -17.27
CA PHE A 914 -27.11 -7.22 -18.48
C PHE A 914 -27.85 -5.90 -18.32
N THR A 915 -28.10 -5.50 -17.08
CA THR A 915 -28.58 -4.16 -16.75
C THR A 915 -28.13 -3.86 -15.33
N TYR A 916 -27.98 -2.57 -15.03
CA TYR A 916 -27.38 -2.18 -13.76
C TYR A 916 -28.35 -2.38 -12.61
N GLY A 917 -27.98 -3.25 -11.67
CA GLY A 917 -28.78 -3.53 -10.50
C GLY A 917 -30.06 -4.27 -10.77
N GLY A 918 -30.23 -4.85 -11.96
CA GLY A 918 -31.48 -5.47 -12.35
C GLY A 918 -32.57 -4.48 -12.76
N ASP A 919 -32.30 -3.19 -12.68
CA ASP A 919 -33.28 -2.13 -12.89
C ASP A 919 -32.82 -1.14 -13.95
N GLY A 920 -31.54 -0.83 -14.00
CA GLY A 920 -31.01 0.10 -14.99
C GLY A 920 -31.21 1.55 -14.65
N LEU A 921 -31.20 1.91 -13.38
CA LEU A 921 -31.47 3.26 -12.93
C LEU A 921 -30.26 3.86 -12.23
N ASP A 922 -30.17 5.18 -12.29
CA ASP A 922 -29.08 5.93 -11.69
C ASP A 922 -29.25 5.93 -10.18
N PRO A 923 -28.26 5.46 -9.41
CA PRO A 923 -28.38 5.52 -7.94
C PRO A 923 -28.34 6.93 -7.37
N LEU A 924 -27.81 7.91 -8.10
CA LEU A 924 -27.85 9.29 -7.61
C LEU A 924 -29.25 9.88 -7.76
N GLU A 925 -29.82 9.79 -8.96
CA GLU A 925 -31.03 10.54 -9.28
C GLU A 925 -32.27 9.65 -9.13
N MET A 926 -32.53 9.28 -7.87
CA MET A 926 -33.78 8.66 -7.47
C MET A 926 -34.38 9.50 -6.35
N GLU A 927 -35.66 9.84 -6.48
CA GLU A 927 -36.26 10.83 -5.59
C GLU A 927 -36.84 10.22 -4.33
N GLY A 928 -37.33 8.98 -4.40
CA GLY A 928 -37.92 8.32 -3.26
C GLY A 928 -37.00 7.30 -2.63
N ASN A 929 -37.59 6.41 -1.82
CA ASN A 929 -36.84 5.33 -1.19
C ASN A 929 -36.50 4.24 -2.20
N ALA A 930 -35.38 4.44 -2.91
CA ALA A 930 -34.98 3.67 -4.11
C ALA A 930 -36.10 3.67 -5.14
N GLN A 931 -36.75 4.83 -5.31
CA GLN A 931 -37.83 5.03 -6.25
C GLN A 931 -37.58 6.36 -6.96
N PRO A 932 -37.87 6.45 -8.26
CA PRO A 932 -37.43 7.63 -9.02
C PRO A 932 -38.34 8.84 -8.93
N VAL A 933 -39.60 8.70 -8.52
CA VAL A 933 -40.60 9.74 -8.71
C VAL A 933 -41.07 10.36 -7.40
N ASN A 934 -41.32 9.53 -6.37
CA ASN A 934 -41.92 9.93 -5.09
C ASN A 934 -43.29 10.57 -5.32
N PHE A 935 -44.24 9.69 -5.69
CA PHE A 935 -45.58 10.06 -6.14
C PHE A 935 -46.38 10.89 -5.13
N ASN A 936 -46.00 10.88 -3.84
CA ASN A 936 -46.76 11.60 -2.83
C ASN A 936 -46.65 13.11 -3.01
N ARG A 937 -45.42 13.63 -3.04
CA ARG A 937 -45.24 15.07 -3.19
C ARG A 937 -45.10 15.49 -4.65
N SER A 938 -45.18 14.55 -5.58
CA SER A 938 -45.29 14.88 -7.00
C SER A 938 -46.73 15.12 -7.43
N TRP A 939 -47.70 14.61 -6.69
CA TRP A 939 -49.09 14.92 -6.94
C TRP A 939 -49.45 16.31 -6.44
N ASP A 940 -48.85 16.72 -5.31
CA ASP A 940 -49.14 18.04 -4.76
C ASP A 940 -48.46 19.15 -5.57
N HIS A 941 -47.34 18.82 -6.24
CA HIS A 941 -46.64 19.82 -7.03
C HIS A 941 -47.40 20.15 -8.31
N ALA A 942 -48.00 19.14 -8.94
CA ALA A 942 -48.82 19.38 -10.12
C ALA A 942 -50.18 19.96 -9.79
N TYR A 943 -50.62 19.82 -8.53
CA TYR A 943 -51.91 20.34 -8.10
C TYR A 943 -51.86 21.83 -7.77
N ASN A 944 -50.67 22.37 -7.48
CA ASN A 944 -50.54 23.75 -7.06
C ASN A 944 -50.16 24.68 -8.20
N ILE A 945 -49.58 24.16 -9.29
CA ILE A 945 -49.22 25.02 -10.42
C ILE A 945 -50.47 25.46 -11.16
N THR A 946 -51.27 24.50 -11.61
CA THR A 946 -52.40 24.78 -12.50
C THR A 946 -53.71 24.99 -11.76
N PHE A 947 -53.67 25.30 -10.47
CA PHE A 947 -54.89 25.45 -9.69
C PHE A 947 -55.54 26.80 -10.00
N ASN A 948 -56.77 26.75 -10.51
CA ASN A 948 -57.59 27.93 -10.68
C ASN A 948 -59.06 27.54 -10.57
N ASN A 949 -59.90 28.51 -10.24
CA ASN A 949 -61.33 28.27 -10.16
C ASN A 949 -61.95 28.41 -11.55
N GLN A 950 -63.28 28.21 -11.61
CA GLN A 950 -64.07 28.11 -12.84
C GLN A 950 -63.48 27.02 -13.75
N ASP A 951 -63.56 25.78 -13.27
CA ASP A 951 -62.98 24.65 -13.96
C ASP A 951 -63.82 23.41 -13.64
N LYS A 952 -63.70 22.41 -14.50
CA LYS A 952 -64.51 21.21 -14.38
C LYS A 952 -64.06 20.35 -13.20
N GLY A 953 -64.94 19.43 -12.80
CA GLY A 953 -64.70 18.60 -11.65
C GLY A 953 -64.00 17.28 -11.95
N LEU A 954 -64.09 16.84 -13.20
CA LEU A 954 -63.48 15.61 -13.72
C LEU A 954 -63.96 14.38 -12.92
N LEU A 955 -65.24 14.05 -13.15
CA LEU A 955 -65.95 12.87 -12.68
C LEU A 955 -65.10 11.61 -12.79
N PRO A 956 -65.18 10.68 -11.81
CA PRO A 956 -64.13 9.65 -11.68
C PRO A 956 -64.08 8.56 -12.75
N TYR A 957 -64.89 8.67 -13.81
CA TYR A 957 -64.69 7.81 -14.97
C TYR A 957 -63.83 8.47 -16.03
N ALA A 958 -63.89 9.80 -16.15
CA ALA A 958 -63.11 10.51 -17.16
C ALA A 958 -61.67 10.71 -16.74
N ILE A 959 -61.35 10.54 -15.46
CA ILE A 959 -59.96 10.61 -15.02
C ILE A 959 -59.22 9.34 -15.40
N MET A 960 -59.94 8.22 -15.52
CA MET A 960 -59.30 6.97 -15.93
C MET A 960 -59.02 6.95 -17.42
N GLU A 961 -59.81 7.70 -18.20
CA GLU A 961 -59.56 7.81 -19.63
C GLU A 961 -58.30 8.60 -19.92
N THR A 962 -58.03 9.63 -19.12
CA THR A 962 -56.80 10.39 -19.27
C THR A 962 -55.59 9.60 -18.76
N ALA A 963 -55.81 8.72 -17.78
CA ALA A 963 -54.74 7.93 -17.19
C ALA A 963 -54.20 6.85 -18.11
N ASN A 964 -54.88 6.54 -19.22
CA ASN A 964 -54.37 5.58 -20.19
C ASN A 964 -54.48 6.08 -21.62
N GLU A 965 -54.58 7.40 -21.81
CA GLU A 965 -54.50 7.99 -23.13
C GLU A 965 -53.08 8.46 -23.45
N ILE A 966 -52.41 9.06 -22.47
CA ILE A 966 -51.01 9.44 -22.58
C ILE A 966 -50.12 8.46 -21.83
N LEU A 967 -50.66 7.32 -21.40
CA LEU A 967 -49.89 6.26 -20.77
C LEU A 967 -50.16 4.89 -21.39
N GLY A 968 -51.33 4.69 -21.99
CA GLY A 968 -51.65 3.49 -22.75
C GLY A 968 -50.69 3.16 -23.88
N PRO A 969 -50.50 4.07 -24.86
CA PRO A 969 -49.53 3.78 -25.94
C PRO A 969 -48.07 3.78 -25.50
N LEU A 970 -47.76 4.15 -24.26
CA LEU A 970 -46.41 3.94 -23.73
C LEU A 970 -46.18 2.50 -23.31
N GLU A 971 -47.23 1.68 -23.26
CA GLU A 971 -47.11 0.28 -22.85
C GLU A 971 -47.16 -0.70 -24.02
N GLU A 972 -47.92 -0.40 -25.08
CA GLU A 972 -47.97 -1.28 -26.25
C GLU A 972 -46.73 -1.18 -27.12
N ARG A 973 -45.84 -0.23 -26.84
CA ARG A 973 -44.54 -0.13 -27.48
C ARG A 973 -43.54 -1.12 -26.89
N LEU A 974 -43.91 -1.80 -25.81
CA LEU A 974 -42.99 -2.58 -24.99
C LEU A 974 -43.36 -4.05 -25.10
N VAL A 975 -43.55 -4.53 -26.33
CA VAL A 975 -44.03 -5.90 -26.58
C VAL A 975 -43.00 -6.92 -26.12
N ARG A 976 -43.47 -8.16 -25.94
CA ARG A 976 -42.69 -9.22 -25.33
C ARG A 976 -42.46 -10.36 -26.31
N TYR A 977 -41.23 -10.86 -26.34
CA TYR A 977 -40.83 -11.97 -27.19
C TYR A 977 -40.48 -13.18 -26.34
N ASP A 978 -40.74 -14.37 -26.87
CA ASP A 978 -40.48 -15.62 -26.14
C ASP A 978 -39.10 -16.21 -26.45
N ASN A 979 -38.06 -15.37 -26.36
CA ASN A 979 -36.64 -15.71 -26.42
C ASN A 979 -36.24 -16.39 -27.74
N SER A 980 -37.06 -16.30 -28.79
CA SER A 980 -36.68 -16.84 -30.08
C SER A 980 -37.15 -15.94 -31.23
N GLY A 981 -37.56 -14.70 -30.93
CA GLY A 981 -38.09 -13.82 -31.95
C GLY A 981 -39.56 -14.00 -32.24
N CYS A 982 -40.26 -14.80 -31.46
CA CYS A 982 -41.69 -15.02 -31.63
C CYS A 982 -42.45 -14.33 -30.51
N LEU A 983 -43.65 -13.86 -30.82
CA LEU A 983 -44.42 -13.07 -29.87
C LEU A 983 -45.17 -13.96 -28.89
N VAL A 984 -45.79 -13.33 -27.90
CA VAL A 984 -46.59 -14.00 -26.89
C VAL A 984 -48.03 -14.05 -27.38
N LYS A 985 -48.60 -15.26 -27.45
CA LYS A 985 -49.94 -15.44 -28.02
C LYS A 985 -51.04 -14.78 -27.20
N ARG A 986 -51.37 -15.31 -26.02
CA ARG A 986 -52.38 -14.68 -25.18
C ARG A 986 -51.99 -14.63 -23.71
N GLU A 987 -51.36 -15.69 -23.19
CA GLU A 987 -51.36 -15.94 -21.76
C GLU A 987 -49.98 -16.27 -21.19
N ASP A 988 -48.91 -16.07 -21.95
CA ASP A 988 -47.55 -16.26 -21.44
C ASP A 988 -46.99 -14.95 -20.87
N LEU A 989 -47.86 -14.07 -20.37
CA LEU A 989 -47.40 -12.81 -19.81
C LEU A 989 -46.89 -13.00 -18.39
N ASN A 990 -47.76 -13.44 -17.47
CA ASN A 990 -47.39 -13.59 -16.07
C ASN A 990 -47.13 -15.07 -15.79
N LYS A 991 -45.93 -15.51 -16.15
CA LYS A 991 -45.51 -16.89 -15.92
C LYS A 991 -44.15 -17.00 -15.23
N ALA A 992 -43.34 -15.95 -15.26
CA ALA A 992 -41.93 -15.96 -14.87
C ALA A 992 -41.18 -17.06 -15.62
N GLU A 993 -41.36 -17.07 -16.92
CA GLU A 993 -40.71 -17.96 -17.88
C GLU A 993 -40.05 -17.19 -19.00
N TYR A 994 -40.66 -16.10 -19.46
CA TYR A 994 -40.07 -15.19 -20.45
C TYR A 994 -40.29 -13.78 -19.91
N VAL A 995 -39.33 -13.29 -19.12
CA VAL A 995 -39.49 -12.00 -18.46
C VAL A 995 -39.06 -10.82 -19.33
N ASP A 996 -38.24 -11.07 -20.36
CA ASP A 996 -37.91 -10.16 -21.47
C ASP A 996 -37.14 -8.91 -21.04
N GLN A 997 -36.69 -8.84 -19.78
CA GLN A 997 -35.96 -7.76 -19.11
C GLN A 997 -36.48 -6.35 -19.38
N TYR A 998 -37.79 -6.22 -19.62
CA TYR A 998 -38.49 -4.95 -19.68
C TYR A 998 -39.50 -4.79 -18.55
N ASP A 999 -39.48 -5.69 -17.57
CA ASP A 999 -40.46 -5.66 -16.50
C ASP A 999 -40.23 -4.53 -15.52
N ALA A 1000 -39.03 -3.95 -15.49
CA ALA A 1000 -38.74 -2.85 -14.58
C ALA A 1000 -39.50 -1.59 -14.96
N GLU A 1001 -39.70 -1.36 -16.25
CA GLU A 1001 -40.50 -0.23 -16.70
C GLU A 1001 -41.99 -0.56 -16.72
N ARG A 1002 -42.32 -1.81 -17.03
CA ARG A 1002 -43.72 -2.24 -17.11
C ARG A 1002 -44.38 -2.26 -15.74
N ASP A 1003 -43.69 -2.77 -14.72
CA ASP A 1003 -44.22 -2.75 -13.37
C ASP A 1003 -44.30 -1.33 -12.82
N PHE A 1004 -43.41 -0.44 -13.27
CA PHE A 1004 -43.51 0.97 -12.90
C PHE A 1004 -44.74 1.62 -13.51
N TYR A 1005 -45.06 1.28 -14.76
CA TYR A 1005 -46.27 1.79 -15.39
C TYR A 1005 -47.53 1.26 -14.70
N HIS A 1006 -47.51 -0.01 -14.30
CA HIS A 1006 -48.63 -0.57 -13.54
C HIS A 1006 -48.77 0.11 -12.18
N SER A 1007 -47.64 0.42 -11.52
CA SER A 1007 -47.68 1.10 -10.23
C SER A 1007 -48.22 2.52 -10.37
N LEU A 1008 -47.85 3.21 -11.45
CA LEU A 1008 -48.37 4.56 -11.69
C LEU A 1008 -49.86 4.54 -12.00
N ARG A 1009 -50.32 3.57 -12.82
CA ARG A 1009 -51.74 3.53 -13.13
C ARG A 1009 -52.57 3.11 -11.92
N GLU A 1010 -52.03 2.26 -11.04
CA GLU A 1010 -52.80 1.89 -9.85
C GLU A 1010 -52.71 2.97 -8.77
N TYR A 1011 -51.68 3.80 -8.79
CA TYR A 1011 -51.69 4.98 -7.92
C TYR A 1011 -52.73 5.99 -8.39
N ILE A 1012 -52.96 6.08 -9.70
CA ILE A 1012 -54.05 6.93 -10.18
C ILE A 1012 -55.40 6.30 -9.86
N ASN A 1013 -55.51 4.96 -9.93
CA ASN A 1013 -56.75 4.28 -9.55
C ASN A 1013 -57.06 4.46 -8.07
N GLY A 1014 -56.05 4.43 -7.21
CA GLY A 1014 -56.28 4.64 -5.80
C GLY A 1014 -56.55 6.08 -5.42
N LYS A 1015 -56.16 7.03 -6.27
CA LYS A 1015 -56.36 8.43 -5.97
C LYS A 1015 -57.79 8.87 -6.27
N ALA A 1016 -58.41 8.31 -7.31
CA ALA A 1016 -59.72 8.73 -7.74
C ALA A 1016 -60.86 7.91 -7.16
N THR A 1017 -60.57 6.77 -6.53
CA THR A 1017 -61.63 6.02 -5.86
C THR A 1017 -62.07 6.68 -4.56
N ALA A 1018 -61.23 7.54 -3.98
CA ALA A 1018 -61.64 8.32 -2.82
C ALA A 1018 -62.70 9.35 -3.21
N LEU A 1019 -62.59 9.91 -4.41
CA LEU A 1019 -63.64 10.78 -4.93
C LEU A 1019 -64.94 10.01 -5.14
N ALA A 1020 -64.84 8.75 -5.55
CA ALA A 1020 -66.03 7.92 -5.71
C ALA A 1020 -66.69 7.62 -4.37
N ASN A 1021 -65.88 7.31 -3.34
CA ASN A 1021 -66.44 7.09 -2.01
C ASN A 1021 -67.02 8.38 -1.42
N LEU A 1022 -66.43 9.53 -1.72
CA LEU A 1022 -66.95 10.78 -1.20
C LEU A 1022 -68.23 11.20 -1.91
N ARG A 1023 -68.35 10.91 -3.21
CA ARG A 1023 -69.62 11.12 -3.89
C ARG A 1023 -70.68 10.12 -3.44
N LYS A 1024 -70.25 8.92 -3.03
CA LYS A 1024 -71.20 7.94 -2.49
C LYS A 1024 -71.67 8.33 -1.10
N SER A 1025 -70.84 9.06 -0.35
CA SER A 1025 -71.20 9.42 1.02
C SER A 1025 -72.30 10.48 1.08
N ARG A 1026 -72.38 11.34 0.07
CA ARG A 1026 -73.40 12.39 0.04
C ARG A 1026 -74.67 11.97 -0.70
N GLY A 1027 -74.97 10.67 -0.76
CA GLY A 1027 -76.19 10.19 -1.36
C GLY A 1027 -76.12 9.97 -2.86
N MET A 1028 -75.18 10.61 -3.56
CA MET A 1028 -75.03 10.42 -4.98
C MET A 1028 -74.34 9.08 -5.26
N LEU A 1029 -74.26 8.73 -6.54
CA LEU A 1029 -73.63 7.49 -6.97
C LEU A 1029 -72.24 7.79 -7.52
N GLY A 1030 -71.27 6.97 -7.11
CA GLY A 1030 -69.89 7.17 -7.52
C GLY A 1030 -69.64 6.56 -8.88
N LEU A 1031 -68.95 7.31 -9.74
CA LEU A 1031 -68.66 6.87 -11.11
C LEU A 1031 -67.28 6.22 -11.18
N LEU A 1032 -67.08 5.19 -10.35
CA LEU A 1032 -65.81 4.48 -10.36
C LEU A 1032 -65.67 3.61 -11.61
N GLU A 1033 -66.77 3.00 -12.04
CA GLU A 1033 -66.83 2.30 -13.31
C GLU A 1033 -66.89 3.34 -14.43
N PRO A 1034 -66.60 2.95 -15.68
CA PRO A 1034 -66.72 3.89 -16.81
C PRO A 1034 -68.02 3.77 -17.61
N PRO A 1035 -69.09 3.07 -17.10
CA PRO A 1035 -69.91 2.24 -18.00
C PRO A 1035 -70.74 3.00 -19.04
N ALA A 1036 -70.06 3.59 -20.02
CA ALA A 1036 -70.68 4.46 -21.01
C ALA A 1036 -71.40 3.70 -22.12
N LYS A 1037 -71.57 2.38 -22.00
CA LYS A 1037 -72.36 1.63 -22.97
C LYS A 1037 -73.83 1.97 -22.80
N GLU A 1038 -74.40 2.62 -23.84
CA GLU A 1038 -75.77 3.16 -23.87
C GLU A 1038 -76.04 4.18 -22.76
N LEU A 1039 -74.98 4.81 -22.24
CA LEU A 1039 -75.08 5.78 -21.16
C LEU A 1039 -74.19 6.99 -21.48
N GLN A 1040 -74.36 7.53 -22.69
CA GLN A 1040 -73.55 8.65 -23.16
C GLN A 1040 -73.87 9.93 -22.37
N GLY A 1041 -73.01 10.93 -22.56
CA GLY A 1041 -73.07 12.14 -21.75
C GLY A 1041 -74.20 13.07 -22.10
N ILE A 1042 -75.44 12.65 -21.82
CA ILE A 1042 -76.60 13.51 -21.96
C ILE A 1042 -77.15 13.96 -20.60
N ASP A 1043 -76.99 13.12 -19.56
CA ASP A 1043 -77.35 13.49 -18.20
C ASP A 1043 -76.53 12.70 -17.17
N PRO A 1044 -75.27 13.08 -16.93
CA PRO A 1044 -74.42 12.30 -15.99
C PRO A 1044 -74.65 12.68 -14.53
N ASP A 1045 -75.89 12.45 -14.07
CA ASP A 1045 -76.38 12.75 -12.73
C ASP A 1045 -76.15 14.22 -12.38
N GLU A 1046 -76.74 15.09 -13.19
CA GLU A 1046 -76.57 16.53 -13.07
C GLU A 1046 -77.90 17.19 -12.71
N THR A 1047 -77.80 18.40 -12.16
CA THR A 1047 -78.83 19.41 -11.84
C THR A 1047 -79.97 18.93 -10.95
N VAL A 1048 -79.92 17.69 -10.46
CA VAL A 1048 -80.82 17.24 -9.40
C VAL A 1048 -80.28 17.61 -8.01
N PRO A 1049 -78.95 17.36 -7.63
CA PRO A 1049 -78.53 17.80 -6.28
C PRO A 1049 -78.21 19.28 -6.18
N ASP A 1050 -79.21 20.11 -5.92
CA ASP A 1050 -78.96 21.50 -5.60
C ASP A 1050 -78.18 21.64 -4.30
N ASN A 1051 -77.27 22.62 -4.27
CA ASN A 1051 -76.31 23.00 -3.22
C ASN A 1051 -75.66 21.85 -2.45
N VAL A 1052 -75.38 20.75 -3.16
CA VAL A 1052 -74.60 19.65 -2.62
C VAL A 1052 -73.28 19.48 -3.38
N LYS A 1053 -73.32 19.68 -4.69
CA LYS A 1053 -72.12 19.59 -5.53
C LYS A 1053 -71.14 20.74 -5.26
N THR A 1054 -71.56 21.80 -4.57
CA THR A 1054 -70.64 22.82 -4.12
C THR A 1054 -69.70 22.27 -3.05
N SER A 1055 -70.18 21.33 -2.22
CA SER A 1055 -69.35 20.76 -1.16
C SER A 1055 -68.26 19.86 -1.71
N VAL A 1056 -68.59 19.01 -2.70
CA VAL A 1056 -67.58 18.15 -3.30
C VAL A 1056 -66.63 18.94 -4.19
N SER A 1057 -67.05 20.10 -4.69
CA SER A 1057 -66.17 20.93 -5.50
C SER A 1057 -65.15 21.67 -4.64
N GLN A 1058 -65.45 21.93 -3.37
CA GLN A 1058 -64.50 22.59 -2.49
C GLN A 1058 -63.73 21.61 -1.62
N LEU A 1059 -64.25 20.39 -1.46
CA LEU A 1059 -63.60 19.42 -0.57
C LEU A 1059 -62.47 18.69 -1.28
N TYR A 1060 -62.77 18.04 -2.40
CA TYR A 1060 -61.80 17.21 -3.11
C TYR A 1060 -62.10 17.32 -4.61
N ARG A 1061 -61.44 18.26 -5.27
CA ARG A 1061 -61.60 18.48 -6.70
C ARG A 1061 -60.32 18.10 -7.44
N ILE A 1062 -60.49 17.65 -8.68
CA ILE A 1062 -59.39 17.30 -9.56
C ILE A 1062 -59.66 17.98 -10.90
N SER A 1063 -58.73 18.83 -11.34
CA SER A 1063 -58.93 19.56 -12.57
C SER A 1063 -58.53 18.69 -13.76
N GLU A 1064 -58.72 19.23 -14.96
CA GLU A 1064 -58.51 18.44 -16.18
C GLU A 1064 -57.03 18.21 -16.45
N LYS A 1065 -56.24 19.27 -16.44
CA LYS A 1065 -54.83 19.16 -16.79
C LYS A 1065 -53.93 18.87 -15.61
N SER A 1066 -54.49 18.69 -14.40
CA SER A 1066 -53.69 18.26 -13.26
C SER A 1066 -53.19 16.83 -13.45
N VAL A 1067 -54.05 15.94 -13.93
CA VAL A 1067 -53.66 14.55 -14.17
C VAL A 1067 -52.82 14.39 -15.42
N ARG A 1068 -52.69 15.43 -16.23
CA ARG A 1068 -51.76 15.45 -17.36
C ARG A 1068 -50.41 16.00 -16.93
N LYS A 1069 -50.42 17.05 -16.10
CA LYS A 1069 -49.18 17.60 -15.55
C LYS A 1069 -48.49 16.61 -14.62
N PHE A 1070 -49.28 15.84 -13.84
CA PHE A 1070 -48.70 14.83 -12.96
C PHE A 1070 -48.03 13.72 -13.75
N LEU A 1071 -48.65 13.28 -14.86
CA LEU A 1071 -48.02 12.26 -15.68
C LEU A 1071 -46.82 12.79 -16.42
N GLU A 1072 -46.85 14.07 -16.83
CA GLU A 1072 -45.68 14.68 -17.46
C GLU A 1072 -44.50 14.76 -16.51
N ILE A 1073 -44.75 15.16 -15.25
CA ILE A 1073 -43.69 15.21 -14.25
C ILE A 1073 -43.20 13.81 -13.89
N ALA A 1074 -44.13 12.85 -13.75
CA ALA A 1074 -43.75 11.49 -13.37
C ALA A 1074 -43.01 10.75 -14.48
N LEU A 1075 -43.22 11.11 -15.74
CA LEU A 1075 -42.43 10.55 -16.82
C LEU A 1075 -41.14 11.32 -17.06
N PHE A 1076 -41.09 12.61 -16.70
CA PHE A 1076 -39.84 13.36 -16.82
C PHE A 1076 -38.85 12.95 -15.74
N LYS A 1077 -39.33 12.65 -14.53
CA LYS A 1077 -38.42 12.21 -13.46
C LYS A 1077 -37.91 10.81 -13.72
N TYR A 1078 -38.67 9.99 -14.45
CA TYR A 1078 -38.20 8.67 -14.84
C TYR A 1078 -37.33 8.73 -16.09
N ARG A 1079 -37.50 9.77 -16.90
CA ARG A 1079 -36.61 10.02 -18.03
C ARG A 1079 -35.19 10.31 -17.56
N LYS A 1080 -35.06 11.09 -16.49
CA LYS A 1080 -33.76 11.42 -15.91
C LYS A 1080 -33.42 10.51 -14.73
N ALA A 1081 -33.87 9.26 -14.77
CA ALA A 1081 -33.58 8.31 -13.72
C ALA A 1081 -32.76 7.12 -14.17
N ARG A 1082 -32.80 6.76 -15.45
CA ARG A 1082 -32.02 5.65 -15.95
C ARG A 1082 -30.53 6.00 -15.97
N LEU A 1083 -29.71 4.96 -15.97
CA LEU A 1083 -28.27 5.15 -15.87
C LEU A 1083 -27.72 5.65 -17.21
N GLU A 1084 -26.91 6.70 -17.15
CA GLU A 1084 -26.30 7.29 -18.33
C GLU A 1084 -25.18 6.40 -18.84
N PRO A 1085 -25.06 6.22 -20.16
CA PRO A 1085 -24.01 5.35 -20.71
C PRO A 1085 -22.65 6.02 -20.62
N GLY A 1086 -21.70 5.34 -19.97
CA GLY A 1086 -20.36 5.86 -19.82
C GLY A 1086 -19.94 6.17 -18.41
N THR A 1087 -20.83 6.01 -17.42
CA THR A 1087 -20.47 6.27 -16.04
C THR A 1087 -19.52 5.20 -15.52
N ALA A 1088 -18.40 5.62 -14.94
CA ALA A 1088 -17.47 4.70 -14.29
C ALA A 1088 -18.06 4.31 -12.94
N ILE A 1089 -19.04 3.40 -13.00
CA ILE A 1089 -19.87 3.11 -11.82
C ILE A 1089 -19.28 2.00 -10.98
N GLY A 1090 -18.29 1.26 -11.49
CA GLY A 1090 -17.53 0.38 -10.63
C GLY A 1090 -16.65 1.15 -9.67
N ALA A 1091 -16.04 2.25 -10.15
CA ALA A 1091 -15.23 3.09 -9.28
C ALA A 1091 -16.07 3.89 -8.31
N ILE A 1092 -17.31 4.19 -8.67
CA ILE A 1092 -18.23 4.84 -7.73
C ILE A 1092 -18.63 3.86 -6.64
N GLY A 1093 -19.03 2.65 -7.02
CA GLY A 1093 -19.47 1.66 -6.06
C GLY A 1093 -18.36 1.06 -5.21
N ALA A 1094 -17.10 1.23 -5.63
CA ALA A 1094 -15.99 0.75 -4.83
C ALA A 1094 -15.74 1.60 -3.60
N GLN A 1095 -15.87 2.92 -3.74
CA GLN A 1095 -15.73 3.84 -2.62
C GLN A 1095 -17.08 4.32 -2.10
N SER A 1096 -18.17 3.71 -2.55
CA SER A 1096 -19.48 3.91 -1.93
C SER A 1096 -19.64 3.04 -0.70
N ILE A 1097 -19.33 1.75 -0.83
CA ILE A 1097 -19.40 0.82 0.28
C ILE A 1097 -18.23 0.98 1.24
N GLY A 1098 -17.16 1.65 0.81
CA GLY A 1098 -16.03 1.92 1.68
C GLY A 1098 -16.22 3.17 2.53
N GLU A 1099 -17.13 3.09 3.50
CA GLU A 1099 -17.43 4.19 4.41
C GLU A 1099 -17.19 3.70 5.83
N PRO A 1100 -15.96 3.84 6.36
CA PRO A 1100 -15.67 3.32 7.71
C PRO A 1100 -16.04 4.29 8.82
N GLY A 1101 -17.33 4.56 8.98
CA GLY A 1101 -17.78 5.44 10.04
C GLY A 1101 -18.66 4.74 11.06
N THR A 1102 -18.46 3.44 11.21
CA THR A 1102 -19.33 2.66 12.11
C THR A 1102 -18.79 2.67 13.54
N GLN A 1103 -17.57 2.14 13.73
CA GLN A 1103 -16.79 2.03 14.97
C GLN A 1103 -17.59 1.63 16.22
N MET A 1104 -18.59 0.76 16.04
CA MET A 1104 -19.47 0.36 17.14
C MET A 1104 -19.35 -1.14 17.38
N THR A 1105 -19.51 -1.52 18.65
CA THR A 1105 -19.50 -2.93 19.07
C THR A 1105 -20.83 -3.22 19.74
N LEU A 1106 -21.73 -3.89 19.02
CA LEU A 1106 -23.06 -4.19 19.54
C LEU A 1106 -23.00 -5.37 20.50
N LYS A 1107 -24.03 -5.46 21.35
CA LYS A 1107 -24.15 -6.53 22.33
C LYS A 1107 -25.63 -6.75 22.61
N THR A 1108 -25.91 -7.58 23.62
CA THR A 1108 -27.27 -7.87 24.03
C THR A 1108 -27.33 -7.83 25.55
N PHE A 1109 -28.55 -7.91 26.08
CA PHE A 1109 -28.78 -7.83 27.52
C PHE A 1109 -30.06 -8.59 27.84
N HIS A 1110 -30.58 -8.38 29.05
CA HIS A 1110 -31.80 -9.03 29.49
C HIS A 1110 -33.02 -8.47 28.77
N ALA A 1115 -26.65 -11.10 26.22
CA ALA A 1115 -25.48 -11.22 27.09
C ALA A 1115 -24.31 -11.86 26.36
N SER A 1116 -24.42 -13.15 26.12
CA SER A 1116 -23.38 -13.91 25.43
C SER A 1116 -23.61 -13.84 23.93
N MET A 1117 -22.91 -14.71 23.19
CA MET A 1117 -23.02 -14.89 21.73
C MET A 1117 -22.67 -13.59 20.99
N ASN A 1118 -21.40 -13.22 21.11
CA ASN A 1118 -20.88 -12.10 20.34
C ASN A 1118 -20.86 -12.45 18.85
N VAL A 1119 -21.02 -11.42 18.02
CA VAL A 1119 -21.06 -11.60 16.57
C VAL A 1119 -20.49 -10.34 15.92
N THR A 1120 -19.64 -10.53 14.92
CA THR A 1120 -18.95 -9.42 14.29
C THR A 1120 -19.87 -8.70 13.32
N LEU A 1121 -19.99 -7.38 13.48
CA LEU A 1121 -20.74 -6.55 12.56
C LEU A 1121 -19.96 -5.37 12.00
N GLY A 1122 -18.80 -5.05 12.56
CA GLY A 1122 -18.06 -3.87 12.12
C GLY A 1122 -17.14 -4.14 10.95
N VAL A 1123 -15.95 -3.56 11.00
CA VAL A 1123 -14.95 -3.70 9.94
C VAL A 1123 -14.36 -5.11 9.76
N PRO A 1124 -14.26 -6.05 10.74
CA PRO A 1124 -13.75 -7.37 10.35
C PRO A 1124 -14.75 -8.21 9.58
N ARG A 1125 -16.05 -7.97 9.74
CA ARG A 1125 -17.05 -8.73 9.00
C ARG A 1125 -17.03 -8.37 7.51
N ILE A 1126 -16.96 -7.08 7.21
CA ILE A 1126 -16.90 -6.66 5.80
C ILE A 1126 -15.54 -7.02 5.20
N LYS A 1127 -14.47 -7.00 6.00
CA LYS A 1127 -13.16 -7.48 5.55
C LYS A 1127 -13.21 -8.97 5.22
N GLU A 1128 -13.99 -9.73 5.98
CA GLU A 1128 -14.10 -11.16 5.74
C GLU A 1128 -14.95 -11.48 4.53
N ILE A 1129 -16.03 -10.71 4.31
CA ILE A 1129 -16.86 -10.93 3.12
C ILE A 1129 -16.13 -10.51 1.86
N ILE A 1130 -15.41 -9.38 1.91
CA ILE A 1130 -14.59 -8.94 0.78
C ILE A 1130 -13.45 -9.92 0.52
N ASN A 1131 -12.80 -10.39 1.59
CA ASN A 1131 -11.68 -11.31 1.46
C ASN A 1131 -12.13 -12.70 1.03
N ALA A 1132 -13.36 -13.07 1.38
CA ALA A 1132 -13.96 -14.40 1.15
C ALA A 1132 -13.06 -15.52 1.70
N SER A 1133 -12.84 -15.46 3.01
CA SER A 1133 -11.93 -16.38 3.66
C SER A 1133 -12.58 -17.74 3.87
N LYS A 1134 -11.77 -18.70 4.33
CA LYS A 1134 -12.22 -20.08 4.46
C LYS A 1134 -12.59 -20.47 5.89
N VAL A 1135 -12.15 -19.71 6.88
CA VAL A 1135 -12.57 -19.93 8.26
C VAL A 1135 -13.34 -18.71 8.72
N ILE A 1136 -14.13 -18.88 9.78
CA ILE A 1136 -15.05 -17.85 10.22
C ILE A 1136 -15.29 -17.97 11.72
N SER A 1137 -15.32 -16.83 12.40
CA SER A 1137 -15.77 -16.76 13.77
C SER A 1137 -17.29 -16.67 13.82
N THR A 1138 -17.88 -17.26 14.87
CA THR A 1138 -19.29 -17.53 15.15
C THR A 1138 -20.20 -17.78 13.93
N PRO A 1139 -19.99 -18.87 13.16
CA PRO A 1139 -20.90 -19.15 12.04
C PRO A 1139 -22.24 -19.71 12.49
N ILE A 1140 -23.19 -18.84 12.84
CA ILE A 1140 -24.50 -19.30 13.27
C ILE A 1140 -25.28 -19.84 12.07
N ILE A 1141 -26.11 -20.85 12.34
CA ILE A 1141 -26.92 -21.49 11.32
C ILE A 1141 -28.38 -21.41 11.75
N ASN A 1142 -29.19 -20.72 10.97
CA ASN A 1142 -30.61 -20.56 11.26
C ASN A 1142 -31.38 -21.62 10.47
N ALA A 1143 -32.16 -22.44 11.17
CA ALA A 1143 -32.90 -23.54 10.54
C ALA A 1143 -34.27 -23.62 11.20
N VAL A 1144 -35.31 -23.24 10.45
CA VAL A 1144 -36.65 -23.10 11.02
C VAL A 1144 -37.24 -24.47 11.34
N LEU A 1145 -38.11 -24.50 12.35
CA LEU A 1145 -38.66 -25.74 12.87
C LEU A 1145 -40.03 -26.03 12.25
N VAL A 1146 -40.54 -27.22 12.49
CA VAL A 1146 -41.87 -27.63 12.03
C VAL A 1146 -42.93 -27.30 13.06
N ASN A 1147 -42.78 -27.79 14.28
CA ASN A 1147 -43.76 -27.58 15.33
C ASN A 1147 -43.33 -26.44 16.25
N ASP A 1148 -44.19 -26.13 17.22
CA ASP A 1148 -43.90 -25.08 18.19
C ASP A 1148 -44.32 -25.47 19.61
N ASN A 1149 -44.44 -26.75 19.90
CA ASN A 1149 -44.90 -27.21 21.21
C ASN A 1149 -43.73 -27.20 22.19
N ASP A 1150 -44.00 -27.61 23.44
CA ASP A 1150 -43.00 -27.55 24.49
C ASP A 1150 -42.08 -28.77 24.45
N GLU A 1151 -42.64 -29.97 24.57
CA GLU A 1151 -41.87 -31.20 24.54
C GLU A 1151 -41.97 -31.87 23.18
N ARG A 1152 -40.86 -32.51 22.79
CA ARG A 1152 -40.71 -33.31 21.56
C ARG A 1152 -40.96 -32.50 20.29
N ALA A 1153 -40.85 -31.17 20.35
CA ALA A 1153 -41.01 -30.30 19.19
C ALA A 1153 -39.77 -29.48 18.91
N ALA A 1154 -39.22 -28.82 19.94
CA ALA A 1154 -37.96 -28.11 19.83
C ALA A 1154 -36.89 -28.68 20.75
N ARG A 1155 -37.18 -29.78 21.42
CA ARG A 1155 -36.25 -30.40 22.36
C ARG A 1155 -35.47 -31.55 21.76
N VAL A 1156 -36.12 -32.38 20.94
CA VAL A 1156 -35.43 -33.53 20.35
C VAL A 1156 -34.56 -33.09 19.17
N VAL A 1157 -35.00 -32.07 18.42
CA VAL A 1157 -34.20 -31.51 17.34
C VAL A 1157 -32.93 -30.89 17.89
N LYS A 1158 -33.04 -30.19 19.02
CA LYS A 1158 -31.85 -29.76 19.74
C LYS A 1158 -31.18 -30.94 20.43
N GLY A 1159 -31.94 -31.99 20.75
CA GLY A 1159 -31.43 -33.15 21.44
C GLY A 1159 -30.60 -34.10 20.61
N ARG A 1160 -30.55 -33.90 19.29
CA ARG A 1160 -29.64 -34.68 18.45
C ARG A 1160 -28.66 -33.81 17.67
N VAL A 1161 -28.41 -32.59 18.12
CA VAL A 1161 -27.50 -31.69 17.39
C VAL A 1161 -26.53 -31.04 18.37
N GLU A 1162 -26.76 -31.23 19.67
CA GLU A 1162 -26.07 -30.44 20.69
C GLU A 1162 -24.62 -30.85 20.93
N LYS A 1163 -24.17 -31.96 20.32
CA LYS A 1163 -22.82 -32.50 20.44
C LYS A 1163 -22.49 -32.87 21.89
N THR A 1164 -23.21 -33.87 22.38
CA THR A 1164 -22.90 -34.45 23.68
C THR A 1164 -21.78 -35.48 23.56
N LEU A 1165 -20.93 -35.51 24.60
CA LEU A 1165 -19.89 -36.51 24.71
C LEU A 1165 -20.42 -37.66 25.57
N LEU A 1166 -19.54 -38.55 26.02
CA LEU A 1166 -19.94 -39.55 27.01
C LEU A 1166 -19.59 -39.12 28.43
N SER A 1167 -18.98 -37.94 28.60
CA SER A 1167 -18.63 -37.47 29.94
C SER A 1167 -19.87 -37.07 30.73
N ASP A 1168 -20.88 -36.53 30.06
CA ASP A 1168 -22.15 -36.22 30.71
C ASP A 1168 -23.16 -37.34 30.59
N VAL A 1169 -22.76 -38.49 30.05
CA VAL A 1169 -23.65 -39.62 29.82
C VAL A 1169 -23.21 -40.84 30.63
N ALA A 1170 -21.92 -41.17 30.59
CA ALA A 1170 -21.40 -42.35 31.26
C ALA A 1170 -20.86 -42.00 32.65
N PHE A 1171 -21.13 -42.88 33.61
CA PHE A 1171 -20.65 -42.69 34.99
C PHE A 1171 -19.14 -42.73 35.12
N TYR A 1172 -18.54 -43.91 34.88
CA TYR A 1172 -17.13 -44.12 35.17
C TYR A 1172 -16.49 -45.01 34.12
N VAL A 1173 -15.15 -44.91 34.02
CA VAL A 1173 -14.36 -45.53 32.97
C VAL A 1173 -13.43 -46.54 33.66
N GLN A 1174 -13.94 -47.20 34.70
CA GLN A 1174 -13.18 -48.16 35.51
C GLN A 1174 -12.59 -49.29 34.69
N ASP A 1175 -11.34 -49.64 34.97
CA ASP A 1175 -10.65 -50.75 34.30
C ASP A 1175 -10.63 -51.95 35.25
N VAL A 1176 -11.67 -52.78 35.14
CA VAL A 1176 -11.69 -54.03 35.89
C VAL A 1176 -10.73 -55.02 35.23
N TYR A 1177 -10.11 -55.87 36.05
CA TYR A 1177 -8.97 -56.67 35.62
C TYR A 1177 -9.22 -58.16 35.85
N LYS A 1178 -9.05 -58.95 34.79
CA LYS A 1178 -8.78 -60.36 34.89
C LYS A 1178 -7.27 -60.55 34.95
N ASP A 1179 -6.77 -61.78 34.72
CA ASP A 1179 -5.40 -62.13 35.12
C ASP A 1179 -4.34 -61.38 34.33
N ASN A 1180 -4.53 -61.17 33.03
CA ASN A 1180 -3.61 -60.38 32.23
C ASN A 1180 -4.38 -59.62 31.16
N LEU A 1181 -4.24 -58.29 31.17
CA LEU A 1181 -4.62 -57.41 30.05
C LEU A 1181 -6.12 -57.49 29.73
N SER A 1182 -6.91 -56.98 30.67
CA SER A 1182 -8.36 -56.96 30.51
C SER A 1182 -8.79 -55.72 29.72
N PHE A 1183 -10.09 -55.46 29.69
CA PHE A 1183 -10.66 -54.41 28.87
C PHE A 1183 -10.80 -53.11 29.66
N ILE A 1184 -11.53 -52.16 29.08
CA ILE A 1184 -11.92 -50.91 29.75
C ILE A 1184 -13.43 -50.94 29.88
N GLN A 1185 -13.92 -50.98 31.12
CA GLN A 1185 -15.36 -51.00 31.36
C GLN A 1185 -15.89 -49.58 31.47
N VAL A 1186 -17.07 -49.35 30.90
CA VAL A 1186 -17.71 -48.04 30.93
C VAL A 1186 -19.18 -48.23 31.30
N ARG A 1187 -19.67 -47.37 32.18
CA ARG A 1187 -20.98 -47.51 32.80
C ARG A 1187 -21.85 -46.32 32.38
N ILE A 1188 -22.75 -46.56 31.43
CA ILE A 1188 -23.50 -45.49 30.77
C ILE A 1188 -24.85 -45.32 31.47
N ASP A 1189 -25.12 -44.11 31.96
CA ASP A 1189 -26.39 -43.81 32.60
C ASP A 1189 -27.48 -43.68 31.55
N LEU A 1190 -28.48 -44.56 31.63
CA LEU A 1190 -29.68 -44.41 30.81
C LEU A 1190 -30.67 -43.43 31.39
N GLY A 1191 -30.49 -43.02 32.65
CA GLY A 1191 -31.37 -42.02 33.23
C GLY A 1191 -31.17 -40.64 32.65
N THR A 1192 -29.94 -40.31 32.26
CA THR A 1192 -29.68 -39.05 31.55
C THR A 1192 -30.35 -39.07 30.18
N ILE A 1193 -30.39 -40.23 29.53
CA ILE A 1193 -31.12 -40.38 28.28
C ILE A 1193 -32.63 -40.32 28.52
N ASP A 1194 -33.08 -40.69 29.73
CA ASP A 1194 -34.49 -40.54 30.07
C ASP A 1194 -34.84 -39.08 30.34
N LYS A 1195 -33.91 -38.29 30.89
CA LYS A 1195 -34.21 -36.88 31.16
C LYS A 1195 -34.18 -36.07 29.86
N LEU A 1196 -33.03 -36.02 29.20
CA LEU A 1196 -32.90 -35.35 27.92
C LEU A 1196 -33.10 -36.35 26.80
N GLN A 1197 -34.06 -36.07 25.91
CA GLN A 1197 -34.51 -37.04 24.92
C GLN A 1197 -33.44 -37.25 23.85
N LEU A 1198 -32.79 -38.41 23.91
CA LEU A 1198 -31.83 -38.83 22.89
C LEU A 1198 -32.19 -40.24 22.45
N GLU A 1199 -32.10 -40.50 21.14
CA GLU A 1199 -32.49 -41.80 20.60
C GLU A 1199 -31.32 -42.77 20.48
N LEU A 1200 -30.53 -42.87 21.54
CA LEU A 1200 -29.43 -43.82 21.57
C LEU A 1200 -29.83 -44.99 22.47
N THR A 1201 -29.37 -46.19 22.10
CA THR A 1201 -29.82 -47.40 22.75
C THR A 1201 -28.57 -48.21 23.07
N ILE A 1202 -28.71 -49.50 23.42
CA ILE A 1202 -27.55 -50.33 23.73
C ILE A 1202 -26.79 -50.68 22.45
N GLU A 1203 -27.44 -50.63 21.29
CA GLU A 1203 -26.76 -50.88 20.02
C GLU A 1203 -26.18 -49.63 19.40
N ASP A 1204 -26.80 -48.47 19.63
CA ASP A 1204 -26.39 -47.24 18.95
C ASP A 1204 -25.04 -46.73 19.47
N ILE A 1205 -24.81 -46.86 20.78
CA ILE A 1205 -23.50 -46.53 21.33
C ILE A 1205 -22.47 -47.60 20.96
N ALA A 1206 -22.93 -48.83 20.67
CA ALA A 1206 -22.00 -49.89 20.28
C ALA A 1206 -21.50 -49.70 18.86
N VAL A 1207 -22.37 -49.18 17.97
CA VAL A 1207 -21.97 -48.96 16.59
C VAL A 1207 -21.02 -47.76 16.49
N ALA A 1208 -21.26 -46.72 17.28
CA ALA A 1208 -20.53 -45.46 17.15
C ALA A 1208 -19.09 -45.54 17.63
N ILE A 1209 -18.71 -46.58 18.37
CA ILE A 1209 -17.32 -46.74 18.77
C ILE A 1209 -16.51 -47.34 17.63
N THR A 1210 -17.08 -48.32 16.92
CA THR A 1210 -16.32 -49.09 15.95
C THR A 1210 -16.14 -48.34 14.63
N ARG A 1211 -17.25 -48.01 13.96
CA ARG A 1211 -17.17 -47.48 12.60
C ARG A 1211 -17.15 -45.96 12.53
N ALA A 1212 -17.81 -45.27 13.47
CA ALA A 1212 -17.81 -43.81 13.44
C ALA A 1212 -16.45 -43.25 13.84
N SER A 1213 -15.69 -43.98 14.65
CA SER A 1213 -14.32 -43.64 15.01
C SER A 1213 -13.47 -44.88 14.76
N LYS A 1214 -13.01 -45.05 13.53
CA LYS A 1214 -12.21 -46.20 13.13
C LYS A 1214 -10.78 -45.84 12.79
N LEU A 1215 -10.56 -44.73 12.08
CA LEU A 1215 -9.21 -44.26 11.81
C LEU A 1215 -8.63 -43.44 12.96
N LYS A 1216 -9.45 -43.08 13.95
CA LYS A 1216 -8.96 -42.42 15.16
C LYS A 1216 -8.59 -43.42 16.25
N ILE A 1217 -9.57 -44.22 16.68
CA ILE A 1217 -9.34 -45.29 17.65
C ILE A 1217 -9.66 -46.61 16.98
N GLN A 1218 -9.10 -47.69 17.51
CA GLN A 1218 -9.14 -49.00 16.86
C GLN A 1218 -9.77 -50.02 17.80
N ALA A 1219 -10.87 -50.61 17.37
CA ALA A 1219 -11.54 -51.72 18.05
C ALA A 1219 -12.33 -52.49 17.02
N SER A 1220 -12.02 -53.78 16.86
CA SER A 1220 -12.59 -54.52 15.74
C SER A 1220 -14.02 -55.00 16.03
N ASP A 1221 -14.16 -55.93 16.97
CA ASP A 1221 -15.47 -56.54 17.25
C ASP A 1221 -15.46 -57.25 18.59
N VAL A 1222 -16.30 -56.79 19.52
CA VAL A 1222 -16.65 -57.51 20.73
C VAL A 1222 -18.17 -57.46 20.89
N ASN A 1223 -18.64 -57.99 22.02
CA ASN A 1223 -20.05 -57.91 22.37
C ASN A 1223 -20.19 -57.49 23.84
N ILE A 1224 -21.41 -57.20 24.23
CA ILE A 1224 -21.72 -56.84 25.61
C ILE A 1224 -22.12 -58.10 26.37
N ILE A 1225 -21.71 -58.18 27.63
CA ILE A 1225 -22.06 -59.32 28.46
C ILE A 1225 -23.52 -59.28 28.87
N GLY A 1226 -23.99 -58.13 29.34
CA GLY A 1226 -25.37 -57.98 29.75
C GLY A 1226 -25.54 -57.07 30.95
N LYS A 1227 -26.62 -56.27 30.93
CA LYS A 1227 -26.95 -55.27 31.95
C LYS A 1227 -25.81 -54.26 32.11
N ASP A 1228 -25.63 -53.49 31.03
CA ASP A 1228 -24.76 -52.30 30.98
C ASP A 1228 -23.30 -52.65 31.25
N ARG A 1229 -22.73 -53.45 30.35
CA ARG A 1229 -21.32 -53.86 30.42
C ARG A 1229 -20.64 -53.59 29.09
N ILE A 1230 -20.78 -52.37 28.58
CA ILE A 1230 -20.16 -51.97 27.32
C ILE A 1230 -18.65 -52.00 27.48
N ALA A 1231 -17.98 -52.81 26.66
CA ALA A 1231 -16.57 -53.12 26.84
C ALA A 1231 -15.85 -53.13 25.50
N ILE A 1232 -16.07 -52.13 24.67
CA ILE A 1232 -15.47 -52.10 23.32
C ILE A 1232 -14.09 -51.47 23.49
N ASN A 1233 -13.16 -52.28 23.98
CA ASN A 1233 -11.75 -51.95 24.20
C ASN A 1233 -11.00 -53.28 24.27
N VAL A 1234 -9.98 -53.44 23.43
CA VAL A 1234 -9.25 -54.70 23.38
C VAL A 1234 -7.83 -54.38 22.91
N PHE A 1235 -6.88 -55.19 23.39
CA PHE A 1235 -5.46 -55.05 23.06
C PHE A 1235 -4.89 -56.45 22.89
N PRO A 1236 -5.22 -57.14 21.76
CA PRO A 1236 -5.05 -58.60 21.68
C PRO A 1236 -3.58 -58.99 21.52
N GLU A 1237 -2.98 -59.50 22.60
CA GLU A 1237 -1.57 -59.91 22.69
C GLU A 1237 -0.63 -58.79 22.25
N GLY A 1238 -0.98 -57.56 22.57
CA GLY A 1238 -0.27 -56.40 22.10
C GLY A 1238 -0.28 -56.22 20.60
N TYR A 1239 -1.46 -56.32 19.96
CA TYR A 1239 -1.63 -56.32 18.50
C TYR A 1239 -0.79 -57.42 17.85
N LYS A 1240 -0.84 -58.61 18.49
CA LYS A 1240 -0.08 -59.80 18.10
C LYS A 1240 1.42 -59.49 18.00
N ALA A 1241 1.97 -59.06 19.14
CA ALA A 1241 3.35 -58.58 19.28
C ALA A 1241 3.68 -57.46 18.29
N LYS A 1242 2.70 -56.57 18.09
CA LYS A 1242 2.78 -55.39 17.23
C LYS A 1242 3.13 -55.77 15.79
N SER A 1243 2.15 -56.45 15.17
CA SER A 1243 2.27 -57.00 13.81
C SER A 1243 3.42 -58.01 13.77
N ILE A 1244 3.14 -59.26 14.21
CA ILE A 1244 4.03 -60.33 14.69
C ILE A 1244 5.41 -60.46 14.03
N SER A 1245 5.60 -59.91 12.82
CA SER A 1245 6.88 -59.89 12.11
C SER A 1245 8.00 -59.01 12.81
N THR A 1246 7.83 -58.54 14.06
CA THR A 1246 8.86 -57.94 14.92
C THR A 1246 9.45 -56.67 14.31
N SER A 1247 8.60 -55.65 14.24
CA SER A 1247 9.04 -54.33 13.79
C SER A 1247 10.01 -53.69 14.78
N ALA A 1248 9.85 -53.98 16.07
CA ALA A 1248 10.67 -53.36 17.11
C ALA A 1248 11.35 -54.44 17.97
N LYS A 1249 12.23 -53.97 18.87
CA LYS A 1249 12.98 -54.84 19.77
C LYS A 1249 12.07 -55.26 20.91
N GLU A 1250 11.57 -56.53 20.85
CA GLU A 1250 10.51 -57.06 21.70
C GLU A 1250 9.33 -56.10 21.66
N PRO A 1251 8.56 -56.07 20.54
CA PRO A 1251 7.85 -54.85 20.10
C PRO A 1251 6.85 -54.25 21.08
N SER A 1252 7.20 -53.03 21.54
CA SER A 1252 6.42 -52.20 22.47
C SER A 1252 6.24 -52.85 23.85
N GLU A 1253 7.02 -53.91 24.14
CA GLU A 1253 7.18 -54.57 25.44
C GLU A 1253 5.91 -55.32 25.90
N ASN A 1254 4.83 -55.20 25.12
CA ASN A 1254 3.48 -55.66 25.47
C ASN A 1254 3.03 -55.13 26.83
N ASP A 1255 3.38 -53.88 27.11
CA ASP A 1255 2.95 -53.19 28.32
C ASP A 1255 1.51 -52.73 28.15
N VAL A 1256 0.80 -52.65 29.27
CA VAL A 1256 -0.54 -52.06 29.22
C VAL A 1256 -0.38 -50.58 29.52
N PHE A 1257 0.31 -49.85 28.64
CA PHE A 1257 0.52 -48.42 28.84
C PHE A 1257 0.55 -47.60 27.56
N TYR A 1258 0.89 -48.21 26.43
CA TYR A 1258 1.27 -47.42 25.27
C TYR A 1258 0.07 -47.24 24.34
N ARG A 1259 -0.85 -48.21 24.36
CA ARG A 1259 -2.07 -48.10 23.59
C ARG A 1259 -3.30 -48.22 24.48
N MET A 1260 -3.16 -48.93 25.60
CA MET A 1260 -4.33 -49.18 26.44
C MET A 1260 -4.56 -48.03 27.42
N GLN A 1261 -3.49 -47.53 28.05
CA GLN A 1261 -3.57 -46.33 28.88
C GLN A 1261 -3.85 -45.09 28.04
N GLN A 1262 -3.41 -45.09 26.78
CA GLN A 1262 -3.78 -44.01 25.87
C GLN A 1262 -5.28 -44.02 25.58
N LEU A 1263 -5.85 -45.20 25.31
CA LEU A 1263 -7.28 -45.34 25.12
C LEU A 1263 -8.07 -45.20 26.42
N ARG A 1264 -7.40 -45.26 27.58
CA ARG A 1264 -8.07 -44.99 28.85
C ARG A 1264 -8.47 -43.53 28.95
N ARG A 1265 -7.65 -42.63 28.38
CA ARG A 1265 -7.87 -41.20 28.49
C ARG A 1265 -8.31 -40.54 27.19
N ALA A 1266 -8.22 -41.24 26.06
CA ALA A 1266 -8.69 -40.70 24.80
C ALA A 1266 -10.14 -41.07 24.53
N LEU A 1267 -10.86 -41.58 25.52
CA LEU A 1267 -12.27 -41.86 25.29
C LEU A 1267 -13.18 -41.35 26.42
N PRO A 1268 -12.94 -40.16 27.01
CA PRO A 1268 -14.06 -39.22 27.18
C PRO A 1268 -14.06 -38.22 26.03
N ASP A 1269 -13.86 -38.71 24.81
CA ASP A 1269 -13.63 -37.83 23.66
C ASP A 1269 -14.37 -38.26 22.40
N VAL A 1270 -14.84 -39.50 22.31
CA VAL A 1270 -15.49 -39.96 21.09
C VAL A 1270 -16.93 -39.48 21.06
N VAL A 1271 -17.49 -39.42 19.86
CA VAL A 1271 -18.82 -38.86 19.65
C VAL A 1271 -19.83 -39.99 19.73
N VAL A 1272 -20.80 -39.87 20.64
CA VAL A 1272 -21.85 -40.86 20.78
C VAL A 1272 -23.06 -40.43 19.96
N LYS A 1273 -23.23 -39.12 19.80
CA LYS A 1273 -24.37 -38.56 19.08
C LYS A 1273 -24.05 -37.11 18.75
N GLY A 1274 -24.40 -36.70 17.53
CA GLY A 1274 -24.23 -35.32 17.12
C GLY A 1274 -23.68 -35.24 15.71
N LEU A 1275 -23.45 -34.00 15.27
CA LEU A 1275 -22.95 -33.69 13.94
C LEU A 1275 -21.55 -33.13 14.07
N PRO A 1276 -20.52 -33.75 13.48
CA PRO A 1276 -19.14 -33.56 13.97
C PRO A 1276 -18.46 -32.23 13.67
N ASP A 1277 -19.20 -31.20 13.23
CA ASP A 1277 -18.61 -29.91 12.93
C ASP A 1277 -19.25 -28.77 13.71
N ILE A 1278 -19.94 -29.08 14.80
CA ILE A 1278 -20.79 -28.12 15.50
C ILE A 1278 -20.27 -27.90 16.90
N SER A 1279 -20.13 -26.63 17.28
CA SER A 1279 -19.69 -26.29 18.64
C SER A 1279 -20.84 -26.43 19.64
N ARG A 1280 -21.91 -25.66 19.47
CA ARG A 1280 -23.01 -25.65 20.43
C ARG A 1280 -24.29 -25.23 19.71
N ALA A 1281 -25.39 -25.23 20.45
CA ALA A 1281 -26.70 -24.86 19.92
C ALA A 1281 -27.59 -24.41 21.07
N VAL A 1282 -28.47 -23.45 20.78
CA VAL A 1282 -29.39 -22.90 21.77
C VAL A 1282 -30.63 -22.42 21.02
N ILE A 1283 -31.70 -22.17 21.77
CA ILE A 1283 -32.99 -21.82 21.19
C ILE A 1283 -33.31 -20.36 21.48
N ASN A 1284 -33.57 -19.60 20.41
CA ASN A 1284 -34.07 -18.25 20.49
C ASN A 1284 -35.58 -18.26 20.32
N ILE A 1285 -36.22 -17.14 20.65
CA ILE A 1285 -37.68 -17.04 20.69
C ILE A 1285 -38.14 -16.16 19.52
N ARG A 1286 -39.11 -16.66 18.76
CA ARG A 1286 -39.72 -15.93 17.66
C ARG A 1286 -40.50 -14.74 18.22
N ASP A 1287 -40.72 -13.72 17.37
CA ASP A 1287 -41.21 -12.42 17.80
C ASP A 1287 -42.63 -12.49 18.35
N ASP A 1288 -43.47 -13.35 17.79
CA ASP A 1288 -44.88 -13.37 18.15
C ASP A 1288 -45.30 -14.62 18.93
N GLY A 1289 -45.13 -15.81 18.38
CA GLY A 1289 -45.69 -16.98 19.03
C GLY A 1289 -44.78 -18.18 19.25
N LYS A 1290 -43.78 -18.34 18.40
CA LYS A 1290 -43.00 -19.58 18.34
C LYS A 1290 -41.65 -19.40 19.00
N ARG A 1291 -40.79 -20.40 18.84
CA ARG A 1291 -39.38 -20.29 19.18
C ARG A 1291 -38.55 -20.88 18.05
N GLU A 1292 -37.25 -20.58 18.06
CA GLU A 1292 -36.41 -20.81 16.90
C GLU A 1292 -34.97 -21.08 17.33
N LEU A 1293 -34.48 -22.28 17.08
CA LEU A 1293 -33.12 -22.61 17.48
C LEU A 1293 -32.12 -22.12 16.44
N LEU A 1294 -30.87 -21.99 16.88
CA LEU A 1294 -29.78 -21.57 16.00
C LEU A 1294 -28.52 -22.31 16.41
N VAL A 1295 -27.73 -22.69 15.40
CA VAL A 1295 -26.65 -23.66 15.56
C VAL A 1295 -25.34 -23.01 15.15
N GLU A 1296 -24.32 -23.12 16.00
CA GLU A 1296 -22.97 -22.69 15.66
C GLU A 1296 -22.19 -23.91 15.16
N GLY A 1297 -21.98 -23.99 13.85
CA GLY A 1297 -21.30 -25.12 13.27
C GLY A 1297 -20.84 -24.86 11.86
N TYR A 1298 -20.58 -25.94 11.14
CA TYR A 1298 -20.05 -25.87 9.78
C TYR A 1298 -20.72 -26.91 8.89
N GLY A 1299 -20.66 -26.66 7.59
CA GLY A 1299 -20.96 -27.66 6.57
C GLY A 1299 -22.33 -27.57 5.93
N LEU A 1300 -23.38 -27.40 6.76
CA LEU A 1300 -24.77 -27.08 6.39
C LEU A 1300 -25.48 -28.19 5.61
N ARG A 1301 -24.78 -29.23 5.17
CA ARG A 1301 -25.42 -30.25 4.35
C ARG A 1301 -26.06 -31.36 5.17
N ASP A 1302 -25.66 -31.49 6.44
CA ASP A 1302 -26.25 -32.44 7.35
C ASP A 1302 -27.11 -31.78 8.43
N VAL A 1303 -27.08 -30.45 8.54
CA VAL A 1303 -28.00 -29.76 9.44
C VAL A 1303 -29.40 -29.74 8.84
N MET A 1304 -29.51 -29.42 7.55
CA MET A 1304 -30.80 -29.48 6.87
C MET A 1304 -31.26 -30.91 6.60
N CYS A 1305 -30.36 -31.89 6.69
CA CYS A 1305 -30.74 -33.28 6.57
C CYS A 1305 -31.48 -33.78 7.80
N THR A 1306 -31.31 -33.10 8.94
CA THR A 1306 -31.99 -33.46 10.18
C THR A 1306 -33.49 -33.23 10.06
N ASP A 1307 -34.28 -34.23 10.48
CA ASP A 1307 -35.72 -34.06 10.52
C ASP A 1307 -36.11 -33.09 11.63
N GLY A 1308 -37.22 -32.40 11.43
CA GLY A 1308 -37.65 -31.34 12.32
C GLY A 1308 -37.31 -29.96 11.80
N VAL A 1309 -36.20 -29.82 11.08
CA VAL A 1309 -35.89 -28.60 10.34
C VAL A 1309 -36.02 -28.91 8.86
N ILE A 1310 -36.35 -27.87 8.09
CA ILE A 1310 -36.54 -28.01 6.66
C ILE A 1310 -35.37 -27.32 5.95
N GLY A 1311 -34.96 -27.89 4.83
CA GLY A 1311 -33.89 -27.34 4.01
C GLY A 1311 -34.34 -26.30 3.02
N SER A 1312 -35.58 -25.84 3.11
CA SER A 1312 -36.09 -24.80 2.23
C SER A 1312 -35.93 -23.40 2.78
N ARG A 1313 -35.75 -23.26 4.10
CA ARG A 1313 -35.56 -21.95 4.73
C ARG A 1313 -34.42 -22.00 5.74
N THR A 1314 -33.34 -22.68 5.39
CA THR A 1314 -32.17 -22.79 6.26
C THR A 1314 -31.06 -21.90 5.73
N THR A 1315 -30.82 -20.79 6.42
CA THR A 1315 -29.80 -19.83 6.03
C THR A 1315 -28.74 -19.73 7.12
N THR A 1316 -27.57 -19.23 6.73
CA THR A 1316 -26.43 -19.15 7.65
C THR A 1316 -25.45 -18.11 7.13
N ASN A 1317 -24.34 -17.97 7.85
CA ASN A 1317 -23.22 -17.15 7.44
C ASN A 1317 -22.27 -18.01 6.59
N HIS A 1318 -21.05 -17.49 6.36
CA HIS A 1318 -19.95 -18.21 5.70
C HIS A 1318 -20.34 -18.66 4.29
N VAL A 1319 -20.42 -17.66 3.41
CA VAL A 1319 -20.79 -17.74 2.00
C VAL A 1319 -20.11 -18.89 1.26
N LEU A 1320 -18.84 -19.19 1.61
CA LEU A 1320 -18.09 -20.25 0.95
C LEU A 1320 -18.64 -21.65 1.19
N GLU A 1321 -19.42 -21.87 2.25
CA GLU A 1321 -20.10 -23.15 2.36
C GLU A 1321 -21.50 -23.12 1.77
N VAL A 1322 -22.08 -21.94 1.58
CA VAL A 1322 -23.31 -21.82 0.80
C VAL A 1322 -23.01 -22.10 -0.67
N PHE A 1323 -21.84 -21.66 -1.15
CA PHE A 1323 -21.37 -22.03 -2.47
C PHE A 1323 -21.07 -23.53 -2.56
N SER A 1324 -20.71 -24.16 -1.46
CA SER A 1324 -20.38 -25.58 -1.47
C SER A 1324 -21.59 -26.49 -1.53
N VAL A 1325 -22.77 -26.02 -1.08
CA VAL A 1325 -23.95 -26.87 -1.02
C VAL A 1325 -25.09 -26.38 -1.89
N LEU A 1326 -25.06 -25.14 -2.37
CA LEU A 1326 -26.18 -24.59 -3.14
C LEU A 1326 -25.82 -24.05 -4.51
N GLY A 1327 -24.60 -23.56 -4.72
CA GLY A 1327 -24.17 -23.12 -6.03
C GLY A 1327 -23.61 -21.70 -6.00
N ILE A 1328 -23.29 -21.22 -7.20
CA ILE A 1328 -22.74 -19.88 -7.34
C ILE A 1328 -23.84 -18.82 -7.35
N GLU A 1329 -25.06 -19.20 -7.76
CA GLU A 1329 -26.15 -18.23 -7.81
C GLU A 1329 -26.78 -18.00 -6.45
N ALA A 1330 -26.84 -19.03 -5.60
CA ALA A 1330 -27.33 -18.85 -4.24
C ALA A 1330 -26.26 -18.34 -3.29
N ALA A 1331 -25.03 -18.14 -3.77
CA ALA A 1331 -23.98 -17.60 -2.92
C ALA A 1331 -23.85 -16.09 -3.05
N ARG A 1332 -24.12 -15.54 -4.24
CA ARG A 1332 -24.10 -14.09 -4.39
C ARG A 1332 -25.28 -13.43 -3.69
N TYR A 1333 -26.40 -14.14 -3.56
CA TYR A 1333 -27.53 -13.63 -2.80
C TYR A 1333 -27.24 -13.64 -1.30
N SER A 1334 -26.30 -14.46 -0.86
CA SER A 1334 -25.81 -14.40 0.51
C SER A 1334 -24.72 -13.35 0.69
N ILE A 1335 -24.12 -12.87 -0.41
CA ILE A 1335 -23.18 -11.77 -0.32
C ILE A 1335 -23.94 -10.45 -0.16
N ILE A 1336 -24.97 -10.23 -0.98
CA ILE A 1336 -25.72 -8.99 -0.95
C ILE A 1336 -26.68 -8.90 0.22
N ARG A 1337 -26.77 -9.94 1.04
CA ARG A 1337 -27.58 -9.93 2.26
C ARG A 1337 -26.74 -9.72 3.52
N GLU A 1338 -25.58 -10.38 3.62
CA GLU A 1338 -24.76 -10.25 4.81
C GLU A 1338 -24.05 -8.89 4.86
N ILE A 1339 -23.78 -8.28 3.70
CA ILE A 1339 -23.28 -6.92 3.72
C ILE A 1339 -24.41 -5.94 4.05
N ASN A 1340 -25.61 -6.23 3.54
CA ASN A 1340 -26.79 -5.43 3.86
C ASN A 1340 -27.18 -5.58 5.33
N TYR A 1341 -26.83 -6.68 5.98
CA TYR A 1341 -27.11 -6.87 7.40
C TYR A 1341 -26.05 -6.24 8.28
N THR A 1342 -24.77 -6.26 7.86
CA THR A 1342 -23.69 -5.80 8.71
C THR A 1342 -23.51 -4.29 8.67
N MET A 1343 -24.22 -3.57 7.80
CA MET A 1343 -23.99 -2.14 7.64
C MET A 1343 -25.25 -1.31 7.82
N SER A 1344 -26.44 -1.86 7.51
CA SER A 1344 -27.67 -1.13 7.77
C SER A 1344 -28.01 -1.07 9.25
N ASN A 1345 -27.42 -1.94 10.07
CA ASN A 1345 -27.57 -1.85 11.51
C ASN A 1345 -26.83 -0.66 12.11
N HIS A 1346 -25.83 -0.13 11.41
CA HIS A 1346 -25.09 1.05 11.84
C HIS A 1346 -25.72 2.34 11.34
N GLY A 1347 -26.93 2.27 10.79
CA GLY A 1347 -27.56 3.47 10.27
C GLY A 1347 -27.04 3.94 8.94
N MET A 1348 -26.43 3.05 8.15
CA MET A 1348 -25.86 3.42 6.86
C MET A 1348 -26.81 3.01 5.75
N SER A 1349 -27.15 3.96 4.89
CA SER A 1349 -27.94 3.71 3.69
C SER A 1349 -27.00 3.78 2.50
N VAL A 1350 -26.82 2.64 1.83
CA VAL A 1350 -25.78 2.51 0.81
C VAL A 1350 -26.37 2.24 -0.58
N ASP A 1351 -27.70 2.32 -0.73
CA ASP A 1351 -28.44 2.23 -2.00
C ASP A 1351 -28.11 0.94 -2.76
N PRO A 1352 -28.74 -0.20 -2.41
CA PRO A 1352 -28.24 -1.55 -2.78
C PRO A 1352 -27.94 -1.87 -4.24
N ARG A 1353 -28.23 -0.95 -5.18
CA ARG A 1353 -27.72 -1.08 -6.54
C ARG A 1353 -26.19 -1.09 -6.56
N HIS A 1354 -25.55 -0.40 -5.61
CA HIS A 1354 -24.10 -0.43 -5.49
C HIS A 1354 -23.61 -1.80 -5.04
N ILE A 1355 -24.34 -2.44 -4.13
CA ILE A 1355 -23.85 -3.70 -3.54
C ILE A 1355 -24.27 -4.91 -4.36
N GLN A 1356 -25.27 -4.79 -5.23
CA GLN A 1356 -25.55 -5.88 -6.16
C GLN A 1356 -24.50 -5.99 -7.25
N LEU A 1357 -23.76 -4.92 -7.52
CA LEU A 1357 -22.62 -5.01 -8.42
C LEU A 1357 -21.43 -5.66 -7.73
N LEU A 1358 -21.22 -5.36 -6.44
CA LEU A 1358 -20.13 -5.97 -5.71
C LEU A 1358 -20.36 -7.45 -5.46
N GLY A 1359 -21.62 -7.88 -5.41
CA GLY A 1359 -21.92 -9.29 -5.37
C GLY A 1359 -21.87 -9.98 -6.71
N ASP A 1360 -21.47 -9.27 -7.77
CA ASP A 1360 -21.40 -9.85 -9.10
C ASP A 1360 -20.06 -9.55 -9.77
N VAL A 1361 -19.10 -8.96 -9.04
CA VAL A 1361 -17.72 -8.88 -9.53
C VAL A 1361 -16.89 -10.05 -9.06
N MET A 1362 -17.45 -10.94 -8.24
CA MET A 1362 -16.79 -12.14 -7.78
C MET A 1362 -17.74 -13.33 -7.87
N THR A 1363 -18.65 -13.29 -8.84
CA THR A 1363 -19.64 -14.33 -9.07
C THR A 1363 -19.62 -14.71 -10.55
N TYR A 1364 -19.31 -13.73 -11.41
CA TYR A 1364 -19.35 -13.95 -12.85
C TYR A 1364 -18.22 -14.85 -13.33
N LYS A 1365 -17.15 -14.99 -12.54
CA LYS A 1365 -16.05 -15.85 -12.92
C LYS A 1365 -16.44 -17.33 -12.77
N GLY A 1366 -17.23 -17.65 -11.76
CA GLY A 1366 -17.68 -19.02 -11.57
C GLY A 1366 -17.63 -19.47 -10.13
N GLU A 1367 -16.68 -18.96 -9.37
CA GLU A 1367 -16.51 -19.34 -7.97
C GLU A 1367 -16.48 -18.10 -7.09
N VAL A 1368 -16.85 -18.27 -5.83
CA VAL A 1368 -16.76 -17.19 -4.85
C VAL A 1368 -15.30 -16.99 -4.50
N LEU A 1369 -14.70 -15.95 -5.05
CA LEU A 1369 -13.29 -15.67 -4.86
C LEU A 1369 -13.12 -14.30 -4.20
N GLY A 1370 -11.88 -14.01 -3.82
CA GLY A 1370 -11.58 -12.84 -3.03
C GLY A 1370 -11.23 -11.62 -3.87
N ILE A 1371 -10.84 -10.57 -3.15
CA ILE A 1371 -10.44 -9.31 -3.76
C ILE A 1371 -8.92 -9.09 -3.65
N THR A 1372 -8.26 -9.80 -2.75
CA THR A 1372 -6.84 -9.60 -2.48
C THR A 1372 -5.97 -10.24 -3.58
N ARG A 1373 -4.66 -10.37 -3.29
CA ARG A 1373 -3.63 -10.59 -4.31
C ARG A 1373 -3.74 -11.93 -5.02
N PHE A 1374 -4.48 -12.89 -4.48
CA PHE A 1374 -4.81 -14.09 -5.25
C PHE A 1374 -6.22 -14.08 -5.79
N GLY A 1375 -7.11 -13.28 -5.21
CA GLY A 1375 -8.45 -13.13 -5.75
C GLY A 1375 -8.57 -12.15 -6.90
N LEU A 1376 -7.51 -11.39 -7.17
CA LEU A 1376 -7.54 -10.47 -8.31
C LEU A 1376 -7.08 -11.14 -9.59
N SER A 1377 -6.22 -12.17 -9.49
CA SER A 1377 -5.60 -12.79 -10.64
C SER A 1377 -6.49 -13.82 -11.33
N LYS A 1378 -7.81 -13.75 -11.16
CA LYS A 1378 -8.73 -14.67 -11.79
C LYS A 1378 -9.11 -14.27 -13.20
N MET A 1379 -9.03 -12.97 -13.53
CA MET A 1379 -9.57 -12.44 -14.77
C MET A 1379 -8.54 -11.57 -15.47
N ARG A 1380 -7.68 -10.93 -14.67
CA ARG A 1380 -6.79 -9.88 -15.17
C ARG A 1380 -5.67 -10.50 -16.01
N ASP A 1381 -5.79 -10.38 -17.33
CA ASP A 1381 -4.67 -10.62 -18.21
C ASP A 1381 -3.75 -9.40 -18.29
N SER A 1382 -4.22 -8.25 -17.81
CA SER A 1382 -3.38 -7.06 -17.71
C SER A 1382 -2.31 -7.29 -16.65
N VAL A 1383 -1.06 -7.13 -17.05
CA VAL A 1383 0.07 -7.46 -16.18
C VAL A 1383 0.46 -6.30 -15.29
N LEU A 1384 0.57 -5.10 -15.86
CA LEU A 1384 0.98 -3.93 -15.08
C LEU A 1384 -0.09 -3.49 -14.09
N GLN A 1385 -1.35 -3.87 -14.31
CA GLN A 1385 -2.35 -3.71 -13.27
C GLN A 1385 -2.10 -4.67 -12.11
N LEU A 1386 -1.72 -5.92 -12.43
CA LEU A 1386 -1.39 -6.88 -11.39
C LEU A 1386 -0.03 -6.58 -10.77
N ALA A 1387 0.86 -5.92 -11.50
CA ALA A 1387 2.18 -5.55 -11.01
C ALA A 1387 2.19 -4.22 -10.28
N SER A 1388 1.03 -3.77 -9.79
CA SER A 1388 0.93 -2.60 -8.94
C SER A 1388 0.06 -2.84 -7.72
N PHE A 1389 -0.64 -3.99 -7.65
CA PHE A 1389 -1.58 -4.25 -6.57
C PHE A 1389 -0.84 -4.79 -5.34
N GLU A 1390 -0.28 -5.99 -5.44
CA GLU A 1390 0.78 -6.49 -4.58
C GLU A 1390 1.66 -7.41 -5.40
N LYS A 1391 2.75 -7.86 -4.77
CA LYS A 1391 3.84 -8.70 -5.33
C LYS A 1391 4.24 -8.24 -6.75
N THR A 1392 4.75 -7.02 -6.80
CA THR A 1392 5.13 -6.38 -8.06
C THR A 1392 6.31 -7.06 -8.73
N THR A 1393 7.14 -7.78 -7.97
CA THR A 1393 8.27 -8.49 -8.55
C THR A 1393 7.83 -9.76 -9.27
N ASP A 1394 7.00 -10.57 -8.62
CA ASP A 1394 6.70 -11.90 -9.13
C ASP A 1394 5.73 -11.89 -10.31
N HIS A 1395 4.96 -10.81 -10.48
CA HIS A 1395 4.01 -10.76 -11.59
C HIS A 1395 4.65 -10.38 -12.91
N LEU A 1396 5.79 -9.69 -12.88
CA LEU A 1396 6.49 -9.34 -14.10
C LEU A 1396 7.43 -10.44 -14.58
N PHE A 1397 8.04 -11.18 -13.65
CA PHE A 1397 8.88 -12.32 -14.03
C PHE A 1397 8.05 -13.48 -14.55
N ASP A 1398 6.81 -13.62 -14.08
CA ASP A 1398 5.96 -14.73 -14.52
C ASP A 1398 5.31 -14.45 -15.85
N ALA A 1399 5.07 -13.17 -16.18
CA ALA A 1399 4.41 -12.83 -17.44
C ALA A 1399 5.33 -12.99 -18.63
N ALA A 1400 6.60 -12.62 -18.49
CA ALA A 1400 7.56 -12.81 -19.57
C ALA A 1400 7.95 -14.27 -19.75
N PHE A 1401 7.77 -15.09 -18.71
CA PHE A 1401 8.02 -16.53 -18.83
C PHE A 1401 6.93 -17.19 -19.66
N TYR A 1402 5.68 -16.84 -19.41
CA TYR A 1402 4.53 -17.41 -20.12
C TYR A 1402 4.20 -16.69 -21.42
N MET A 1403 4.95 -15.64 -21.75
CA MET A 1403 4.83 -14.86 -23.01
C MET A 1403 3.43 -14.26 -23.16
N LYS A 1404 3.04 -13.47 -22.16
CA LYS A 1404 1.70 -12.87 -22.16
C LYS A 1404 1.64 -11.68 -23.11
N LYS A 1405 0.50 -11.55 -23.80
CA LYS A 1405 0.37 -10.53 -24.84
C LYS A 1405 0.08 -9.16 -24.25
N ASP A 1406 -0.89 -9.09 -23.33
CA ASP A 1406 -1.23 -7.89 -22.54
C ASP A 1406 -1.63 -6.71 -23.45
N ALA A 1407 -2.75 -6.89 -24.13
CA ALA A 1407 -3.35 -5.79 -24.89
C ALA A 1407 -3.88 -4.75 -23.90
N VAL A 1408 -3.31 -3.55 -23.94
CA VAL A 1408 -3.62 -2.52 -22.93
C VAL A 1408 -4.99 -1.91 -23.24
N GLU A 1409 -5.94 -2.15 -22.34
CA GLU A 1409 -7.24 -1.51 -22.41
C GLU A 1409 -7.74 -1.05 -21.03
N GLY A 1410 -7.17 -1.55 -19.94
CA GLY A 1410 -7.60 -1.13 -18.62
C GLY A 1410 -7.10 0.24 -18.26
N VAL A 1411 -7.86 0.91 -17.37
CA VAL A 1411 -7.53 2.27 -16.97
C VAL A 1411 -6.37 2.33 -16.00
N SER A 1412 -5.95 1.19 -15.43
CA SER A 1412 -4.74 1.18 -14.63
C SER A 1412 -3.49 1.23 -15.52
N GLU A 1413 -3.49 0.46 -16.61
CA GLU A 1413 -2.39 0.46 -17.55
C GLU A 1413 -2.47 1.58 -18.57
N CYS A 1414 -3.51 2.40 -18.51
CA CYS A 1414 -3.70 3.46 -19.49
C CYS A 1414 -3.05 4.76 -19.05
N ILE A 1415 -3.00 5.04 -17.74
CA ILE A 1415 -2.31 6.22 -17.25
C ILE A 1415 -0.85 5.96 -16.94
N ILE A 1416 -0.43 4.69 -16.92
CA ILE A 1416 1.00 4.39 -16.84
C ILE A 1416 1.68 4.74 -18.16
N LEU A 1417 1.11 4.30 -19.27
CA LEU A 1417 1.64 4.62 -20.59
C LEU A 1417 1.20 6.01 -21.06
N GLY A 1418 0.30 6.67 -20.34
CA GLY A 1418 -0.06 8.05 -20.64
C GLY A 1418 -0.88 8.26 -21.89
N GLN A 1419 -2.13 7.78 -21.89
CA GLN A 1419 -3.04 8.03 -22.99
C GLN A 1419 -4.47 8.07 -22.44
N THR A 1420 -5.43 8.28 -23.34
CA THR A 1420 -6.80 8.54 -22.93
C THR A 1420 -7.53 7.24 -22.61
N MET A 1421 -8.35 7.28 -21.55
CA MET A 1421 -9.07 6.11 -21.09
C MET A 1421 -10.23 5.79 -22.04
N SER A 1422 -10.95 4.71 -21.71
CA SER A 1422 -12.13 4.32 -22.46
C SER A 1422 -13.41 4.44 -21.64
N ILE A 1423 -13.36 5.18 -20.53
CA ILE A 1423 -14.52 5.41 -19.68
C ILE A 1423 -14.76 6.90 -19.55
N GLY A 1424 -16.01 7.26 -19.29
CA GLY A 1424 -16.38 8.64 -19.10
C GLY A 1424 -16.29 9.50 -20.34
N THR A 1425 -15.32 10.42 -20.35
CA THR A 1425 -15.13 11.31 -21.49
C THR A 1425 -14.55 10.56 -22.68
N GLY A 1426 -13.58 9.69 -22.45
CA GLY A 1426 -12.88 9.02 -23.52
C GLY A 1426 -13.52 7.73 -24.01
N SER A 1427 -14.82 7.57 -23.78
CA SER A 1427 -15.56 6.40 -24.23
C SER A 1427 -16.05 6.52 -25.67
N PHE A 1428 -15.59 7.53 -26.39
CA PHE A 1428 -16.03 7.89 -27.73
C PHE A 1428 -15.07 8.98 -28.22
N LYS A 1429 -15.25 9.39 -29.47
CA LYS A 1429 -14.57 10.57 -29.97
C LYS A 1429 -15.55 11.41 -30.78
N VAL A 1430 -15.22 12.68 -30.90
CA VAL A 1430 -16.06 13.65 -31.59
C VAL A 1430 -15.43 13.93 -32.95
N VAL A 1431 -16.28 14.10 -33.97
CA VAL A 1431 -15.85 14.20 -35.36
C VAL A 1431 -16.39 15.50 -35.93
N LYS A 1432 -15.53 16.29 -36.57
CA LYS A 1432 -15.94 17.55 -37.16
C LYS A 1432 -16.51 17.32 -38.56
N GLY A 1433 -17.62 17.99 -38.85
CA GLY A 1433 -18.19 17.92 -40.18
C GLY A 1433 -17.35 18.61 -41.22
N THR A 1434 -17.56 18.21 -42.47
CA THR A 1434 -16.78 18.72 -43.59
C THR A 1434 -17.59 19.57 -44.58
N ASN A 1435 -18.90 19.36 -44.65
CA ASN A 1435 -19.83 20.05 -45.56
C ASN A 1435 -19.40 19.88 -47.02
N ILE A 1436 -19.41 18.63 -47.47
CA ILE A 1436 -19.04 18.28 -48.84
C ILE A 1436 -20.32 18.09 -49.64
N SER A 1437 -20.46 18.84 -50.72
CA SER A 1437 -21.60 18.70 -51.61
C SER A 1437 -21.39 17.51 -52.55
N GLU A 1438 -22.48 17.05 -53.15
CA GLU A 1438 -22.45 15.92 -54.07
C GLU A 1438 -22.21 16.34 -55.51
N LYS A 1439 -21.76 17.58 -55.74
CA LYS A 1439 -21.48 18.07 -57.09
C LYS A 1439 -20.04 18.50 -57.28
N ASP A 1440 -19.23 18.51 -56.22
CA ASP A 1440 -17.82 18.90 -56.34
C ASP A 1440 -16.93 17.68 -56.51
N LEU A 1441 -17.15 16.64 -55.70
CA LEU A 1441 -16.20 15.54 -55.60
C LEU A 1441 -16.77 14.22 -56.10
N VAL A 1442 -18.08 14.02 -55.98
CA VAL A 1442 -18.71 12.76 -56.40
C VAL A 1442 -18.72 12.66 -57.92
N PRO A 1443 -19.01 13.73 -58.73
CA PRO A 1443 -18.60 13.67 -60.14
C PRO A 1443 -17.11 13.94 -60.27
N LYS A 1444 -16.40 13.04 -60.93
CA LYS A 1444 -14.96 13.18 -61.14
C LYS A 1444 -14.72 14.26 -62.18
N ARG A 1445 -14.27 15.44 -61.72
CA ARG A 1445 -13.99 16.56 -62.61
C ARG A 1445 -12.65 16.29 -63.31
N CYS A 1446 -12.72 15.44 -64.33
CA CYS A 1446 -11.53 15.00 -65.07
C CYS A 1446 -11.63 15.52 -66.49
N LEU A 1447 -10.67 16.35 -66.88
CA LEU A 1447 -10.61 16.85 -68.24
C LEU A 1447 -10.03 15.85 -69.21
N PHE A 1448 -9.45 14.75 -68.72
CA PHE A 1448 -8.91 13.69 -69.56
C PHE A 1448 -9.92 12.55 -69.68
N GLU A 1449 -11.06 12.88 -70.30
CA GLU A 1449 -12.10 11.89 -70.55
C GLU A 1449 -11.70 10.90 -71.63
N SER A 1450 -10.81 11.29 -72.53
CA SER A 1450 -10.26 10.41 -73.55
C SER A 1450 -8.75 10.34 -73.36
N LEU A 1451 -8.17 9.18 -73.64
CA LEU A 1451 -6.74 8.97 -73.45
C LEU A 1451 -5.94 9.72 -74.50
N SER A 1452 -5.40 10.87 -74.13
CA SER A 1452 -4.61 11.69 -75.04
C SER A 1452 -3.13 11.65 -74.69
N ASP B 36 -1.09 28.24 66.65
CA ASP B 36 -1.91 28.40 65.45
C ASP B 36 -2.81 27.20 65.22
N GLU B 37 -4.12 27.45 65.15
CA GLU B 37 -5.08 26.39 64.90
C GLU B 37 -5.01 25.97 63.44
N ILE B 38 -4.81 24.68 63.20
CA ILE B 38 -4.72 24.13 61.85
C ILE B 38 -5.49 22.81 61.80
N ASN B 39 -6.24 22.62 60.72
CA ASN B 39 -6.98 21.38 60.52
C ASN B 39 -6.01 20.28 60.08
N THR B 40 -6.44 19.04 60.25
CA THR B 40 -5.65 17.90 59.80
C THR B 40 -6.17 17.30 58.50
N ALA B 41 -7.35 17.70 58.03
CA ALA B 41 -7.90 17.26 56.75
C ALA B 41 -7.70 18.28 55.64
N GLN B 42 -7.83 19.58 55.97
CA GLN B 42 -7.52 20.63 55.01
C GLN B 42 -6.02 20.77 54.78
N ASP B 43 -5.20 20.26 55.70
CA ASP B 43 -3.76 20.22 55.55
C ASP B 43 -3.40 18.88 54.88
N LYS B 44 -2.13 18.47 54.98
CA LYS B 44 -1.40 17.39 54.28
C LYS B 44 -1.07 17.75 52.85
N TRP B 45 -1.55 18.90 52.35
CA TRP B 45 -1.01 19.41 51.09
C TRP B 45 0.44 19.85 51.27
N HIS B 46 0.78 20.39 52.45
CA HIS B 46 2.11 20.93 52.72
C HIS B 46 3.19 19.87 52.77
N LEU B 47 2.83 18.60 52.84
CA LEU B 47 3.81 17.52 52.73
C LEU B 47 4.33 17.36 51.31
N LEU B 48 3.59 17.85 50.30
CA LEU B 48 3.99 17.74 48.91
C LEU B 48 5.11 18.73 48.53
N PRO B 49 5.14 20.00 48.99
CA PRO B 49 6.39 20.77 48.82
C PRO B 49 7.54 20.27 49.68
N ALA B 50 7.27 19.57 50.78
CA ALA B 50 8.35 18.94 51.53
C ALA B 50 8.95 17.78 50.77
N PHE B 51 8.14 17.08 49.98
CA PHE B 51 8.65 16.03 49.12
C PHE B 51 9.46 16.61 47.96
N LEU B 52 8.90 17.60 47.28
CA LEU B 52 9.53 18.22 46.12
C LEU B 52 10.68 19.14 46.49
N LYS B 53 10.87 19.45 47.78
CA LYS B 53 11.97 20.32 48.17
C LYS B 53 13.30 19.60 48.09
N VAL B 54 13.32 18.29 48.36
CA VAL B 54 14.52 17.48 48.22
C VAL B 54 14.44 16.48 47.08
N LYS B 55 13.26 16.28 46.49
CA LYS B 55 13.13 15.40 45.32
C LYS B 55 13.18 16.18 44.02
N GLY B 56 12.26 17.13 43.83
CA GLY B 56 12.40 18.13 42.79
C GLY B 56 11.90 17.75 41.41
N LEU B 57 11.25 16.58 41.27
CA LEU B 57 10.52 16.10 40.09
C LEU B 57 11.44 15.69 38.94
N VAL B 58 12.73 16.01 39.02
CA VAL B 58 13.74 15.50 38.10
C VAL B 58 14.82 14.89 38.99
N LYS B 59 14.68 13.60 39.27
CA LYS B 59 15.65 12.86 40.08
C LYS B 59 15.97 11.50 39.51
N GLN B 60 15.17 11.00 38.56
CA GLN B 60 15.42 9.72 37.95
C GLN B 60 16.66 9.75 37.05
N HIS B 61 17.02 10.93 36.56
CA HIS B 61 18.24 11.10 35.78
C HIS B 61 19.40 11.54 36.66
N LEU B 62 19.14 12.32 37.71
CA LEU B 62 20.19 12.86 38.55
C LEU B 62 20.73 11.82 39.53
N ASP B 63 19.83 11.18 40.28
CA ASP B 63 20.26 10.22 41.30
C ASP B 63 20.84 8.95 40.69
N SER B 64 20.34 8.55 39.52
CA SER B 64 20.91 7.39 38.84
C SER B 64 22.33 7.66 38.36
N PHE B 65 22.57 8.86 37.82
CA PHE B 65 23.91 9.22 37.37
C PHE B 65 24.86 9.40 38.56
N ASN B 66 24.36 9.95 39.66
CA ASN B 66 25.18 10.09 40.86
C ASN B 66 25.53 8.74 41.47
N TYR B 67 24.58 7.81 41.51
CA TYR B 67 24.89 6.47 41.98
C TYR B 67 25.81 5.74 41.02
N PHE B 68 25.71 6.03 39.71
CA PHE B 68 26.65 5.47 38.75
C PHE B 68 28.08 5.90 39.04
N VAL B 69 28.34 7.20 39.06
CA VAL B 69 29.69 7.71 39.32
C VAL B 69 30.14 7.50 40.75
N ASP B 70 29.24 7.15 41.67
CA ASP B 70 29.64 6.81 43.03
C ASP B 70 30.01 5.34 43.17
N THR B 71 29.25 4.42 42.58
CA THR B 71 29.41 3.00 42.83
C THR B 71 29.80 2.20 41.59
N ASP B 72 29.08 2.36 40.48
CA ASP B 72 29.26 1.46 39.36
C ASP B 72 30.52 1.77 38.57
N LEU B 73 31.00 3.01 38.64
CA LEU B 73 32.23 3.40 37.98
C LEU B 73 33.44 2.74 38.63
N LYS B 74 33.34 2.41 39.91
CA LYS B 74 34.32 1.57 40.59
C LYS B 74 34.02 0.09 40.45
N LYS B 75 32.73 -0.26 40.30
CA LYS B 75 32.35 -1.67 40.22
C LYS B 75 32.74 -2.29 38.88
N ILE B 76 32.83 -1.48 37.82
CA ILE B 76 33.22 -2.02 36.51
C ILE B 76 34.68 -2.45 36.51
N ILE B 77 35.58 -1.63 37.07
CA ILE B 77 36.99 -2.03 37.16
C ILE B 77 37.27 -3.03 38.26
N LYS B 78 36.26 -3.37 39.07
CA LYS B 78 36.41 -4.42 40.07
C LYS B 78 36.46 -5.80 39.43
N ALA B 79 35.94 -5.96 38.22
CA ALA B 79 35.94 -7.24 37.52
C ALA B 79 36.72 -7.21 36.21
N ASN B 80 37.41 -6.11 35.90
CA ASN B 80 38.13 -5.98 34.64
C ASN B 80 39.52 -5.37 34.88
N GLN B 81 40.25 -5.89 35.86
CA GLN B 81 41.55 -5.35 36.20
C GLN B 81 42.69 -6.36 36.05
N LEU B 82 42.41 -7.60 35.67
CA LEU B 82 43.43 -8.63 35.48
C LEU B 82 43.73 -8.76 33.99
N ILE B 83 44.97 -8.43 33.60
CA ILE B 83 45.43 -8.66 32.23
C ILE B 83 46.91 -9.00 32.29
N LEU B 84 47.32 -9.98 31.48
CA LEU B 84 48.71 -10.40 31.36
C LEU B 84 48.98 -10.70 29.90
N SER B 85 50.14 -11.29 29.62
CA SER B 85 50.50 -11.69 28.27
C SER B 85 51.18 -13.06 28.32
N ASP B 86 51.08 -13.79 27.21
CA ASP B 86 51.73 -15.09 27.12
C ASP B 86 53.24 -14.94 27.01
N VAL B 87 53.71 -14.15 26.05
CA VAL B 87 55.12 -13.81 25.97
C VAL B 87 55.47 -12.86 27.11
N ASP B 88 56.56 -13.17 27.83
CA ASP B 88 57.08 -12.43 28.99
C ASP B 88 56.02 -12.35 30.09
N PRO B 89 55.79 -13.43 30.87
CA PRO B 89 54.67 -13.46 31.84
C PRO B 89 54.77 -12.50 33.03
N GLU B 90 55.73 -11.58 33.02
CA GLU B 90 55.75 -10.39 33.87
C GLU B 90 54.85 -9.33 33.21
N PHE B 91 54.93 -8.07 33.64
CA PHE B 91 54.15 -6.94 33.12
C PHE B 91 52.65 -7.19 33.30
N TYR B 92 52.26 -7.20 34.57
CA TYR B 92 50.86 -7.29 34.97
C TYR B 92 50.32 -5.89 35.27
N LEU B 93 49.08 -5.65 34.85
CA LEU B 93 48.41 -4.39 35.13
C LEU B 93 47.39 -4.59 36.25
N LYS B 94 47.25 -3.58 37.10
CA LYS B 94 46.32 -3.65 38.23
C LYS B 94 45.66 -2.29 38.36
N TYR B 95 44.42 -2.19 37.88
CA TYR B 95 43.65 -0.96 37.98
C TYR B 95 43.23 -0.74 39.43
N VAL B 96 43.84 0.26 40.08
CA VAL B 96 43.47 0.64 41.42
C VAL B 96 42.66 1.93 41.30
N ASP B 97 42.09 2.38 42.44
CA ASP B 97 40.90 3.24 42.59
C ASP B 97 40.74 4.35 41.56
N ILE B 98 39.55 4.41 40.97
CA ILE B 98 39.24 5.30 39.87
C ILE B 98 38.31 6.40 40.38
N ARG B 99 38.45 7.59 39.81
CA ARG B 99 37.61 8.72 40.20
C ARG B 99 37.29 9.57 38.98
N VAL B 100 36.14 10.23 39.02
CA VAL B 100 35.62 11.02 37.90
C VAL B 100 35.94 12.49 38.16
N GLY B 101 37.12 12.91 37.72
CA GLY B 101 37.50 14.31 37.74
C GLY B 101 37.74 14.90 39.11
N LYS B 102 38.64 14.28 39.88
CA LYS B 102 38.96 14.78 41.21
C LYS B 102 40.40 15.22 41.35
N LYS B 103 41.36 14.38 40.96
CA LYS B 103 42.80 14.60 41.14
C LYS B 103 43.13 14.84 42.62
N SER B 104 42.99 13.75 43.40
CA SER B 104 42.89 13.70 44.86
C SER B 104 43.86 14.58 45.66
N SER B 105 45.01 14.92 45.08
CA SER B 105 45.86 15.94 45.68
C SER B 105 45.54 17.34 45.12
N SER B 106 44.26 17.68 45.13
CA SER B 106 43.74 18.99 44.71
C SER B 106 42.29 19.08 45.19
N SER B 107 41.58 20.11 44.75
CA SER B 107 40.16 20.25 45.04
C SER B 107 39.31 20.19 43.78
N THR B 108 39.54 21.07 42.81
CA THR B 108 38.83 21.05 41.54
C THR B 108 39.70 21.71 40.47
N LYS B 109 39.76 21.08 39.30
CA LYS B 109 40.62 21.50 38.19
C LYS B 109 39.97 21.11 36.88
N ASP B 110 40.19 21.92 35.84
CA ASP B 110 40.27 21.42 34.46
C ASP B 110 39.01 20.72 33.97
N TYR B 111 37.98 21.48 33.51
CA TYR B 111 36.56 21.49 33.91
C TYR B 111 36.37 22.55 35.00
N LEU B 112 36.91 23.73 34.73
CA LEU B 112 36.41 24.97 35.29
C LEU B 112 35.34 25.61 34.40
N THR B 113 35.18 25.12 33.17
CA THR B 113 34.35 25.78 32.18
C THR B 113 32.86 25.54 32.43
N PRO B 114 32.00 26.51 32.15
CA PRO B 114 30.56 26.31 32.31
C PRO B 114 29.99 25.50 31.16
N PRO B 115 28.75 24.99 31.28
CA PRO B 115 28.10 24.38 30.12
C PRO B 115 27.58 25.38 29.11
N HIS B 116 27.48 26.66 29.47
CA HIS B 116 27.05 27.66 28.50
C HIS B 116 28.19 28.02 27.55
N GLU B 117 29.43 27.96 28.03
CA GLU B 117 30.59 28.03 27.14
C GLU B 117 30.64 26.82 26.21
N CYS B 118 30.18 25.67 26.68
CA CYS B 118 30.09 24.45 25.89
C CYS B 118 28.82 24.36 25.07
N ARG B 119 28.16 25.48 24.78
CA ARG B 119 26.94 25.48 23.98
C ARG B 119 27.03 26.41 22.77
N LEU B 120 27.67 27.56 22.93
CA LEU B 120 27.90 28.50 21.85
C LEU B 120 29.18 28.20 21.08
N ARG B 121 29.95 27.22 21.51
CA ARG B 121 31.25 26.90 20.92
C ARG B 121 31.22 25.57 20.16
N ASP B 122 30.10 24.85 20.24
CA ASP B 122 29.93 23.48 19.71
C ASP B 122 31.00 22.54 20.25
N MET B 123 31.12 22.53 21.57
CA MET B 123 32.11 21.74 22.30
C MET B 123 31.39 20.95 23.39
N THR B 124 31.85 19.72 23.62
CA THR B 124 31.19 18.86 24.59
C THR B 124 31.51 19.30 26.02
N TYR B 125 30.64 18.92 26.93
CA TYR B 125 30.73 19.29 28.35
C TYR B 125 31.09 18.04 29.13
N SER B 126 32.26 18.06 29.78
CA SER B 126 32.90 16.84 30.23
C SER B 126 34.06 17.15 31.16
N ALA B 127 34.28 16.26 32.13
CA ALA B 127 35.44 16.31 33.03
C ALA B 127 36.22 15.02 32.90
N PRO B 128 37.55 15.09 32.77
CA PRO B 128 38.33 13.88 32.45
C PRO B 128 38.42 12.94 33.63
N ILE B 129 38.44 11.64 33.33
CA ILE B 129 38.46 10.61 34.36
C ILE B 129 39.87 10.06 34.49
N TYR B 130 40.21 9.63 35.70
CA TYR B 130 41.59 9.38 36.09
C TYR B 130 41.73 7.98 36.66
N VAL B 131 42.84 7.32 36.30
CA VAL B 131 43.14 5.96 36.72
C VAL B 131 44.56 5.93 37.27
N ASP B 132 44.74 5.34 38.46
CA ASP B 132 46.07 5.05 38.96
C ASP B 132 46.42 3.60 38.63
N ILE B 133 47.62 3.39 38.10
CA ILE B 133 48.08 2.08 37.66
C ILE B 133 49.38 1.72 38.37
N GLU B 134 49.57 0.41 38.58
CA GLU B 134 50.63 -0.10 39.45
C GLU B 134 51.42 -1.19 38.75
N TYR B 135 51.90 -0.92 37.54
CA TYR B 135 52.66 -1.89 36.77
C TYR B 135 54.06 -2.09 37.36
N THR B 136 54.79 -3.04 36.77
CA THR B 136 56.19 -3.29 37.10
C THR B 136 56.99 -3.30 35.80
N ARG B 137 58.07 -2.51 35.74
CA ARG B 137 58.88 -2.53 34.53
C ARG B 137 60.31 -3.07 34.72
N GLY B 138 61.13 -2.44 35.56
CA GLY B 138 62.51 -2.86 35.72
C GLY B 138 62.84 -3.55 37.04
N ARG B 139 62.44 -2.91 38.14
CA ARG B 139 62.83 -3.31 39.48
C ARG B 139 61.66 -3.74 40.33
N ASN B 140 60.59 -4.20 39.68
CA ASN B 140 59.28 -4.66 40.19
C ASN B 140 58.78 -3.92 41.43
N ILE B 141 58.85 -2.60 41.40
CA ILE B 141 58.27 -1.73 42.42
C ILE B 141 57.02 -1.08 41.84
N ILE B 142 55.90 -1.21 42.53
CA ILE B 142 54.64 -0.64 42.09
C ILE B 142 54.66 0.87 42.26
N MET B 143 54.65 1.59 41.14
CA MET B 143 54.82 3.03 41.13
C MET B 143 53.46 3.72 40.94
N HIS B 144 53.24 4.80 41.68
CA HIS B 144 52.02 5.58 41.58
C HIS B 144 52.16 6.69 40.54
N LYS B 145 51.17 6.80 39.67
CA LYS B 145 51.09 7.93 38.75
C LYS B 145 49.64 8.12 38.32
N ASP B 146 49.19 9.37 38.29
CA ASP B 146 47.86 9.73 37.81
C ASP B 146 47.84 9.63 36.29
N VAL B 147 46.92 8.84 35.73
CA VAL B 147 46.80 8.64 34.30
C VAL B 147 45.38 9.01 33.87
N GLU B 148 45.27 9.98 32.95
CA GLU B 148 44.02 10.28 32.29
C GLU B 148 43.79 9.31 31.15
N ILE B 149 42.64 8.64 31.13
CA ILE B 149 42.35 7.63 30.12
C ILE B 149 41.19 8.01 29.21
N GLY B 150 40.22 8.80 29.69
CA GLY B 150 39.04 9.09 28.90
C GLY B 150 38.49 10.49 29.11
N ARG B 151 37.28 10.75 28.61
CA ARG B 151 36.70 12.09 28.70
C ARG B 151 35.37 12.10 29.43
N MET B 152 34.41 11.22 29.08
CA MET B 152 33.18 10.94 29.83
C MET B 152 32.30 12.17 30.13
N PRO B 153 31.43 12.58 29.21
CA PRO B 153 30.57 13.74 29.44
C PRO B 153 29.64 13.60 30.64
N ILE B 154 29.60 14.64 31.48
CA ILE B 154 28.78 14.67 32.69
C ILE B 154 27.54 15.52 32.43
N MET B 155 26.37 14.96 32.71
CA MET B 155 25.12 15.69 32.60
C MET B 155 24.99 16.75 33.69
N LEU B 156 24.14 17.74 33.41
CA LEU B 156 24.09 18.94 34.21
C LEU B 156 23.39 18.69 35.55
N ARG B 157 23.83 19.45 36.57
CA ARG B 157 23.35 19.40 37.94
C ARG B 157 23.48 18.00 38.54
N SER B 158 24.71 17.51 38.58
CA SER B 158 25.06 16.25 39.19
C SER B 158 26.00 16.52 40.35
N ASN B 159 26.55 15.44 40.92
CA ASN B 159 27.55 15.60 41.97
C ASN B 159 28.85 16.14 41.39
N LYS B 160 29.27 15.64 40.23
CA LYS B 160 30.47 16.11 39.55
C LYS B 160 30.15 17.20 38.54
N CYS B 161 29.43 18.23 38.97
CA CYS B 161 29.04 19.32 38.10
C CYS B 161 29.31 20.64 38.80
N ILE B 162 29.29 21.73 38.02
CA ILE B 162 29.57 23.04 38.56
C ILE B 162 28.28 23.74 39.01
N LEU B 163 27.13 23.34 38.51
CA LEU B 163 25.84 23.92 38.89
C LEU B 163 25.34 23.40 40.23
N TYR B 164 26.04 22.46 40.85
CA TYR B 164 25.67 21.98 42.18
C TYR B 164 25.95 23.07 43.20
N ASP B 165 24.95 23.35 44.05
CA ASP B 165 24.98 24.38 45.09
C ASP B 165 25.25 25.77 44.49
N ALA B 166 24.29 26.21 43.68
CA ALA B 166 24.32 27.54 43.08
C ALA B 166 23.00 28.24 43.35
N ASP B 167 23.07 29.52 43.71
CA ASP B 167 21.85 30.27 44.06
C ASP B 167 22.11 31.75 43.86
N GLU B 168 21.46 32.33 42.83
CA GLU B 168 21.16 33.75 42.67
C GLU B 168 22.39 34.62 42.31
N SER B 169 23.57 34.08 42.45
CA SER B 169 24.77 34.85 42.11
C SER B 169 25.71 34.07 41.19
N LYS B 170 25.79 32.76 41.35
CA LYS B 170 26.68 31.96 40.54
C LYS B 170 26.03 31.54 39.22
N MET B 171 24.69 31.42 39.20
CA MET B 171 24.00 31.13 37.95
C MET B 171 24.02 32.32 37.00
N ALA B 172 23.96 33.54 37.53
CA ALA B 172 24.04 34.71 36.68
C ALA B 172 25.46 34.99 36.20
N LYS B 173 26.46 34.66 37.01
CA LYS B 173 27.85 34.87 36.61
C LYS B 173 28.26 33.84 35.56
N LEU B 174 27.79 32.61 35.71
CA LEU B 174 28.11 31.54 34.76
C LEU B 174 27.09 31.47 33.63
N ASN B 175 26.18 32.45 33.56
CA ASN B 175 25.31 32.74 32.41
C ASN B 175 24.35 31.58 32.12
N GLU B 176 23.55 31.24 33.12
CA GLU B 176 22.57 30.17 32.96
C GLU B 176 21.37 30.42 33.87
N CYS B 177 20.18 30.11 33.36
CA CYS B 177 18.95 30.29 34.11
C CYS B 177 18.89 29.33 35.29
N PRO B 178 18.55 29.80 36.50
CA PRO B 178 18.45 28.91 37.65
C PRO B 178 17.12 28.19 37.79
N LEU B 179 16.28 28.21 36.76
CA LEU B 179 14.94 27.65 36.85
C LEU B 179 14.74 26.46 35.91
N ASP B 180 15.70 26.16 35.04
CA ASP B 180 15.60 25.00 34.18
C ASP B 180 15.75 23.71 35.00
N PRO B 181 15.14 22.60 34.54
CA PRO B 181 15.24 21.36 35.33
C PRO B 181 16.61 20.72 35.28
N GLY B 182 17.39 20.96 34.24
CA GLY B 182 18.63 20.24 34.09
C GLY B 182 18.35 18.82 33.63
N GLY B 183 19.18 17.89 34.11
CA GLY B 183 18.96 16.50 33.84
C GLY B 183 19.32 16.02 32.45
N TYR B 184 20.05 16.83 31.69
CA TYR B 184 20.33 16.52 30.28
C TYR B 184 21.83 16.57 30.03
N PHE B 185 22.23 15.87 28.99
CA PHE B 185 23.59 15.93 28.46
C PHE B 185 23.68 16.99 27.38
N ILE B 186 24.90 17.44 27.11
CA ILE B 186 25.16 18.36 26.00
C ILE B 186 26.46 17.96 25.32
N VAL B 187 26.34 17.37 24.13
CA VAL B 187 27.49 16.93 23.35
C VAL B 187 27.38 17.53 21.95
N ASN B 188 28.53 17.97 21.42
CA ASN B 188 28.66 18.60 20.10
C ASN B 188 27.75 19.82 19.96
N GLY B 189 27.67 20.62 21.01
CA GLY B 189 26.86 21.83 21.00
C GLY B 189 25.40 21.68 21.36
N THR B 190 24.72 20.72 20.72
CA THR B 190 23.31 20.51 21.02
C THR B 190 23.15 19.80 22.36
N GLU B 191 21.97 19.95 22.94
CA GLU B 191 21.65 19.31 24.21
C GLU B 191 20.73 18.13 23.97
N LYS B 192 21.02 17.02 24.64
CA LYS B 192 20.31 15.77 24.41
C LYS B 192 20.02 15.09 25.74
N VAL B 193 18.86 14.45 25.79
CA VAL B 193 18.40 13.74 26.97
C VAL B 193 18.55 12.25 26.70
N ILE B 194 18.33 11.45 27.73
CA ILE B 194 18.17 10.01 27.57
C ILE B 194 16.76 9.67 28.02
N LEU B 195 15.92 9.27 27.07
CA LEU B 195 14.56 8.84 27.40
C LEU B 195 14.62 7.55 28.20
N VAL B 196 13.98 7.54 29.35
CA VAL B 196 14.03 6.36 30.21
C VAL B 196 13.19 5.25 29.61
N GLN B 197 13.81 4.07 29.45
CA GLN B 197 13.16 2.91 28.85
C GLN B 197 12.59 2.02 29.93
N GLU B 198 11.41 1.46 29.68
CA GLU B 198 10.87 0.42 30.54
C GLU B 198 11.03 -0.92 29.84
N GLN B 199 11.00 -1.99 30.64
CA GLN B 199 11.07 -3.34 30.13
C GLN B 199 10.08 -4.19 30.92
N LEU B 200 10.06 -5.48 30.66
CA LEU B 200 9.35 -6.39 31.53
C LEU B 200 10.23 -6.76 32.72
N SER B 201 9.62 -7.42 33.70
CA SER B 201 10.37 -7.91 34.85
C SER B 201 11.29 -9.04 34.42
N LYS B 202 12.55 -8.97 34.82
CA LYS B 202 13.53 -9.94 34.34
C LYS B 202 13.38 -11.28 35.04
N ASN B 203 13.63 -11.32 36.35
CA ASN B 203 13.78 -12.59 37.06
C ASN B 203 12.43 -13.08 37.61
N ARG B 204 11.45 -13.18 36.71
CA ARG B 204 10.11 -13.60 37.09
C ARG B 204 9.58 -14.70 36.17
N ILE B 205 8.30 -15.01 36.32
CA ILE B 205 7.62 -16.02 35.51
C ILE B 205 6.39 -15.36 34.87
N ILE B 206 6.34 -15.36 33.55
CA ILE B 206 5.19 -14.85 32.80
C ILE B 206 4.41 -16.05 32.27
N VAL B 207 3.09 -16.03 32.45
CA VAL B 207 2.25 -17.19 32.19
C VAL B 207 1.21 -16.78 31.15
N GLU B 208 1.61 -15.94 30.19
CA GLU B 208 0.68 -15.49 29.16
C GLU B 208 0.25 -16.64 28.26
N ALA B 209 -1.06 -16.74 28.03
CA ALA B 209 -1.67 -17.92 27.42
C ALA B 209 -2.26 -17.58 26.06
N ASP B 210 -2.85 -18.61 25.44
CA ASP B 210 -3.46 -18.49 24.12
C ASP B 210 -4.53 -19.57 24.00
N GLU B 211 -5.58 -19.27 23.23
CA GLU B 211 -6.69 -20.21 23.14
C GLU B 211 -6.53 -21.20 21.99
N LYS B 212 -6.16 -20.71 20.80
CA LYS B 212 -6.01 -21.60 19.64
C LYS B 212 -4.78 -22.47 19.77
N LYS B 213 -3.61 -21.85 19.83
CA LYS B 213 -2.39 -22.55 20.20
C LYS B 213 -2.42 -22.84 21.70
N GLY B 214 -1.72 -23.90 22.10
CA GLY B 214 -1.66 -24.27 23.51
C GLY B 214 -1.01 -23.20 24.37
N ILE B 215 -1.34 -23.26 25.66
CA ILE B 215 -1.05 -22.15 26.56
C ILE B 215 0.44 -22.12 26.91
N VAL B 216 1.00 -20.92 26.94
CA VAL B 216 2.43 -20.70 26.93
C VAL B 216 2.86 -20.27 28.33
N GLN B 217 4.12 -20.55 28.68
CA GLN B 217 4.70 -20.00 29.90
C GLN B 217 6.19 -19.78 29.64
N ALA B 218 6.69 -18.60 29.99
CA ALA B 218 8.04 -18.19 29.70
C ALA B 218 8.67 -17.52 30.92
N SER B 219 9.99 -17.35 30.86
CA SER B 219 10.72 -16.66 31.91
C SER B 219 12.03 -16.13 31.30
N VAL B 220 12.14 -14.82 31.15
CA VAL B 220 13.39 -14.21 30.70
C VAL B 220 14.35 -14.18 31.89
N THR B 221 15.61 -13.85 31.63
CA THR B 221 16.60 -13.70 32.70
C THR B 221 17.63 -12.67 32.24
N SER B 222 18.77 -12.64 32.93
CA SER B 222 19.85 -11.73 32.60
C SER B 222 21.14 -12.24 33.22
N SER B 223 22.23 -12.27 32.44
CA SER B 223 23.55 -12.55 32.97
C SER B 223 24.42 -11.32 32.71
N THR B 224 24.22 -10.30 33.56
CA THR B 224 25.01 -9.10 33.80
C THR B 224 25.07 -8.11 32.64
N HIS B 225 24.82 -8.53 31.39
CA HIS B 225 24.47 -7.59 30.32
C HIS B 225 23.52 -8.18 29.28
N GLU B 226 23.39 -9.50 29.21
CA GLU B 226 22.55 -10.11 28.18
C GLU B 226 21.16 -10.42 28.72
N ARG B 227 20.36 -11.13 27.93
CA ARG B 227 19.05 -11.59 28.34
C ARG B 227 18.98 -13.11 28.42
N LYS B 228 19.22 -13.81 27.31
CA LYS B 228 19.00 -15.25 27.14
C LYS B 228 17.60 -15.67 27.60
N SER B 229 16.61 -15.19 26.85
CA SER B 229 15.22 -15.53 27.13
C SER B 229 14.95 -17.00 26.81
N LYS B 230 13.85 -17.50 27.36
CA LYS B 230 13.39 -18.84 27.05
C LYS B 230 11.87 -18.89 27.14
N THR B 231 11.29 -19.84 26.41
CA THR B 231 9.84 -20.01 26.31
C THR B 231 9.60 -21.52 26.40
N TYR B 232 8.35 -21.96 26.20
CA TYR B 232 8.01 -23.27 25.64
C TYR B 232 6.55 -23.28 25.21
N VAL B 233 6.29 -23.82 24.03
CA VAL B 233 4.94 -24.06 23.56
C VAL B 233 4.59 -25.50 23.92
N ILE B 234 3.29 -25.80 23.96
CA ILE B 234 2.81 -27.11 24.36
C ILE B 234 2.02 -27.72 23.21
N THR B 235 2.30 -28.99 22.91
CA THR B 235 1.65 -29.74 21.85
C THR B 235 1.24 -31.12 22.36
N LYS B 236 0.39 -31.79 21.58
CA LYS B 236 -0.09 -33.16 21.83
C LYS B 236 -0.78 -33.26 23.19
N ASN B 237 -1.94 -32.58 23.26
CA ASN B 237 -2.94 -32.50 24.33
C ASN B 237 -2.37 -32.50 25.75
N GLY B 238 -1.26 -31.77 25.93
CA GLY B 238 -0.58 -31.66 27.20
C GLY B 238 0.73 -32.42 27.22
N LYS B 239 1.83 -31.73 26.93
CA LYS B 239 3.18 -32.27 26.99
C LYS B 239 4.07 -31.07 27.31
N ILE B 240 4.59 -31.00 28.54
CA ILE B 240 5.40 -29.86 28.95
C ILE B 240 6.80 -30.02 28.37
N TYR B 241 7.25 -29.01 27.61
CA TYR B 241 8.58 -29.01 27.02
C TYR B 241 9.43 -27.87 27.61
N LEU B 242 10.66 -27.75 27.11
CA LEU B 242 11.67 -26.80 27.57
C LEU B 242 12.34 -26.12 26.39
N LYS B 243 11.55 -25.54 25.49
CA LYS B 243 12.03 -24.91 24.25
C LYS B 243 13.04 -23.79 24.48
N HIS B 244 14.29 -24.03 24.10
CA HIS B 244 15.36 -23.07 24.30
C HIS B 244 16.13 -22.94 22.99
N ASN B 245 16.60 -21.72 22.70
CA ASN B 245 17.28 -21.47 21.44
C ASN B 245 18.66 -22.12 21.36
N SER B 246 19.27 -22.44 22.50
CA SER B 246 20.56 -23.10 22.54
C SER B 246 20.45 -24.62 22.63
N ILE B 247 19.30 -25.19 22.27
CA ILE B 247 19.12 -26.63 22.28
C ILE B 247 18.14 -26.98 21.15
N ALA B 248 18.26 -28.20 20.62
CA ALA B 248 17.77 -28.48 19.26
C ALA B 248 16.27 -28.39 19.03
N GLU B 249 15.48 -29.33 19.55
CA GLU B 249 14.05 -29.32 19.24
C GLU B 249 13.15 -29.24 20.46
N GLU B 250 13.16 -30.25 21.33
CA GLU B 250 12.13 -30.45 22.34
C GLU B 250 12.67 -31.40 23.40
N ILE B 251 12.44 -31.07 24.67
CA ILE B 251 12.88 -31.90 25.79
C ILE B 251 11.72 -32.01 26.78
N PRO B 252 11.28 -33.21 27.13
CA PRO B 252 10.16 -33.34 28.07
C PRO B 252 10.54 -32.92 29.48
N ILE B 253 9.49 -32.69 30.29
CA ILE B 253 9.67 -32.19 31.65
C ILE B 253 10.16 -33.29 32.59
N ALA B 254 9.93 -34.55 32.25
CA ALA B 254 10.22 -35.64 33.19
C ALA B 254 11.72 -35.91 33.31
N ILE B 255 12.49 -35.56 32.28
CA ILE B 255 13.93 -35.79 32.33
C ILE B 255 14.70 -34.57 32.82
N VAL B 256 14.13 -33.37 32.74
CA VAL B 256 14.80 -32.18 33.25
C VAL B 256 14.82 -32.21 34.77
N LEU B 257 13.74 -32.68 35.39
CA LEU B 257 13.73 -32.85 36.84
C LEU B 257 14.62 -34.01 37.28
N LYS B 258 14.86 -34.99 36.41
CA LYS B 258 15.77 -36.08 36.76
C LYS B 258 17.22 -35.74 36.43
N ALA B 259 17.47 -34.91 35.42
CA ALA B 259 18.82 -34.41 35.18
C ALA B 259 19.19 -33.29 36.14
N CYS B 260 18.20 -32.64 36.74
CA CYS B 260 18.41 -31.54 37.69
C CYS B 260 17.42 -31.79 38.82
N GLY B 261 17.86 -32.50 39.85
CA GLY B 261 17.07 -32.68 41.05
C GLY B 261 16.63 -34.09 41.38
N ILE B 262 15.31 -34.28 41.50
CA ILE B 262 14.75 -35.47 42.12
C ILE B 262 14.44 -36.52 41.07
N LEU B 263 14.69 -37.79 41.42
CA LEU B 263 14.40 -38.93 40.56
C LEU B 263 13.45 -39.91 41.22
N SER B 264 12.78 -39.49 42.30
CA SER B 264 11.96 -40.41 43.08
C SER B 264 10.68 -40.81 42.37
N ASP B 265 10.12 -39.91 41.56
CA ASP B 265 8.87 -40.09 40.79
C ASP B 265 7.67 -40.40 41.70
N LEU B 266 7.74 -39.99 42.96
CA LEU B 266 6.63 -40.02 43.91
C LEU B 266 6.31 -38.62 44.43
N GLU B 267 7.34 -37.88 44.84
CA GLU B 267 7.16 -36.51 45.26
C GLU B 267 6.90 -35.60 44.05
N ILE B 268 7.28 -36.04 42.85
CA ILE B 268 7.05 -35.26 41.63
C ILE B 268 5.55 -35.15 41.34
N MET B 269 4.79 -36.21 41.66
CA MET B 269 3.33 -36.13 41.58
C MET B 269 2.71 -35.45 42.85
N GLN B 270 3.54 -34.78 43.64
CA GLN B 270 3.07 -33.85 44.65
C GLN B 270 3.81 -32.51 44.60
N LEU B 271 5.02 -32.47 44.02
CA LEU B 271 5.75 -31.20 43.92
C LEU B 271 5.14 -30.28 42.87
N VAL B 272 4.62 -30.84 41.78
CA VAL B 272 3.97 -30.05 40.74
C VAL B 272 2.49 -30.35 40.61
N CYS B 273 1.92 -31.14 41.52
CA CYS B 273 0.53 -31.56 41.38
C CYS B 273 -0.35 -31.16 42.56
N GLY B 274 0.23 -30.78 43.70
CA GLY B 274 -0.63 -30.62 44.86
C GLY B 274 -1.00 -31.98 45.41
N ASN B 275 -2.07 -32.00 46.20
CA ASN B 275 -2.50 -33.23 46.86
C ASN B 275 -3.39 -34.08 45.95
N ASP B 276 -4.59 -33.57 45.64
CA ASP B 276 -5.61 -34.43 45.04
C ASP B 276 -6.42 -33.79 43.91
N SER B 277 -6.52 -32.46 43.84
CA SER B 277 -7.69 -31.76 43.27
C SER B 277 -7.97 -32.04 41.79
N SER B 278 -7.15 -31.54 40.89
CA SER B 278 -7.38 -31.78 39.47
C SER B 278 -6.12 -31.98 38.66
N TYR B 279 -4.94 -31.99 39.28
CA TYR B 279 -3.69 -31.92 38.54
C TYR B 279 -3.08 -33.30 38.28
N GLN B 280 -3.68 -34.34 38.86
CA GLN B 280 -3.16 -35.70 38.76
C GLN B 280 -3.25 -36.21 37.33
N ASP B 281 -4.45 -36.18 36.76
CA ASP B 281 -4.64 -36.64 35.38
C ASP B 281 -4.03 -35.69 34.36
N ILE B 282 -3.81 -34.43 34.72
CA ILE B 282 -3.15 -33.49 33.82
C ILE B 282 -1.67 -33.80 33.72
N PHE B 283 -1.01 -34.04 34.86
CA PHE B 283 0.42 -34.28 34.84
C PHE B 283 0.79 -35.74 34.56
N ALA B 284 -0.18 -36.67 34.68
CA ALA B 284 0.12 -38.10 34.54
C ALA B 284 0.54 -38.49 33.13
N VAL B 285 0.21 -37.69 32.12
CA VAL B 285 0.68 -37.97 30.76
C VAL B 285 2.15 -37.62 30.56
N ASN B 286 2.77 -36.88 31.49
CA ASN B 286 4.15 -36.45 31.36
C ASN B 286 5.14 -37.45 31.93
N LEU B 287 4.66 -38.42 32.70
CA LEU B 287 5.52 -39.46 33.26
C LEU B 287 5.57 -40.71 32.39
N GLU B 288 4.69 -40.81 31.39
CA GLU B 288 4.77 -41.89 30.41
C GLU B 288 6.01 -41.78 29.55
N GLU B 289 6.52 -40.56 29.34
CA GLU B 289 7.74 -40.37 28.56
C GLU B 289 8.98 -40.82 29.31
N SER B 290 8.94 -40.87 30.64
CA SER B 290 10.07 -41.32 31.43
C SER B 290 10.10 -42.83 31.61
N SER B 291 8.93 -43.49 31.60
CA SER B 291 8.86 -44.94 31.66
C SER B 291 8.91 -45.58 30.28
N LYS B 292 9.37 -44.86 29.27
CA LYS B 292 9.42 -45.38 27.90
C LYS B 292 10.80 -45.15 27.32
N LEU B 293 11.48 -44.09 27.73
CA LEU B 293 12.77 -43.73 27.16
C LEU B 293 13.90 -43.65 28.18
N ASP B 294 13.66 -43.09 29.36
CA ASP B 294 14.75 -42.64 30.23
C ASP B 294 14.28 -42.64 31.69
N ILE B 295 14.81 -43.59 32.47
CA ILE B 295 14.26 -43.86 33.80
C ILE B 295 15.20 -43.44 34.93
N TYR B 296 16.48 -43.22 34.66
CA TYR B 296 17.41 -42.97 35.76
C TYR B 296 18.22 -41.68 35.60
N THR B 297 19.26 -41.54 36.41
CA THR B 297 20.03 -40.32 36.60
C THR B 297 21.03 -40.05 35.47
N GLN B 298 22.00 -39.17 35.76
CA GLN B 298 23.00 -38.55 34.87
C GLN B 298 23.56 -39.41 33.76
N GLN B 299 23.76 -40.71 34.02
CA GLN B 299 24.26 -41.63 33.01
C GLN B 299 23.24 -41.94 31.90
N GLN B 300 22.01 -41.45 32.00
CA GLN B 300 21.13 -41.29 30.85
C GLN B 300 20.50 -39.91 30.77
N ALA B 301 20.35 -39.22 31.91
CA ALA B 301 19.61 -37.96 31.95
C ALA B 301 20.41 -36.83 31.32
N LEU B 302 21.64 -36.60 31.79
CA LEU B 302 22.49 -35.60 31.17
C LEU B 302 23.03 -36.02 29.82
N GLU B 303 23.02 -37.32 29.50
CA GLU B 303 23.44 -37.75 28.17
C GLU B 303 22.37 -37.48 27.13
N TYR B 304 21.10 -37.41 27.54
CA TYR B 304 20.04 -37.04 26.62
C TYR B 304 20.08 -35.55 26.27
N ILE B 305 20.59 -34.73 27.18
CA ILE B 305 20.67 -33.29 26.95
C ILE B 305 21.98 -32.93 26.26
N GLY B 306 23.09 -33.52 26.69
CA GLY B 306 24.40 -33.14 26.18
C GLY B 306 24.63 -33.52 24.73
N ALA B 307 24.01 -34.60 24.27
CA ALA B 307 24.05 -34.94 22.86
C ALA B 307 23.13 -34.08 22.02
N LYS B 308 22.22 -33.33 22.65
CA LYS B 308 21.27 -32.48 21.98
C LYS B 308 21.60 -31.00 22.08
N VAL B 309 22.22 -30.57 23.19
CA VAL B 309 22.58 -29.16 23.37
C VAL B 309 23.80 -28.86 22.52
N LYS B 310 23.92 -27.60 22.08
CA LYS B 310 25.14 -27.15 21.40
C LYS B 310 25.36 -25.67 21.67
N THR B 311 26.51 -25.36 22.27
CA THR B 311 27.08 -24.02 22.25
C THR B 311 28.46 -24.05 21.61
N MET B 312 29.37 -24.86 22.15
CA MET B 312 30.59 -25.45 21.59
C MET B 312 31.69 -24.47 21.20
N ARG B 313 31.43 -23.16 21.23
CA ARG B 313 32.42 -22.09 21.40
C ARG B 313 33.47 -21.95 20.27
N ARG B 314 33.50 -22.92 19.33
CA ARG B 314 34.65 -23.32 18.51
C ARG B 314 35.88 -23.70 19.36
N GLN B 315 35.66 -24.05 20.63
CA GLN B 315 36.69 -24.45 21.58
C GLN B 315 36.04 -25.43 22.57
N LYS B 316 36.87 -26.25 23.22
CA LYS B 316 36.48 -27.18 24.29
C LYS B 316 35.42 -28.16 23.77
N LEU B 317 35.86 -28.99 22.83
CA LEU B 317 34.95 -29.86 22.08
C LEU B 317 34.72 -31.19 22.77
N THR B 318 35.78 -31.99 22.96
CA THR B 318 35.64 -33.33 23.51
C THR B 318 35.54 -33.21 25.03
N ILE B 319 34.33 -32.92 25.51
CA ILE B 319 34.07 -32.75 26.93
C ILE B 319 32.81 -33.54 27.26
N LEU B 320 32.34 -34.33 26.31
CA LEU B 320 31.06 -35.01 26.40
C LEU B 320 31.19 -36.32 27.21
N GLN B 321 30.10 -36.78 27.84
CA GLN B 321 28.83 -36.08 28.15
C GLN B 321 28.22 -36.46 29.50
N GLU B 322 28.89 -37.32 30.28
CA GLU B 322 28.18 -38.14 31.27
C GLU B 322 27.76 -37.35 32.52
N GLY B 323 28.70 -36.76 33.24
CA GLY B 323 28.40 -35.91 34.37
C GLY B 323 29.16 -34.61 34.21
N ILE B 324 30.19 -34.68 33.37
CA ILE B 324 30.96 -33.53 32.92
C ILE B 324 30.14 -32.87 31.81
N GLU B 325 30.53 -31.66 31.42
CA GLU B 325 29.72 -30.66 30.70
C GLU B 325 28.29 -30.57 31.26
N ALA B 326 28.23 -30.20 32.55
CA ALA B 326 26.97 -29.90 33.21
C ALA B 326 26.58 -28.43 33.05
N ILE B 327 27.07 -27.76 32.01
CA ILE B 327 26.76 -26.36 31.78
C ILE B 327 25.31 -26.20 31.33
N ALA B 328 24.82 -27.16 30.53
CA ALA B 328 23.47 -27.09 29.96
C ALA B 328 22.37 -27.23 31.01
N THR B 329 22.68 -27.74 32.19
CA THR B 329 21.76 -27.74 33.31
C THR B 329 22.00 -26.57 34.26
N THR B 330 22.99 -25.73 33.99
CA THR B 330 23.22 -24.51 34.75
C THR B 330 23.06 -23.24 33.92
N VAL B 331 22.88 -23.36 32.60
CA VAL B 331 22.64 -22.20 31.75
C VAL B 331 21.16 -21.98 31.49
N ILE B 332 20.29 -22.78 32.12
CA ILE B 332 18.85 -22.73 31.87
C ILE B 332 18.21 -21.79 32.89
N ALA B 333 19.04 -21.06 33.63
CA ALA B 333 18.59 -19.96 34.49
C ALA B 333 19.78 -19.03 34.72
N HIS B 334 19.65 -18.15 35.72
CA HIS B 334 20.74 -17.33 36.22
C HIS B 334 21.28 -17.83 37.55
N LEU B 335 20.72 -18.92 38.08
CA LEU B 335 21.15 -19.46 39.36
C LEU B 335 22.42 -20.27 39.14
N THR B 336 23.57 -19.63 39.32
CA THR B 336 24.85 -20.27 39.16
C THR B 336 25.15 -21.13 40.39
N VAL B 337 25.50 -22.40 40.16
CA VAL B 337 25.87 -23.31 41.22
C VAL B 337 27.30 -23.77 40.99
N GLU B 338 27.95 -24.17 42.08
CA GLU B 338 29.32 -24.67 42.04
C GLU B 338 29.40 -26.14 42.41
N ALA B 339 28.91 -26.51 43.59
CA ALA B 339 28.93 -27.88 44.06
C ALA B 339 27.64 -28.58 43.66
N LEU B 340 27.36 -29.73 44.26
CA LEU B 340 26.08 -30.41 44.05
C LEU B 340 24.99 -29.84 44.93
N ASP B 341 24.79 -28.52 44.87
CA ASP B 341 23.75 -27.82 45.65
C ASP B 341 22.90 -27.01 44.68
N PHE B 342 21.92 -27.68 44.07
CA PHE B 342 21.00 -27.07 43.13
C PHE B 342 19.57 -27.53 43.40
N ARG B 343 19.28 -27.92 44.64
CA ARG B 343 17.92 -28.34 45.00
C ARG B 343 16.96 -27.17 44.96
N GLU B 344 17.42 -25.97 45.33
CA GLU B 344 16.62 -24.77 45.15
C GLU B 344 16.42 -24.44 43.69
N LYS B 345 17.44 -24.61 42.85
CA LYS B 345 17.33 -24.39 41.42
C LYS B 345 16.43 -25.42 40.74
N ALA B 346 16.55 -26.69 41.15
CA ALA B 346 15.66 -27.73 40.61
C ALA B 346 14.22 -27.50 41.04
N LEU B 347 14.01 -27.09 42.29
CA LEU B 347 12.66 -26.80 42.74
C LEU B 347 12.12 -25.50 42.13
N TYR B 348 13.01 -24.60 41.70
CA TYR B 348 12.57 -23.43 40.97
C TYR B 348 12.16 -23.78 39.54
N ILE B 349 12.83 -24.75 38.93
CA ILE B 349 12.36 -25.29 37.66
C ILE B 349 11.01 -25.99 37.86
N ALA B 350 10.84 -26.69 38.99
CA ALA B 350 9.59 -27.38 39.27
C ALA B 350 8.45 -26.41 39.57
N MET B 351 8.75 -25.23 40.12
CA MET B 351 7.73 -24.21 40.30
C MET B 351 7.46 -23.44 39.02
N MET B 352 8.41 -23.44 38.08
CA MET B 352 8.18 -22.85 36.77
C MET B 352 7.18 -23.68 35.97
N THR B 353 7.17 -24.99 36.17
CA THR B 353 6.25 -25.89 35.49
C THR B 353 5.05 -26.28 36.34
N ARG B 354 4.88 -25.69 37.51
CA ARG B 354 3.65 -25.91 38.28
C ARG B 354 2.56 -24.96 37.86
N ARG B 355 2.92 -23.72 37.51
CA ARG B 355 1.93 -22.72 37.13
C ARG B 355 1.33 -23.00 35.75
N VAL B 356 2.10 -23.66 34.87
CA VAL B 356 1.56 -24.06 33.58
C VAL B 356 0.55 -25.19 33.73
N VAL B 357 0.66 -25.97 34.81
CA VAL B 357 -0.36 -26.98 35.12
C VAL B 357 -1.56 -26.31 35.79
N MET B 358 -1.31 -25.33 36.66
CA MET B 358 -2.40 -24.62 37.33
C MET B 358 -3.24 -23.79 36.36
N ALA B 359 -2.64 -23.31 35.27
CA ALA B 359 -3.38 -22.55 34.26
C ALA B 359 -3.91 -23.45 33.15
N MET B 360 -4.55 -24.56 33.54
CA MET B 360 -5.31 -25.40 32.63
C MET B 360 -6.70 -25.72 33.18
N TYR B 361 -6.82 -25.94 34.49
CA TYR B 361 -8.10 -26.22 35.12
C TYR B 361 -8.80 -24.94 35.58
N ASN B 362 -8.04 -23.92 35.93
CA ASN B 362 -8.49 -22.65 36.47
C ASN B 362 -8.91 -21.73 35.32
N PRO B 363 -10.00 -20.97 35.47
CA PRO B 363 -10.16 -19.75 34.68
C PRO B 363 -8.97 -18.81 34.83
N LYS B 364 -8.87 -17.88 33.87
CA LYS B 364 -7.66 -17.62 33.09
C LYS B 364 -6.32 -17.89 33.80
N MET B 365 -6.12 -17.33 35.00
CA MET B 365 -4.92 -17.53 35.84
C MET B 365 -3.66 -17.23 35.04
N ILE B 366 -3.56 -15.98 34.59
CA ILE B 366 -2.50 -15.54 33.71
C ILE B 366 -1.89 -14.25 34.26
N ASP B 367 -0.63 -14.04 33.91
CA ASP B 367 0.04 -12.77 34.15
C ASP B 367 0.11 -12.02 32.83
N ASP B 368 -0.48 -10.83 32.80
CA ASP B 368 -0.53 -10.06 31.57
C ASP B 368 0.62 -9.06 31.48
N ARG B 369 0.98 -8.71 30.26
CA ARG B 369 2.03 -7.72 30.02
C ARG B 369 1.45 -6.30 29.89
N ASP B 370 0.56 -5.98 30.82
CA ASP B 370 -0.11 -4.68 30.88
C ASP B 370 0.00 -4.15 32.30
N TYR B 371 0.04 -5.07 33.26
CA TYR B 371 0.12 -4.73 34.67
C TYR B 371 1.50 -4.15 34.97
N VAL B 372 1.54 -2.99 35.62
CA VAL B 372 2.79 -2.27 35.80
C VAL B 372 3.54 -2.74 37.05
N GLY B 373 3.03 -3.79 37.70
CA GLY B 373 3.84 -4.52 38.63
C GLY B 373 4.73 -5.55 37.99
N ASN B 374 4.50 -5.85 36.71
CA ASN B 374 5.33 -6.74 35.93
C ASN B 374 6.30 -5.98 35.03
N LYS B 375 6.52 -4.70 35.29
CA LYS B 375 7.34 -3.86 34.43
C LYS B 375 8.33 -3.08 35.28
N ARG B 376 9.62 -3.30 35.02
CA ARG B 376 10.67 -2.44 35.54
C ARG B 376 11.12 -1.46 34.45
N LEU B 377 12.01 -0.56 34.83
CA LEU B 377 12.48 0.44 33.88
C LEU B 377 13.95 0.75 34.13
N GLU B 378 14.70 0.92 33.03
CA GLU B 378 16.14 1.15 33.07
C GLU B 378 16.39 2.64 32.93
N LEU B 379 17.15 3.21 33.87
CA LEU B 379 17.34 4.65 33.96
C LEU B 379 18.45 5.08 33.02
N ALA B 380 18.93 6.32 33.18
CA ALA B 380 20.02 6.82 32.34
C ALA B 380 21.36 6.22 32.76
N GLY B 381 21.60 6.10 34.06
CA GLY B 381 22.84 5.54 34.54
C GLY B 381 22.94 4.04 34.27
N GLN B 382 21.83 3.32 34.43
CA GLN B 382 21.80 1.89 34.13
C GLN B 382 21.94 1.60 32.64
N LEU B 383 21.63 2.58 31.79
CA LEU B 383 21.79 2.42 30.35
C LEU B 383 23.18 2.84 29.88
N ILE B 384 23.80 3.81 30.55
CA ILE B 384 25.16 4.21 30.19
C ILE B 384 26.19 3.28 30.80
N SER B 385 25.83 2.54 31.85
CA SER B 385 26.78 1.65 32.53
C SER B 385 27.20 0.49 31.65
N LEU B 386 26.25 -0.11 30.92
CA LEU B 386 26.57 -1.26 30.09
C LEU B 386 27.45 -0.86 28.91
N LEU B 387 27.20 0.31 28.32
CA LEU B 387 28.05 0.75 27.22
C LEU B 387 29.42 1.20 27.70
N PHE B 388 29.52 1.78 28.90
CA PHE B 388 30.84 2.10 29.43
C PHE B 388 31.63 0.84 29.77
N GLU B 389 30.93 -0.20 30.26
CA GLU B 389 31.58 -1.47 30.53
C GLU B 389 32.08 -2.13 29.25
N ASP B 390 31.26 -2.11 28.20
CA ASP B 390 31.66 -2.71 26.93
C ASP B 390 32.78 -1.94 26.26
N LEU B 391 32.77 -0.61 26.36
CA LEU B 391 33.87 0.17 25.80
C LEU B 391 35.14 0.06 26.63
N PHE B 392 35.02 -0.15 27.95
CA PHE B 392 36.22 -0.39 28.75
C PHE B 392 36.81 -1.77 28.46
N LYS B 393 35.97 -2.76 28.18
CA LYS B 393 36.50 -4.07 27.80
C LYS B 393 37.03 -4.09 26.37
N LYS B 394 36.52 -3.22 25.50
CA LYS B 394 37.15 -3.04 24.18
C LYS B 394 38.46 -2.27 24.30
N PHE B 395 38.54 -1.35 25.26
CA PHE B 395 39.80 -0.70 25.60
C PHE B 395 40.80 -1.68 26.21
N ASN B 396 40.30 -2.74 26.86
CA ASN B 396 41.17 -3.65 27.60
C ASN B 396 41.93 -4.57 26.65
N ASN B 397 41.22 -5.23 25.73
CA ASN B 397 41.89 -6.18 24.83
C ASN B 397 42.64 -5.49 23.70
N ASP B 398 42.28 -4.27 23.33
CA ASP B 398 43.09 -3.51 22.38
C ASP B 398 44.35 -2.97 23.03
N PHE B 399 44.40 -2.92 24.36
CA PHE B 399 45.63 -2.56 25.06
C PHE B 399 46.59 -3.74 25.13
N LYS B 400 46.07 -4.97 25.06
CA LYS B 400 46.92 -6.15 24.96
C LYS B 400 47.66 -6.20 23.64
N LEU B 401 46.99 -5.80 22.55
CA LEU B 401 47.57 -5.89 21.22
C LEU B 401 48.65 -4.84 20.99
N SER B 402 48.65 -3.75 21.75
CA SER B 402 49.61 -2.68 21.56
C SER B 402 50.90 -2.89 22.35
N ILE B 403 51.02 -4.01 23.07
CA ILE B 403 52.24 -4.28 23.83
C ILE B 403 53.19 -5.17 23.03
N ASP B 404 52.70 -6.31 22.54
CA ASP B 404 53.55 -7.24 21.81
C ASP B 404 53.89 -6.75 20.40
N LYS B 405 53.18 -5.74 19.90
CA LYS B 405 53.49 -5.21 18.58
C LYS B 405 54.75 -4.36 18.61
N VAL B 406 54.94 -3.58 19.67
CA VAL B 406 56.14 -2.77 19.86
C VAL B 406 57.08 -3.36 20.90
N LEU B 407 56.83 -4.59 21.34
CA LEU B 407 57.63 -5.24 22.37
C LEU B 407 58.69 -6.16 21.79
N LYS B 408 58.71 -6.37 20.47
CA LYS B 408 59.53 -7.42 19.84
C LYS B 408 61.00 -7.01 19.75
N LYS B 409 61.59 -6.73 20.91
CA LYS B 409 63.02 -6.43 21.07
C LYS B 409 63.59 -5.34 20.16
N PRO B 410 63.21 -4.06 20.34
CA PRO B 410 63.96 -3.00 19.64
C PRO B 410 65.39 -2.87 20.14
N ASN B 411 65.55 -2.59 21.43
CA ASN B 411 66.81 -2.76 22.15
C ASN B 411 66.63 -3.32 23.55
N ARG B 412 65.46 -3.13 24.18
CA ARG B 412 65.24 -3.37 25.59
C ARG B 412 63.74 -3.23 25.86
N ALA B 413 63.35 -3.43 27.12
CA ALA B 413 61.96 -3.25 27.51
C ALA B 413 61.83 -2.68 28.93
N MET B 414 62.78 -1.83 29.36
CA MET B 414 62.91 -1.52 30.78
C MET B 414 63.15 -0.04 31.06
N GLU B 415 62.77 0.86 30.15
CA GLU B 415 62.98 2.28 30.40
C GLU B 415 61.70 3.09 30.46
N TYR B 416 60.85 3.01 29.43
CA TYR B 416 59.73 3.93 29.30
C TYR B 416 58.58 3.52 30.24
N ASP B 417 57.48 4.25 30.16
CA ASP B 417 56.40 4.17 31.15
C ASP B 417 55.42 3.04 30.85
N ALA B 418 55.83 2.12 29.97
CA ALA B 418 55.29 0.78 29.74
C ALA B 418 53.96 0.75 29.00
N LEU B 419 53.31 1.89 28.76
CA LEU B 419 52.16 1.89 27.87
C LEU B 419 52.39 2.79 26.65
N LEU B 420 52.61 4.10 26.82
CA LEU B 420 53.01 5.06 25.79
C LEU B 420 52.15 5.15 24.53
N SER B 421 51.00 4.48 24.49
CA SER B 421 50.18 4.40 23.29
C SER B 421 48.71 4.55 23.63
N ILE B 422 48.41 5.41 24.60
CA ILE B 422 47.05 5.54 25.12
C ILE B 422 46.30 6.70 24.47
N ASN B 423 47.00 7.61 23.79
CA ASN B 423 46.38 8.84 23.29
C ASN B 423 45.39 8.55 22.15
N VAL B 424 45.76 7.65 21.23
CA VAL B 424 44.80 7.21 20.22
C VAL B 424 43.72 6.34 20.86
N HIS B 425 44.07 5.60 21.91
CA HIS B 425 43.06 4.83 22.63
C HIS B 425 42.19 5.72 23.50
N SER B 426 42.72 6.84 23.98
CA SER B 426 41.89 7.83 24.67
C SER B 426 40.98 8.54 23.69
N ASN B 427 41.41 8.69 22.43
CA ASN B 427 40.50 9.19 21.41
C ASN B 427 39.42 8.16 21.10
N ASN B 428 39.77 6.87 21.14
CA ASN B 428 38.81 5.82 20.83
C ASN B 428 37.79 5.63 21.95
N ILE B 429 38.18 5.87 23.20
CA ILE B 429 37.24 5.66 24.30
C ILE B 429 36.23 6.79 24.44
N THR B 430 36.56 8.00 23.96
CA THR B 430 35.62 9.11 24.01
C THR B 430 34.82 9.30 22.73
N SER B 431 35.25 8.68 21.63
CA SER B 431 34.47 8.74 20.40
C SER B 431 33.32 7.75 20.40
N GLY B 432 33.24 6.88 21.39
CA GLY B 432 32.11 5.97 21.51
C GLY B 432 31.04 6.52 22.41
N LEU B 433 31.44 7.23 23.47
CA LEU B 433 30.45 7.89 24.32
C LEU B 433 29.85 9.12 23.63
N ASN B 434 30.63 9.81 22.81
CA ASN B 434 30.11 10.97 22.10
C ASN B 434 29.33 10.58 20.84
N ARG B 435 29.33 9.31 20.44
CA ARG B 435 28.50 8.83 19.35
C ARG B 435 27.39 7.91 19.81
N ALA B 436 27.34 7.57 21.10
CA ALA B 436 26.19 6.84 21.62
C ALA B 436 25.12 7.78 22.13
N ILE B 437 25.51 8.98 22.54
CA ILE B 437 24.56 9.98 23.02
C ILE B 437 24.08 10.88 21.89
N SER B 438 25.00 11.29 21.01
CA SER B 438 24.63 12.21 19.93
C SER B 438 23.86 11.48 18.83
N THR B 439 24.41 10.37 18.32
CA THR B 439 23.72 9.65 17.25
C THR B 439 22.51 8.89 17.80
N GLY B 440 22.66 8.24 18.94
CA GLY B 440 21.58 7.52 19.57
C GLY B 440 21.66 6.01 19.44
N ASN B 441 22.59 5.50 18.64
CA ASN B 441 22.75 4.06 18.45
C ASN B 441 23.63 3.52 19.58
N TRP B 442 22.99 2.92 20.58
CA TRP B 442 23.67 2.24 21.67
C TRP B 442 23.90 0.76 21.37
N SER B 443 23.88 0.40 20.08
CA SER B 443 23.89 -0.99 19.66
C SER B 443 25.32 -1.52 19.63
N LEU B 444 25.59 -2.52 20.47
CA LEU B 444 26.84 -3.25 20.44
C LEU B 444 26.52 -4.73 20.37
N LYS B 445 27.38 -5.49 19.69
CA LYS B 445 27.12 -6.89 19.37
C LYS B 445 27.43 -7.83 20.53
N ARG B 446 27.64 -7.33 21.74
CA ARG B 446 27.95 -8.20 22.87
C ARG B 446 26.69 -8.53 23.68
N PHE B 447 25.91 -7.53 24.06
CA PHE B 447 24.80 -7.71 24.99
C PHE B 447 23.47 -7.99 24.30
N LYS B 448 23.50 -8.30 22.99
CA LYS B 448 22.37 -8.85 22.22
C LYS B 448 21.18 -7.88 22.22
N MET B 449 21.41 -6.69 21.66
CA MET B 449 20.37 -5.68 21.50
C MET B 449 20.85 -4.63 20.51
N GLU B 450 19.98 -4.27 19.57
CA GLU B 450 20.13 -3.05 18.79
C GLU B 450 19.04 -2.08 19.21
N ARG B 451 19.42 -0.81 19.42
CA ARG B 451 18.49 0.16 19.96
C ARG B 451 18.76 1.52 19.34
N ALA B 452 17.73 2.09 18.72
CA ALA B 452 17.79 3.42 18.15
C ALA B 452 16.57 4.20 18.60
N GLY B 453 16.72 5.53 18.68
CA GLY B 453 15.62 6.37 19.10
C GLY B 453 15.42 6.39 20.60
N VAL B 454 16.53 6.42 21.33
CA VAL B 454 16.48 6.51 22.79
C VAL B 454 16.99 7.85 23.32
N THR B 455 17.90 8.52 22.63
CA THR B 455 18.37 9.85 23.03
C THR B 455 17.84 10.85 22.01
N HIS B 456 16.96 11.74 22.47
CA HIS B 456 16.38 12.77 21.63
C HIS B 456 16.92 14.13 22.04
N VAL B 457 16.86 15.07 21.09
CA VAL B 457 17.22 16.45 21.39
C VAL B 457 16.14 17.06 22.27
N LEU B 458 16.55 17.92 23.21
CA LEU B 458 15.62 18.45 24.18
C LEU B 458 14.72 19.49 23.51
N SER B 459 13.41 19.29 23.63
CA SER B 459 12.44 20.18 23.02
C SER B 459 12.31 21.45 23.83
N ARG B 460 12.65 22.59 23.22
CA ARG B 460 12.60 23.89 23.88
C ARG B 460 11.69 24.82 23.07
N LEU B 461 10.40 24.74 23.38
CA LEU B 461 9.37 25.61 22.84
C LEU B 461 8.81 26.54 23.90
N SER B 462 8.49 26.00 25.07
CA SER B 462 8.01 26.75 26.21
C SER B 462 8.75 26.25 27.44
N TYR B 463 8.30 26.66 28.63
CA TYR B 463 8.91 26.16 29.84
C TYR B 463 8.49 24.72 30.15
N ILE B 464 7.26 24.34 29.79
CA ILE B 464 6.76 23.01 30.14
C ILE B 464 7.12 21.95 29.10
N SER B 465 7.57 22.37 27.92
CA SER B 465 8.05 21.39 26.94
C SER B 465 9.40 20.81 27.36
N ALA B 466 10.20 21.59 28.08
CA ALA B 466 11.44 21.07 28.66
C ALA B 466 11.19 20.14 29.83
N LEU B 467 10.02 20.26 30.48
CA LEU B 467 9.60 19.34 31.52
C LEU B 467 8.71 18.22 30.98
N GLY B 468 8.48 18.18 29.68
CA GLY B 468 7.76 17.08 29.06
C GLY B 468 8.74 16.13 28.41
N MET B 469 9.89 16.66 28.02
CA MET B 469 10.99 15.81 27.59
C MET B 469 11.65 15.13 28.78
N MET B 470 11.91 15.90 29.83
CA MET B 470 12.10 15.34 31.16
C MET B 470 10.83 14.64 31.61
N THR B 471 11.00 13.63 32.47
CA THR B 471 9.92 12.87 33.11
C THR B 471 9.03 12.21 32.03
N ARG B 472 9.64 11.29 31.29
CA ARG B 472 8.99 10.71 30.12
C ARG B 472 9.50 9.29 29.90
N ILE B 473 8.67 8.31 30.24
CA ILE B 473 8.98 6.91 30.02
C ILE B 473 8.64 6.55 28.58
N SER B 474 9.46 5.69 27.97
CA SER B 474 9.49 5.46 26.54
C SER B 474 8.57 4.30 26.15
N SER B 475 8.77 3.74 24.96
CA SER B 475 8.01 2.59 24.47
C SER B 475 8.94 1.41 24.22
N GLN B 476 8.61 0.27 24.79
CA GLN B 476 9.32 -0.99 24.60
C GLN B 476 8.64 -1.75 23.46
N PHE B 477 8.88 -3.07 23.34
CA PHE B 477 8.39 -3.92 22.27
C PHE B 477 6.89 -4.20 22.46
N GLU B 478 6.41 -5.25 21.78
CA GLU B 478 4.99 -5.54 21.57
C GLU B 478 4.31 -4.36 20.87
N LYS B 479 4.72 -4.22 19.60
CA LYS B 479 4.48 -3.03 18.78
C LYS B 479 2.99 -2.70 18.61
N SER B 480 2.12 -3.71 18.66
CA SER B 480 0.66 -3.57 18.81
C SER B 480 0.04 -2.79 17.65
N ARG B 481 0.11 -3.40 16.46
CA ARG B 481 -0.48 -2.79 15.27
C ARG B 481 -2.00 -2.68 15.37
N LYS B 482 -2.67 -3.81 15.62
CA LYS B 482 -4.13 -3.87 15.60
C LYS B 482 -4.75 -4.08 16.97
N VAL B 483 -4.14 -4.92 17.80
CA VAL B 483 -4.65 -5.18 19.15
C VAL B 483 -4.28 -4.00 20.03
N SER B 484 -5.23 -3.53 20.83
CA SER B 484 -5.01 -2.42 21.77
C SER B 484 -4.72 -2.92 23.18
N GLY B 485 -4.00 -4.04 23.29
CA GLY B 485 -3.65 -4.62 24.57
C GLY B 485 -2.66 -3.79 25.37
N PRO B 486 -1.41 -3.68 24.90
CA PRO B 486 -0.43 -2.85 25.60
C PRO B 486 -0.53 -1.35 25.29
N ARG B 487 -1.63 -0.90 24.67
CA ARG B 487 -1.78 0.49 24.30
C ARG B 487 -2.90 1.20 25.07
N ALA B 488 -3.94 0.48 25.46
CA ALA B 488 -5.04 1.08 26.21
C ALA B 488 -4.63 1.38 27.65
N LEU B 489 -5.43 2.20 28.32
CA LEU B 489 -5.15 2.64 29.67
C LEU B 489 -5.63 1.60 30.66
N GLN B 490 -4.86 1.40 31.73
CA GLN B 490 -5.15 0.38 32.72
C GLN B 490 -5.43 1.00 34.08
N PRO B 491 -6.25 0.34 34.91
CA PRO B 491 -6.54 0.89 36.25
C PRO B 491 -5.37 0.81 37.22
N SER B 492 -4.30 0.09 36.86
CA SER B 492 -3.20 -0.15 37.79
C SER B 492 -2.27 1.05 37.95
N GLN B 493 -2.33 2.02 37.05
CA GLN B 493 -1.43 3.17 37.08
C GLN B 493 -2.10 4.38 37.76
N PHE B 494 -2.41 4.21 39.03
CA PHE B 494 -3.11 5.28 39.75
C PHE B 494 -2.15 6.35 40.24
N GLY B 495 -1.23 6.00 41.13
CA GLY B 495 -0.35 7.00 41.71
C GLY B 495 0.75 7.46 40.79
N MET B 496 1.15 6.60 39.86
CA MET B 496 2.19 6.89 38.88
C MET B 496 1.59 6.75 37.48
N LEU B 497 2.37 7.17 36.49
CA LEU B 497 2.04 7.05 35.06
C LEU B 497 0.72 7.77 34.75
N CYS B 498 0.82 9.10 34.78
CA CYS B 498 -0.27 10.08 34.62
C CYS B 498 -1.30 9.71 33.55
N THR B 499 -2.57 9.85 33.92
CA THR B 499 -3.67 9.26 33.17
C THR B 499 -4.14 10.10 31.98
N ALA B 500 -3.65 11.33 31.85
CA ALA B 500 -4.10 12.20 30.77
C ALA B 500 -3.00 12.59 29.80
N ASP B 501 -1.76 12.69 30.26
CA ASP B 501 -0.65 13.16 29.44
C ASP B 501 -0.22 12.02 28.52
N THR B 502 -0.67 12.08 27.26
CA THR B 502 -0.37 11.05 26.27
C THR B 502 -0.19 11.73 24.93
N PRO B 503 0.85 11.38 24.16
CA PRO B 503 1.06 11.99 22.84
C PRO B 503 0.06 11.52 21.79
N GLU B 504 -1.08 12.22 21.70
CA GLU B 504 -2.08 12.03 20.65
C GLU B 504 -1.47 12.05 19.26
N GLY B 505 -1.68 10.98 18.53
CA GLY B 505 -1.13 10.80 17.20
C GLY B 505 -0.94 9.31 16.92
N GLU B 506 0.09 9.02 16.13
CA GLU B 506 0.38 7.62 15.79
C GLU B 506 1.13 6.91 16.91
N ALA B 507 1.71 7.64 17.84
CA ALA B 507 2.42 7.05 18.98
C ALA B 507 1.61 7.15 20.27
N CYS B 508 0.29 7.18 20.16
CA CYS B 508 -0.57 7.27 21.33
C CYS B 508 -0.63 5.95 22.07
N GLY B 509 -0.61 6.01 23.40
CA GLY B 509 -0.73 4.86 24.24
C GLY B 509 0.58 4.14 24.55
N LEU B 510 1.54 4.18 23.63
CA LEU B 510 2.80 3.48 23.85
C LEU B 510 3.70 4.23 24.82
N VAL B 511 3.89 5.52 24.59
CA VAL B 511 4.67 6.36 25.49
C VAL B 511 3.72 7.13 26.41
N LYS B 512 4.17 7.35 27.64
CA LYS B 512 3.37 8.03 28.65
C LYS B 512 4.31 8.75 29.61
N ASN B 513 3.76 9.33 30.67
CA ASN B 513 4.51 10.25 31.52
C ASN B 513 4.19 10.00 32.98
N LEU B 514 5.21 10.22 33.82
CA LEU B 514 5.10 9.97 35.26
C LEU B 514 4.33 11.10 35.95
N ALA B 515 4.00 10.85 37.22
CA ALA B 515 3.25 11.77 38.05
C ALA B 515 4.19 12.47 39.02
N LEU B 516 3.62 13.23 39.97
CA LEU B 516 4.45 14.01 40.89
C LEU B 516 5.09 13.15 41.97
N MET B 517 4.27 12.53 42.83
CA MET B 517 4.78 11.69 43.91
C MET B 517 5.12 10.32 43.35
N THR B 518 6.25 10.26 42.63
CA THR B 518 6.78 9.03 42.07
C THR B 518 8.24 8.94 42.43
N HIS B 519 8.67 7.79 42.94
CA HIS B 519 10.07 7.54 43.23
C HIS B 519 10.47 6.21 42.64
N ILE B 520 11.60 6.19 41.93
CA ILE B 520 12.11 5.00 41.26
C ILE B 520 13.46 4.68 41.87
N THR B 521 13.60 3.46 42.39
CA THR B 521 14.82 3.05 43.07
C THR B 521 15.88 2.61 42.06
N THR B 522 17.05 2.26 42.56
CA THR B 522 18.14 1.78 41.71
C THR B 522 18.53 0.34 42.02
N ASP B 523 18.90 0.03 43.26
CA ASP B 523 19.45 -1.28 43.59
C ASP B 523 19.37 -1.48 45.11
N ASP B 524 19.28 -2.74 45.52
CA ASP B 524 19.29 -3.10 46.93
C ASP B 524 19.98 -4.45 47.09
N GLU B 525 20.68 -4.61 48.21
CA GLU B 525 21.50 -5.79 48.43
C GLU B 525 20.64 -7.01 48.75
N GLU B 526 21.26 -8.19 48.63
CA GLU B 526 20.54 -9.45 48.76
C GLU B 526 21.07 -10.38 49.84
N GLU B 527 22.24 -10.13 50.40
CA GLU B 527 22.73 -11.03 51.44
C GLU B 527 22.11 -10.75 52.81
N PRO B 528 22.00 -9.46 53.32
CA PRO B 528 21.29 -9.30 54.60
C PRO B 528 19.79 -9.18 54.45
N ILE B 529 19.20 -9.96 53.55
CA ILE B 529 17.76 -10.13 53.50
C ILE B 529 17.49 -11.63 53.57
N LYS B 530 18.29 -12.42 52.84
CA LYS B 530 18.26 -13.87 52.98
C LYS B 530 18.83 -14.29 54.32
N LYS B 531 19.76 -13.51 54.88
CA LYS B 531 20.20 -13.76 56.24
C LYS B 531 19.10 -13.42 57.26
N LEU B 532 18.26 -12.43 56.96
CA LEU B 532 17.25 -11.99 57.91
C LEU B 532 16.01 -12.87 57.87
N CYS B 533 15.68 -13.46 56.72
CA CYS B 533 14.54 -14.36 56.63
C CYS B 533 14.75 -15.63 57.45
N TYR B 534 16.00 -16.10 57.56
CA TYR B 534 16.31 -17.22 58.43
C TYR B 534 16.11 -16.86 59.90
N VAL B 535 16.31 -15.59 60.25
CA VAL B 535 16.07 -15.15 61.62
C VAL B 535 14.58 -15.04 61.89
N LEU B 536 13.81 -14.53 60.91
CA LEU B 536 12.38 -14.33 61.10
C LEU B 536 11.59 -15.64 61.10
N GLY B 537 12.15 -16.72 60.57
CA GLY B 537 11.51 -18.02 60.76
C GLY B 537 11.17 -18.81 59.51
N VAL B 538 11.85 -18.56 58.39
CA VAL B 538 11.63 -19.40 57.22
C VAL B 538 12.46 -20.66 57.40
N GLU B 539 12.21 -21.67 56.58
CA GLU B 539 12.89 -22.96 56.69
C GLU B 539 13.46 -23.32 55.33
N ASP B 540 14.79 -23.34 55.25
CA ASP B 540 15.50 -23.53 53.98
C ASP B 540 15.26 -24.93 53.42
N ILE B 541 15.38 -25.05 52.09
CA ILE B 541 15.00 -26.26 51.35
C ILE B 541 15.84 -27.47 51.77
N THR B 542 17.06 -27.24 52.25
CA THR B 542 17.96 -28.32 52.62
C THR B 542 17.54 -29.09 53.87
N LEU B 543 16.48 -28.67 54.57
CA LEU B 543 15.97 -29.45 55.70
C LEU B 543 14.45 -29.60 55.72
N ILE B 544 13.72 -29.04 54.75
CA ILE B 544 12.29 -29.31 54.64
C ILE B 544 12.00 -29.90 53.26
N ASP B 545 12.95 -30.69 52.74
CA ASP B 545 12.90 -31.32 51.42
C ASP B 545 11.78 -32.35 51.27
N SER B 546 11.01 -32.64 52.32
CA SER B 546 9.98 -33.66 52.32
C SER B 546 8.82 -33.28 51.39
N ALA B 547 7.86 -34.21 51.27
CA ALA B 547 6.64 -33.93 50.54
C ALA B 547 5.74 -32.93 51.25
N SER B 548 6.00 -32.68 52.54
CA SER B 548 5.43 -31.56 53.27
C SER B 548 6.07 -30.25 52.82
N LEU B 549 5.73 -29.81 51.61
CA LEU B 549 6.27 -28.60 51.02
C LEU B 549 5.21 -27.63 50.55
N HIS B 550 4.00 -28.12 50.30
CA HIS B 550 2.87 -27.34 49.82
C HIS B 550 1.86 -27.07 50.93
N LEU B 551 2.33 -26.75 52.13
CA LEU B 551 1.44 -26.45 53.25
C LEU B 551 0.74 -25.10 53.10
N ASN B 552 -0.08 -25.02 52.04
CA ASN B 552 -1.11 -24.04 51.70
C ASN B 552 -0.58 -22.66 51.30
N TYR B 553 0.66 -22.28 51.67
CA TYR B 553 1.17 -21.00 51.20
C TYR B 553 2.54 -21.02 50.54
N GLY B 554 3.57 -21.43 51.28
CA GLY B 554 4.95 -21.24 50.83
C GLY B 554 5.40 -19.79 50.81
N VAL B 555 6.66 -19.57 50.44
CA VAL B 555 7.27 -18.23 50.39
C VAL B 555 8.49 -18.31 49.48
N TYR B 556 8.66 -17.30 48.62
CA TYR B 556 9.91 -17.21 47.86
C TYR B 556 10.34 -15.77 47.64
N LEU B 557 11.65 -15.63 47.39
CA LEU B 557 12.39 -14.38 47.40
C LEU B 557 12.79 -14.03 45.98
N ASN B 558 12.04 -13.10 45.36
CA ASN B 558 12.43 -12.39 44.14
C ASN B 558 12.59 -13.33 42.95
N GLY B 559 11.86 -14.44 42.94
CA GLY B 559 12.03 -15.44 41.91
C GLY B 559 13.11 -16.45 42.25
N THR B 560 13.22 -16.79 43.53
CA THR B 560 14.16 -17.82 44.00
C THR B 560 13.57 -18.39 45.28
N LEU B 561 13.32 -19.70 45.30
CA LEU B 561 12.54 -20.28 46.38
C LEU B 561 13.48 -20.73 47.50
N ILE B 562 13.26 -20.17 48.69
CA ILE B 562 14.14 -20.38 49.84
C ILE B 562 13.42 -21.09 50.97
N GLY B 563 12.29 -20.55 51.43
CA GLY B 563 11.65 -21.02 52.63
C GLY B 563 10.29 -21.69 52.40
N SER B 564 9.69 -22.06 53.53
CA SER B 564 8.32 -22.57 53.54
C SER B 564 7.77 -22.27 54.95
N ILE B 565 6.96 -21.24 55.05
CA ILE B 565 6.59 -20.69 56.35
C ILE B 565 5.30 -21.32 56.86
N ARG B 566 5.27 -21.51 58.17
CA ARG B 566 4.06 -21.68 58.95
C ARG B 566 3.87 -20.41 59.77
N PHE B 567 2.63 -20.15 60.21
CA PHE B 567 2.16 -18.95 60.91
C PHE B 567 2.40 -17.73 60.02
N PRO B 568 1.60 -17.57 58.96
CA PRO B 568 1.98 -16.70 57.83
C PRO B 568 1.86 -15.21 58.10
N THR B 569 0.74 -14.79 58.70
CA THR B 569 0.54 -13.37 58.97
C THR B 569 1.37 -12.88 60.14
N LYS B 570 1.91 -13.79 60.95
CA LYS B 570 2.92 -13.42 61.92
C LYS B 570 4.24 -13.08 61.22
N PHE B 571 4.47 -13.65 60.04
CA PHE B 571 5.68 -13.34 59.29
C PHE B 571 5.57 -12.01 58.55
N VAL B 572 4.39 -11.71 58.01
CA VAL B 572 4.24 -10.52 57.17
C VAL B 572 4.21 -9.25 58.02
N THR B 573 3.47 -9.26 59.12
CA THR B 573 3.32 -8.07 59.95
C THR B 573 4.59 -7.74 60.71
N GLN B 574 5.30 -8.76 61.20
CA GLN B 574 6.52 -8.54 61.97
C GLN B 574 7.65 -8.06 61.07
N PHE B 575 7.73 -8.57 59.84
CA PHE B 575 8.78 -8.16 58.93
C PHE B 575 8.52 -6.78 58.34
N ARG B 576 7.24 -6.40 58.19
CA ARG B 576 6.91 -5.06 57.74
C ARG B 576 7.17 -4.03 58.82
N HIS B 577 7.11 -4.44 60.10
CA HIS B 577 7.46 -3.57 61.20
C HIS B 577 8.96 -3.27 61.24
N LEU B 578 9.77 -4.17 60.68
CA LEU B 578 11.20 -3.90 60.55
C LEU B 578 11.47 -2.80 59.54
N ARG B 579 10.61 -2.65 58.54
CA ARG B 579 10.77 -1.62 57.53
C ARG B 579 10.37 -0.24 58.04
N ARG B 580 9.40 -0.18 58.95
CA ARG B 580 8.83 1.07 59.42
C ARG B 580 9.53 1.63 60.65
N THR B 581 10.66 1.05 61.06
CA THR B 581 11.28 1.42 62.33
C THR B 581 12.69 1.98 62.22
N GLY B 582 13.31 1.94 61.05
CA GLY B 582 14.64 2.49 60.90
C GLY B 582 15.65 1.49 60.36
N LYS B 583 15.27 0.22 60.38
CA LYS B 583 16.05 -0.86 59.80
C LYS B 583 15.81 -0.97 58.29
N VAL B 584 16.16 -2.13 57.71
CA VAL B 584 16.21 -2.31 56.26
C VAL B 584 14.87 -1.99 55.59
N SER B 585 14.93 -1.11 54.60
CA SER B 585 13.74 -0.42 54.10
C SER B 585 14.02 0.08 52.69
N GLU B 586 13.20 1.02 52.23
CA GLU B 586 13.28 1.87 51.04
C GLU B 586 12.94 1.11 49.75
N PHE B 587 12.86 -0.22 49.77
CA PHE B 587 12.40 -0.90 48.56
C PHE B 587 11.42 -2.02 48.84
N ILE B 588 11.52 -2.61 50.03
CA ILE B 588 11.18 -4.03 50.25
C ILE B 588 9.68 -4.23 50.09
N SER B 589 9.29 -4.84 48.97
CA SER B 589 7.90 -5.14 48.70
C SER B 589 7.50 -6.40 49.46
N ILE B 590 6.42 -6.31 50.23
CA ILE B 590 5.96 -7.39 51.10
C ILE B 590 4.48 -7.59 50.77
N TYR B 591 4.17 -8.65 50.04
CA TYR B 591 2.77 -8.92 49.70
C TYR B 591 2.54 -10.41 49.56
N SER B 592 1.44 -10.89 50.11
CA SER B 592 1.00 -12.26 49.95
C SER B 592 -0.05 -12.34 48.85
N ASN B 593 -0.22 -13.53 48.30
CA ASN B 593 -1.10 -13.76 47.16
C ASN B 593 -2.16 -14.79 47.54
N SER B 594 -3.26 -14.77 46.79
CA SER B 594 -4.35 -15.72 46.99
C SER B 594 -4.61 -16.63 45.79
N HIS B 595 -4.37 -16.17 44.56
CA HIS B 595 -4.44 -17.07 43.41
C HIS B 595 -3.27 -18.03 43.41
N GLN B 596 -2.05 -17.51 43.29
CA GLN B 596 -0.89 -18.23 43.79
C GLN B 596 -0.86 -18.10 45.30
N MET B 597 -0.01 -18.88 45.96
CA MET B 597 -0.11 -18.95 47.40
C MET B 597 1.06 -18.36 48.17
N ALA B 598 2.13 -17.96 47.50
CA ALA B 598 3.34 -17.54 48.20
C ALA B 598 3.23 -16.09 48.67
N VAL B 599 4.31 -15.62 49.32
CA VAL B 599 4.44 -14.24 49.76
C VAL B 599 5.82 -13.74 49.36
N HIS B 600 5.88 -12.54 48.79
CA HIS B 600 7.03 -12.04 48.05
C HIS B 600 7.79 -10.99 48.85
N ILE B 601 9.12 -11.07 48.80
CA ILE B 601 10.04 -10.22 49.57
C ILE B 601 10.96 -9.53 48.57
N ALA B 602 10.40 -9.08 47.44
CA ALA B 602 11.12 -8.53 46.30
C ALA B 602 12.13 -7.44 46.65
N THR B 603 13.35 -7.58 46.13
CA THR B 603 14.47 -6.74 46.53
C THR B 603 15.29 -6.13 45.40
N ASP B 604 15.18 -6.63 44.16
CA ASP B 604 15.97 -6.10 43.06
C ASP B 604 15.32 -4.83 42.52
N GLY B 605 16.07 -3.72 42.57
CA GLY B 605 15.51 -2.41 42.31
C GLY B 605 15.17 -2.15 40.86
N GLY B 606 14.41 -1.08 40.65
CA GLY B 606 14.04 -0.65 39.31
C GLY B 606 12.56 -0.44 39.09
N ARG B 607 11.78 -0.29 40.17
CA ARG B 607 10.33 -0.16 40.04
C ARG B 607 9.84 0.94 40.98
N ILE B 608 8.53 1.21 40.91
CA ILE B 608 7.94 2.48 41.33
C ILE B 608 7.51 2.41 42.81
N CYS B 609 7.70 3.52 43.53
CA CYS B 609 7.63 3.56 44.99
C CYS B 609 6.92 4.80 45.52
N ARG B 610 5.67 5.02 45.10
CA ARG B 610 4.91 6.19 45.55
C ARG B 610 4.65 6.15 47.06
N PRO B 611 4.68 7.30 47.75
CA PRO B 611 4.47 7.33 49.20
C PRO B 611 3.02 7.54 49.62
N LEU B 612 2.64 6.89 50.72
CA LEU B 612 1.32 7.02 51.33
C LEU B 612 1.45 7.05 52.85
N ILE B 613 0.44 7.60 53.52
CA ILE B 613 0.43 7.80 54.97
C ILE B 613 -0.36 6.67 55.64
N ILE B 614 0.16 6.16 56.77
CA ILE B 614 -0.40 5.00 57.46
C ILE B 614 -1.63 5.42 58.27
N VAL B 615 -2.63 4.54 58.33
CA VAL B 615 -3.71 4.67 59.29
C VAL B 615 -3.48 3.68 60.42
N SER B 616 -4.04 4.01 61.58
CA SER B 616 -3.95 3.17 62.78
C SER B 616 -5.12 2.19 62.80
N ASP B 617 -5.38 1.58 63.96
CA ASP B 617 -6.50 0.64 64.08
C ASP B 617 -7.84 1.35 63.94
N GLY B 618 -8.00 2.49 64.60
CA GLY B 618 -9.27 3.20 64.55
C GLY B 618 -9.14 4.65 64.13
N GLN B 619 -7.94 5.06 63.76
CA GLN B 619 -7.67 6.44 63.38
C GLN B 619 -6.54 6.44 62.35
N SER B 620 -5.94 7.61 62.14
CA SER B 620 -4.82 7.77 61.23
C SER B 620 -3.57 8.17 62.01
N ARG B 621 -2.43 8.13 61.30
CA ARG B 621 -1.17 8.62 61.83
C ARG B 621 -0.89 10.04 61.30
N VAL B 622 -1.95 10.83 61.18
CA VAL B 622 -1.79 12.22 60.76
C VAL B 622 -1.12 13.04 61.86
N LYS B 623 -1.74 13.09 63.05
CA LYS B 623 -1.16 13.65 64.28
C LYS B 623 -0.77 15.12 64.11
N ASP B 624 -1.82 15.96 64.02
CA ASP B 624 -1.81 17.38 63.63
C ASP B 624 -0.67 18.24 64.19
N ILE B 625 -0.15 17.86 65.37
CA ILE B 625 1.06 18.51 65.88
C ILE B 625 2.27 18.26 64.96
N HIS B 626 2.30 17.10 64.27
CA HIS B 626 3.36 16.88 63.30
C HIS B 626 3.17 17.73 62.05
N LEU B 627 1.93 18.03 61.68
CA LEU B 627 1.68 18.93 60.57
C LEU B 627 2.04 20.37 60.93
N ARG B 628 1.82 20.76 62.19
CA ARG B 628 2.25 22.07 62.65
C ARG B 628 3.76 22.16 62.73
N LYS B 629 4.42 21.07 63.12
CA LYS B 629 5.87 21.02 63.24
C LYS B 629 6.55 20.85 61.89
N LEU B 630 5.80 20.44 60.85
CA LEU B 630 6.35 20.32 59.51
C LEU B 630 6.65 21.69 58.91
N LEU B 631 5.70 22.60 58.95
CA LEU B 631 5.84 23.94 58.37
C LEU B 631 6.48 24.93 59.34
N ASP B 632 7.07 24.46 60.44
CA ASP B 632 7.77 25.32 61.37
C ASP B 632 9.23 25.54 60.99
N GLY B 633 9.85 24.58 60.31
CA GLY B 633 11.23 24.72 59.87
C GLY B 633 12.04 23.45 60.02
N GLU B 634 11.68 22.62 60.99
CA GLU B 634 12.35 21.35 61.23
C GLU B 634 11.44 20.21 60.81
N LEU B 635 11.97 18.98 60.92
CA LEU B 635 11.28 17.72 60.61
C LEU B 635 10.78 17.71 59.16
N ASP B 636 11.75 17.63 58.25
CA ASP B 636 11.48 17.57 56.82
C ASP B 636 11.02 16.16 56.42
N PHE B 637 10.99 15.90 55.11
CA PHE B 637 10.49 14.61 54.62
C PHE B 637 11.48 13.48 54.92
N ASP B 638 12.76 13.79 55.07
CA ASP B 638 13.72 12.76 55.46
C ASP B 638 13.56 12.39 56.93
N ASP B 639 13.15 13.33 57.77
CA ASP B 639 12.85 13.09 59.17
C ASP B 639 11.38 12.67 59.37
N PHE B 640 10.75 12.14 58.33
CA PHE B 640 9.33 11.85 58.33
C PHE B 640 9.03 10.38 58.06
N LEU B 641 9.96 9.65 57.42
CA LEU B 641 9.87 8.20 57.29
C LEU B 641 10.49 7.47 58.46
N LYS B 642 11.49 8.07 59.11
CA LYS B 642 12.18 7.44 60.22
C LYS B 642 11.30 7.31 61.45
N LEU B 643 10.29 8.16 61.59
CA LEU B 643 9.36 8.08 62.70
C LEU B 643 8.19 7.14 62.42
N GLY B 644 8.19 6.48 61.26
CA GLY B 644 7.17 5.49 60.97
C GLY B 644 5.81 6.04 60.61
N LEU B 645 5.77 7.11 59.82
CA LEU B 645 4.51 7.71 59.40
C LEU B 645 4.15 7.38 57.95
N VAL B 646 5.12 7.40 57.04
CA VAL B 646 4.88 7.05 55.65
C VAL B 646 5.87 5.95 55.25
N GLU B 647 5.48 5.15 54.26
CA GLU B 647 6.42 4.29 53.55
C GLU B 647 6.01 4.23 52.10
N TYR B 648 6.99 3.91 51.26
CA TYR B 648 6.80 3.88 49.81
C TYR B 648 6.08 2.59 49.43
N LEU B 649 4.85 2.70 48.97
CA LEU B 649 4.14 1.53 48.50
C LEU B 649 4.35 1.35 47.00
N ASP B 650 3.94 0.20 46.51
CA ASP B 650 4.29 -0.26 45.18
C ASP B 650 3.02 -0.52 44.38
N VAL B 651 3.17 -1.10 43.20
CA VAL B 651 2.02 -1.52 42.41
C VAL B 651 1.56 -2.91 42.84
N ASN B 652 2.48 -3.87 42.81
CA ASN B 652 2.16 -5.25 43.20
C ASN B 652 2.05 -5.44 44.71
N GLU B 653 2.29 -4.40 45.49
CA GLU B 653 2.10 -4.44 46.94
C GLU B 653 0.79 -3.81 47.37
N GLU B 654 0.28 -2.83 46.63
CA GLU B 654 -0.92 -2.12 47.07
C GLU B 654 -2.21 -2.86 46.72
N ASN B 655 -2.13 -4.03 46.08
CA ASN B 655 -3.29 -4.91 45.99
C ASN B 655 -3.54 -5.68 47.27
N ASP B 656 -2.61 -5.63 48.22
CA ASP B 656 -2.79 -6.15 49.58
C ASP B 656 -2.96 -4.98 50.54
N SER B 657 -3.63 -3.93 50.09
CA SER B 657 -3.81 -2.72 50.89
C SER B 657 -5.16 -2.11 50.57
N TYR B 658 -5.84 -1.60 51.60
CA TYR B 658 -7.14 -0.97 51.45
C TYR B 658 -6.95 0.52 51.74
N ILE B 659 -6.86 1.31 50.67
CA ILE B 659 -6.39 2.69 50.74
C ILE B 659 -7.59 3.62 50.81
N ALA B 660 -7.60 4.48 51.83
CA ALA B 660 -8.64 5.49 51.96
C ALA B 660 -8.26 6.74 51.20
N LEU B 661 -9.28 7.50 50.80
CA LEU B 661 -9.05 8.76 50.09
C LEU B 661 -8.96 9.93 51.06
N TYR B 662 -10.01 10.16 51.83
CA TYR B 662 -10.08 11.28 52.75
C TYR B 662 -10.12 10.77 54.18
N GLU B 663 -10.28 11.69 55.13
CA GLU B 663 -10.40 11.35 56.53
C GLU B 663 -11.84 11.10 56.94
N LYS B 664 -12.80 11.64 56.21
CA LYS B 664 -14.22 11.56 56.57
C LYS B 664 -14.87 10.23 56.18
N ASP B 665 -14.10 9.27 55.66
CA ASP B 665 -14.67 7.98 55.25
C ASP B 665 -13.78 6.82 55.71
N ILE B 666 -13.20 6.94 56.90
CA ILE B 666 -12.34 5.89 57.41
C ILE B 666 -13.16 4.82 58.10
N VAL B 667 -12.72 3.57 57.95
CA VAL B 667 -13.29 2.41 58.64
C VAL B 667 -12.09 1.63 59.17
N PRO B 668 -12.25 0.78 60.20
CA PRO B 668 -11.08 0.05 60.71
C PRO B 668 -10.53 -1.08 59.84
N SER B 669 -10.96 -1.18 58.58
CA SER B 669 -10.39 -2.12 57.63
C SER B 669 -9.29 -1.53 56.77
N MET B 670 -9.05 -0.23 56.83
CA MET B 670 -8.00 0.37 56.01
C MET B 670 -6.61 0.03 56.54
N THR B 671 -5.64 0.10 55.64
CA THR B 671 -4.23 -0.05 55.97
C THR B 671 -3.40 1.19 55.66
N HIS B 672 -3.84 2.06 54.75
CA HIS B 672 -3.12 3.26 54.39
C HIS B 672 -4.10 4.38 54.09
N LEU B 673 -3.56 5.55 53.79
CA LEU B 673 -4.31 6.72 53.39
C LEU B 673 -3.48 7.45 52.34
N GLU B 674 -4.15 8.16 51.45
CA GLU B 674 -3.45 8.89 50.40
C GLU B 674 -3.30 10.36 50.78
N ILE B 675 -2.20 10.96 50.32
CA ILE B 675 -1.81 12.28 50.79
C ILE B 675 -2.65 13.36 50.10
N GLU B 676 -2.50 13.49 48.78
CA GLU B 676 -3.25 14.45 48.00
C GLU B 676 -3.74 13.81 46.71
N PRO B 677 -5.06 13.76 46.47
CA PRO B 677 -5.59 13.00 45.34
C PRO B 677 -5.38 13.66 43.98
N PHE B 678 -4.83 14.87 43.91
CA PHE B 678 -4.57 15.50 42.62
C PHE B 678 -3.18 15.21 42.09
N THR B 679 -2.46 14.28 42.72
CA THR B 679 -1.08 14.01 42.34
C THR B 679 -0.97 13.08 41.14
N ILE B 680 -2.08 12.57 40.62
CA ILE B 680 -2.02 11.72 39.42
C ILE B 680 -1.71 12.56 38.19
N LEU B 681 -2.28 13.76 38.10
CA LEU B 681 -2.01 14.63 36.97
C LEU B 681 -0.62 15.23 37.11
N GLY B 682 0.24 14.99 36.12
CA GLY B 682 1.65 15.31 36.21
C GLY B 682 1.97 16.78 36.01
N ALA B 683 3.17 17.03 35.47
CA ALA B 683 3.62 18.41 35.28
C ALA B 683 2.88 19.07 34.13
N VAL B 684 2.81 18.40 32.98
CA VAL B 684 2.14 18.98 31.82
C VAL B 684 0.64 18.93 32.00
N ALA B 685 0.12 17.86 32.60
CA ALA B 685 -1.32 17.72 32.80
C ALA B 685 -1.85 18.61 33.90
N GLY B 686 -0.99 19.16 34.75
CA GLY B 686 -1.43 20.03 35.81
C GLY B 686 -1.78 21.44 35.40
N LEU B 687 -1.55 21.81 34.14
CA LEU B 687 -1.85 23.17 33.68
C LEU B 687 -3.36 23.40 33.52
N ILE B 688 -4.14 22.34 33.43
CA ILE B 688 -5.57 22.46 33.10
C ILE B 688 -6.33 22.90 34.35
N PRO B 689 -7.11 23.98 34.28
CA PRO B 689 -7.94 24.35 35.43
C PRO B 689 -9.26 23.59 35.39
N TYR B 690 -9.65 23.04 36.56
CA TYR B 690 -10.80 22.19 36.76
C TYR B 690 -10.89 21.02 35.78
N PRO B 691 -9.96 20.05 35.82
CA PRO B 691 -10.04 18.94 34.85
C PRO B 691 -11.14 17.94 35.15
N HIS B 692 -11.62 17.89 36.39
CA HIS B 692 -12.68 16.96 36.77
C HIS B 692 -14.06 17.43 36.33
N HIS B 693 -14.16 18.61 35.72
CA HIS B 693 -15.38 19.05 35.05
C HIS B 693 -15.36 18.80 33.55
N ASN B 694 -14.19 18.69 32.95
CA ASN B 694 -14.09 18.37 31.53
C ASN B 694 -14.26 16.86 31.33
N GLN B 695 -14.27 16.44 30.07
CA GLN B 695 -14.35 15.03 29.74
C GLN B 695 -13.05 14.60 29.06
N SER B 696 -12.64 13.36 29.34
CA SER B 696 -11.28 12.83 29.19
C SER B 696 -10.54 13.06 27.87
N PRO B 697 -11.17 13.11 26.68
CA PRO B 697 -10.40 13.55 25.50
C PRO B 697 -9.99 15.01 25.53
N ARG B 698 -10.68 15.88 26.29
CA ARG B 698 -10.29 17.28 26.33
C ARG B 698 -9.01 17.48 27.12
N ASN B 699 -8.77 16.67 28.15
CA ASN B 699 -7.56 16.81 28.95
C ASN B 699 -6.34 16.23 28.25
N THR B 700 -6.53 15.21 27.42
CA THR B 700 -5.41 14.63 26.69
C THR B 700 -4.95 15.55 25.57
N TYR B 701 -5.89 16.24 24.92
CA TYR B 701 -5.56 17.12 23.81
C TYR B 701 -4.83 18.38 24.26
N GLN B 702 -4.96 18.75 25.53
CA GLN B 702 -4.24 19.92 26.03
C GLN B 702 -2.79 19.59 26.38
N CYS B 703 -2.53 18.35 26.82
CA CYS B 703 -1.18 17.94 27.18
C CYS B 703 -0.26 17.91 25.96
N ALA B 704 -0.81 17.69 24.78
CA ALA B 704 -0.07 17.81 23.53
C ALA B 704 -0.06 19.23 22.99
N MET B 705 -0.63 20.18 23.74
CA MET B 705 -0.69 21.58 23.32
C MET B 705 -0.10 22.55 24.33
N GLY B 706 -0.02 22.19 25.61
CA GLY B 706 0.68 23.05 26.56
C GLY B 706 2.17 23.09 26.31
N LYS B 707 2.75 21.98 25.85
CA LYS B 707 4.14 21.89 25.44
C LYS B 707 4.35 22.32 23.99
N GLN B 708 3.42 23.09 23.44
CA GLN B 708 3.45 23.51 22.05
C GLN B 708 3.30 25.02 21.88
N ALA B 709 2.69 25.72 22.83
CA ALA B 709 2.49 27.16 22.75
C ALA B 709 3.78 27.93 22.97
N ILE B 710 3.81 29.16 22.45
CA ILE B 710 4.97 30.02 22.64
C ILE B 710 4.97 30.57 24.06
N GLY B 711 6.14 31.04 24.51
CA GLY B 711 6.24 31.48 25.87
C GLY B 711 7.44 32.32 26.26
N ALA B 712 7.99 32.04 27.43
CA ALA B 712 9.01 32.85 28.08
C ALA B 712 10.11 31.95 28.62
N ILE B 713 10.68 31.13 27.73
CA ILE B 713 11.46 29.90 27.96
C ILE B 713 12.42 29.92 29.15
N ALA B 714 13.27 30.94 29.24
CA ALA B 714 14.30 30.95 30.28
C ALA B 714 14.65 32.40 30.64
N TYR B 715 15.52 32.54 31.65
CA TYR B 715 16.04 33.86 32.00
C TYR B 715 17.15 34.28 31.06
N ASN B 716 18.01 33.36 30.65
CA ASN B 716 19.01 33.65 29.62
C ASN B 716 18.41 33.43 28.22
N GLN B 717 17.26 34.04 27.96
CA GLN B 717 16.53 33.82 26.73
C GLN B 717 17.11 34.59 25.57
N PHE B 718 17.81 35.70 25.85
CA PHE B 718 18.40 36.54 24.82
C PHE B 718 19.89 36.31 24.65
N LYS B 719 20.53 35.56 25.54
CA LYS B 719 21.94 35.20 25.42
C LYS B 719 22.12 33.77 24.96
N ARG B 720 21.27 33.28 24.08
CA ARG B 720 21.39 31.93 23.56
C ARG B 720 20.99 31.91 22.09
N ILE B 721 21.65 31.02 21.34
CA ILE B 721 21.65 31.03 19.88
C ILE B 721 21.04 29.70 19.42
N ASP B 722 19.92 29.31 20.04
CA ASP B 722 19.17 28.14 19.59
C ASP B 722 18.81 28.23 18.10
N THR B 723 18.72 27.06 17.46
CA THR B 723 18.45 27.00 16.04
C THR B 723 17.03 27.43 15.68
N LEU B 724 16.08 27.31 16.61
CA LEU B 724 14.72 27.80 16.41
C LEU B 724 14.08 27.91 17.78
N LEU B 725 13.66 29.12 18.15
CA LEU B 725 12.91 29.31 19.38
C LEU B 725 11.95 30.47 19.19
N TYR B 726 10.78 30.35 19.80
CA TYR B 726 9.74 31.37 19.74
C TYR B 726 9.68 32.12 21.06
N LEU B 727 9.54 33.43 20.97
CA LEU B 727 9.43 34.29 22.13
C LEU B 727 8.05 34.93 22.15
N MET B 728 7.81 35.75 23.17
CA MET B 728 6.53 36.44 23.27
C MET B 728 6.77 37.74 24.04
N THR B 729 6.15 38.82 23.57
CA THR B 729 6.53 40.15 24.02
C THR B 729 5.98 40.46 25.42
N TYR B 730 4.69 40.30 25.63
CA TYR B 730 4.06 40.61 26.92
C TYR B 730 3.39 39.37 27.49
N PRO B 731 4.12 38.51 28.20
CA PRO B 731 3.48 37.34 28.81
C PRO B 731 2.66 37.74 30.03
N GLN B 732 1.64 36.93 30.33
CA GLN B 732 0.80 37.14 31.50
C GLN B 732 0.59 35.83 32.23
N GLN B 733 0.53 35.93 33.55
CA GLN B 733 0.21 34.82 34.44
C GLN B 733 -1.22 34.35 34.20
N PRO B 734 -1.53 33.07 34.45
CA PRO B 734 -2.93 32.66 34.42
C PRO B 734 -3.70 33.17 35.63
N MET B 735 -4.97 33.53 35.40
CA MET B 735 -5.82 33.99 36.49
C MET B 735 -6.23 32.85 37.41
N VAL B 736 -6.37 31.64 36.87
CA VAL B 736 -6.72 30.48 37.68
C VAL B 736 -5.49 29.59 37.89
N LYS B 737 -4.75 29.83 38.96
CA LYS B 737 -3.56 29.06 39.25
C LYS B 737 -3.97 27.70 39.80
N THR B 738 -3.57 26.64 39.11
CA THR B 738 -3.67 25.31 39.69
C THR B 738 -2.66 25.21 40.85
N LYS B 739 -3.01 24.42 41.86
CA LYS B 739 -2.14 24.27 43.02
C LYS B 739 -0.93 23.38 42.75
N THR B 740 -0.71 22.94 41.51
CA THR B 740 0.50 22.24 41.13
C THR B 740 1.33 22.97 40.09
N ILE B 741 0.82 24.06 39.50
CA ILE B 741 1.64 24.91 38.64
C ILE B 741 2.36 25.98 39.44
N GLU B 742 2.05 26.10 40.73
CA GLU B 742 2.84 26.90 41.63
C GLU B 742 4.06 26.13 42.15
N LEU B 743 3.99 24.79 42.16
CA LEU B 743 5.12 23.97 42.55
C LEU B 743 6.17 23.88 41.45
N ILE B 744 5.74 23.78 40.20
CA ILE B 744 6.65 23.56 39.09
C ILE B 744 7.07 24.89 38.47
N ASP B 745 6.67 26.00 39.11
CA ASP B 745 7.05 27.37 38.74
C ASP B 745 6.61 27.74 37.32
N TYR B 746 5.33 27.49 37.02
CA TYR B 746 4.77 27.95 35.76
C TYR B 746 4.37 29.42 35.82
N ASP B 747 4.08 29.94 37.01
CA ASP B 747 3.76 31.35 37.17
C ASP B 747 4.98 32.25 37.08
N LYS B 748 6.18 31.69 37.04
CA LYS B 748 7.37 32.50 36.79
C LYS B 748 7.55 32.79 35.30
N LEU B 749 7.35 31.78 34.45
CA LEU B 749 7.54 31.90 33.01
C LEU B 749 6.30 31.38 32.32
N PRO B 750 5.27 32.21 32.16
CA PRO B 750 4.01 31.76 31.58
C PRO B 750 4.06 31.76 30.06
N ALA B 751 2.97 31.29 29.45
CA ALA B 751 2.95 31.00 28.02
C ALA B 751 1.63 31.44 27.39
N GLY B 752 1.17 32.64 27.72
CA GLY B 752 -0.04 33.16 27.11
C GLY B 752 -0.50 34.42 27.79
N GLN B 753 -1.66 34.90 27.34
CA GLN B 753 -2.22 36.17 27.79
C GLN B 753 -3.70 36.01 28.13
N ASN B 754 -4.14 36.72 29.16
CA ASN B 754 -5.56 36.75 29.49
C ASN B 754 -6.31 37.59 28.48
N ALA B 755 -7.45 37.08 28.04
CA ALA B 755 -8.28 37.75 27.04
C ALA B 755 -9.71 37.81 27.52
N THR B 756 -10.31 39.00 27.46
CA THR B 756 -11.72 39.18 27.82
C THR B 756 -12.61 38.58 26.72
N VAL B 757 -12.88 37.29 26.84
CA VAL B 757 -13.64 36.59 25.83
C VAL B 757 -15.13 36.89 25.99
N ALA B 758 -15.87 36.77 24.89
CA ALA B 758 -17.32 36.89 24.89
C ALA B 758 -17.89 35.75 24.06
N VAL B 759 -18.48 34.76 24.73
CA VAL B 759 -18.99 33.58 24.06
C VAL B 759 -20.33 33.96 23.42
N MET B 760 -20.34 34.17 22.12
CA MET B 760 -21.56 34.51 21.39
C MET B 760 -21.38 34.19 19.92
N SER B 761 -22.47 33.85 19.26
CA SER B 761 -22.44 33.68 17.81
C SER B 761 -22.43 35.06 17.16
N TYR B 762 -21.35 35.37 16.43
CA TYR B 762 -21.18 36.72 15.90
C TYR B 762 -20.48 36.66 14.55
N SER B 763 -21.00 37.46 13.60
CA SER B 763 -20.42 37.81 12.30
C SER B 763 -20.34 36.67 11.29
N GLY B 764 -20.69 35.44 11.69
CA GLY B 764 -20.68 34.32 10.78
C GLY B 764 -19.32 33.73 10.46
N TYR B 765 -18.23 34.40 10.83
CA TYR B 765 -16.88 33.90 10.58
C TYR B 765 -16.37 32.98 11.67
N ASP B 766 -17.27 32.43 12.48
CA ASP B 766 -16.92 31.53 13.58
C ASP B 766 -17.82 30.32 13.59
N ILE B 767 -18.10 29.74 12.43
CA ILE B 767 -19.06 28.66 12.35
C ILE B 767 -18.47 27.37 12.91
N GLU B 768 -17.34 26.93 12.38
CA GLU B 768 -16.72 25.68 12.83
C GLU B 768 -15.32 25.98 13.35
N ASP B 769 -15.22 26.25 14.66
CA ASP B 769 -13.98 26.17 15.43
C ASP B 769 -12.94 27.19 14.95
N ALA B 770 -13.37 28.45 14.82
CA ALA B 770 -12.51 29.50 14.28
C ALA B 770 -12.89 30.82 14.93
N LEU B 771 -12.19 31.19 16.00
CA LEU B 771 -12.52 32.38 16.77
C LEU B 771 -12.04 33.66 16.10
N VAL B 772 -12.79 34.74 16.32
CA VAL B 772 -12.55 36.05 15.70
C VAL B 772 -11.90 36.97 16.73
N LEU B 773 -10.98 37.82 16.28
CA LEU B 773 -10.22 38.69 17.16
C LEU B 773 -10.53 40.15 16.87
N ASN B 774 -10.12 41.00 17.81
CA ASN B 774 -10.30 42.45 17.71
C ASN B 774 -9.11 43.05 16.96
N LYS B 775 -9.41 43.98 16.03
CA LYS B 775 -8.33 44.65 15.32
C LYS B 775 -7.55 45.57 16.24
N SER B 776 -8.25 46.40 17.00
CA SER B 776 -7.63 47.43 17.84
C SER B 776 -7.00 46.86 19.11
N SER B 777 -7.00 45.55 19.31
CA SER B 777 -6.33 44.91 20.43
C SER B 777 -4.99 44.30 20.04
N ILE B 778 -4.93 43.63 18.88
CA ILE B 778 -3.66 43.27 18.27
C ILE B 778 -2.88 44.52 17.91
N ASP B 779 -3.59 45.58 17.53
CA ASP B 779 -3.00 46.87 17.22
C ASP B 779 -2.32 47.50 18.43
N ARG B 780 -2.73 47.13 19.65
CA ARG B 780 -2.10 47.58 20.88
C ARG B 780 -1.15 46.54 21.47
N GLY B 781 -0.98 45.40 20.81
CA GLY B 781 0.02 44.44 21.22
C GLY B 781 -0.49 43.20 21.93
N PHE B 782 -1.60 42.64 21.47
CA PHE B 782 -2.14 41.41 22.06
C PHE B 782 -1.44 40.22 21.41
N GLY B 783 -0.52 39.60 22.13
CA GLY B 783 0.08 38.36 21.68
C GLY B 783 1.17 38.50 20.65
N ARG B 784 2.05 39.48 20.80
CA ARG B 784 3.12 39.69 19.83
C ARG B 784 4.19 38.62 19.96
N CYS B 785 4.78 38.26 18.82
CA CYS B 785 5.70 37.14 18.72
C CYS B 785 7.07 37.63 18.29
N GLU B 786 8.05 36.72 18.37
CA GLU B 786 9.39 36.99 17.85
C GLU B 786 10.03 35.64 17.53
N THR B 787 10.04 35.27 16.25
CA THR B 787 10.69 34.04 15.81
C THR B 787 12.17 34.30 15.63
N ARG B 788 13.01 33.44 16.19
CA ARG B 788 14.44 33.66 16.28
C ARG B 788 15.17 32.42 15.76
N ARG B 789 15.99 32.60 14.71
CA ARG B 789 16.57 31.49 13.98
C ARG B 789 18.08 31.65 13.84
N LYS B 790 18.78 30.52 13.75
CA LYS B 790 20.23 30.46 13.60
C LYS B 790 20.58 29.90 12.23
N THR B 791 21.57 30.51 11.58
CA THR B 791 22.04 30.09 10.25
C THR B 791 23.57 30.03 10.25
N THR B 792 24.13 29.30 11.21
CA THR B 792 25.57 29.26 11.40
C THR B 792 26.29 28.51 10.28
N THR B 793 27.55 28.90 10.05
CA THR B 793 28.46 28.22 9.13
C THR B 793 29.82 28.12 9.79
N VAL B 794 30.60 27.13 9.36
CA VAL B 794 31.97 26.96 9.83
C VAL B 794 32.91 27.24 8.67
N LEU B 795 34.13 27.64 9.01
CA LEU B 795 35.21 27.79 8.04
C LEU B 795 36.43 27.06 8.56
N LYS B 796 37.01 26.21 7.72
CA LYS B 796 38.03 25.27 8.15
C LYS B 796 39.20 25.29 7.19
N ARG B 797 40.34 24.83 7.70
CA ARG B 797 41.54 24.68 6.88
C ARG B 797 41.54 23.32 6.20
N TYR B 798 42.15 23.27 5.03
CA TYR B 798 42.16 22.07 4.21
C TYR B 798 43.41 21.25 4.52
N ALA B 799 43.68 20.23 3.69
CA ALA B 799 44.80 19.33 3.96
C ALA B 799 46.15 19.99 3.65
N ASN B 800 46.19 20.85 2.63
CA ASN B 800 47.44 21.48 2.20
C ASN B 800 47.62 22.89 2.77
N HIS B 801 47.12 23.12 3.99
CA HIS B 801 47.27 24.37 4.75
C HIS B 801 46.72 25.58 3.98
N THR B 802 45.48 25.45 3.52
CA THR B 802 44.83 26.51 2.76
C THR B 802 43.39 26.63 3.24
N GLN B 803 43.12 27.64 4.06
CA GLN B 803 41.78 27.89 4.57
C GLN B 803 41.07 28.90 3.67
N ASP B 804 39.81 29.17 4.01
CA ASP B 804 38.98 30.12 3.29
C ASP B 804 38.82 31.41 4.09
N ILE B 805 38.77 32.53 3.38
CA ILE B 805 38.78 33.86 3.98
C ILE B 805 37.50 34.59 3.57
N ILE B 806 36.79 35.12 4.56
CA ILE B 806 35.57 35.88 4.33
C ILE B 806 35.93 37.32 3.94
N GLY B 807 35.14 37.91 3.05
CA GLY B 807 35.37 39.27 2.63
C GLY B 807 34.30 39.72 1.66
N GLY B 808 34.46 40.95 1.17
CA GLY B 808 33.50 41.50 0.23
C GLY B 808 33.57 43.00 0.07
N MET B 809 32.40 43.65 0.17
CA MET B 809 32.23 45.11 0.11
C MET B 809 32.74 45.69 -1.22
N ARG B 810 32.05 45.30 -2.29
CA ARG B 810 32.32 45.86 -3.61
C ARG B 810 31.60 47.21 -3.70
N VAL B 811 32.38 48.30 -3.71
CA VAL B 811 31.83 49.64 -3.54
C VAL B 811 31.16 50.17 -4.82
N ASP B 812 31.48 49.59 -5.98
CA ASP B 812 30.72 49.65 -7.23
C ASP B 812 30.78 51.00 -7.95
N GLU B 813 31.31 52.06 -7.30
CA GLU B 813 31.75 53.30 -7.97
C GLU B 813 30.64 54.01 -8.76
N ASN B 814 29.79 54.80 -8.07
CA ASN B 814 28.37 55.06 -8.35
C ASN B 814 27.59 53.78 -8.08
N GLY B 815 27.39 53.52 -6.79
CA GLY B 815 27.23 52.22 -6.17
C GLY B 815 27.14 52.49 -4.69
N ASP B 816 28.04 51.90 -3.89
CA ASP B 816 28.22 52.14 -2.46
C ASP B 816 26.99 51.78 -1.63
N PRO B 817 26.71 50.49 -1.41
CA PRO B 817 27.26 49.27 -2.01
C PRO B 817 26.31 48.63 -3.01
N ILE B 818 26.64 47.43 -3.48
CA ILE B 818 25.71 46.65 -4.29
C ILE B 818 24.52 46.23 -3.41
N TRP B 819 23.34 46.10 -4.03
CA TRP B 819 22.13 45.67 -3.33
C TRP B 819 22.28 44.28 -2.70
N GLN B 820 23.07 43.40 -3.32
CA GLN B 820 23.34 42.11 -2.70
C GLN B 820 24.22 42.24 -1.45
N HIS B 821 25.08 43.25 -1.42
CA HIS B 821 25.96 43.52 -0.29
C HIS B 821 25.52 44.75 0.49
N GLN B 822 24.20 44.99 0.55
CA GLN B 822 23.69 46.26 1.07
C GLN B 822 23.87 46.36 2.58
N SER B 823 23.60 45.28 3.30
CA SER B 823 23.76 45.22 4.74
C SER B 823 24.73 44.08 5.06
N LEU B 824 26.02 44.37 4.96
CA LEU B 824 27.04 43.35 5.19
C LEU B 824 28.21 43.81 6.04
N GLY B 825 28.52 45.10 6.12
CA GLY B 825 29.60 45.56 6.96
C GLY B 825 30.97 45.33 6.37
N PRO B 826 31.98 46.09 6.83
CA PRO B 826 33.30 46.03 6.20
C PRO B 826 34.08 44.76 6.53
N ASP B 827 33.69 44.02 7.56
CA ASP B 827 34.43 42.83 7.94
C ASP B 827 34.14 41.66 7.01
N GLY B 828 32.88 41.46 6.65
CA GLY B 828 32.50 40.34 5.81
C GLY B 828 31.24 39.66 6.30
N LEU B 829 30.90 39.89 7.57
CA LEU B 829 29.71 39.33 8.19
C LEU B 829 28.82 40.46 8.69
N GLY B 830 27.51 40.22 8.68
CA GLY B 830 26.50 41.26 8.82
C GLY B 830 26.51 41.97 10.17
N GLU B 831 25.71 43.02 10.24
CA GLU B 831 25.71 43.94 11.37
C GLU B 831 24.72 43.48 12.44
N VAL B 832 24.46 44.35 13.41
CA VAL B 832 23.75 44.00 14.64
C VAL B 832 22.46 44.84 14.68
N GLY B 833 21.73 44.84 13.57
CA GLY B 833 20.49 45.58 13.53
C GLY B 833 20.10 46.12 12.18
N MET B 834 20.93 45.86 11.17
CA MET B 834 20.52 46.14 9.80
C MET B 834 19.47 45.13 9.35
N LYS B 835 18.79 45.48 8.26
CA LYS B 835 17.65 44.72 7.76
C LYS B 835 18.06 43.95 6.51
N VAL B 836 17.69 42.68 6.46
CA VAL B 836 17.87 41.85 5.28
C VAL B 836 16.50 41.45 4.75
N GLN B 837 16.38 41.35 3.43
CA GLN B 837 15.11 40.96 2.81
C GLN B 837 15.36 40.21 1.49
N SER B 838 15.43 38.87 1.61
CA SER B 838 15.24 37.88 0.54
C SER B 838 16.30 37.89 -0.57
N GLY B 839 17.20 38.85 -0.59
CA GLY B 839 18.25 38.87 -1.59
C GLY B 839 19.63 39.14 -1.03
N GLN B 840 19.70 39.72 0.16
CA GLN B 840 20.95 40.23 0.68
C GLN B 840 21.83 39.12 1.24
N ILE B 841 23.13 39.30 1.08
CA ILE B 841 24.16 38.42 1.63
C ILE B 841 24.62 39.02 2.95
N TYR B 842 24.74 38.17 3.98
CA TYR B 842 25.17 38.62 5.29
C TYR B 842 26.30 37.82 5.90
N ILE B 843 26.66 36.67 5.34
CA ILE B 843 27.66 35.78 5.92
C ILE B 843 28.66 35.39 4.83
N ASN B 844 28.92 36.35 3.91
CA ASN B 844 29.72 36.24 2.68
C ASN B 844 31.01 35.46 2.87
N LYS B 845 31.17 34.41 2.07
CA LYS B 845 32.18 33.39 2.28
C LYS B 845 32.76 32.97 0.92
N SER B 846 34.07 32.73 0.88
CA SER B 846 34.75 32.45 -0.37
C SER B 846 35.76 31.33 -0.16
N VAL B 847 35.51 30.17 -0.76
CA VAL B 847 36.35 28.99 -0.60
C VAL B 847 37.41 28.94 -1.70
N PRO B 848 38.55 28.29 -1.47
CA PRO B 848 39.51 28.07 -2.56
C PRO B 848 39.01 26.99 -3.51
N THR B 849 39.04 27.28 -4.81
CA THR B 849 38.55 26.37 -5.82
C THR B 849 39.59 25.36 -6.29
N ASN B 850 40.79 25.39 -5.71
CA ASN B 850 41.85 24.47 -6.10
C ASN B 850 42.26 23.50 -5.01
N SER B 851 42.26 23.94 -3.75
CA SER B 851 42.71 23.11 -2.64
C SER B 851 41.60 22.30 -2.00
N ALA B 852 40.47 22.13 -2.70
CA ALA B 852 39.40 21.27 -2.19
C ALA B 852 39.82 19.81 -2.21
N ASP B 853 40.60 19.40 -3.20
CA ASP B 853 41.23 18.09 -3.24
C ASP B 853 42.56 18.18 -2.49
N ALA B 854 43.41 17.15 -2.62
CA ALA B 854 44.70 17.11 -1.94
C ALA B 854 45.84 16.96 -2.94
N PRO B 855 46.33 18.06 -3.52
CA PRO B 855 47.60 18.03 -4.24
C PRO B 855 48.75 18.41 -3.31
N ASN B 856 49.96 18.31 -3.83
CA ASN B 856 51.10 18.84 -3.12
C ASN B 856 51.09 20.37 -3.16
N PRO B 857 51.59 21.03 -2.11
CA PRO B 857 51.61 22.50 -2.13
C PRO B 857 52.64 23.07 -3.09
N ASN B 858 52.16 23.62 -4.20
CA ASN B 858 53.02 24.26 -5.19
C ASN B 858 53.30 25.69 -4.74
N ASN B 859 54.59 26.01 -4.56
CA ASN B 859 54.98 27.29 -3.96
C ASN B 859 54.89 28.46 -4.93
N VAL B 860 54.59 28.24 -6.20
CA VAL B 860 54.49 29.36 -7.13
C VAL B 860 53.16 30.10 -6.94
N ASN B 861 52.12 29.42 -6.47
CA ASN B 861 50.83 30.06 -6.19
C ASN B 861 50.10 29.19 -5.18
N VAL B 862 49.76 29.76 -4.03
CA VAL B 862 49.13 29.01 -2.94
C VAL B 862 47.77 29.60 -2.62
N GLN B 863 47.75 30.89 -2.26
CA GLN B 863 46.56 31.49 -1.66
C GLN B 863 45.58 32.02 -2.71
N THR B 864 46.07 32.84 -3.64
CA THR B 864 45.22 33.69 -4.47
C THR B 864 44.54 32.87 -5.58
N GLN B 865 43.59 32.03 -5.15
CA GLN B 865 42.70 31.33 -6.08
C GLN B 865 41.42 31.01 -5.30
N TYR B 866 40.41 31.84 -5.47
CA TYR B 866 39.21 31.80 -4.63
C TYR B 866 37.96 31.62 -5.49
N ARG B 867 36.92 31.07 -4.85
CA ARG B 867 35.61 30.91 -5.46
C ARG B 867 34.56 31.43 -4.49
N GLU B 868 33.80 32.43 -4.91
CA GLU B 868 32.80 33.05 -4.04
C GLU B 868 31.59 32.13 -3.92
N ALA B 869 31.32 31.66 -2.70
CA ALA B 869 30.15 30.83 -2.42
C ALA B 869 29.57 31.17 -1.06
N PRO B 870 28.76 32.25 -0.98
CA PRO B 870 28.07 32.53 0.28
C PRO B 870 26.74 31.80 0.34
N VAL B 871 25.98 31.99 1.41
CA VAL B 871 24.59 31.55 1.46
C VAL B 871 23.72 32.78 1.71
N ILE B 872 22.61 32.85 0.99
CA ILE B 872 21.79 34.05 0.89
C ILE B 872 20.52 33.82 1.70
N TYR B 873 20.11 34.84 2.46
CA TYR B 873 18.81 34.84 3.12
C TYR B 873 17.70 34.71 2.10
N ARG B 874 16.96 33.60 2.14
CA ARG B 874 15.89 33.34 1.19
C ARG B 874 14.62 33.10 2.00
N GLY B 875 13.92 34.19 2.31
CA GLY B 875 12.71 34.13 3.10
C GLY B 875 11.63 35.03 2.56
N PRO B 876 10.38 34.81 2.98
CA PRO B 876 9.27 35.60 2.46
C PRO B 876 9.18 36.99 3.08
N GLU B 877 9.67 37.14 4.31
CA GLU B 877 9.53 38.38 5.06
C GLU B 877 10.89 38.85 5.55
N PRO B 878 11.08 40.18 5.66
CA PRO B 878 12.37 40.69 6.13
C PRO B 878 12.60 40.45 7.62
N SER B 879 13.83 40.10 7.96
CA SER B 879 14.24 39.85 9.33
C SER B 879 15.44 40.71 9.68
N HIS B 880 15.81 40.71 10.95
CA HIS B 880 16.89 41.53 11.47
C HIS B 880 17.95 40.66 12.13
N ILE B 881 19.15 41.20 12.22
CA ILE B 881 20.31 40.47 12.76
C ILE B 881 20.67 41.11 14.09
N ASP B 882 20.91 40.29 15.11
CA ASP B 882 21.31 40.85 16.38
C ASP B 882 22.39 40.10 17.17
N GLN B 883 22.83 38.93 16.74
CA GLN B 883 23.79 38.16 17.54
C GLN B 883 24.84 37.52 16.62
N VAL B 884 25.48 38.33 15.77
CA VAL B 884 26.67 37.86 15.07
C VAL B 884 27.79 37.64 16.09
N MET B 885 28.48 36.50 15.97
CA MET B 885 29.40 36.05 17.01
C MET B 885 30.49 35.22 16.37
N MET B 886 31.73 35.44 16.82
CA MET B 886 32.89 34.70 16.34
C MET B 886 33.53 33.96 17.50
N SER B 887 33.99 32.74 17.23
CA SER B 887 34.59 31.89 18.26
C SER B 887 35.61 30.99 17.58
N VAL B 888 36.02 29.94 18.28
CA VAL B 888 37.00 28.99 17.77
C VAL B 888 36.71 27.63 18.38
N SER B 889 36.94 26.58 17.61
CA SER B 889 36.72 25.22 18.08
C SER B 889 37.99 24.67 18.72
N ASP B 890 38.03 23.36 18.96
CA ASP B 890 39.20 22.75 19.60
C ASP B 890 40.38 22.67 18.65
N ASN B 891 40.14 22.32 17.39
CA ASN B 891 41.18 22.16 16.39
C ASN B 891 41.38 23.42 15.54
N ASP B 892 41.15 24.60 16.13
CA ASP B 892 41.34 25.91 15.50
C ASP B 892 40.48 26.08 14.25
N GLN B 893 39.26 25.57 14.30
CA GLN B 893 38.28 25.72 13.22
C GLN B 893 37.33 26.84 13.63
N ALA B 894 37.54 28.02 13.07
CA ALA B 894 36.73 29.19 13.42
C ALA B 894 35.33 29.07 12.86
N LEU B 895 34.33 29.31 13.71
CA LEU B 895 32.94 29.25 13.31
C LEU B 895 32.25 30.57 13.66
N ILE B 896 31.30 30.95 12.82
CA ILE B 896 30.50 32.16 13.02
C ILE B 896 29.05 31.73 13.16
N LYS B 897 28.44 32.08 14.30
CA LYS B 897 27.03 31.83 14.53
C LYS B 897 26.26 33.13 14.40
N VAL B 898 25.41 33.21 13.40
CA VAL B 898 24.56 34.38 13.16
C VAL B 898 23.15 34.04 13.60
N LEU B 899 22.44 35.02 14.15
CA LEU B 899 21.11 34.83 14.71
C LEU B 899 20.16 35.83 14.09
N LEU B 900 19.16 35.33 13.36
CA LEU B 900 18.15 36.15 12.71
C LEU B 900 16.88 36.18 13.56
N ARG B 901 16.18 37.31 13.53
CA ARG B 901 14.95 37.45 14.27
C ARG B 901 14.00 38.38 13.53
N GLN B 902 12.71 38.11 13.66
CA GLN B 902 11.69 38.96 13.06
C GLN B 902 10.47 39.01 13.95
N ASN B 903 9.78 40.15 13.93
CA ASN B 903 8.57 40.37 14.71
C ASN B 903 7.37 39.92 13.89
N ARG B 904 6.55 39.06 14.47
CA ARG B 904 5.40 38.49 13.78
C ARG B 904 4.13 38.96 14.48
N ARG B 905 3.32 39.72 13.75
CA ARG B 905 2.02 40.22 14.21
C ARG B 905 0.98 39.11 14.13
N PRO B 906 0.07 39.02 15.11
CA PRO B 906 -1.04 38.07 14.99
C PRO B 906 -2.00 38.46 13.88
N GLU B 907 -1.97 37.71 12.79
CA GLU B 907 -2.85 38.00 11.66
C GLU B 907 -3.65 36.77 11.27
N LEU B 908 -4.31 36.84 10.12
CA LEU B 908 -5.35 35.89 9.75
C LEU B 908 -4.73 34.55 9.38
N GLY B 909 -4.86 33.56 10.27
CA GLY B 909 -4.36 32.23 10.00
C GLY B 909 -3.62 31.60 11.16
N ASP B 910 -3.46 32.35 12.24
CA ASP B 910 -2.77 31.87 13.42
C ASP B 910 -3.75 31.21 14.37
N LYS B 911 -3.29 30.17 15.06
CA LYS B 911 -4.17 29.36 15.90
C LYS B 911 -3.91 29.62 17.38
N PHE B 912 -4.92 29.35 18.18
CA PHE B 912 -4.92 29.66 19.61
C PHE B 912 -5.49 28.50 20.40
N SER B 913 -5.27 28.53 21.70
CA SER B 913 -5.72 27.49 22.62
C SER B 913 -6.69 28.07 23.64
N SER B 914 -7.08 27.25 24.61
CA SER B 914 -7.90 27.70 25.72
C SER B 914 -7.53 27.06 27.05
N ARG B 915 -6.42 26.32 27.13
CA ARG B 915 -6.04 25.42 28.21
C ARG B 915 -7.05 24.30 28.48
N HIS B 916 -7.96 24.05 27.53
CA HIS B 916 -9.02 23.06 27.70
C HIS B 916 -9.25 22.27 26.41
N GLY B 917 -8.21 22.11 25.59
CA GLY B 917 -8.32 21.34 24.38
C GLY B 917 -9.18 21.96 23.30
N GLN B 918 -9.12 23.27 23.14
CA GLN B 918 -9.93 24.00 22.16
C GLN B 918 -9.00 24.70 21.17
N LYS B 919 -8.65 24.00 20.10
CA LYS B 919 -7.93 24.61 19.00
C LYS B 919 -8.84 25.57 18.23
N GLY B 920 -8.23 26.42 17.43
CA GLY B 920 -9.00 27.25 16.54
C GLY B 920 -8.19 28.31 15.83
N VAL B 921 -8.41 28.44 14.52
CA VAL B 921 -7.68 29.38 13.68
C VAL B 921 -8.38 30.73 13.81
N CYS B 922 -7.74 31.80 13.35
CA CYS B 922 -8.39 33.10 13.33
C CYS B 922 -9.47 33.14 12.25
N GLY B 923 -10.67 33.55 12.63
CA GLY B 923 -11.78 33.65 11.69
C GLY B 923 -11.61 34.79 10.71
N ILE B 924 -11.73 36.02 11.21
CA ILE B 924 -11.24 37.24 10.56
C ILE B 924 -10.67 38.15 11.63
N ILE B 925 -10.19 39.30 11.19
CA ILE B 925 -9.84 40.41 12.07
C ILE B 925 -10.88 41.50 11.84
N VAL B 926 -11.30 42.17 12.92
CA VAL B 926 -12.44 43.06 12.84
C VAL B 926 -12.28 44.17 13.89
N LYS B 927 -12.83 45.33 13.58
CA LYS B 927 -12.50 46.57 14.27
C LYS B 927 -13.17 46.64 15.64
N GLN B 928 -12.89 47.73 16.35
CA GLN B 928 -13.37 47.94 17.72
C GLN B 928 -14.71 48.66 17.77
N GLU B 929 -15.07 49.37 16.70
CA GLU B 929 -16.37 50.03 16.56
C GLU B 929 -17.46 49.03 16.24
N ASP B 930 -17.05 47.83 15.87
CA ASP B 930 -17.72 46.54 15.98
C ASP B 930 -17.63 46.08 17.43
N MET B 931 -17.36 44.79 17.68
CA MET B 931 -17.78 43.87 18.73
C MET B 931 -18.32 44.47 20.02
N PRO B 932 -19.44 43.94 20.52
CA PRO B 932 -20.36 44.72 21.36
C PRO B 932 -19.81 45.12 22.73
N PHE B 933 -20.43 46.15 23.30
CA PHE B 933 -19.96 46.80 24.50
C PHE B 933 -21.01 46.70 25.60
N ASN B 934 -20.55 46.65 26.84
CA ASN B 934 -21.45 46.66 28.00
C ASN B 934 -21.65 48.10 28.48
N ASP B 935 -22.22 48.23 29.70
CA ASP B 935 -22.53 49.54 30.25
C ASP B 935 -21.28 50.33 30.63
N GLN B 936 -20.15 49.65 30.83
CA GLN B 936 -18.92 50.30 31.23
C GLN B 936 -17.96 50.57 30.08
N GLY B 937 -18.20 49.97 28.92
CA GLY B 937 -17.38 50.21 27.74
C GLY B 937 -16.45 49.09 27.36
N ILE B 938 -16.57 47.92 27.98
CA ILE B 938 -15.70 46.79 27.65
C ILE B 938 -16.15 46.19 26.32
N VAL B 939 -15.27 46.20 25.34
CA VAL B 939 -15.47 45.44 24.11
C VAL B 939 -14.61 44.18 24.26
N PRO B 940 -15.00 43.04 23.70
CA PRO B 940 -14.24 41.82 23.91
C PRO B 940 -12.95 41.80 23.10
N ASP B 941 -12.04 40.96 23.56
CA ASP B 941 -10.80 40.74 22.83
C ASP B 941 -10.97 39.67 21.76
N ILE B 942 -11.62 38.57 22.12
CA ILE B 942 -11.85 37.42 21.25
C ILE B 942 -13.29 36.98 21.46
N ILE B 943 -14.01 36.66 20.38
CA ILE B 943 -15.36 36.12 20.47
C ILE B 943 -15.33 34.65 20.06
N MET B 944 -15.79 33.78 20.96
CA MET B 944 -15.87 32.34 20.71
C MET B 944 -17.32 32.00 20.33
N ASN B 945 -17.51 30.88 19.61
CA ASN B 945 -18.80 30.36 19.23
C ASN B 945 -19.27 29.41 20.32
N PRO B 946 -20.49 29.54 20.83
CA PRO B 946 -20.96 28.60 21.87
C PRO B 946 -21.21 27.18 21.38
N HIS B 947 -21.17 26.91 20.07
CA HIS B 947 -21.45 25.57 19.57
C HIS B 947 -20.33 24.58 19.88
N GLY B 948 -19.15 25.03 20.24
CA GLY B 948 -18.10 24.12 20.66
C GLY B 948 -18.20 23.62 22.08
N PHE B 949 -19.21 24.06 22.83
CA PHE B 949 -19.42 23.60 24.21
C PHE B 949 -20.17 22.28 24.38
N PRO B 950 -21.36 22.00 23.72
CA PRO B 950 -22.11 20.78 24.09
C PRO B 950 -21.46 19.47 23.71
N SER B 951 -21.03 19.30 22.45
CA SER B 951 -20.47 18.03 22.02
C SER B 951 -19.08 17.79 22.58
N ARG B 952 -18.38 18.85 22.99
CA ARG B 952 -17.09 18.69 23.64
C ARG B 952 -17.19 18.57 25.14
N MET B 953 -18.35 18.94 25.71
CA MET B 953 -18.71 18.73 27.13
C MET B 953 -17.73 19.41 28.09
N THR B 954 -17.09 20.48 27.66
CA THR B 954 -16.02 21.12 28.42
C THR B 954 -16.61 22.26 29.26
N VAL B 955 -17.29 21.87 30.35
CA VAL B 955 -17.88 22.86 31.26
C VAL B 955 -16.86 23.44 32.22
N GLY B 956 -15.62 22.95 32.21
CA GLY B 956 -14.60 23.53 33.06
C GLY B 956 -14.14 24.90 32.61
N LYS B 957 -14.26 25.18 31.30
CA LYS B 957 -14.07 26.54 30.81
C LYS B 957 -15.21 27.44 31.26
N MET B 958 -16.39 26.87 31.42
CA MET B 958 -17.58 27.60 31.80
C MET B 958 -17.64 27.84 33.31
N ILE B 959 -16.69 27.29 34.07
CA ILE B 959 -16.47 27.63 35.47
C ILE B 959 -15.28 28.58 35.52
N GLU B 960 -14.39 28.46 34.53
CA GLU B 960 -13.16 29.25 34.51
C GLU B 960 -13.46 30.74 34.28
N LEU B 961 -14.49 31.04 33.49
CA LEU B 961 -14.83 32.43 33.21
C LEU B 961 -15.38 33.12 34.44
N ILE B 962 -16.24 32.44 35.20
CA ILE B 962 -16.82 33.08 36.38
C ILE B 962 -15.86 33.05 37.57
N SER B 963 -14.90 32.12 37.59
CA SER B 963 -13.89 32.13 38.63
C SER B 963 -12.77 33.12 38.37
N GLY B 964 -12.57 33.52 37.11
CA GLY B 964 -11.56 34.50 36.78
C GLY B 964 -12.12 35.90 36.78
N LYS B 965 -13.43 36.03 36.60
CA LYS B 965 -14.07 37.34 36.64
C LYS B 965 -14.19 37.84 38.08
N ALA B 966 -14.46 36.95 39.03
CA ALA B 966 -14.46 37.32 40.43
C ALA B 966 -13.06 37.45 41.00
N GLY B 967 -12.06 36.85 40.34
CA GLY B 967 -10.69 37.01 40.80
C GLY B 967 -10.13 38.39 40.52
N VAL B 968 -10.61 39.04 39.46
CA VAL B 968 -10.19 40.42 39.20
C VAL B 968 -10.88 41.38 40.14
N LEU B 969 -12.21 41.20 40.32
CA LEU B 969 -13.00 42.13 41.13
C LEU B 969 -12.63 42.06 42.61
N ASN B 970 -12.18 40.90 43.08
CA ASN B 970 -11.66 40.82 44.44
C ASN B 970 -10.19 41.22 44.50
N GLY B 971 -9.43 40.94 43.44
CA GLY B 971 -8.02 41.28 43.41
C GLY B 971 -7.12 40.06 43.51
N THR B 972 -7.49 39.12 44.37
CA THR B 972 -6.67 37.94 44.60
C THR B 972 -6.82 36.94 43.46
N LEU B 973 -5.70 36.34 43.05
CA LEU B 973 -5.75 35.26 42.07
C LEU B 973 -6.31 34.02 42.74
N GLU B 974 -7.26 33.37 42.07
CA GLU B 974 -7.98 32.25 42.65
C GLU B 974 -7.56 30.94 42.00
N TYR B 975 -7.95 29.84 42.63
CA TYR B 975 -7.39 28.53 42.35
C TYR B 975 -8.37 27.65 41.57
N GLY B 976 -7.80 26.78 40.75
CA GLY B 976 -8.59 25.91 39.90
C GLY B 976 -8.07 24.48 39.88
N THR B 977 -7.59 24.01 41.03
CA THR B 977 -6.92 22.72 41.10
C THR B 977 -7.91 21.57 40.97
N CYS B 978 -7.37 20.36 40.90
CA CYS B 978 -8.19 19.17 40.76
C CYS B 978 -8.87 18.85 42.08
N PHE B 979 -10.15 18.46 41.99
CA PHE B 979 -10.94 17.90 43.10
C PHE B 979 -11.08 18.89 44.25
N GLY B 980 -11.15 20.18 43.93
CA GLY B 980 -11.20 21.20 44.96
C GLY B 980 -11.01 22.60 44.40
N GLY B 981 -10.12 23.37 45.02
CA GLY B 981 -9.89 24.73 44.56
C GLY B 981 -10.91 25.69 45.15
N SER B 982 -11.34 26.64 44.32
CA SER B 982 -12.31 27.63 44.73
C SER B 982 -13.72 27.18 44.37
N LYS B 983 -14.58 27.05 45.38
CA LYS B 983 -15.93 26.56 45.19
C LYS B 983 -16.78 27.59 44.45
N LEU B 984 -17.72 27.11 43.64
CA LEU B 984 -18.61 27.99 42.90
C LEU B 984 -19.64 28.67 43.81
N GLU B 985 -19.92 28.09 44.99
CA GLU B 985 -20.93 28.64 45.89
C GLU B 985 -20.49 29.97 46.48
N ASP B 986 -19.26 30.04 46.99
CA ASP B 986 -18.69 31.30 47.47
C ASP B 986 -17.91 32.03 46.39
N MET B 987 -18.18 31.74 45.12
CA MET B 987 -17.61 32.44 43.98
C MET B 987 -18.51 33.58 43.51
N SER B 988 -19.78 33.26 43.23
CA SER B 988 -20.71 34.21 42.67
C SER B 988 -21.31 35.15 43.71
N LYS B 989 -20.97 34.97 44.99
CA LYS B 989 -21.31 35.99 45.99
C LYS B 989 -20.47 37.24 45.78
N ILE B 990 -19.27 37.10 45.24
CA ILE B 990 -18.45 38.24 44.86
C ILE B 990 -19.08 38.98 43.68
N LEU B 991 -19.75 38.25 42.79
CA LEU B 991 -20.38 38.86 41.62
C LEU B 991 -21.56 39.74 42.01
N VAL B 992 -22.41 39.25 42.91
CA VAL B 992 -23.57 40.04 43.32
C VAL B 992 -23.15 41.15 44.29
N ASP B 993 -22.02 41.01 44.96
CA ASP B 993 -21.51 42.09 45.82
C ASP B 993 -20.99 43.25 44.98
N GLN B 994 -20.34 42.95 43.86
CA GLN B 994 -19.81 44.01 42.99
C GLN B 994 -20.93 44.73 42.26
N GLY B 995 -21.96 44.00 41.85
CA GLY B 995 -23.06 44.61 41.14
C GLY B 995 -23.34 43.92 39.81
N PHE B 996 -22.86 42.71 39.66
CA PHE B 996 -22.99 41.93 38.43
C PHE B 996 -24.01 40.81 38.63
N ASN B 997 -24.23 40.05 37.57
CA ASN B 997 -25.19 38.97 37.59
C ASN B 997 -24.63 37.78 38.37
N TYR B 998 -25.54 36.93 38.86
CA TYR B 998 -25.14 35.71 39.55
C TYR B 998 -24.41 34.75 38.61
N SER B 999 -24.84 34.71 37.35
CA SER B 999 -24.32 33.74 36.39
C SER B 999 -23.22 34.29 35.51
N GLY B 1000 -22.83 35.54 35.69
CA GLY B 1000 -21.81 36.14 34.85
C GLY B 1000 -22.30 36.47 33.45
N LYS B 1001 -23.57 36.84 33.30
CA LYS B 1001 -24.17 37.16 32.01
C LYS B 1001 -24.77 38.56 32.10
N ASP B 1002 -24.08 39.54 31.54
CA ASP B 1002 -24.57 40.91 31.52
C ASP B 1002 -25.04 41.23 30.11
N MET B 1003 -26.02 42.13 30.01
CA MET B 1003 -26.60 42.47 28.73
C MET B 1003 -25.66 43.35 27.93
N LEU B 1004 -25.44 42.99 26.66
CA LEU B 1004 -24.62 43.77 25.77
C LEU B 1004 -25.47 44.52 24.77
N TYR B 1005 -24.89 45.58 24.20
CA TYR B 1005 -25.48 46.34 23.12
C TYR B 1005 -25.02 45.73 21.80
N SER B 1006 -25.16 46.46 20.69
CA SER B 1006 -24.60 46.01 19.43
C SER B 1006 -23.76 47.12 18.83
N GLY B 1007 -22.62 46.75 18.24
CA GLY B 1007 -21.75 47.75 17.65
C GLY B 1007 -22.13 48.15 16.24
N ILE B 1008 -22.92 47.32 15.56
CA ILE B 1008 -23.27 47.58 14.17
C ILE B 1008 -24.62 48.28 14.02
N THR B 1009 -25.51 48.18 15.00
CA THR B 1009 -26.81 48.83 14.93
C THR B 1009 -27.21 49.59 16.18
N GLY B 1010 -26.54 49.40 17.31
CA GLY B 1010 -26.81 50.20 18.48
C GLY B 1010 -27.73 49.55 19.50
N GLU B 1011 -28.78 48.90 19.04
CA GLU B 1011 -29.79 48.35 19.94
C GLU B 1011 -29.25 47.13 20.67
N CYS B 1012 -29.82 46.87 21.84
CA CYS B 1012 -29.31 45.82 22.71
C CYS B 1012 -29.63 44.43 22.15
N LEU B 1013 -28.79 43.46 22.49
CA LEU B 1013 -28.96 42.12 21.98
C LEU B 1013 -30.14 41.44 22.65
N GLN B 1014 -30.74 40.48 21.93
CA GLN B 1014 -31.95 39.81 22.41
C GLN B 1014 -31.68 38.85 23.56
N ALA B 1015 -30.45 38.40 23.72
CA ALA B 1015 -30.10 37.43 24.75
C ALA B 1015 -29.04 38.02 25.68
N TYR B 1016 -28.68 37.24 26.69
CA TYR B 1016 -27.67 37.62 27.67
C TYR B 1016 -26.37 36.94 27.31
N ILE B 1017 -25.28 37.70 27.32
CA ILE B 1017 -24.00 37.21 26.80
C ILE B 1017 -23.10 36.85 27.98
N PHE B 1018 -22.50 35.67 27.92
CA PHE B 1018 -21.65 35.12 28.97
C PHE B 1018 -20.20 35.50 28.65
N PHE B 1019 -19.74 36.63 29.20
CA PHE B 1019 -18.44 37.18 28.86
C PHE B 1019 -17.62 37.45 30.12
N GLY B 1020 -16.31 37.22 30.01
CA GLY B 1020 -15.38 37.44 31.09
C GLY B 1020 -13.97 37.01 30.70
N PRO B 1021 -13.01 37.14 31.62
CA PRO B 1021 -11.62 36.83 31.28
C PRO B 1021 -11.34 35.34 31.28
N ILE B 1022 -10.77 34.85 30.17
CA ILE B 1022 -10.28 33.48 30.05
C ILE B 1022 -8.88 33.52 29.43
N TYR B 1023 -7.94 32.80 30.04
CA TYR B 1023 -6.55 32.77 29.60
C TYR B 1023 -6.43 31.97 28.30
N TYR B 1024 -5.97 32.62 27.24
CA TYR B 1024 -5.72 31.96 25.97
C TYR B 1024 -4.23 31.93 25.65
N GLN B 1025 -3.82 30.84 25.00
CA GLN B 1025 -2.46 30.61 24.56
C GLN B 1025 -2.37 30.77 23.04
N LYS B 1026 -1.16 31.04 22.56
CA LYS B 1026 -0.89 31.10 21.13
C LYS B 1026 0.13 30.02 20.79
N LEU B 1027 -0.20 29.19 19.80
CA LEU B 1027 0.56 27.99 19.51
C LEU B 1027 1.65 28.28 18.48
N LYS B 1028 2.23 27.21 17.93
CA LYS B 1028 3.00 27.24 16.70
C LYS B 1028 2.08 27.26 15.49
N HIS B 1029 2.65 26.89 14.34
CA HIS B 1029 1.91 26.59 13.10
C HIS B 1029 1.24 27.86 12.56
N MET B 1030 2.05 28.91 12.42
CA MET B 1030 1.59 30.15 11.83
C MET B 1030 1.45 29.97 10.33
N VAL B 1031 0.53 30.73 9.74
CA VAL B 1031 0.24 30.58 8.31
C VAL B 1031 1.33 31.19 7.43
N LEU B 1032 2.22 31.99 8.00
CA LEU B 1032 3.36 32.50 7.24
C LEU B 1032 4.35 31.39 6.91
N ASP B 1033 4.47 30.39 7.78
CA ASP B 1033 5.37 29.27 7.53
C ASP B 1033 4.70 28.11 6.80
N LYS B 1034 3.37 27.99 6.93
CA LYS B 1034 2.65 26.93 6.24
C LYS B 1034 2.36 27.27 4.79
N MET B 1035 2.50 28.53 4.41
CA MET B 1035 2.22 28.94 3.04
C MET B 1035 3.30 28.41 2.11
N HIS B 1036 2.88 27.91 0.95
CA HIS B 1036 3.73 27.09 0.10
C HIS B 1036 3.10 27.03 -1.28
N ALA B 1037 3.90 27.29 -2.32
CA ALA B 1037 3.40 27.30 -3.69
C ALA B 1037 4.56 27.11 -4.65
N ARG B 1038 4.24 26.65 -5.85
CA ARG B 1038 5.24 26.35 -6.87
C ARG B 1038 4.59 26.30 -8.24
N ALA B 1039 5.20 26.95 -9.22
CA ALA B 1039 4.75 26.89 -10.61
C ALA B 1039 5.59 25.96 -11.46
N ARG B 1040 6.90 26.24 -11.57
CA ARG B 1040 7.79 25.44 -12.41
C ARG B 1040 9.21 25.64 -11.86
N GLY B 1041 9.70 24.67 -11.12
CA GLY B 1041 10.98 24.78 -10.47
C GLY B 1041 11.95 23.70 -10.89
N PRO B 1042 12.91 23.39 -10.01
CA PRO B 1042 13.86 22.32 -10.30
C PRO B 1042 13.20 20.96 -10.28
N ARG B 1043 13.82 20.03 -10.99
CA ARG B 1043 13.33 18.66 -11.08
C ARG B 1043 14.25 17.72 -10.32
N ALA B 1044 13.82 16.47 -10.21
CA ALA B 1044 14.65 15.46 -9.55
C ALA B 1044 15.75 14.99 -10.50
N VAL B 1045 16.83 14.50 -9.89
CA VAL B 1045 17.97 14.04 -10.67
C VAL B 1045 17.69 12.68 -11.30
N LEU B 1046 17.07 11.77 -10.53
CA LEU B 1046 16.85 10.41 -11.01
C LEU B 1046 15.58 10.30 -11.86
N THR B 1047 14.43 10.68 -11.28
CA THR B 1047 13.14 10.41 -11.90
C THR B 1047 12.51 11.64 -12.57
N ARG B 1048 13.22 12.78 -12.58
CA ARG B 1048 12.78 14.04 -13.19
C ARG B 1048 11.45 14.53 -12.66
N GLN B 1049 11.14 14.22 -11.40
CA GLN B 1049 9.92 14.67 -10.77
C GLN B 1049 10.14 16.03 -10.11
N PRO B 1050 9.07 16.78 -9.86
CA PRO B 1050 9.18 17.95 -8.97
C PRO B 1050 9.66 17.53 -7.58
N THR B 1051 10.51 18.37 -7.00
CA THR B 1051 11.30 17.99 -5.83
C THR B 1051 10.42 17.86 -4.59
N GLU B 1052 10.97 17.16 -3.59
CA GLU B 1052 10.21 16.72 -2.44
C GLU B 1052 10.31 17.72 -1.30
N GLY B 1053 9.18 18.02 -0.67
CA GLY B 1053 9.18 18.75 0.58
C GLY B 1053 9.24 20.26 0.40
N ARG B 1054 9.67 20.93 1.47
CA ARG B 1054 9.79 22.38 1.52
C ARG B 1054 11.27 22.73 1.62
N SER B 1055 11.60 23.96 1.21
CA SER B 1055 12.88 24.66 1.23
C SER B 1055 13.84 24.17 0.14
N ARG B 1056 13.50 23.13 -0.61
CA ARG B 1056 14.20 22.87 -1.87
C ARG B 1056 13.47 23.58 -3.01
N ASP B 1057 12.23 23.16 -3.26
CA ASP B 1057 11.17 23.89 -3.96
C ASP B 1057 9.90 23.07 -3.72
N GLY B 1058 8.78 23.59 -4.20
CA GLY B 1058 7.52 22.92 -3.98
C GLY B 1058 7.21 21.77 -4.92
N GLY B 1059 5.97 21.72 -5.40
CA GLY B 1059 5.50 20.62 -6.21
C GLY B 1059 4.82 19.61 -5.33
N LEU B 1060 3.49 19.58 -5.34
CA LEU B 1060 2.74 18.74 -4.43
C LEU B 1060 2.27 17.47 -5.13
N ARG B 1061 1.84 16.51 -4.32
CA ARG B 1061 1.69 15.13 -4.73
C ARG B 1061 0.22 14.75 -4.84
N LEU B 1062 -0.11 14.02 -5.91
CA LEU B 1062 -1.45 13.45 -6.08
C LEU B 1062 -1.34 11.96 -5.80
N GLY B 1063 -1.91 11.52 -4.68
CA GLY B 1063 -1.74 10.15 -4.25
C GLY B 1063 -2.54 9.15 -5.06
N GLU B 1064 -2.34 7.88 -4.74
CA GLU B 1064 -3.09 6.80 -5.37
C GLU B 1064 -4.55 6.84 -4.95
N MET B 1065 -4.84 7.27 -3.72
CA MET B 1065 -6.21 7.39 -3.25
C MET B 1065 -6.89 8.67 -3.72
N GLU B 1066 -6.20 9.49 -4.50
CA GLU B 1066 -6.79 10.66 -5.14
C GLU B 1066 -7.16 10.40 -6.60
N ARG B 1067 -6.40 9.56 -7.31
CA ARG B 1067 -6.78 9.22 -8.68
C ARG B 1067 -8.00 8.31 -8.72
N ASP B 1068 -8.31 7.64 -7.59
CA ASP B 1068 -9.56 6.91 -7.46
C ASP B 1068 -10.76 7.84 -7.55
N CYS B 1069 -10.62 9.07 -7.05
CA CYS B 1069 -11.74 10.00 -7.00
C CYS B 1069 -12.04 10.60 -8.37
N VAL B 1070 -11.01 10.93 -9.15
CA VAL B 1070 -11.22 11.57 -10.44
C VAL B 1070 -11.67 10.58 -11.51
N ILE B 1071 -11.48 9.28 -11.31
CA ILE B 1071 -12.05 8.29 -12.21
C ILE B 1071 -13.57 8.21 -12.02
N ALA B 1072 -14.03 8.39 -10.78
CA ALA B 1072 -15.46 8.39 -10.48
C ALA B 1072 -16.20 9.56 -11.11
N TYR B 1073 -15.52 10.68 -11.38
CA TYR B 1073 -16.16 11.75 -12.14
C TYR B 1073 -16.28 11.38 -13.61
N GLY B 1074 -15.32 10.63 -14.14
CA GLY B 1074 -15.31 10.27 -15.54
C GLY B 1074 -14.55 11.22 -16.43
N ALA B 1075 -13.86 12.21 -15.86
CA ALA B 1075 -13.08 13.16 -16.64
C ALA B 1075 -11.76 12.53 -17.02
N SER B 1076 -11.61 12.16 -18.30
CA SER B 1076 -10.42 11.47 -18.75
C SER B 1076 -9.31 12.40 -19.20
N GLN B 1077 -9.65 13.63 -19.59
CA GLN B 1077 -8.66 14.58 -20.08
C GLN B 1077 -7.95 15.33 -18.95
N LEU B 1078 -8.42 15.20 -17.71
CA LEU B 1078 -7.74 15.77 -16.56
C LEU B 1078 -6.65 14.84 -16.03
N LEU B 1079 -6.73 13.54 -16.32
CA LEU B 1079 -5.67 12.61 -15.94
C LEU B 1079 -4.47 12.68 -16.87
N LEU B 1080 -4.68 13.12 -18.12
CA LEU B 1080 -3.53 13.34 -19.00
C LEU B 1080 -2.72 14.55 -18.55
N GLU B 1081 -3.40 15.59 -18.06
CA GLU B 1081 -2.67 16.77 -17.59
C GLU B 1081 -2.04 16.54 -16.22
N ARG B 1082 -2.84 16.13 -15.24
CA ARG B 1082 -2.38 16.05 -13.86
C ARG B 1082 -1.49 14.85 -13.57
N LEU B 1083 -1.15 14.03 -14.57
CA LEU B 1083 -0.20 12.95 -14.39
C LEU B 1083 0.86 12.85 -15.47
N MET B 1084 0.63 13.39 -16.66
CA MET B 1084 1.61 13.28 -17.74
C MET B 1084 2.10 14.63 -18.25
N ILE B 1085 1.19 15.56 -18.54
CA ILE B 1085 1.60 16.83 -19.16
C ILE B 1085 2.32 17.72 -18.15
N SER B 1086 1.76 17.86 -16.96
CA SER B 1086 2.32 18.77 -15.97
C SER B 1086 3.57 18.20 -15.30
N SER B 1087 3.52 16.94 -14.90
CA SER B 1087 4.60 16.39 -14.07
C SER B 1087 5.80 15.96 -14.92
N ASP B 1088 5.61 14.99 -15.80
CA ASP B 1088 6.73 14.40 -16.54
C ASP B 1088 6.27 14.01 -17.95
N ALA B 1089 6.63 14.83 -18.92
CA ALA B 1089 6.35 14.55 -20.32
C ALA B 1089 7.67 14.57 -21.07
N PHE B 1090 8.01 13.45 -21.71
CA PHE B 1090 9.32 13.30 -22.35
C PHE B 1090 9.13 12.59 -23.68
N GLU B 1091 9.55 13.22 -24.77
CA GLU B 1091 9.45 12.62 -26.08
C GLU B 1091 10.50 11.51 -26.24
N VAL B 1092 10.17 10.49 -27.02
CA VAL B 1092 11.00 9.30 -27.12
C VAL B 1092 10.87 8.75 -28.53
N ASP B 1093 11.91 8.05 -28.99
CA ASP B 1093 11.96 7.43 -30.31
C ASP B 1093 11.77 5.93 -30.15
N VAL B 1094 10.60 5.43 -30.53
CA VAL B 1094 10.34 4.00 -30.50
C VAL B 1094 10.32 3.47 -31.93
N CYS B 1095 10.63 2.19 -32.07
CA CYS B 1095 10.68 1.53 -33.37
C CYS B 1095 9.39 0.75 -33.60
N ASP B 1096 9.01 0.60 -34.87
CA ASP B 1096 7.75 -0.06 -35.21
C ASP B 1096 7.84 -1.56 -35.01
N LYS B 1097 8.73 -2.22 -35.74
CA LYS B 1097 8.94 -3.66 -35.58
C LYS B 1097 10.01 -3.90 -34.53
N CYS B 1098 9.85 -5.01 -33.80
CA CYS B 1098 10.60 -5.39 -32.59
C CYS B 1098 10.81 -4.20 -31.65
N GLY B 1099 9.67 -3.65 -31.20
CA GLY B 1099 9.59 -2.35 -30.58
C GLY B 1099 10.35 -2.12 -29.29
N LEU B 1100 11.44 -1.35 -29.40
CA LEU B 1100 12.19 -0.84 -28.26
C LEU B 1100 12.39 0.65 -28.46
N MET B 1101 13.04 1.29 -27.50
CA MET B 1101 13.25 2.74 -27.53
C MET B 1101 14.65 3.05 -28.01
N GLY B 1102 14.77 4.02 -28.91
CA GLY B 1102 16.04 4.46 -29.43
C GLY B 1102 16.38 5.88 -29.05
N TYR B 1103 17.42 6.40 -29.68
CA TYR B 1103 17.88 7.77 -29.46
C TYR B 1103 18.09 8.45 -30.80
N SER B 1104 17.54 9.66 -30.93
CA SER B 1104 17.79 10.59 -32.04
C SER B 1104 17.45 10.00 -33.41
N GLY B 1105 16.50 9.07 -33.45
CA GLY B 1105 16.21 8.36 -34.68
C GLY B 1105 17.25 7.31 -35.00
N TRP B 1106 17.46 6.36 -34.08
CA TRP B 1106 18.38 5.26 -34.28
C TRP B 1106 17.90 4.06 -33.46
N CYS B 1107 17.73 2.92 -34.12
CA CYS B 1107 17.09 1.78 -33.48
C CYS B 1107 17.99 1.11 -32.45
N THR B 1108 19.29 1.06 -32.72
CA THR B 1108 20.42 0.61 -31.90
C THR B 1108 20.43 -0.93 -31.76
N THR B 1109 19.39 -1.61 -32.25
CA THR B 1109 19.37 -3.07 -32.31
C THR B 1109 19.06 -3.57 -33.72
N CYS B 1110 18.02 -3.05 -34.36
CA CYS B 1110 17.78 -3.29 -35.78
C CYS B 1110 18.28 -2.06 -36.53
N LYS B 1111 19.60 -1.99 -36.68
CA LYS B 1111 20.30 -0.74 -36.99
C LYS B 1111 20.05 -0.34 -38.45
N SER B 1112 18.88 0.24 -38.68
CA SER B 1112 18.50 0.80 -39.96
C SER B 1112 17.90 2.19 -39.89
N ALA B 1113 17.32 2.59 -38.76
CA ALA B 1113 16.72 3.91 -38.51
C ALA B 1113 15.62 4.25 -39.51
N GLU B 1114 14.90 3.24 -39.98
CA GLU B 1114 13.88 3.43 -41.01
C GLU B 1114 12.50 3.67 -40.41
N ASN B 1115 11.99 2.69 -39.67
CA ASN B 1115 10.65 2.76 -39.09
C ASN B 1115 10.74 3.14 -37.61
N ILE B 1116 10.99 4.43 -37.37
CA ILE B 1116 11.00 5.01 -36.03
C ILE B 1116 9.98 6.13 -36.01
N ILE B 1117 8.98 6.00 -35.15
CA ILE B 1117 7.86 6.92 -35.07
C ILE B 1117 7.81 7.46 -33.65
N LYS B 1118 8.16 8.73 -33.48
CA LYS B 1118 8.29 9.29 -32.14
C LYS B 1118 6.94 9.67 -31.56
N MET B 1119 6.86 9.64 -30.23
CA MET B 1119 5.66 9.99 -29.50
C MET B 1119 6.06 10.32 -28.06
N THR B 1120 5.18 11.03 -27.37
CA THR B 1120 5.42 11.46 -26.01
C THR B 1120 4.94 10.41 -25.01
N ILE B 1121 5.61 10.35 -23.87
CA ILE B 1121 5.41 9.29 -22.89
C ILE B 1121 5.79 9.87 -21.53
N PRO B 1122 5.21 9.41 -20.42
CA PRO B 1122 5.74 9.82 -19.11
C PRO B 1122 7.15 9.30 -18.88
N TYR B 1123 7.95 10.10 -18.19
CA TYR B 1123 9.33 9.73 -17.92
C TYR B 1123 9.42 8.58 -16.92
N ALA B 1124 8.45 8.48 -16.01
CA ALA B 1124 8.42 7.36 -15.09
C ALA B 1124 8.05 6.06 -15.79
N ALA B 1125 7.44 6.13 -16.97
CA ALA B 1125 7.21 4.94 -17.78
C ALA B 1125 8.44 4.58 -18.61
N LYS B 1126 9.22 5.58 -19.03
CA LYS B 1126 10.46 5.27 -19.73
C LYS B 1126 11.51 4.72 -18.78
N LEU B 1127 11.64 5.32 -17.59
CA LEU B 1127 12.63 4.88 -16.63
C LEU B 1127 12.23 3.55 -15.99
N LEU B 1128 10.95 3.17 -16.07
CA LEU B 1128 10.54 1.82 -15.73
C LEU B 1128 11.08 0.81 -16.75
N PHE B 1129 11.01 1.16 -18.04
CA PHE B 1129 11.39 0.22 -19.10
C PHE B 1129 12.90 -0.01 -19.12
N GLN B 1130 13.69 1.03 -18.83
CA GLN B 1130 15.13 0.82 -18.70
C GLN B 1130 15.50 0.05 -17.44
N GLU B 1131 14.58 -0.07 -16.48
CA GLU B 1131 14.77 -0.97 -15.35
C GLU B 1131 14.34 -2.39 -15.69
N LEU B 1132 13.32 -2.55 -16.54
CA LEU B 1132 12.87 -3.89 -16.91
C LEU B 1132 13.81 -4.56 -17.89
N LEU B 1133 14.34 -3.81 -18.87
CA LEU B 1133 15.37 -4.35 -19.76
C LEU B 1133 16.67 -4.61 -19.04
N SER B 1134 16.91 -3.95 -17.90
CA SER B 1134 18.17 -4.15 -17.19
C SER B 1134 18.22 -5.50 -16.51
N MET B 1135 17.08 -6.05 -16.09
CA MET B 1135 17.15 -7.36 -15.47
C MET B 1135 17.15 -8.47 -16.50
N ASN B 1136 15.99 -8.83 -17.06
CA ASN B 1136 16.00 -9.78 -18.16
C ASN B 1136 14.90 -9.51 -19.18
N ILE B 1137 13.81 -8.89 -18.73
CA ILE B 1137 12.57 -8.94 -19.49
C ILE B 1137 12.55 -7.81 -20.51
N ALA B 1138 11.82 -8.03 -21.60
CA ALA B 1138 11.77 -7.10 -22.72
C ALA B 1138 10.33 -6.65 -22.93
N PRO B 1139 9.91 -5.55 -22.31
CA PRO B 1139 8.61 -4.98 -22.65
C PRO B 1139 8.62 -4.34 -24.03
N ARG B 1140 7.99 -5.02 -24.99
CA ARG B 1140 7.97 -4.58 -26.37
C ARG B 1140 6.63 -3.94 -26.68
N LEU B 1141 6.66 -2.74 -27.23
CA LEU B 1141 5.46 -1.93 -27.43
C LEU B 1141 5.08 -1.94 -28.90
N ARG B 1142 3.82 -2.27 -29.18
CA ARG B 1142 3.29 -2.24 -30.53
C ARG B 1142 2.49 -0.97 -30.75
N LEU B 1143 2.39 -0.55 -32.01
CA LEU B 1143 1.83 0.75 -32.34
C LEU B 1143 0.73 0.57 -33.38
N GLU B 1144 -0.42 1.23 -33.16
CA GLU B 1144 -1.49 1.24 -34.13
C GLU B 1144 -1.90 2.68 -34.42
N ASP B 1145 -2.65 2.87 -35.50
CA ASP B 1145 -3.13 4.18 -35.87
C ASP B 1145 -4.31 4.60 -35.01
N ILE B 1146 -4.31 5.87 -34.61
CA ILE B 1146 -5.50 6.46 -33.97
C ILE B 1146 -6.57 6.74 -35.01
N PHE B 1147 -6.20 6.80 -36.28
CA PHE B 1147 -7.15 7.05 -37.37
C PHE B 1147 -7.24 5.81 -38.24
N GLN B 1148 -7.89 5.97 -39.41
CA GLN B 1148 -8.40 4.87 -40.25
C GLN B 1148 -9.37 4.00 -39.46
N GLN B 1149 -10.21 4.65 -38.65
CA GLN B 1149 -11.23 4.05 -37.78
C GLN B 1149 -10.67 2.97 -36.84
N MET C 1 -44.56 51.15 19.98
CA MET C 1 -45.07 50.10 20.85
C MET C 1 -44.21 49.94 22.10
N SER C 2 -44.60 50.62 23.18
CA SER C 2 -44.07 50.44 24.54
C SER C 2 -42.56 50.67 24.58
N ASN C 3 -42.19 51.94 24.41
CA ASN C 3 -40.81 52.45 24.34
C ASN C 3 -39.85 51.92 25.41
N ILE C 4 -40.37 51.55 26.58
CA ILE C 4 -39.56 50.91 27.60
C ILE C 4 -39.18 49.51 27.15
N VAL C 5 -37.87 49.26 27.01
CA VAL C 5 -37.40 47.92 26.68
C VAL C 5 -37.52 47.03 27.91
N GLY C 6 -38.15 45.87 27.74
CA GLY C 6 -38.44 44.99 28.85
C GLY C 6 -37.30 44.04 29.15
N ILE C 7 -37.14 43.71 30.43
CA ILE C 7 -36.08 42.84 30.90
C ILE C 7 -36.71 41.72 31.70
N GLU C 8 -36.56 40.49 31.22
CA GLU C 8 -37.03 39.29 31.90
C GLU C 8 -35.85 38.48 32.39
N TYR C 9 -36.15 37.31 32.97
CA TYR C 9 -35.12 36.51 33.62
C TYR C 9 -34.24 35.75 32.64
N ASN C 10 -34.65 35.64 31.37
CA ASN C 10 -33.82 34.94 30.40
C ASN C 10 -33.79 35.62 29.02
N ARG C 11 -34.40 36.79 28.87
CA ARG C 11 -34.51 37.43 27.56
C ARG C 11 -34.78 38.90 27.77
N VAL C 12 -34.77 39.65 26.66
CA VAL C 12 -35.29 41.01 26.62
C VAL C 12 -36.32 41.09 25.51
N THR C 13 -37.13 42.14 25.55
CA THR C 13 -38.17 42.33 24.55
C THR C 13 -38.40 43.82 24.36
N ASN C 14 -39.06 44.16 23.24
CA ASN C 14 -39.33 45.54 22.79
C ASN C 14 -38.02 46.33 22.63
N THR C 15 -37.23 45.86 21.66
CA THR C 15 -35.90 46.41 21.38
C THR C 15 -35.90 47.38 20.21
N THR C 16 -36.68 47.10 19.16
CA THR C 16 -36.58 47.78 17.88
C THR C 16 -37.10 49.21 17.97
N SER C 17 -37.01 49.92 16.82
CA SER C 17 -37.15 51.38 16.80
C SER C 17 -38.59 51.84 16.99
N THR C 18 -39.55 51.18 16.32
CA THR C 18 -41.00 51.38 16.33
C THR C 18 -41.50 52.83 16.35
N ASP C 19 -40.78 53.72 15.66
CA ASP C 19 -41.15 55.14 15.61
C ASP C 19 -41.06 55.68 14.18
N PHE C 20 -41.61 54.94 13.23
CA PHE C 20 -41.58 55.31 11.83
C PHE C 20 -42.98 55.31 11.25
N PRO C 21 -43.26 56.17 10.26
CA PRO C 21 -44.62 56.24 9.71
C PRO C 21 -44.97 55.00 8.89
N GLY C 22 -46.27 54.84 8.68
CA GLY C 22 -46.79 53.63 8.07
C GLY C 22 -46.61 52.44 8.99
N PHE C 23 -47.08 52.57 10.23
CA PHE C 23 -46.88 51.54 11.23
C PHE C 23 -48.16 50.91 11.74
N SER C 24 -49.18 51.69 12.06
CA SER C 24 -50.49 51.11 12.37
C SER C 24 -51.55 51.54 11.37
N LYS C 25 -51.93 52.81 11.35
CA LYS C 25 -52.69 53.36 10.23
C LYS C 25 -52.33 54.80 9.89
N ASP C 26 -51.83 55.58 10.85
CA ASP C 26 -51.57 56.99 10.67
C ASP C 26 -50.07 57.23 10.64
N ALA C 27 -49.63 58.12 9.76
CA ALA C 27 -48.21 58.40 9.60
C ALA C 27 -47.72 59.28 10.75
N GLU C 28 -46.52 58.95 11.25
CA GLU C 28 -45.98 59.56 12.45
C GLU C 28 -44.47 59.31 12.45
N ASN C 29 -43.65 60.35 12.56
CA ASN C 29 -44.04 61.75 12.72
C ASN C 29 -43.15 62.58 11.78
N GLU C 30 -43.19 62.25 10.49
CA GLU C 30 -42.05 62.09 9.58
C GLU C 30 -40.84 62.98 9.84
N TRP C 31 -40.97 64.30 9.68
CA TRP C 31 -39.91 65.14 10.21
C TRP C 31 -40.45 66.20 11.16
N ASN C 32 -41.42 66.99 10.70
CA ASN C 32 -42.25 67.88 11.52
C ASN C 32 -41.41 68.91 12.28
N VAL C 33 -40.84 69.85 11.53
CA VAL C 33 -40.24 71.02 12.16
C VAL C 33 -41.31 71.77 12.94
N GLU C 34 -41.15 71.88 14.25
CA GLU C 34 -39.91 71.54 14.98
C GLU C 34 -40.09 70.50 16.10
N LYS C 35 -40.81 69.40 15.79
CA LYS C 35 -41.11 68.39 16.81
C LYS C 35 -39.87 67.67 17.31
N PHE C 36 -38.85 67.51 16.47
CA PHE C 36 -37.59 66.97 16.97
C PHE C 36 -36.81 68.01 17.77
N LYS C 37 -36.95 69.29 17.43
CA LYS C 37 -36.35 70.35 18.23
C LYS C 37 -37.14 70.57 19.52
N LYS C 38 -38.45 70.35 19.49
CA LYS C 38 -39.28 70.49 20.68
C LYS C 38 -38.98 69.41 21.71
N ASP C 39 -38.58 68.22 21.25
CA ASP C 39 -38.38 67.09 22.16
C ASP C 39 -36.93 66.61 22.14
N PHE C 40 -35.98 67.52 22.25
CA PHE C 40 -34.57 67.15 22.40
C PHE C 40 -33.97 67.99 23.52
N GLU C 41 -33.72 67.37 24.66
CA GLU C 41 -33.05 68.01 25.77
C GLU C 41 -31.70 67.33 26.00
N VAL C 42 -30.81 68.05 26.68
CA VAL C 42 -29.51 67.53 27.07
C VAL C 42 -29.21 68.06 28.47
N ASN C 43 -28.62 67.21 29.32
CA ASN C 43 -28.35 67.56 30.72
C ASN C 43 -26.91 67.16 31.03
N ILE C 44 -26.01 68.13 31.03
CA ILE C 44 -24.60 67.85 31.29
C ILE C 44 -24.41 67.63 32.80
N SER C 45 -23.89 66.47 33.16
CA SER C 45 -23.60 66.10 34.55
C SER C 45 -22.20 66.57 34.90
N SER C 46 -21.62 66.03 35.97
CA SER C 46 -20.29 66.39 36.46
C SER C 46 -19.21 66.18 35.40
N LEU C 47 -18.62 67.29 34.94
CA LEU C 47 -17.70 67.30 33.80
C LEU C 47 -16.32 67.71 34.30
N ASP C 48 -15.36 66.80 34.22
CA ASP C 48 -13.99 67.06 34.62
C ASP C 48 -13.20 67.56 33.42
N ALA C 49 -11.87 67.64 33.55
CA ALA C 49 -11.01 68.05 32.46
C ALA C 49 -10.59 66.89 31.57
N ARG C 50 -10.95 65.66 31.94
CA ARG C 50 -10.55 64.49 31.17
C ARG C 50 -11.77 63.60 30.91
N GLU C 51 -12.77 63.68 31.77
CA GLU C 51 -13.95 62.83 31.69
C GLU C 51 -15.19 63.71 31.71
N ALA C 52 -16.13 63.43 30.81
CA ALA C 52 -17.38 64.16 30.71
C ALA C 52 -18.55 63.20 30.75
N ASN C 53 -19.62 63.63 31.43
CA ASN C 53 -20.82 62.81 31.60
C ASN C 53 -22.03 63.68 31.26
N PHE C 54 -22.87 63.20 30.35
CA PHE C 54 -24.01 63.94 29.85
C PHE C 54 -24.93 62.96 29.13
N ASP C 55 -26.22 63.25 29.13
CA ASP C 55 -27.20 62.36 28.54
C ASP C 55 -28.06 63.06 27.49
N LEU C 56 -28.41 62.32 26.45
CA LEU C 56 -29.27 62.79 25.38
C LEU C 56 -30.60 62.04 25.45
N ILE C 57 -31.69 62.78 25.43
CA ILE C 57 -33.01 62.20 25.66
C ILE C 57 -33.86 62.33 24.39
N ASN C 58 -34.72 61.33 24.17
CA ASN C 58 -35.73 61.29 23.10
C ASN C 58 -35.10 61.29 21.70
N ILE C 59 -34.03 60.52 21.54
CA ILE C 59 -33.50 60.17 20.23
C ILE C 59 -33.46 58.65 20.12
N ASP C 60 -33.25 58.16 18.90
CA ASP C 60 -33.21 56.72 18.68
C ASP C 60 -31.79 56.20 18.88
N THR C 61 -31.60 54.92 18.59
CA THR C 61 -30.31 54.26 18.75
C THR C 61 -29.49 54.24 17.47
N SER C 62 -29.93 54.92 16.42
CA SER C 62 -29.15 54.98 15.19
C SER C 62 -28.24 56.20 15.13
N ILE C 63 -28.73 57.36 15.56
CA ILE C 63 -27.89 58.55 15.57
C ILE C 63 -27.04 58.64 16.83
N ALA C 64 -27.39 57.91 17.89
CA ALA C 64 -26.54 57.82 19.05
C ALA C 64 -25.45 56.77 18.88
N ASN C 65 -25.68 55.77 18.03
CA ASN C 65 -24.61 54.85 17.68
C ASN C 65 -23.57 55.55 16.81
N ALA C 66 -24.01 56.35 15.84
CA ALA C 66 -23.11 56.94 14.87
C ALA C 66 -22.19 57.98 15.49
N PHE C 67 -22.65 58.68 16.52
CA PHE C 67 -21.77 59.58 17.27
C PHE C 67 -20.71 58.79 18.03
N ARG C 68 -21.13 57.68 18.65
CA ARG C 68 -20.19 56.81 19.35
C ARG C 68 -19.22 56.13 18.39
N ARG C 69 -19.73 55.69 17.23
CA ARG C 69 -18.91 54.96 16.27
C ARG C 69 -17.94 55.90 15.56
N ILE C 70 -18.31 57.16 15.36
CA ILE C 70 -17.38 58.16 14.85
C ILE C 70 -16.34 58.52 15.91
N MET C 71 -16.78 58.62 17.17
CA MET C 71 -16.00 59.25 18.23
C MET C 71 -14.70 58.53 18.54
N ILE C 72 -14.58 57.25 18.20
CA ILE C 72 -13.35 56.50 18.42
C ILE C 72 -12.75 55.98 17.12
N SER C 73 -13.39 56.24 15.97
CA SER C 73 -12.84 55.84 14.67
C SER C 73 -12.44 57.04 13.81
N GLU C 74 -13.37 57.95 13.53
CA GLU C 74 -13.20 58.87 12.41
C GLU C 74 -12.65 60.24 12.79
N VAL C 75 -12.59 60.56 14.08
CA VAL C 75 -12.01 61.84 14.49
C VAL C 75 -10.48 61.74 14.36
N PRO C 76 -9.82 62.79 13.90
CA PRO C 76 -8.36 62.71 13.74
C PRO C 76 -7.63 63.03 15.03
N SER C 77 -6.51 62.34 15.25
CA SER C 77 -5.61 62.64 16.34
C SER C 77 -4.18 62.50 15.83
N VAL C 78 -3.23 62.50 16.74
CA VAL C 78 -1.83 62.64 16.38
C VAL C 78 -0.99 61.74 17.30
N ALA C 79 -0.04 61.01 16.70
CA ALA C 79 0.79 60.06 17.41
C ALA C 79 2.05 59.80 16.61
N ALA C 80 3.07 59.25 17.28
CA ALA C 80 4.34 59.00 16.65
C ALA C 80 4.26 57.77 15.74
N GLU C 81 4.76 57.90 14.51
CA GLU C 81 4.68 56.83 13.53
C GLU C 81 6.05 56.25 13.18
N TYR C 82 7.00 57.08 12.74
CA TYR C 82 8.30 56.61 12.29
C TYR C 82 9.34 56.93 13.35
N VAL C 83 10.14 55.93 13.72
CA VAL C 83 11.17 56.05 14.74
C VAL C 83 12.51 55.72 14.11
N TYR C 84 13.49 56.61 14.28
CA TYR C 84 14.83 56.47 13.70
C TYR C 84 15.81 56.24 14.84
N PHE C 85 16.34 55.02 14.94
CA PHE C 85 17.17 54.63 16.07
C PHE C 85 18.64 54.97 15.84
N PHE C 86 19.32 55.34 16.93
CA PHE C 86 20.76 55.54 16.97
C PHE C 86 21.29 54.84 18.20
N ASN C 87 21.97 53.71 18.01
CA ASN C 87 22.64 52.94 19.06
C ASN C 87 21.65 52.48 20.14
N ASN C 88 20.75 51.58 19.73
CA ASN C 88 19.86 50.89 20.66
C ASN C 88 20.60 49.66 21.16
N THR C 89 21.36 49.83 22.25
CA THR C 89 22.11 48.74 22.86
C THR C 89 21.49 48.28 24.17
N SER C 90 20.16 48.31 24.27
CA SER C 90 19.46 47.88 25.46
C SER C 90 19.01 46.42 25.33
N VAL C 91 18.30 45.94 26.34
CA VAL C 91 17.81 44.56 26.35
C VAL C 91 16.59 44.42 25.44
N ILE C 92 15.74 45.45 25.41
CA ILE C 92 14.50 45.42 24.64
C ILE C 92 14.80 45.37 23.15
N GLN C 93 14.06 44.52 22.43
CA GLN C 93 14.19 44.43 20.99
C GLN C 93 13.76 45.73 20.32
N ASP C 94 14.20 45.90 19.09
CA ASP C 94 14.18 47.23 18.48
C ASP C 94 12.80 47.62 17.98
N GLU C 95 11.90 46.66 17.74
CA GLU C 95 10.53 46.98 17.38
C GLU C 95 9.61 47.09 18.58
N VAL C 96 9.95 46.43 19.69
CA VAL C 96 9.14 46.51 20.90
C VAL C 96 9.22 47.91 21.50
N LEU C 97 10.42 48.50 21.52
CA LEU C 97 10.55 49.86 22.03
C LEU C 97 10.01 50.88 21.02
N ALA C 98 10.01 50.53 19.74
CA ALA C 98 9.38 51.40 18.74
C ALA C 98 7.86 51.31 18.78
N HIS C 99 7.30 50.22 19.30
CA HIS C 99 5.87 50.07 19.44
C HIS C 99 5.33 50.78 20.68
N ARG C 100 6.17 51.01 21.69
CA ARG C 100 5.74 51.69 22.90
C ARG C 100 5.74 53.21 22.75
N ILE C 101 6.53 53.75 21.82
CA ILE C 101 6.54 55.19 21.59
C ILE C 101 5.31 55.60 20.77
N GLY C 102 4.73 54.67 20.01
CA GLY C 102 3.51 54.99 19.29
C GLY C 102 2.30 55.12 20.18
N LEU C 103 2.30 54.43 21.33
CA LEU C 103 1.12 54.33 22.19
C LEU C 103 1.18 55.28 23.38
N VAL C 104 1.77 56.46 23.23
CA VAL C 104 1.75 57.49 24.26
C VAL C 104 0.91 58.65 23.76
N PRO C 105 0.01 59.20 24.58
CA PRO C 105 -0.82 60.34 24.14
C PRO C 105 -0.02 61.63 24.21
N LEU C 106 0.18 62.28 23.06
CA LEU C 106 0.91 63.52 23.01
C LEU C 106 -0.06 64.69 23.11
N LYS C 107 0.12 65.52 24.12
CA LYS C 107 -0.80 66.62 24.42
C LYS C 107 -0.51 67.77 23.45
N VAL C 108 -1.18 67.74 22.30
CA VAL C 108 -1.10 68.81 21.32
C VAL C 108 -2.40 68.78 20.52
N ASP C 109 -2.85 69.96 20.10
CA ASP C 109 -4.10 70.11 19.37
C ASP C 109 -3.90 69.67 17.91
N PRO C 110 -4.72 68.71 17.40
CA PRO C 110 -4.66 68.35 15.97
C PRO C 110 -5.49 69.27 15.08
N ASP C 111 -5.38 70.57 15.32
CA ASP C 111 -5.93 71.59 14.44
C ASP C 111 -4.81 72.49 13.90
N MET C 112 -3.63 72.45 14.51
CA MET C 112 -2.46 73.17 14.05
C MET C 112 -1.58 72.33 13.13
N LEU C 113 -2.16 71.35 12.44
CA LEU C 113 -1.42 70.49 11.52
C LEU C 113 -2.22 70.31 10.24
N THR C 114 -1.56 69.75 9.23
CA THR C 114 -2.18 69.37 7.98
C THR C 114 -2.01 67.88 7.75
N TRP C 115 -2.76 67.35 6.81
CA TRP C 115 -2.67 65.93 6.49
C TRP C 115 -1.44 65.64 5.64
N VAL C 116 -0.98 64.41 5.71
CA VAL C 116 0.21 63.98 4.99
C VAL C 116 -0.21 63.58 3.57
N ASP C 117 0.72 63.72 2.63
CA ASP C 117 0.52 63.32 1.25
C ASP C 117 1.30 62.04 1.02
N SER C 118 0.58 60.92 0.86
CA SER C 118 1.22 59.61 0.73
C SER C 118 1.51 59.24 -0.72
N ASN C 119 2.15 60.17 -1.43
CA ASN C 119 2.60 59.94 -2.80
C ASN C 119 4.02 60.42 -3.06
N LEU C 120 4.56 61.32 -2.24
CA LEU C 120 5.85 61.93 -2.45
C LEU C 120 6.96 61.02 -1.98
N PRO C 121 8.22 61.26 -2.43
CA PRO C 121 9.36 60.55 -1.84
C PRO C 121 9.70 61.04 -0.43
N ASP C 122 10.83 60.56 0.10
CA ASP C 122 11.10 60.64 1.54
C ASP C 122 11.31 62.08 2.02
N ASP C 123 12.15 62.84 1.33
CA ASP C 123 12.42 64.22 1.77
C ASP C 123 11.52 65.23 1.07
N GLU C 124 10.21 64.97 1.03
CA GLU C 124 9.26 65.94 0.48
C GLU C 124 7.97 66.06 1.27
N LYS C 125 7.75 65.26 2.31
CA LYS C 125 6.54 65.39 3.11
C LYS C 125 6.81 65.48 4.61
N PHE C 126 8.08 65.52 5.04
CA PHE C 126 8.44 65.76 6.43
C PHE C 126 8.82 67.21 6.66
N THR C 127 8.12 68.10 5.96
CA THR C 127 8.35 69.54 5.95
C THR C 127 7.53 70.15 7.10
N ASP C 128 7.19 71.44 7.03
CA ASP C 128 6.41 72.14 8.06
C ASP C 128 4.99 71.59 8.10
N GLU C 129 4.09 72.25 8.84
CA GLU C 129 3.30 71.61 9.90
C GLU C 129 2.48 70.40 9.43
N ASN C 130 3.23 69.32 9.25
CA ASN C 130 2.77 67.99 8.87
C ASN C 130 3.43 66.91 9.72
N THR C 131 4.60 67.18 10.29
CA THR C 131 5.40 66.20 11.01
C THR C 131 6.07 66.87 12.20
N ILE C 132 5.99 66.24 13.37
CA ILE C 132 6.64 66.71 14.58
C ILE C 132 7.78 65.75 14.91
N VAL C 133 8.95 66.30 15.24
CA VAL C 133 10.09 65.47 15.64
C VAL C 133 10.18 65.46 17.16
N LEU C 134 10.47 64.28 17.72
CA LEU C 134 10.68 64.10 19.15
C LEU C 134 11.97 63.33 19.35
N SER C 135 12.87 63.87 20.18
CA SER C 135 14.18 63.28 20.37
C SER C 135 14.32 62.77 21.79
N LEU C 136 14.80 61.53 21.92
CA LEU C 136 15.11 60.92 23.21
C LEU C 136 16.60 60.64 23.26
N ASN C 137 17.20 60.85 24.43
CA ASN C 137 18.64 60.65 24.59
C ASN C 137 18.92 60.47 26.08
N VAL C 138 19.46 59.31 26.44
CA VAL C 138 19.65 58.97 27.85
C VAL C 138 20.75 57.92 27.93
N LYS C 139 21.63 58.06 28.93
CA LYS C 139 22.71 57.12 29.19
C LYS C 139 22.77 56.87 30.69
N CYS C 140 22.91 55.61 31.07
CA CYS C 140 22.88 55.21 32.48
C CYS C 140 24.30 55.18 33.02
N THR C 141 24.55 55.97 34.07
CA THR C 141 25.81 55.96 34.78
C THR C 141 25.62 55.42 36.19
N ARG C 142 26.71 54.97 36.79
CA ARG C 142 26.67 54.39 38.12
C ARG C 142 26.67 55.49 39.18
N ASN C 143 25.72 55.42 40.11
CA ASN C 143 25.68 56.33 41.24
C ASN C 143 26.83 55.99 42.16
N PRO C 144 27.80 56.90 42.36
CA PRO C 144 29.08 56.49 42.98
C PRO C 144 29.02 56.17 44.47
N ASP C 145 27.96 56.56 45.18
CA ASP C 145 27.93 56.27 46.61
C ASP C 145 27.46 54.85 46.91
N ALA C 146 26.19 54.52 46.58
CA ALA C 146 25.49 53.25 46.85
C ALA C 146 25.71 52.77 48.27
N PRO C 147 25.18 53.48 49.30
CA PRO C 147 25.65 53.29 50.68
C PRO C 147 25.43 51.91 51.30
N LYS C 148 24.18 51.47 51.46
CA LYS C 148 23.91 50.16 52.03
C LYS C 148 22.82 49.36 51.34
N GLY C 149 21.90 50.00 50.61
CA GLY C 149 20.71 49.32 50.12
C GLY C 149 20.88 48.80 48.71
N SER C 150 20.45 47.56 48.50
CA SER C 150 20.37 46.97 47.16
C SER C 150 18.90 46.93 46.78
N THR C 151 18.44 47.97 46.10
CA THR C 151 17.05 48.15 45.73
C THR C 151 16.95 48.30 44.20
N ASP C 152 15.77 48.71 43.74
CA ASP C 152 15.60 49.06 42.34
C ASP C 152 16.50 50.25 42.00
N PRO C 153 17.09 50.28 40.80
CA PRO C 153 18.15 51.26 40.52
C PRO C 153 17.70 52.71 40.39
N LYS C 154 17.10 53.26 41.44
CA LYS C 154 16.98 54.69 41.62
C LYS C 154 18.02 55.23 42.59
N GLU C 155 18.64 54.36 43.38
CA GLU C 155 19.72 54.69 44.29
C GLU C 155 21.05 54.12 43.85
N LEU C 156 21.06 52.91 43.28
CA LEU C 156 22.31 52.29 42.84
C LEU C 156 22.81 52.91 41.54
N TYR C 157 21.91 53.32 40.65
CA TYR C 157 22.31 53.83 39.34
C TYR C 157 21.48 55.05 38.99
N ASN C 158 22.12 56.04 38.36
CA ASN C 158 21.40 57.21 37.90
C ASN C 158 20.61 56.84 36.64
N ASN C 159 19.41 57.45 36.52
CA ASN C 159 18.41 57.38 35.45
C ASN C 159 18.29 56.03 34.74
N ALA C 160 18.22 54.94 35.52
CA ALA C 160 18.06 53.62 34.94
C ALA C 160 16.66 53.38 34.42
N HIS C 161 15.67 54.07 34.99
CA HIS C 161 14.30 54.01 34.52
C HIS C 161 14.04 55.23 33.64
N VAL C 162 13.74 55.01 32.37
CA VAL C 162 13.42 56.12 31.49
C VAL C 162 11.90 56.23 31.40
N TYR C 163 11.43 57.45 31.18
CA TYR C 163 10.03 57.79 31.31
C TYR C 163 9.52 58.39 30.01
N ALA C 164 8.25 58.79 30.01
CA ALA C 164 7.66 59.44 28.85
C ALA C 164 8.04 60.91 28.75
N ARG C 165 8.47 61.52 29.85
CA ARG C 165 8.91 62.91 29.81
C ARG C 165 10.29 63.09 29.19
N ASP C 166 11.01 61.99 28.92
CA ASP C 166 12.28 62.07 28.22
C ASP C 166 12.11 62.32 26.72
N LEU C 167 10.89 62.21 26.20
CA LEU C 167 10.60 62.52 24.80
C LEU C 167 10.60 64.04 24.65
N LYS C 168 11.79 64.61 24.43
CA LYS C 168 11.94 66.05 24.32
C LYS C 168 11.41 66.53 22.96
N PHE C 169 11.23 67.85 22.87
CA PHE C 169 10.68 68.49 21.68
C PHE C 169 11.70 69.46 21.11
N GLU C 170 11.92 69.38 19.80
CA GLU C 170 12.75 70.34 19.08
C GLU C 170 11.92 70.97 17.98
N PRO C 171 11.64 72.28 18.05
CA PRO C 171 10.86 72.91 16.99
C PRO C 171 11.65 73.08 15.72
N GLN C 172 10.95 73.03 14.59
CA GLN C 172 11.55 73.17 13.28
C GLN C 172 11.68 74.65 12.91
N GLY C 173 11.97 74.93 11.64
CA GLY C 173 12.22 76.29 11.19
C GLY C 173 11.01 77.19 11.15
N ARG C 174 9.80 76.65 11.28
CA ARG C 174 8.58 77.44 11.27
C ARG C 174 7.76 77.29 12.54
N GLN C 175 7.68 76.09 13.10
CA GLN C 175 6.83 75.83 14.26
C GLN C 175 7.56 76.12 15.58
N SER C 176 8.18 77.31 15.66
CA SER C 176 8.77 77.80 16.88
C SER C 176 8.06 79.03 17.42
N THR C 177 7.27 79.71 16.61
CA THR C 177 6.41 80.80 17.05
C THR C 177 4.94 80.38 17.13
N THR C 178 4.59 79.23 16.58
CA THR C 178 3.23 78.71 16.67
C THR C 178 3.06 77.75 17.85
N PHE C 179 4.11 77.03 18.23
CA PHE C 179 4.09 76.15 19.39
C PHE C 179 4.85 76.75 20.57
N ALA C 180 4.85 78.08 20.69
CA ALA C 180 5.62 78.74 21.73
C ALA C 180 4.89 78.70 23.07
N ASP C 181 3.58 78.96 23.07
CA ASP C 181 2.83 79.00 24.31
C ASP C 181 2.53 77.60 24.87
N CYS C 182 2.49 76.59 24.01
CA CYS C 182 2.18 75.23 24.43
C CYS C 182 3.19 74.25 23.84
N PRO C 183 3.83 73.42 24.65
CA PRO C 183 4.75 72.41 24.13
C PRO C 183 3.99 71.18 23.66
N VAL C 184 4.76 70.17 23.23
CA VAL C 184 4.19 68.94 22.68
C VAL C 184 4.59 67.83 23.67
N VAL C 185 4.57 68.17 24.95
CA VAL C 185 4.83 67.22 26.04
C VAL C 185 3.73 66.17 26.05
N PRO C 186 4.00 64.94 26.47
CA PRO C 186 2.95 63.91 26.49
C PRO C 186 1.94 64.15 27.60
N ALA C 187 0.84 63.39 27.52
CA ALA C 187 -0.26 63.59 28.44
C ALA C 187 0.07 63.08 29.84
N ASP C 188 0.78 61.96 29.93
CA ASP C 188 1.21 61.40 31.21
C ASP C 188 2.72 61.21 31.19
N PRO C 189 3.47 62.06 31.91
CA PRO C 189 4.93 61.94 31.88
C PRO C 189 5.48 60.73 32.60
N ASP C 190 4.74 60.16 33.56
CA ASP C 190 5.25 59.05 34.35
C ASP C 190 4.90 57.69 33.76
N ILE C 191 5.15 57.51 32.46
CA ILE C 191 4.93 56.23 31.79
C ILE C 191 6.27 55.50 31.71
N LEU C 192 6.34 54.33 32.33
CA LEU C 192 7.56 53.53 32.34
C LEU C 192 7.78 52.99 30.93
N LEU C 193 8.71 53.61 30.21
CA LEU C 193 8.95 53.26 28.82
C LEU C 193 9.99 52.15 28.70
N ALA C 194 11.06 52.22 29.48
CA ALA C 194 12.10 51.20 29.50
C ALA C 194 12.86 51.30 30.80
N LYS C 195 13.38 50.18 31.28
CA LYS C 195 14.36 50.16 32.35
C LYS C 195 15.60 49.42 31.86
N LEU C 196 16.77 49.87 32.33
CA LEU C 196 18.02 49.39 31.76
C LEU C 196 19.12 49.49 32.81
N ARG C 197 20.35 49.25 32.37
CA ARG C 197 21.52 48.94 33.17
C ARG C 197 22.65 49.79 32.60
N PRO C 198 23.66 50.14 33.40
CA PRO C 198 24.81 50.88 32.84
C PRO C 198 25.58 50.06 31.81
N GLY C 199 26.23 50.78 30.91
CA GLY C 199 26.75 50.21 29.69
C GLY C 199 25.76 50.19 28.55
N GLN C 200 24.48 50.47 28.82
CA GLN C 200 23.43 50.51 27.83
C GLN C 200 22.98 51.94 27.62
N GLU C 201 22.41 52.19 26.44
CA GLU C 201 22.12 53.55 26.00
C GLU C 201 21.11 53.46 24.86
N ILE C 202 20.16 54.40 24.83
CA ILE C 202 19.22 54.51 23.73
C ILE C 202 19.13 55.97 23.31
N SER C 203 18.95 56.18 22.01
CA SER C 203 18.83 57.52 21.44
C SER C 203 18.10 57.41 20.11
N LEU C 204 17.10 58.27 19.91
CA LEU C 204 16.24 58.15 18.75
C LEU C 204 15.56 59.47 18.45
N LYS C 205 15.24 59.69 17.19
CA LYS C 205 14.46 60.83 16.72
C LYS C 205 13.18 60.28 16.09
N ALA C 206 12.08 60.33 16.82
CA ALA C 206 10.82 59.77 16.38
C ALA C 206 9.97 60.85 15.74
N HIS C 207 9.58 60.64 14.49
CA HIS C 207 8.65 61.53 13.83
C HIS C 207 7.23 61.28 14.34
N CYS C 208 6.33 62.20 14.01
CA CYS C 208 4.98 62.18 14.57
C CYS C 208 4.00 62.71 13.52
N ILE C 209 2.92 61.98 13.31
CA ILE C 209 2.03 62.21 12.17
C ILE C 209 0.60 62.26 12.69
N LEU C 210 -0.31 62.79 11.87
CA LEU C 210 -1.72 62.89 12.20
C LEU C 210 -2.49 61.83 11.43
N GLY C 211 -3.42 61.15 12.11
CA GLY C 211 -4.20 60.10 11.48
C GLY C 211 -5.47 59.83 12.25
N ILE C 212 -6.21 58.83 11.78
CA ILE C 212 -7.48 58.44 12.39
C ILE C 212 -7.34 57.07 13.03
N GLY C 213 -8.30 56.74 13.88
CA GLY C 213 -8.29 55.50 14.64
C GLY C 213 -8.72 54.26 13.88
N GLY C 214 -9.03 54.36 12.59
CA GLY C 214 -9.37 53.19 11.82
C GLY C 214 -8.17 52.43 11.31
N ASP C 215 -7.06 53.13 11.09
CA ASP C 215 -5.82 52.48 10.67
C ASP C 215 -5.12 51.84 11.87
N HIS C 216 -4.79 52.65 12.87
CA HIS C 216 -4.08 52.18 14.04
C HIS C 216 -4.76 52.81 15.25
N ALA C 217 -4.89 52.04 16.33
CA ALA C 217 -5.63 52.48 17.50
C ALA C 217 -4.87 53.49 18.36
N LYS C 218 -3.64 53.84 18.00
CA LYS C 218 -2.93 54.89 18.70
C LYS C 218 -3.38 56.29 18.31
N PHE C 219 -4.18 56.41 17.25
CA PHE C 219 -4.72 57.68 16.82
C PHE C 219 -6.13 57.93 17.33
N SER C 220 -6.53 57.24 18.40
CA SER C 220 -7.85 57.41 18.97
C SER C 220 -7.76 58.32 20.18
N PRO C 221 -8.48 59.45 20.22
CA PRO C 221 -8.35 60.37 21.34
C PRO C 221 -9.07 59.93 22.59
N VAL C 222 -9.91 58.90 22.51
CA VAL C 222 -10.78 58.50 23.59
C VAL C 222 -10.30 57.17 24.13
N SER C 223 -10.25 57.04 25.46
CA SER C 223 -10.01 55.75 26.09
C SER C 223 -11.13 54.77 25.73
N THR C 224 -12.36 55.07 26.15
CA THR C 224 -13.52 54.35 25.67
C THR C 224 -14.71 55.30 25.67
N ALA C 225 -15.57 55.14 24.66
CA ALA C 225 -16.76 55.96 24.51
C ALA C 225 -17.95 55.03 24.33
N SER C 226 -18.97 55.20 25.16
CA SER C 226 -20.11 54.31 25.15
C SER C 226 -21.30 55.07 25.73
N TYR C 227 -22.45 54.40 25.73
CA TYR C 227 -23.65 54.92 26.36
C TYR C 227 -24.24 53.88 27.30
N ARG C 228 -25.29 54.29 27.99
CA ARG C 228 -25.98 53.44 28.94
C ARG C 228 -27.41 53.93 29.06
N LEU C 229 -28.36 53.06 28.71
CA LEU C 229 -29.77 53.38 28.97
C LEU C 229 -30.01 53.36 30.46
N LEU C 230 -30.75 54.35 30.97
CA LEU C 230 -31.00 54.29 32.41
C LEU C 230 -32.16 53.33 32.68
N PRO C 231 -32.01 52.42 33.62
CA PRO C 231 -33.12 51.52 33.97
C PRO C 231 -34.22 52.26 34.70
N GLN C 232 -35.36 51.60 34.82
CA GLN C 232 -36.40 52.05 35.73
C GLN C 232 -36.95 50.84 36.46
N ILE C 233 -37.40 51.06 37.68
CA ILE C 233 -37.89 50.00 38.54
C ILE C 233 -39.35 50.32 38.84
N ASN C 234 -40.25 49.75 38.04
CA ASN C 234 -41.68 49.96 38.22
C ASN C 234 -42.14 49.10 39.40
N ILE C 235 -42.59 49.75 40.46
CA ILE C 235 -43.03 49.06 41.67
C ILE C 235 -44.54 48.94 41.65
N LEU C 236 -45.04 47.77 42.06
CA LEU C 236 -46.47 47.53 42.23
C LEU C 236 -46.61 46.47 43.32
N GLN C 237 -47.86 46.28 43.78
CA GLN C 237 -48.22 45.51 44.97
C GLN C 237 -47.39 45.99 46.17
N PRO C 238 -47.74 47.15 46.76
CA PRO C 238 -46.79 47.85 47.64
C PRO C 238 -46.59 47.25 49.03
N ILE C 239 -46.96 45.98 49.25
CA ILE C 239 -46.71 45.33 50.53
C ILE C 239 -45.21 45.25 50.80
N LYS C 240 -44.84 45.36 52.07
CA LYS C 240 -43.45 45.57 52.45
C LYS C 240 -42.88 44.48 53.34
N GLY C 241 -43.65 43.98 54.33
CA GLY C 241 -43.23 42.98 55.29
C GLY C 241 -41.87 43.17 55.94
N GLU C 242 -41.19 42.05 56.19
CA GLU C 242 -39.76 42.06 56.47
C GLU C 242 -38.94 42.06 55.18
N SER C 243 -39.55 41.64 54.06
CA SER C 243 -38.87 41.51 52.78
C SER C 243 -38.48 42.84 52.15
N ALA C 244 -38.95 43.97 52.69
CA ALA C 244 -38.53 45.27 52.17
C ALA C 244 -37.06 45.53 52.44
N ARG C 245 -36.57 45.11 53.61
CA ARG C 245 -35.14 45.17 53.90
C ARG C 245 -34.35 44.10 53.16
N ARG C 246 -35.01 43.03 52.72
CA ARG C 246 -34.39 42.06 51.84
C ARG C 246 -34.36 42.59 50.40
N PHE C 247 -35.31 43.47 50.06
CA PHE C 247 -35.37 44.06 48.73
C PHE C 247 -34.28 45.10 48.50
N GLN C 248 -33.74 45.70 49.56
CA GLN C 248 -32.62 46.62 49.42
C GLN C 248 -31.27 45.94 49.57
N LYS C 249 -31.24 44.63 49.78
CA LYS C 249 -29.99 43.89 49.80
C LYS C 249 -29.56 43.46 48.40
N CYS C 250 -30.51 43.18 47.52
CA CYS C 250 -30.22 42.68 46.18
C CYS C 250 -29.93 43.81 45.19
N PHE C 251 -29.98 45.05 45.62
CA PHE C 251 -29.62 46.22 44.84
C PHE C 251 -28.37 46.88 45.42
N PRO C 252 -27.68 47.73 44.66
CA PRO C 252 -26.59 48.55 45.24
C PRO C 252 -27.10 49.49 46.32
N PRO C 253 -26.22 50.03 47.19
CA PRO C 253 -26.68 50.86 48.31
C PRO C 253 -27.15 52.26 47.94
N GLY C 254 -27.42 52.49 46.67
CA GLY C 254 -27.89 53.75 46.11
C GLY C 254 -29.39 53.70 45.90
N VAL C 255 -29.81 53.24 44.71
CA VAL C 255 -31.08 53.43 44.01
C VAL C 255 -32.36 53.41 44.86
N ILE C 256 -32.46 52.50 45.83
CA ILE C 256 -33.71 52.46 46.60
C ILE C 256 -33.45 52.71 48.09
N GLY C 257 -34.52 52.71 48.87
CA GLY C 257 -34.43 52.93 50.30
C GLY C 257 -35.80 52.96 50.90
N ILE C 258 -35.85 53.05 52.23
CA ILE C 258 -37.11 53.11 52.96
C ILE C 258 -37.13 54.36 53.82
N ASP C 259 -38.34 54.85 54.10
CA ASP C 259 -38.55 56.01 54.94
C ASP C 259 -38.77 55.55 56.40
N GLU C 260 -39.31 56.43 57.24
CA GLU C 260 -39.59 56.07 58.63
C GLU C 260 -40.63 54.96 58.71
N GLY C 261 -40.47 54.10 59.71
CA GLY C 261 -41.14 52.80 59.67
C GLY C 261 -40.59 52.01 58.50
N SER C 262 -41.45 51.23 57.86
CA SER C 262 -41.19 50.84 56.48
C SER C 262 -42.27 51.36 55.53
N ASP C 263 -43.51 50.90 55.69
CA ASP C 263 -44.77 51.46 55.15
C ASP C 263 -44.92 51.39 53.63
N GLU C 264 -43.80 51.19 52.91
CA GLU C 264 -43.66 51.18 51.46
C GLU C 264 -42.19 50.98 51.14
N ALA C 265 -41.85 50.85 49.85
CA ALA C 265 -40.45 50.77 49.42
C ALA C 265 -40.31 51.62 48.16
N TYR C 266 -39.78 52.84 48.32
CA TYR C 266 -39.70 53.77 47.20
C TYR C 266 -38.40 53.57 46.43
N VAL C 267 -38.12 54.46 45.50
CA VAL C 267 -36.96 54.38 44.63
C VAL C 267 -36.47 55.80 44.34
N LYS C 268 -35.16 55.99 44.31
CA LYS C 268 -34.55 57.24 43.90
C LYS C 268 -34.30 57.15 42.39
N ASP C 269 -33.48 58.04 41.82
CA ASP C 269 -33.13 57.92 40.41
C ASP C 269 -32.32 56.65 40.16
N ALA C 270 -32.67 55.93 39.10
CA ALA C 270 -32.02 54.67 38.78
C ALA C 270 -30.89 54.90 37.76
N ARG C 271 -29.98 55.77 38.15
CA ARG C 271 -28.75 56.01 37.40
C ARG C 271 -27.57 55.25 38.00
N LYS C 272 -27.77 54.59 39.13
CA LYS C 272 -26.72 53.85 39.80
C LYS C 272 -26.82 52.34 39.62
N ASP C 273 -28.00 51.83 39.26
CA ASP C 273 -28.22 50.38 39.28
C ASP C 273 -27.79 49.75 37.96
N THR C 274 -26.73 48.96 38.02
CA THR C 274 -26.44 48.03 36.94
C THR C 274 -27.50 46.94 36.95
N VAL C 275 -28.00 46.60 35.76
CA VAL C 275 -29.04 45.58 35.66
C VAL C 275 -28.40 44.23 35.97
N SER C 276 -28.67 43.72 37.18
CA SER C 276 -28.11 42.48 37.67
C SER C 276 -29.16 41.38 37.83
N ARG C 277 -30.46 41.74 37.74
CA ARG C 277 -31.64 40.86 37.79
C ARG C 277 -31.60 39.85 38.93
N GLU C 278 -31.10 40.29 40.09
CA GLU C 278 -31.07 39.46 41.28
C GLU C 278 -32.45 39.27 41.89
N VAL C 279 -33.38 40.20 41.64
CA VAL C 279 -34.73 40.13 42.21
C VAL C 279 -35.67 39.39 41.26
N LEU C 280 -35.10 38.73 40.25
CA LEU C 280 -35.88 38.00 39.26
C LEU C 280 -35.75 36.49 39.40
N ARG C 281 -35.28 36.00 40.56
CA ARG C 281 -34.99 34.58 40.70
C ARG C 281 -35.38 34.04 42.08
N TYR C 282 -36.43 34.58 42.69
CA TYR C 282 -36.76 34.25 44.08
C TYR C 282 -38.03 33.43 44.25
N GLU C 283 -38.76 33.13 43.16
CA GLU C 283 -39.84 32.13 43.07
C GLU C 283 -41.11 32.57 43.81
N GLU C 284 -41.04 33.68 44.55
CA GLU C 284 -42.17 34.23 45.28
C GLU C 284 -42.32 35.72 45.06
N PHE C 285 -41.57 36.27 44.10
CA PHE C 285 -41.35 37.70 44.02
C PHE C 285 -41.53 38.27 42.61
N ALA C 286 -41.67 37.42 41.60
CA ALA C 286 -41.70 37.85 40.20
C ALA C 286 -43.08 38.31 39.74
N ASP C 287 -43.96 38.68 40.66
CA ASP C 287 -45.29 39.18 40.33
C ASP C 287 -45.54 40.59 40.81
N LYS C 288 -44.54 41.26 41.39
CA LYS C 288 -44.72 42.61 41.91
C LYS C 288 -43.65 43.60 41.48
N VAL C 289 -42.49 43.15 41.00
CA VAL C 289 -41.41 44.04 40.58
C VAL C 289 -41.01 43.65 39.17
N LYS C 290 -41.11 44.60 38.24
CA LYS C 290 -40.60 44.42 36.89
C LYS C 290 -39.44 45.38 36.66
N LEU C 291 -38.47 44.94 35.87
CA LEU C 291 -37.31 45.73 35.52
C LEU C 291 -37.36 46.12 34.05
N GLY C 292 -36.74 47.23 33.72
CA GLY C 292 -36.74 47.70 32.36
C GLY C 292 -35.96 48.99 32.23
N ARG C 293 -35.42 49.20 31.04
CA ARG C 293 -34.64 50.37 30.70
C ARG C 293 -35.45 51.23 29.74
N VAL C 294 -35.10 52.50 29.65
CA VAL C 294 -35.76 53.39 28.71
C VAL C 294 -34.90 53.49 27.45
N ARG C 295 -35.52 53.39 26.29
CA ARG C 295 -34.79 53.23 25.04
C ARG C 295 -34.32 54.57 24.49
N ASN C 296 -35.00 55.65 24.80
CA ASN C 296 -34.75 56.95 24.19
C ASN C 296 -33.88 57.86 25.03
N HIS C 297 -33.19 57.33 26.05
CA HIS C 297 -32.39 58.16 26.95
C HIS C 297 -31.01 57.52 27.08
N PHE C 298 -30.03 58.13 26.41
CA PHE C 298 -28.67 57.60 26.28
C PHE C 298 -27.72 58.41 27.15
N ILE C 299 -27.15 57.78 28.17
CA ILE C 299 -26.24 58.46 29.08
C ILE C 299 -24.83 58.27 28.55
N PHE C 300 -24.30 59.28 27.87
CA PHE C 300 -22.92 59.24 27.40
C PHE C 300 -21.96 59.45 28.57
N ASN C 301 -20.92 58.62 28.64
CA ASN C 301 -19.96 58.63 29.73
C ASN C 301 -18.54 58.61 29.19
N VAL C 302 -18.24 59.51 28.27
CA VAL C 302 -17.01 59.45 27.49
C VAL C 302 -15.82 59.91 28.32
N GLU C 303 -14.63 59.49 27.89
CA GLU C 303 -13.38 59.88 28.53
C GLU C 303 -12.43 60.45 27.50
N SER C 304 -11.17 60.66 27.87
CA SER C 304 -10.19 61.21 26.94
C SER C 304 -8.82 60.68 27.29
N ALA C 305 -7.93 60.69 26.29
CA ALA C 305 -6.56 60.28 26.48
C ALA C 305 -5.65 61.40 26.97
N GLY C 306 -6.10 62.64 26.89
CA GLY C 306 -5.33 63.79 27.33
C GLY C 306 -5.05 64.82 26.26
N ALA C 307 -5.32 64.54 24.99
CA ALA C 307 -5.02 65.48 23.94
C ALA C 307 -6.06 66.61 23.87
N MET C 308 -7.34 66.27 23.97
CA MET C 308 -8.41 67.25 23.85
C MET C 308 -9.44 67.01 24.94
N THR C 309 -10.19 68.08 25.26
CA THR C 309 -11.27 67.98 26.21
C THR C 309 -12.47 67.26 25.57
N PRO C 310 -13.23 66.49 26.36
CA PRO C 310 -14.26 65.61 25.75
C PRO C 310 -15.45 66.34 25.13
N GLU C 311 -15.76 67.57 25.54
CA GLU C 311 -16.82 68.29 24.83
C GLU C 311 -16.37 68.71 23.45
N GLU C 312 -15.07 68.96 23.26
CA GLU C 312 -14.53 69.17 21.93
C GLU C 312 -14.57 67.88 21.11
N ILE C 313 -14.38 66.73 21.77
CA ILE C 313 -14.48 65.44 21.09
C ILE C 313 -15.90 65.20 20.59
N PHE C 314 -16.90 65.47 21.43
CA PHE C 314 -18.29 65.29 21.01
C PHE C 314 -18.69 66.32 19.95
N PHE C 315 -18.20 67.55 20.07
CA PHE C 315 -18.50 68.59 19.08
C PHE C 315 -17.87 68.27 17.73
N LYS C 316 -16.69 67.66 17.73
CA LYS C 316 -16.06 67.26 16.48
C LYS C 316 -16.70 65.99 15.93
N SER C 317 -17.27 65.15 16.80
CA SER C 317 -17.97 63.96 16.34
C SER C 317 -19.30 64.32 15.67
N VAL C 318 -20.00 65.33 16.20
CA VAL C 318 -21.25 65.76 15.57
C VAL C 318 -20.98 66.47 14.26
N ARG C 319 -19.93 67.29 14.22
CA ARG C 319 -19.66 68.14 13.06
C ARG C 319 -19.19 67.33 11.85
N ILE C 320 -18.45 66.24 12.07
CA ILE C 320 -17.91 65.49 10.93
C ILE C 320 -18.93 64.51 10.35
N LEU C 321 -20.04 64.26 11.05
CA LEU C 321 -21.13 63.52 10.41
C LEU C 321 -21.92 64.42 9.48
N LYS C 322 -22.03 65.70 9.81
CA LYS C 322 -22.69 66.65 8.92
C LYS C 322 -21.86 66.90 7.66
N ASN C 323 -20.53 66.80 7.77
CA ASN C 323 -19.68 67.00 6.59
C ASN C 323 -19.72 65.83 5.64
N LYS C 324 -19.96 64.61 6.12
CA LYS C 324 -20.06 63.45 5.26
C LYS C 324 -21.46 63.26 4.71
N ALA C 325 -22.38 64.17 4.99
CA ALA C 325 -23.64 64.30 4.25
C ALA C 325 -23.60 65.43 3.24
N GLU C 326 -22.84 66.50 3.53
CA GLU C 326 -22.46 67.49 2.53
C GLU C 326 -21.83 66.84 1.31
N TYR C 327 -20.82 66.00 1.56
CA TYR C 327 -20.01 65.38 0.52
C TYR C 327 -20.77 64.32 -0.26
N LEU C 328 -21.91 63.85 0.26
CA LEU C 328 -22.77 62.92 -0.47
C LEU C 328 -23.94 63.60 -1.13
N LYS C 329 -24.39 64.76 -0.63
CA LYS C 329 -25.45 65.48 -1.29
C LYS C 329 -24.92 66.28 -2.48
N ASN C 330 -23.73 66.84 -2.36
CA ASN C 330 -23.15 67.67 -3.41
C ASN C 330 -22.38 66.88 -4.46
N CYS C 331 -22.59 65.55 -4.55
CA CYS C 331 -21.89 64.83 -5.59
C CYS C 331 -22.85 64.33 -6.66
N PRO C 332 -22.43 64.25 -7.91
CA PRO C 332 -23.30 63.69 -8.95
C PRO C 332 -23.31 62.17 -8.93
N ILE C 333 -24.43 61.62 -9.38
CA ILE C 333 -24.63 60.17 -9.45
C ILE C 333 -24.27 59.74 -10.86
N THR C 334 -23.20 58.97 -10.99
CA THR C 334 -22.68 58.54 -12.29
C THR C 334 -23.13 57.10 -12.54
N GLN C 335 -24.01 56.92 -13.52
CA GLN C 335 -24.54 55.61 -13.85
C GLN C 335 -23.49 54.73 -14.53
N MET D 1 4.20 5.66 -47.58
CA MET D 1 2.81 6.05 -47.79
C MET D 1 2.18 5.18 -48.88
N LYS D 2 0.90 4.85 -48.70
CA LYS D 2 0.21 3.90 -49.57
C LYS D 2 -0.05 4.53 -50.93
N VAL D 3 0.64 4.04 -51.96
CA VAL D 3 0.40 4.45 -53.33
C VAL D 3 -0.57 3.44 -53.95
N LEU D 4 -1.71 3.92 -54.42
CA LEU D 4 -2.71 3.02 -54.99
C LEU D 4 -2.28 2.55 -56.38
N GLU D 5 -2.10 3.48 -57.30
CA GLU D 5 -1.55 3.20 -58.61
C GLU D 5 -0.45 4.20 -58.92
N GLU D 6 0.65 3.73 -59.50
CA GLU D 6 1.69 4.65 -59.94
C GLU D 6 1.28 5.40 -61.20
N ARG D 7 0.31 4.87 -61.96
CA ARG D 7 -0.29 5.59 -63.08
C ARG D 7 -1.77 5.25 -63.14
N ASN D 8 -2.58 6.26 -63.43
CA ASN D 8 -4.01 6.06 -63.68
C ASN D 8 -4.32 6.25 -65.17
N ALA D 9 -3.95 7.42 -65.70
CA ALA D 9 -4.07 7.70 -67.13
C ALA D 9 -3.05 8.80 -67.42
N PHE D 10 -1.91 8.41 -67.99
CA PHE D 10 -0.84 9.38 -68.21
C PHE D 10 -1.22 10.35 -69.33
N LEU D 11 -0.84 11.60 -69.14
CA LEU D 11 -1.50 12.76 -69.72
C LEU D 11 -0.62 13.44 -70.75
N SER D 12 -1.26 14.29 -71.56
CA SER D 12 -0.62 14.99 -72.67
C SER D 12 -0.01 16.30 -72.18
N ASP D 13 0.35 17.18 -73.11
CA ASP D 13 1.00 18.43 -72.78
C ASP D 13 0.09 19.65 -72.87
N TYR D 14 -0.90 19.63 -73.77
CA TYR D 14 -1.71 20.82 -74.00
C TYR D 14 -2.69 21.09 -72.86
N GLU D 15 -3.29 20.04 -72.30
CA GLU D 15 -4.28 20.27 -71.24
C GLU D 15 -3.60 20.51 -69.89
N VAL D 16 -2.28 20.32 -69.81
CA VAL D 16 -1.52 20.85 -68.68
C VAL D 16 -1.57 22.36 -68.67
N LEU D 17 -1.48 22.99 -69.85
CA LEU D 17 -1.62 24.44 -69.96
C LEU D 17 -3.05 24.88 -69.67
N LYS D 18 -4.03 24.09 -70.09
CA LYS D 18 -5.43 24.43 -69.82
C LYS D 18 -5.76 24.26 -68.34
N PHE D 19 -5.07 23.36 -67.65
CA PHE D 19 -5.19 23.28 -66.20
C PHE D 19 -4.39 24.38 -65.51
N LEU D 20 -3.36 24.90 -66.18
CA LEU D 20 -2.52 25.92 -65.58
C LEU D 20 -3.13 27.32 -65.74
N THR D 21 -3.84 27.56 -66.84
CA THR D 21 -4.44 28.89 -67.03
C THR D 21 -5.64 29.12 -66.10
N ASP D 22 -6.27 28.06 -65.61
CA ASP D 22 -7.23 28.20 -64.52
C ASP D 22 -6.55 28.28 -63.17
N LEU D 23 -5.30 27.85 -63.09
CA LEU D 23 -4.50 27.91 -61.87
C LEU D 23 -3.65 29.18 -61.82
N GLU D 24 -3.65 29.98 -62.89
CA GLU D 24 -2.88 31.22 -62.90
C GLU D 24 -3.54 32.31 -62.04
N LYS D 25 -4.85 32.19 -61.77
CA LYS D 25 -5.49 33.09 -60.82
C LYS D 25 -5.01 32.85 -59.39
N LYS D 26 -4.57 31.62 -59.10
CA LYS D 26 -3.97 31.29 -57.81
C LYS D 26 -2.56 31.85 -57.70
N HIS D 27 -1.89 32.10 -58.82
CA HIS D 27 -0.47 32.46 -58.88
C HIS D 27 -0.29 33.65 -59.84
N LEU D 28 -1.03 34.73 -59.56
CA LEU D 28 -1.25 35.91 -60.41
C LEU D 28 -0.01 36.50 -61.08
N TRP D 29 -0.23 37.18 -62.20
CA TRP D 29 0.84 37.53 -63.13
C TRP D 29 0.84 39.04 -63.32
N ASP D 30 1.58 39.51 -64.34
CA ASP D 30 1.89 40.93 -64.50
C ASP D 30 0.68 41.80 -64.83
N GLN D 31 -0.47 41.20 -65.17
CA GLN D 31 -1.70 41.99 -65.26
C GLN D 31 -2.16 42.48 -63.89
N LYS D 32 -1.85 41.74 -62.83
CA LYS D 32 -2.05 42.19 -61.47
C LYS D 32 -0.73 42.26 -60.71
N SER D 33 0.39 42.28 -61.42
CA SER D 33 1.70 42.38 -60.78
C SER D 33 2.02 43.79 -60.30
N LEU D 34 1.25 44.79 -60.75
CA LEU D 34 1.43 46.16 -60.29
C LEU D 34 0.80 46.41 -58.93
N ALA D 35 0.10 45.43 -58.36
CA ALA D 35 -0.53 45.57 -57.05
C ALA D 35 0.40 45.21 -55.90
N ALA D 36 1.70 45.07 -56.17
CA ALA D 36 2.66 44.81 -55.09
C ALA D 36 2.87 46.02 -54.20
N LEU D 37 2.62 47.23 -54.72
CA LEU D 37 2.69 48.44 -53.90
C LEU D 37 1.54 49.40 -54.21
N LYS D 38 0.42 48.89 -54.71
CA LYS D 38 -0.70 49.71 -55.12
C LYS D 38 -1.62 49.97 -53.93
N LYS D 39 -2.81 50.51 -54.20
CA LYS D 39 -3.78 50.85 -53.16
C LYS D 39 -4.59 49.63 -52.78
N SER D 40 -5.63 49.83 -51.97
CA SER D 40 -6.45 48.73 -51.49
C SER D 40 -7.43 48.28 -52.56
N ARG D 41 -7.50 46.97 -52.78
CA ARG D 41 -8.40 46.40 -53.78
C ARG D 41 -8.57 44.92 -53.50
N SER D 42 -9.67 44.36 -54.00
CA SER D 42 -9.98 42.94 -53.86
C SER D 42 -10.51 42.57 -52.48
N LYS D 43 -10.87 43.58 -51.69
CA LYS D 43 -11.44 43.37 -50.36
C LYS D 43 -10.44 42.81 -49.36
N GLY D 44 -9.15 43.08 -49.59
CA GLY D 44 -8.11 42.62 -48.68
C GLY D 44 -7.09 43.70 -48.38
N LYS D 45 -7.22 44.84 -49.05
CA LYS D 45 -6.31 45.97 -48.88
C LYS D 45 -4.98 45.79 -49.64
N GLN D 46 -4.78 44.63 -50.25
CA GLN D 46 -3.60 44.40 -51.08
C GLN D 46 -3.89 43.67 -52.38
N ASN D 47 -4.97 42.88 -52.47
CA ASN D 47 -5.28 42.10 -53.66
C ASN D 47 -4.25 41.01 -53.91
N ARG D 48 -3.74 40.42 -52.84
CA ARG D 48 -2.66 39.44 -52.97
C ARG D 48 -3.05 38.12 -52.31
N PRO D 49 -2.62 37.00 -52.89
CA PRO D 49 -2.81 35.71 -52.23
C PRO D 49 -1.64 35.34 -51.33
N TYR D 50 -1.67 34.14 -50.77
CA TYR D 50 -0.54 33.62 -50.01
C TYR D 50 0.64 33.30 -50.92
N ASN D 51 1.82 33.19 -50.31
CA ASN D 51 3.07 33.07 -51.07
C ASN D 51 3.22 31.74 -51.79
N HIS D 52 3.33 30.63 -51.03
CA HIS D 52 3.85 29.34 -51.50
C HIS D 52 5.13 29.49 -52.30
N PRO D 53 6.28 29.77 -51.65
CA PRO D 53 7.52 29.97 -52.41
C PRO D 53 8.05 28.71 -53.06
N GLU D 54 7.67 27.51 -52.58
CA GLU D 54 8.04 26.28 -53.24
C GLU D 54 7.09 25.89 -54.36
N LEU D 55 6.00 26.64 -54.55
CA LEU D 55 5.05 26.38 -55.62
C LEU D 55 4.91 27.53 -56.59
N GLN D 56 5.04 28.79 -56.14
CA GLN D 56 5.05 29.93 -57.04
C GLN D 56 6.27 29.92 -57.94
N GLY D 57 7.40 29.42 -57.44
CA GLY D 57 8.61 29.37 -58.25
C GLY D 57 8.58 28.32 -59.34
N ILE D 58 7.84 27.24 -59.13
CA ILE D 58 7.80 26.19 -60.14
C ILE D 58 6.65 26.39 -61.13
N THR D 59 5.55 27.04 -60.72
CA THR D 59 4.41 27.22 -61.62
C THR D 59 4.69 28.23 -62.71
N ARG D 60 5.73 29.05 -62.56
CA ARG D 60 6.24 29.90 -63.63
C ARG D 60 7.34 29.19 -64.43
N ASN D 61 8.07 28.29 -63.78
CA ASN D 61 9.24 27.65 -64.38
C ASN D 61 8.88 26.41 -65.21
N VAL D 62 7.65 25.91 -65.10
CA VAL D 62 7.23 24.80 -65.95
C VAL D 62 6.86 25.31 -67.34
N VAL D 63 6.04 26.36 -67.41
CA VAL D 63 5.58 26.89 -68.68
C VAL D 63 6.67 27.58 -69.48
N ASN D 64 7.81 27.91 -68.86
CA ASN D 64 8.96 28.38 -69.61
C ASN D 64 9.58 27.25 -70.45
N TYR D 65 9.43 26.01 -69.99
CA TYR D 65 9.89 24.87 -70.78
C TYR D 65 8.90 24.54 -71.91
N LEU D 66 7.61 24.82 -71.70
CA LEU D 66 6.60 24.49 -72.69
C LEU D 66 6.55 25.46 -73.87
N SER D 67 7.42 26.47 -73.91
CA SER D 67 7.55 27.36 -75.06
C SER D 67 9.01 27.34 -75.50
N ILE D 68 9.37 26.36 -76.33
CA ILE D 68 10.72 26.22 -76.86
C ILE D 68 10.76 26.23 -78.38
N ASN D 69 9.80 25.57 -79.04
CA ASN D 69 9.81 25.41 -80.49
C ASN D 69 9.04 26.51 -81.20
N LYS D 70 7.75 26.65 -80.91
CA LYS D 70 6.87 27.54 -81.66
C LYS D 70 6.80 28.95 -81.06
N ASN D 71 7.97 29.54 -80.83
CA ASN D 71 8.06 30.92 -80.37
C ASN D 71 8.08 31.90 -81.54
N PHE D 72 8.98 31.69 -82.50
CA PHE D 72 9.04 32.54 -83.68
C PHE D 72 9.27 31.68 -84.93
N ILE D 95 3.30 24.73 -74.77
CA ILE D 95 2.33 25.77 -75.04
C ILE D 95 2.13 25.91 -76.55
N SER D 96 0.92 25.56 -76.99
CA SER D 96 0.52 25.73 -78.37
C SER D 96 -0.71 26.64 -78.45
N LYS D 97 -0.88 27.26 -79.61
CA LYS D 97 -1.96 28.23 -79.82
C LYS D 97 -3.21 27.58 -80.41
N MET D 98 -3.43 26.29 -80.15
CA MET D 98 -4.64 25.62 -80.61
C MET D 98 -5.75 25.76 -79.58
N SER D 99 -6.93 25.27 -79.92
CA SER D 99 -8.09 25.30 -79.04
C SER D 99 -8.49 23.87 -78.68
N ASP D 100 -9.61 23.75 -77.95
CA ASP D 100 -10.08 22.43 -77.54
C ASP D 100 -10.71 21.68 -78.70
N GLU D 101 -11.50 22.37 -79.53
CA GLU D 101 -12.09 21.71 -80.69
C GLU D 101 -11.04 21.41 -81.75
N SER D 102 -9.98 22.23 -81.84
CA SER D 102 -8.87 21.92 -82.73
C SER D 102 -8.09 20.71 -82.24
N PHE D 103 -7.95 20.58 -80.91
CA PHE D 103 -7.33 19.39 -80.34
C PHE D 103 -8.20 18.16 -80.59
N ALA D 104 -9.52 18.32 -80.55
CA ALA D 104 -10.42 17.19 -80.83
C ALA D 104 -10.35 16.78 -82.30
N GLU D 105 -10.22 17.75 -83.20
CA GLU D 105 -10.11 17.44 -84.62
C GLU D 105 -8.78 16.80 -84.96
N LEU D 106 -7.69 17.25 -84.32
CA LEU D 106 -6.39 16.63 -84.55
C LEU D 106 -6.23 15.32 -83.79
N MET D 107 -7.08 15.03 -82.80
CA MET D 107 -7.07 13.73 -82.16
C MET D 107 -7.93 12.73 -82.92
N THR D 108 -9.03 13.19 -83.54
CA THR D 108 -9.92 12.29 -84.27
C THR D 108 -9.25 11.75 -85.53
N LYS D 109 -8.58 12.62 -86.29
CA LYS D 109 -7.93 12.20 -87.52
C LYS D 109 -6.64 11.44 -87.29
N LEU D 110 -6.08 11.49 -86.08
CA LEU D 110 -4.83 10.80 -85.80
C LEU D 110 -5.04 9.32 -85.46
N ASN D 111 -6.24 8.95 -85.02
CA ASN D 111 -6.54 7.56 -84.67
C ASN D 111 -6.85 6.69 -85.89
N SER D 112 -6.86 7.26 -87.10
CA SER D 112 -7.15 6.49 -88.30
C SER D 112 -5.98 5.61 -88.72
N PHE D 113 -4.79 5.84 -88.18
CA PHE D 113 -3.60 5.08 -88.51
C PHE D 113 -3.26 4.12 -87.38
N LYS D 114 -2.70 2.96 -87.75
CA LYS D 114 -2.33 1.96 -86.76
C LYS D 114 -1.05 2.38 -86.04
N LEU D 115 -1.19 3.18 -84.99
CA LEU D 115 -0.05 3.71 -84.24
C LEU D 115 -0.05 3.14 -82.83
N PHE D 116 1.14 3.02 -82.26
CA PHE D 116 1.27 2.67 -80.85
C PHE D 116 0.93 3.87 -79.99
N LYS D 117 0.64 3.61 -78.71
CA LYS D 117 0.23 4.69 -77.82
C LYS D 117 1.41 5.58 -77.43
N ALA D 118 2.61 5.00 -77.34
CA ALA D 118 3.80 5.76 -77.00
C ALA D 118 4.14 6.77 -78.08
N GLU D 119 4.06 6.37 -79.34
CA GLU D 119 4.34 7.32 -80.42
C GLU D 119 3.20 8.31 -80.62
N LYS D 120 1.97 7.94 -80.24
CA LYS D 120 0.90 8.94 -80.19
C LYS D 120 1.19 10.02 -79.15
N LEU D 121 1.69 9.62 -77.98
CA LEU D 121 2.03 10.60 -76.95
C LEU D 121 3.25 11.43 -77.34
N GLN D 122 4.21 10.83 -78.04
CA GLN D 122 5.38 11.58 -78.46
C GLN D 122 5.07 12.51 -79.63
N ILE D 123 4.04 12.20 -80.43
CA ILE D 123 3.60 13.14 -81.46
C ILE D 123 2.79 14.28 -80.85
N VAL D 124 1.88 13.97 -79.91
CA VAL D 124 1.06 15.02 -79.33
C VAL D 124 1.85 15.87 -78.33
N ASN D 125 3.02 15.38 -77.86
CA ASN D 125 3.85 16.17 -76.97
C ASN D 125 4.54 17.30 -77.74
N GLN D 126 5.39 16.95 -78.71
CA GLN D 126 6.09 17.92 -79.54
C GLN D 126 5.77 17.65 -81.00
N LEU D 127 5.65 18.71 -81.78
CA LEU D 127 5.17 18.61 -83.15
C LEU D 127 6.33 18.49 -84.12
N PRO D 128 6.46 17.39 -84.86
CA PRO D 128 7.52 17.30 -85.87
C PRO D 128 7.22 18.16 -87.08
N ALA D 129 8.22 18.93 -87.52
CA ALA D 129 8.09 19.76 -88.71
C ALA D 129 8.63 19.08 -89.95
N ASN D 130 9.76 18.39 -89.82
CA ASN D 130 10.39 17.69 -90.93
C ASN D 130 10.05 16.21 -90.88
N MET D 131 10.56 15.46 -91.86
CA MET D 131 10.27 14.04 -91.96
C MET D 131 11.10 13.20 -90.99
N VAL D 132 12.32 13.65 -90.67
CA VAL D 132 13.23 12.81 -89.92
C VAL D 132 12.90 12.79 -88.42
N HIS D 133 12.19 13.80 -87.91
CA HIS D 133 11.67 13.71 -86.55
C HIS D 133 10.55 12.70 -86.45
N LEU D 134 9.75 12.56 -87.52
CA LEU D 134 8.77 11.49 -87.57
C LEU D 134 9.45 10.13 -87.67
N TYR D 135 10.64 10.06 -88.27
CA TYR D 135 11.42 8.83 -88.25
C TYR D 135 12.01 8.56 -86.88
N SER D 136 12.29 9.60 -86.09
CA SER D 136 12.84 9.41 -84.76
C SER D 136 11.76 9.03 -83.75
N ILE D 137 10.55 9.55 -83.92
CA ILE D 137 9.44 9.18 -83.04
C ILE D 137 8.92 7.79 -83.38
N VAL D 138 8.54 7.58 -84.64
CA VAL D 138 8.01 6.30 -85.09
C VAL D 138 9.19 5.37 -85.38
N GLU D 139 9.38 4.37 -84.53
CA GLU D 139 10.46 3.42 -84.71
C GLU D 139 10.10 2.39 -85.76
N GLU D 140 11.11 1.99 -86.54
CA GLU D 140 11.05 1.11 -87.72
C GLU D 140 9.83 1.41 -88.62
N CYS D 141 9.75 2.68 -89.03
CA CYS D 141 8.65 3.13 -89.88
C CYS D 141 8.75 2.57 -91.29
N ASP D 142 9.98 2.30 -91.76
CA ASP D 142 10.15 1.78 -93.11
C ASP D 142 9.75 0.31 -93.23
N ALA D 143 9.90 -0.45 -92.14
CA ALA D 143 9.59 -1.87 -92.15
C ALA D 143 8.19 -2.18 -91.64
N ARG D 144 7.39 -1.16 -91.31
CA ARG D 144 6.07 -1.41 -90.74
C ARG D 144 4.99 -0.61 -91.47
N PHE D 145 5.35 0.57 -91.97
CA PHE D 145 4.40 1.45 -92.63
C PHE D 145 4.72 1.56 -94.12
N ASP D 146 3.83 2.26 -94.83
CA ASP D 146 3.99 2.52 -96.25
C ASP D 146 4.48 3.94 -96.48
N GLU D 147 4.89 4.21 -97.73
CA GLU D 147 5.43 5.51 -98.08
C GLU D 147 4.34 6.58 -98.20
N LYS D 148 3.10 6.19 -98.45
CA LYS D 148 2.01 7.15 -98.57
C LYS D 148 1.53 7.67 -97.22
N THR D 149 1.78 6.93 -96.14
CA THR D 149 1.32 7.32 -94.82
C THR D 149 2.17 8.45 -94.24
N ILE D 150 3.45 8.48 -94.57
CA ILE D 150 4.38 9.45 -93.98
C ILE D 150 4.07 10.87 -94.46
N GLU D 151 3.78 11.02 -95.76
CA GLU D 151 3.42 12.33 -96.30
C GLU D 151 2.08 12.81 -95.77
N GLU D 152 1.13 11.89 -95.55
CA GLU D 152 -0.15 12.26 -94.96
C GLU D 152 0.01 12.70 -93.51
N MET D 153 0.88 12.02 -92.76
CA MET D 153 1.15 12.43 -91.38
C MET D 153 1.85 13.78 -91.32
N LEU D 154 2.78 14.04 -92.26
CA LEU D 154 3.43 15.35 -92.31
C LEU D 154 2.44 16.45 -92.71
N GLU D 155 1.49 16.12 -93.59
CA GLU D 155 0.48 17.10 -94.00
C GLU D 155 -0.48 17.41 -92.85
N ILE D 156 -0.82 16.41 -92.04
CA ILE D 156 -1.71 16.64 -90.91
C ILE D 156 -0.99 17.40 -89.79
N ILE D 157 0.24 17.00 -89.47
CA ILE D 157 0.95 17.58 -88.33
C ILE D 157 1.50 18.97 -88.68
N SER D 158 2.29 19.06 -89.74
CA SER D 158 3.01 20.30 -90.04
C SER D 158 2.13 21.38 -90.66
N GLY D 159 0.84 21.14 -90.86
CA GLY D 159 -0.04 22.18 -91.35
C GLY D 159 -0.33 23.23 -90.30
N TYR D 160 -0.42 22.83 -89.04
CA TYR D 160 -0.68 23.76 -87.95
C TYR D 160 0.57 23.97 -87.11
N MET E 1 -33.01 -54.79 15.40
CA MET E 1 -32.98 -53.33 15.47
C MET E 1 -34.15 -52.73 14.69
N ASP E 2 -34.83 -51.76 15.30
CA ASP E 2 -36.00 -51.14 14.69
C ASP E 2 -35.81 -49.67 14.36
N GLN E 3 -35.04 -48.93 15.16
CA GLN E 3 -34.87 -47.50 14.92
C GLN E 3 -33.99 -47.23 13.71
N GLU E 4 -32.94 -48.05 13.52
CA GLU E 4 -32.05 -47.87 12.39
C GLU E 4 -32.66 -48.32 11.08
N ASN E 5 -33.65 -49.21 11.12
CA ASN E 5 -34.37 -49.62 9.91
C ASN E 5 -35.62 -48.78 9.65
N GLU E 6 -35.99 -47.90 10.58
CA GLU E 6 -37.03 -46.91 10.36
C GLU E 6 -36.48 -45.57 9.92
N ARG E 7 -35.29 -45.19 10.40
CA ARG E 7 -34.62 -43.99 9.93
C ARG E 7 -34.15 -44.16 8.49
N ASN E 8 -33.75 -45.37 8.10
CA ASN E 8 -33.23 -45.60 6.76
C ASN E 8 -34.32 -45.85 5.73
N ILE E 9 -35.59 -45.97 6.14
CA ILE E 9 -36.68 -46.12 5.19
C ILE E 9 -37.35 -44.78 4.90
N SER E 10 -37.14 -43.77 5.75
CA SER E 10 -37.62 -42.41 5.48
C SER E 10 -36.60 -41.60 4.70
N ARG E 11 -35.31 -41.79 5.03
CA ARG E 11 -34.23 -41.12 4.29
C ARG E 11 -34.19 -41.59 2.83
N LEU E 12 -34.34 -42.90 2.62
CA LEU E 12 -34.36 -43.42 1.25
C LEU E 12 -35.64 -43.01 0.53
N TRP E 13 -36.74 -42.83 1.25
CA TRP E 13 -37.97 -42.32 0.65
C TRP E 13 -37.81 -40.88 0.19
N ARG E 14 -37.18 -40.04 1.01
CA ARG E 14 -36.95 -38.65 0.62
C ARG E 14 -35.96 -38.55 -0.54
N ALA E 15 -34.91 -39.39 -0.53
CA ALA E 15 -33.97 -39.41 -1.64
C ALA E 15 -34.62 -39.91 -2.93
N PHE E 16 -35.54 -40.87 -2.81
CA PHE E 16 -36.29 -41.34 -3.98
C PHE E 16 -37.20 -40.26 -4.53
N ARG E 17 -37.86 -39.50 -3.64
CA ARG E 17 -38.73 -38.42 -4.07
C ARG E 17 -37.94 -37.32 -4.78
N THR E 18 -36.77 -36.95 -4.24
CA THR E 18 -35.98 -35.89 -4.87
C THR E 18 -35.34 -36.36 -6.17
N VAL E 19 -34.92 -37.62 -6.24
CA VAL E 19 -34.30 -38.10 -7.48
C VAL E 19 -35.37 -38.37 -8.54
N LYS E 20 -36.64 -38.52 -8.15
CA LYS E 20 -37.69 -38.60 -9.18
C LYS E 20 -38.12 -37.22 -9.62
N GLU E 21 -38.13 -36.25 -8.69
CA GLU E 21 -38.48 -34.88 -9.05
C GLU E 21 -37.40 -34.23 -9.90
N MET E 22 -36.14 -34.67 -9.75
CA MET E 22 -35.07 -34.21 -10.63
C MET E 22 -35.28 -34.68 -12.06
N VAL E 23 -35.65 -35.95 -12.24
CA VAL E 23 -35.89 -36.49 -13.57
C VAL E 23 -37.15 -35.87 -14.18
N LYS E 24 -38.15 -35.55 -13.35
CA LYS E 24 -39.30 -34.78 -13.83
C LYS E 24 -38.88 -33.37 -14.24
N ASP E 25 -37.91 -32.78 -13.54
CA ASP E 25 -37.48 -31.42 -13.84
C ASP E 25 -36.72 -31.34 -15.17
N ARG E 26 -36.11 -32.44 -15.61
CA ARG E 26 -35.39 -32.43 -16.87
C ARG E 26 -36.29 -32.55 -18.08
N GLY E 27 -37.59 -32.77 -17.89
CA GLY E 27 -38.54 -32.74 -18.99
C GLY E 27 -38.98 -34.09 -19.50
N TYR E 28 -39.28 -35.02 -18.60
CA TYR E 28 -39.68 -36.37 -18.98
C TYR E 28 -41.12 -36.64 -18.55
N PHE E 29 -41.70 -37.67 -19.17
CA PHE E 29 -43.11 -38.02 -18.97
C PHE E 29 -43.24 -38.72 -17.61
N ILE E 30 -43.50 -37.92 -16.58
CA ILE E 30 -43.71 -38.40 -15.21
C ILE E 30 -44.96 -37.73 -14.65
N THR E 31 -45.91 -38.52 -14.19
CA THR E 31 -47.16 -37.99 -13.67
C THR E 31 -46.96 -37.44 -12.25
N GLN E 32 -48.01 -36.84 -11.71
CA GLN E 32 -47.93 -36.15 -10.43
C GLN E 32 -48.31 -37.04 -9.25
N GLU E 33 -49.23 -37.98 -9.45
CA GLU E 33 -49.61 -38.91 -8.39
C GLU E 33 -48.44 -39.80 -7.99
N GLU E 34 -47.53 -40.08 -8.94
CA GLU E 34 -46.35 -40.87 -8.62
C GLU E 34 -45.36 -40.07 -7.79
N VAL E 35 -45.25 -38.76 -8.01
CA VAL E 35 -44.27 -37.99 -7.25
C VAL E 35 -44.83 -37.48 -5.93
N GLU E 36 -46.15 -37.45 -5.75
CA GLU E 36 -46.72 -37.32 -4.41
C GLU E 36 -47.13 -38.71 -3.92
N LEU E 37 -46.11 -39.52 -3.63
CA LEU E 37 -46.30 -40.90 -3.20
C LEU E 37 -46.06 -40.97 -1.70
N PRO E 38 -47.06 -41.37 -0.89
CA PRO E 38 -46.89 -41.36 0.57
C PRO E 38 -45.96 -42.45 1.09
N LEU E 39 -45.84 -42.53 2.41
CA LEU E 39 -44.97 -43.53 3.02
C LEU E 39 -45.64 -44.89 3.14
N GLU E 40 -46.97 -44.94 3.15
CA GLU E 40 -47.68 -46.20 3.35
C GLU E 40 -47.56 -47.10 2.14
N ASP E 41 -47.81 -46.57 0.95
CA ASP E 41 -47.60 -47.35 -0.26
C ASP E 41 -46.14 -47.45 -0.68
N PHE E 42 -45.26 -46.67 -0.06
CA PHE E 42 -43.83 -46.87 -0.24
C PHE E 42 -43.34 -48.07 0.56
N LYS E 43 -43.85 -48.24 1.78
CA LYS E 43 -43.47 -49.39 2.59
C LYS E 43 -44.10 -50.67 2.08
N ALA E 44 -45.27 -50.58 1.45
CA ALA E 44 -46.02 -51.75 1.03
C ALA E 44 -45.44 -52.45 -0.19
N LYS E 45 -44.54 -51.80 -0.94
CA LYS E 45 -43.99 -52.44 -2.14
C LYS E 45 -42.48 -52.27 -2.28
N TYR E 46 -41.79 -51.74 -1.27
CA TYR E 46 -40.34 -51.66 -1.30
C TYR E 46 -39.69 -52.30 -0.09
N CYS E 47 -40.45 -53.05 0.71
CA CYS E 47 -39.93 -53.77 1.87
C CYS E 47 -40.28 -55.24 1.73
N ASP E 48 -39.35 -56.11 2.13
CA ASP E 48 -39.53 -57.53 1.87
C ASP E 48 -40.44 -58.19 2.92
N SER E 49 -39.96 -58.27 4.17
CA SER E 49 -40.78 -58.80 5.25
C SER E 49 -40.68 -58.03 6.56
N MET E 50 -39.59 -57.30 6.81
CA MET E 50 -39.41 -56.63 8.09
C MET E 50 -39.08 -55.15 7.97
N GLY E 51 -38.93 -54.64 6.75
CA GLY E 51 -38.62 -53.23 6.54
C GLY E 51 -37.32 -52.97 5.81
N ARG E 52 -36.57 -53.99 5.41
CA ARG E 52 -35.36 -53.77 4.66
C ARG E 52 -35.71 -53.34 3.23
N PRO E 53 -35.09 -52.28 2.70
CA PRO E 53 -35.43 -51.82 1.35
C PRO E 53 -34.86 -52.75 0.29
N GLN E 54 -35.75 -53.28 -0.55
CA GLN E 54 -35.32 -54.08 -1.69
C GLN E 54 -34.66 -53.17 -2.72
N ARG E 55 -33.40 -53.47 -3.05
CA ARG E 55 -32.59 -52.52 -3.80
C ARG E 55 -32.96 -52.50 -5.29
N LYS E 56 -33.20 -53.66 -5.88
CA LYS E 56 -33.50 -53.75 -7.31
C LYS E 56 -34.99 -53.57 -7.62
N MET E 57 -35.57 -52.51 -7.08
CA MET E 57 -36.98 -52.21 -7.34
C MET E 57 -37.16 -50.74 -7.69
N MET E 58 -36.26 -49.89 -7.19
CA MET E 58 -36.38 -48.45 -7.42
C MET E 58 -35.96 -48.01 -8.82
N SER E 59 -35.29 -48.88 -9.57
CA SER E 59 -34.79 -48.51 -10.89
C SER E 59 -35.93 -48.43 -11.90
N PHE E 60 -36.10 -47.26 -12.51
CA PHE E 60 -37.13 -47.06 -13.52
C PHE E 60 -36.48 -46.73 -14.86
N GLN E 61 -37.32 -46.40 -15.84
CA GLN E 61 -36.88 -46.08 -17.19
C GLN E 61 -37.86 -45.05 -17.73
N ALA E 62 -37.49 -43.77 -17.61
CA ALA E 62 -38.38 -42.65 -17.91
C ALA E 62 -38.15 -42.14 -19.32
N ASN E 63 -39.24 -42.06 -20.11
CA ASN E 63 -39.35 -41.64 -21.50
C ASN E 63 -39.59 -40.13 -21.59
N PRO E 64 -39.16 -39.49 -22.68
CA PRO E 64 -39.39 -38.05 -22.82
C PRO E 64 -40.86 -37.72 -23.08
N THR E 65 -41.18 -36.44 -22.93
CA THR E 65 -42.51 -35.93 -23.19
C THR E 65 -42.58 -35.36 -24.59
N GLU E 66 -43.76 -34.84 -24.96
CA GLU E 66 -43.96 -34.28 -26.29
C GLU E 66 -43.39 -32.89 -26.44
N GLU E 67 -43.19 -32.15 -25.35
CA GLU E 67 -42.63 -30.81 -25.45
C GLU E 67 -41.11 -30.83 -25.53
N SER E 68 -40.46 -31.72 -24.77
CA SER E 68 -39.01 -31.77 -24.74
C SER E 68 -38.44 -32.38 -26.02
N ILE E 69 -39.22 -33.22 -26.71
CA ILE E 69 -38.76 -33.78 -27.98
C ILE E 69 -38.93 -32.76 -29.11
N SER E 70 -39.78 -31.75 -28.93
CA SER E 70 -39.96 -30.70 -29.93
C SER E 70 -38.95 -29.58 -29.78
N LYS E 71 -38.62 -29.22 -28.54
CA LYS E 71 -37.65 -28.15 -28.30
C LYS E 71 -36.21 -28.67 -28.46
N PHE E 72 -35.91 -29.81 -27.87
CA PHE E 72 -34.62 -30.47 -28.09
C PHE E 72 -34.79 -31.60 -29.07
N PRO E 73 -34.18 -31.54 -30.26
CA PRO E 73 -34.37 -32.62 -31.23
C PRO E 73 -33.66 -33.91 -30.86
N ASP E 74 -32.57 -33.83 -30.10
CA ASP E 74 -31.75 -34.99 -29.76
C ASP E 74 -32.05 -35.35 -28.31
N MET E 75 -33.02 -36.23 -28.12
CA MET E 75 -33.43 -36.65 -26.78
C MET E 75 -33.47 -38.17 -26.64
N GLY E 76 -34.02 -38.64 -25.54
CA GLY E 76 -34.06 -40.05 -25.24
C GLY E 76 -34.30 -40.26 -23.76
N SER E 77 -34.28 -41.53 -23.37
CA SER E 77 -34.67 -41.91 -22.03
C SER E 77 -33.47 -41.83 -21.07
N LEU E 78 -33.64 -42.37 -19.86
CA LEU E 78 -32.56 -42.53 -18.89
C LEU E 78 -32.82 -43.79 -18.10
N TRP E 79 -31.82 -44.20 -17.32
CA TRP E 79 -31.94 -45.35 -16.43
C TRP E 79 -31.20 -45.03 -15.14
N VAL E 80 -31.91 -45.10 -14.02
CA VAL E 80 -31.34 -44.86 -12.71
C VAL E 80 -31.01 -46.21 -12.08
N GLU E 81 -30.07 -46.22 -11.14
CA GLU E 81 -29.71 -47.44 -10.44
C GLU E 81 -29.17 -47.08 -9.06
N PHE E 82 -29.80 -47.62 -8.02
CA PHE E 82 -29.34 -47.45 -6.65
C PHE E 82 -28.43 -48.63 -6.29
N CYS E 83 -27.28 -48.33 -5.71
CA CYS E 83 -26.35 -49.38 -5.33
C CYS E 83 -26.70 -49.93 -3.95
N ASP E 84 -26.33 -51.19 -3.72
CA ASP E 84 -26.61 -51.88 -2.47
C ASP E 84 -25.39 -51.93 -1.57
N GLU E 85 -24.24 -52.27 -2.11
CA GLU E 85 -23.02 -52.37 -1.29
C GLU E 85 -22.41 -50.99 -1.11
N PRO E 86 -21.98 -50.63 0.10
CA PRO E 86 -21.25 -49.36 0.28
C PRO E 86 -19.90 -49.35 -0.41
N SER E 87 -19.26 -50.50 -0.58
CA SER E 87 -18.06 -50.59 -1.40
C SER E 87 -18.44 -50.42 -2.87
N VAL E 88 -17.85 -49.42 -3.52
CA VAL E 88 -18.24 -49.03 -4.86
C VAL E 88 -17.04 -49.13 -5.81
N GLY E 89 -16.18 -50.12 -5.57
CA GLY E 89 -14.95 -50.27 -6.31
C GLY E 89 -15.10 -50.86 -7.70
N VAL E 90 -14.20 -51.77 -8.06
CA VAL E 90 -14.26 -52.42 -9.37
C VAL E 90 -15.50 -53.30 -9.48
N LYS E 91 -15.81 -54.03 -8.42
CA LYS E 91 -17.00 -54.88 -8.40
C LYS E 91 -18.26 -54.03 -8.33
N THR E 92 -19.35 -54.57 -8.90
CA THR E 92 -20.69 -54.01 -9.11
C THR E 92 -20.71 -52.54 -9.55
N MET E 93 -19.71 -52.15 -10.33
CA MET E 93 -19.66 -50.86 -11.01
C MET E 93 -19.35 -51.00 -12.49
N LYS E 94 -18.52 -51.97 -12.86
CA LYS E 94 -18.23 -52.23 -14.26
C LYS E 94 -19.44 -52.85 -14.97
N THR E 95 -20.22 -53.66 -14.26
CA THR E 95 -21.46 -54.21 -14.82
C THR E 95 -22.47 -53.09 -15.09
N PHE E 96 -22.48 -52.05 -14.25
CA PHE E 96 -23.27 -50.86 -14.52
C PHE E 96 -22.83 -50.17 -15.80
N VAL E 97 -21.52 -50.18 -16.08
CA VAL E 97 -21.03 -49.58 -17.32
C VAL E 97 -21.42 -50.44 -18.52
N ILE E 98 -21.35 -51.77 -18.37
CA ILE E 98 -21.71 -52.70 -19.44
C ILE E 98 -23.20 -52.60 -19.78
N HIS E 99 -24.05 -52.34 -18.77
CA HIS E 99 -25.47 -52.15 -19.05
C HIS E 99 -25.75 -50.82 -19.76
N ILE E 100 -24.80 -49.89 -19.74
CA ILE E 100 -24.94 -48.61 -20.43
C ILE E 100 -23.93 -48.63 -21.59
N GLN E 101 -23.72 -49.81 -22.17
CA GLN E 101 -22.98 -49.92 -23.42
C GLN E 101 -23.86 -50.14 -24.64
N GLU E 102 -25.09 -50.62 -24.45
CA GLU E 102 -25.92 -51.02 -25.58
C GLU E 102 -26.59 -49.82 -26.26
N LYS E 103 -27.44 -49.12 -25.52
CA LYS E 103 -28.22 -48.02 -26.08
C LYS E 103 -28.05 -46.72 -25.31
N ASN E 104 -27.78 -46.82 -23.99
CA ASN E 104 -27.53 -45.79 -22.97
C ASN E 104 -28.79 -45.02 -22.58
N PHE E 105 -29.81 -45.08 -23.43
CA PHE E 105 -31.12 -44.44 -23.44
C PHE E 105 -31.05 -42.91 -23.56
N GLN E 106 -30.08 -42.29 -22.88
CA GLN E 106 -29.22 -41.19 -23.32
C GLN E 106 -27.84 -41.44 -22.71
N THR E 107 -27.88 -41.84 -21.44
CA THR E 107 -26.88 -41.63 -20.41
C THR E 107 -27.32 -42.39 -19.16
N GLY E 108 -26.37 -43.02 -18.46
CA GLY E 108 -26.70 -43.68 -17.21
C GLY E 108 -26.64 -42.74 -16.00
N ILE E 109 -27.32 -43.15 -14.94
CA ILE E 109 -27.29 -42.44 -13.66
C ILE E 109 -26.96 -43.44 -12.56
N PHE E 110 -25.90 -43.16 -11.81
CA PHE E 110 -25.48 -43.99 -10.68
C PHE E 110 -25.59 -43.18 -9.40
N VAL E 111 -26.11 -43.80 -8.36
CA VAL E 111 -26.32 -43.14 -7.06
C VAL E 111 -25.51 -43.89 -6.02
N TYR E 112 -24.47 -43.24 -5.51
CA TYR E 112 -23.66 -43.81 -4.44
C TYR E 112 -24.45 -43.84 -3.12
N GLN E 113 -23.99 -44.70 -2.22
CA GLN E 113 -24.56 -44.80 -0.88
C GLN E 113 -23.60 -44.35 0.21
N ASN E 114 -22.29 -44.38 -0.06
CA ASN E 114 -21.28 -44.07 0.92
C ASN E 114 -20.13 -43.38 0.16
N ASN E 115 -18.95 -43.35 0.77
CA ASN E 115 -17.81 -42.66 0.18
C ASN E 115 -17.36 -43.35 -1.10
N ILE E 116 -16.98 -42.54 -2.09
CA ILE E 116 -16.60 -43.05 -3.40
C ILE E 116 -15.17 -43.57 -3.35
N THR E 117 -14.81 -44.36 -4.34
CA THR E 117 -13.47 -44.87 -4.53
C THR E 117 -12.78 -44.10 -5.65
N PRO E 118 -11.45 -44.00 -5.66
CA PRO E 118 -10.78 -43.27 -6.75
C PRO E 118 -10.82 -43.97 -8.09
N SER E 119 -11.10 -45.26 -8.14
CA SER E 119 -11.03 -46.03 -9.38
C SER E 119 -12.39 -46.21 -10.05
N ALA E 120 -13.47 -45.65 -9.49
CA ALA E 120 -14.76 -45.74 -10.16
C ALA E 120 -14.81 -44.81 -11.36
N MET E 121 -14.56 -43.52 -11.13
CA MET E 121 -14.57 -42.53 -12.21
C MET E 121 -13.19 -42.33 -12.81
N LYS E 122 -12.54 -43.44 -13.20
CA LYS E 122 -11.29 -43.35 -13.91
C LYS E 122 -11.48 -43.31 -15.42
N LEU E 123 -12.53 -43.97 -15.93
CA LEU E 123 -12.99 -43.80 -17.31
C LEU E 123 -14.48 -43.51 -17.25
N VAL E 124 -14.83 -42.25 -17.00
CA VAL E 124 -16.21 -41.78 -17.16
C VAL E 124 -16.54 -41.35 -18.59
N PRO E 125 -15.69 -40.61 -19.41
CA PRO E 125 -16.17 -40.27 -20.75
C PRO E 125 -15.87 -41.34 -21.79
N SER E 126 -15.59 -42.57 -21.33
CA SER E 126 -15.12 -43.64 -22.21
C SER E 126 -16.15 -44.04 -23.25
N ILE E 127 -17.44 -43.90 -22.95
CA ILE E 127 -18.47 -44.04 -23.97
C ILE E 127 -18.54 -42.73 -24.76
N PRO E 128 -18.41 -42.77 -26.09
CA PRO E 128 -18.29 -41.51 -26.85
C PRO E 128 -19.57 -40.68 -26.95
N PRO E 129 -20.82 -41.26 -27.03
CA PRO E 129 -21.97 -40.33 -26.99
C PRO E 129 -22.59 -40.16 -25.62
N ALA E 130 -22.20 -40.98 -24.64
CA ALA E 130 -22.89 -41.01 -23.36
C ALA E 130 -21.90 -40.81 -22.22
N THR E 131 -22.44 -40.84 -21.01
CA THR E 131 -21.66 -40.73 -19.78
C THR E 131 -22.47 -41.34 -18.64
N ILE E 132 -21.96 -41.18 -17.42
CA ILE E 132 -22.68 -41.57 -16.22
C ILE E 132 -22.69 -40.38 -15.26
N GLU E 133 -23.55 -40.47 -14.26
CA GLU E 133 -23.65 -39.43 -13.23
C GLU E 133 -22.93 -39.90 -11.97
N THR E 134 -22.85 -39.01 -10.99
CA THR E 134 -22.28 -39.36 -9.68
C THR E 134 -23.03 -38.61 -8.59
N PHE E 135 -23.71 -39.36 -7.72
CA PHE E 135 -24.56 -38.80 -6.69
C PHE E 135 -24.17 -39.28 -5.31
N ASN E 136 -25.00 -38.99 -4.31
CA ASN E 136 -24.75 -39.39 -2.94
C ASN E 136 -26.08 -39.32 -2.20
N GLU E 137 -26.45 -40.41 -1.51
CA GLU E 137 -27.72 -40.44 -0.81
C GLU E 137 -27.76 -39.54 0.42
N ALA E 138 -26.62 -39.06 0.90
CA ALA E 138 -26.60 -38.13 2.02
C ALA E 138 -27.09 -36.76 1.58
N ALA E 139 -26.42 -36.15 0.61
CA ALA E 139 -26.78 -34.81 0.13
C ALA E 139 -27.72 -34.88 -1.07
N LEU E 140 -28.79 -35.66 -0.95
CA LEU E 140 -29.84 -35.69 -1.95
C LEU E 140 -31.22 -35.84 -1.32
N VAL E 141 -31.31 -35.87 0.01
CA VAL E 141 -32.61 -36.04 0.68
C VAL E 141 -33.49 -34.81 0.54
N VAL E 142 -32.91 -33.64 0.30
CA VAL E 142 -33.63 -32.43 -0.05
C VAL E 142 -33.00 -31.86 -1.32
N ASN E 143 -33.84 -31.44 -2.26
CA ASN E 143 -33.32 -30.82 -3.47
C ASN E 143 -33.16 -29.32 -3.27
N ILE E 144 -32.14 -28.77 -3.93
CA ILE E 144 -31.80 -27.36 -3.74
C ILE E 144 -32.71 -26.42 -4.51
N THR E 145 -33.58 -26.95 -5.38
CA THR E 145 -34.45 -26.09 -6.18
C THR E 145 -35.55 -25.47 -5.32
N HIS E 146 -36.10 -26.24 -4.39
CA HIS E 146 -37.14 -25.72 -3.51
C HIS E 146 -36.58 -24.85 -2.37
N HIS E 147 -35.27 -24.76 -2.23
CA HIS E 147 -34.67 -23.88 -1.23
C HIS E 147 -34.85 -22.42 -1.65
N GLU E 148 -34.97 -21.55 -0.65
CA GLU E 148 -35.36 -20.17 -0.91
C GLU E 148 -34.23 -19.32 -1.49
N LEU E 149 -32.97 -19.77 -1.37
CA LEU E 149 -31.85 -19.00 -1.89
C LEU E 149 -31.60 -19.25 -3.38
N VAL E 150 -32.07 -20.38 -3.91
CA VAL E 150 -31.83 -20.74 -5.30
C VAL E 150 -33.03 -20.28 -6.12
N PRO E 151 -32.84 -19.43 -7.12
CA PRO E 151 -33.95 -19.06 -8.00
C PRO E 151 -34.18 -20.08 -9.09
N LYS E 152 -35.11 -19.79 -10.01
CA LYS E 152 -35.49 -20.74 -11.04
C LYS E 152 -34.43 -20.78 -12.14
N HIS E 153 -33.84 -21.96 -12.34
CA HIS E 153 -32.91 -22.21 -13.42
C HIS E 153 -33.60 -23.02 -14.50
N ILE E 154 -33.36 -22.67 -15.76
CA ILE E 154 -33.90 -23.43 -16.88
C ILE E 154 -32.93 -23.37 -18.04
N ARG E 155 -32.74 -24.50 -18.71
CA ARG E 155 -31.79 -24.62 -19.80
C ARG E 155 -32.43 -24.22 -21.12
N LEU E 156 -31.69 -23.46 -21.92
CA LEU E 156 -32.16 -23.02 -23.22
C LEU E 156 -31.74 -24.03 -24.30
N SER E 157 -32.50 -24.03 -25.39
CA SER E 157 -32.21 -24.92 -26.51
C SER E 157 -31.07 -24.33 -27.35
N SER E 158 -30.67 -25.08 -28.38
CA SER E 158 -29.60 -24.60 -29.25
C SER E 158 -30.08 -23.49 -30.17
N ASP E 159 -31.36 -23.49 -30.52
CA ASP E 159 -31.91 -22.42 -31.35
C ASP E 159 -32.12 -21.14 -30.56
N GLU E 160 -32.46 -21.26 -29.28
CA GLU E 160 -32.59 -20.10 -28.40
C GLU E 160 -31.25 -19.62 -27.87
N LYS E 161 -30.18 -20.40 -28.05
CA LYS E 161 -28.86 -19.98 -27.61
C LYS E 161 -28.27 -18.95 -28.55
N ARG E 162 -28.55 -19.06 -29.85
CA ARG E 162 -28.04 -18.12 -30.84
C ARG E 162 -28.91 -16.87 -30.97
N GLU E 163 -29.99 -16.77 -30.20
CA GLU E 163 -30.83 -15.57 -30.22
C GLU E 163 -30.29 -14.49 -29.30
N LEU E 164 -29.78 -14.86 -28.12
CA LEU E 164 -29.16 -13.89 -27.23
C LEU E 164 -27.76 -13.50 -27.69
N LEU E 165 -27.12 -14.33 -28.53
CA LEU E 165 -25.88 -13.93 -29.17
C LEU E 165 -26.10 -12.99 -30.35
N LYS E 166 -27.34 -12.88 -30.81
CA LYS E 166 -27.71 -11.87 -31.81
C LYS E 166 -28.21 -10.60 -31.15
N ARG E 167 -28.85 -10.72 -29.99
CA ARG E 167 -29.40 -9.55 -29.30
C ARG E 167 -28.33 -8.76 -28.56
N TYR E 168 -27.37 -9.45 -27.95
CA TYR E 168 -26.28 -8.79 -27.22
C TYR E 168 -24.97 -8.78 -27.99
N ARG E 169 -24.94 -9.39 -29.18
CA ARG E 169 -23.78 -9.41 -30.09
C ARG E 169 -22.55 -10.04 -29.44
N LEU E 170 -22.75 -11.15 -28.74
CA LEU E 170 -21.71 -11.84 -28.01
C LEU E 170 -21.28 -13.10 -28.76
N LYS E 171 -20.45 -13.91 -28.12
CA LYS E 171 -19.93 -15.13 -28.74
C LYS E 171 -19.68 -16.15 -27.62
N GLU E 172 -18.92 -17.21 -27.95
CA GLU E 172 -18.63 -18.29 -27.00
C GLU E 172 -17.41 -17.93 -26.14
N SER E 173 -17.58 -16.82 -25.42
CA SER E 173 -16.66 -16.23 -24.46
C SER E 173 -17.45 -15.11 -23.79
N GLN E 174 -16.76 -14.32 -22.95
CA GLN E 174 -17.18 -12.99 -22.43
C GLN E 174 -18.58 -12.99 -21.82
N LEU E 175 -19.03 -14.13 -21.31
CA LEU E 175 -20.27 -14.33 -20.58
C LEU E 175 -19.97 -14.73 -19.14
N PRO E 176 -20.88 -14.48 -18.20
CA PRO E 176 -20.67 -14.96 -16.83
C PRO E 176 -20.75 -16.48 -16.76
N ARG E 177 -19.64 -17.10 -16.41
CA ARG E 177 -19.46 -18.54 -16.58
C ARG E 177 -19.90 -19.30 -15.34
N ILE E 178 -20.49 -20.47 -15.56
CA ILE E 178 -20.79 -21.43 -14.51
C ILE E 178 -20.05 -22.72 -14.87
N GLN E 179 -19.68 -23.49 -13.85
CA GLN E 179 -18.78 -24.62 -14.02
C GLN E 179 -19.51 -25.95 -13.82
N ARG E 180 -18.84 -27.03 -14.22
CA ARG E 180 -19.30 -28.37 -13.92
C ARG E 180 -18.95 -28.72 -12.47
N ALA E 181 -19.56 -29.82 -11.99
CA ALA E 181 -19.53 -30.26 -10.59
C ALA E 181 -20.02 -29.16 -9.66
N ASP E 182 -21.04 -28.43 -10.11
CA ASP E 182 -21.83 -27.44 -9.42
C ASP E 182 -23.19 -28.04 -9.10
N PRO E 183 -23.75 -27.79 -7.91
CA PRO E 183 -25.00 -28.47 -7.52
C PRO E 183 -26.19 -28.14 -8.40
N VAL E 184 -26.29 -26.90 -8.90
CA VAL E 184 -27.31 -26.58 -9.89
C VAL E 184 -26.99 -27.27 -11.22
N ALA E 185 -25.72 -27.28 -11.62
CA ALA E 185 -25.33 -27.90 -12.88
C ALA E 185 -25.42 -29.43 -12.82
N LEU E 186 -25.24 -30.01 -11.63
CA LEU E 186 -25.43 -31.45 -11.49
C LEU E 186 -26.91 -31.82 -11.34
N TYR E 187 -27.72 -30.92 -10.77
CA TYR E 187 -29.15 -31.16 -10.72
C TYR E 187 -29.77 -31.08 -12.11
N LEU E 188 -29.35 -30.10 -12.92
CA LEU E 188 -29.98 -29.83 -14.20
C LEU E 188 -29.35 -30.64 -15.33
N GLY E 189 -28.04 -30.85 -15.28
CA GLY E 189 -27.37 -31.67 -16.27
C GLY E 189 -26.75 -30.89 -17.41
N LEU E 190 -26.11 -29.77 -17.08
CA LEU E 190 -25.51 -28.91 -18.11
C LEU E 190 -24.22 -29.55 -18.61
N LYS E 191 -24.17 -29.82 -19.92
CA LYS E 191 -23.02 -30.53 -20.47
C LYS E 191 -21.85 -29.59 -20.75
N ARG E 192 -22.01 -28.71 -21.75
CA ARG E 192 -20.96 -27.83 -22.23
C ARG E 192 -21.54 -26.80 -23.18
N GLY E 193 -21.27 -25.52 -22.93
CA GLY E 193 -21.78 -24.47 -23.79
C GLY E 193 -23.28 -24.29 -23.74
N GLU E 194 -23.93 -24.73 -22.66
CA GLU E 194 -25.37 -24.62 -22.52
C GLU E 194 -25.71 -23.37 -21.70
N VAL E 195 -26.53 -22.50 -22.27
CA VAL E 195 -26.93 -21.29 -21.58
C VAL E 195 -28.12 -21.61 -20.67
N VAL E 196 -27.98 -21.28 -19.39
CA VAL E 196 -29.06 -21.40 -18.42
C VAL E 196 -29.55 -19.99 -18.08
N LYS E 197 -30.87 -19.82 -18.05
CA LYS E 197 -31.47 -18.53 -17.76
C LYS E 197 -31.90 -18.49 -16.30
N ILE E 198 -31.39 -17.51 -15.57
CA ILE E 198 -31.71 -17.33 -14.15
C ILE E 198 -32.74 -16.22 -14.03
N ILE E 199 -33.78 -16.46 -13.24
CA ILE E 199 -34.94 -15.59 -13.14
C ILE E 199 -34.93 -15.02 -11.73
N ARG E 200 -33.72 -14.67 -11.26
CA ARG E 200 -33.49 -14.18 -9.91
C ARG E 200 -34.35 -12.97 -9.57
N LYS E 201 -34.65 -12.82 -8.29
CA LYS E 201 -35.61 -11.82 -7.80
C LYS E 201 -34.96 -11.02 -6.69
N SER E 202 -34.47 -9.82 -7.02
CA SER E 202 -34.00 -8.90 -6.01
C SER E 202 -35.20 -8.23 -5.35
N GLU E 203 -34.93 -7.52 -4.24
CA GLU E 203 -36.01 -6.96 -3.44
C GLU E 203 -36.66 -5.76 -4.11
N THR E 204 -35.92 -4.67 -4.27
CA THR E 204 -36.43 -3.49 -4.95
C THR E 204 -36.01 -3.45 -6.41
N SER E 205 -36.19 -4.55 -7.14
CA SER E 205 -35.87 -4.53 -8.56
C SER E 205 -36.94 -5.11 -9.45
N GLY E 206 -37.61 -6.17 -9.00
CA GLY E 206 -38.62 -6.81 -9.84
C GLY E 206 -38.34 -8.27 -10.15
N ARG E 207 -38.42 -8.63 -11.43
CA ARG E 207 -38.33 -10.01 -11.89
C ARG E 207 -37.40 -10.09 -13.10
N TYR E 208 -36.21 -9.53 -12.97
CA TYR E 208 -35.26 -9.45 -14.07
C TYR E 208 -34.57 -10.80 -14.29
N ALA E 209 -33.74 -10.86 -15.32
CA ALA E 209 -33.12 -12.11 -15.74
C ALA E 209 -31.60 -11.98 -15.80
N SER E 210 -30.95 -13.13 -15.98
CA SER E 210 -29.52 -13.23 -16.21
C SER E 210 -29.24 -14.56 -16.88
N TYR E 211 -28.19 -14.59 -17.70
CA TYR E 211 -27.82 -15.77 -18.46
C TYR E 211 -26.40 -16.20 -18.08
N ARG E 212 -26.19 -17.51 -18.01
CA ARG E 212 -24.91 -18.08 -17.63
C ARG E 212 -24.53 -19.16 -18.63
N ILE E 213 -23.30 -19.07 -19.14
CA ILE E 213 -22.76 -20.11 -20.02
C ILE E 213 -22.09 -21.17 -19.15
N CYS E 214 -22.17 -22.42 -19.57
CA CYS E 214 -21.56 -23.53 -18.85
C CYS E 214 -20.23 -23.89 -19.49
N MET E 215 -19.21 -24.10 -18.66
CA MET E 215 -17.89 -24.45 -19.14
C MET E 215 -17.46 -25.82 -18.63
N GLU F 71 -19.22 -3.08 -38.45
CA GLU F 71 -18.00 -2.29 -38.52
C GLU F 71 -18.29 -0.91 -39.09
N LYS F 72 -19.12 -0.85 -40.11
CA LYS F 72 -19.45 0.43 -40.75
C LYS F 72 -20.58 1.11 -39.97
N ALA F 73 -20.99 2.28 -40.47
CA ALA F 73 -21.92 3.13 -39.75
C ALA F 73 -23.36 2.66 -39.96
N ILE F 74 -24.18 2.81 -38.92
CA ILE F 74 -25.60 2.53 -39.02
C ILE F 74 -26.27 3.64 -39.82
N PRO F 75 -27.18 3.34 -40.74
CA PRO F 75 -27.97 4.40 -41.38
C PRO F 75 -28.89 5.09 -40.38
N LYS F 76 -29.27 6.32 -40.73
CA LYS F 76 -30.01 7.19 -39.82
C LYS F 76 -31.49 6.85 -39.71
N ASP F 77 -31.96 5.80 -40.40
CA ASP F 77 -33.36 5.43 -40.29
C ASP F 77 -33.66 4.77 -38.95
N GLN F 78 -32.77 3.88 -38.50
CA GLN F 78 -32.89 3.25 -37.20
C GLN F 78 -31.63 3.51 -36.38
N ARG F 79 -31.82 3.82 -35.10
CA ARG F 79 -30.72 4.04 -34.17
C ARG F 79 -31.10 3.45 -32.83
N ALA F 80 -30.12 2.87 -32.14
CA ALA F 80 -30.39 2.09 -30.95
C ALA F 80 -30.33 2.89 -29.66
N THR F 81 -29.34 3.78 -29.53
CA THR F 81 -29.09 4.46 -28.27
C THR F 81 -30.08 5.60 -28.05
N THR F 82 -29.87 6.32 -26.95
CA THR F 82 -30.81 7.37 -26.56
C THR F 82 -30.58 8.62 -27.41
N PRO F 83 -31.65 9.34 -27.76
CA PRO F 83 -31.49 10.64 -28.44
C PRO F 83 -31.13 11.79 -27.52
N TYR F 84 -30.84 11.52 -26.25
CA TYR F 84 -30.57 12.52 -25.24
C TYR F 84 -29.08 12.86 -25.28
N MET F 85 -28.68 13.84 -24.47
CA MET F 85 -27.29 14.29 -24.43
C MET F 85 -26.75 13.99 -23.04
N THR F 86 -25.96 12.92 -22.94
CA THR F 86 -25.29 12.55 -21.70
C THR F 86 -24.28 13.63 -21.32
N LYS F 87 -24.12 13.85 -20.01
CA LYS F 87 -23.21 14.86 -19.48
C LYS F 87 -21.73 14.59 -19.75
N TYR F 88 -21.39 13.40 -20.27
CA TYR F 88 -20.01 13.14 -20.64
C TYR F 88 -19.68 13.65 -22.03
N GLU F 89 -20.66 13.76 -22.91
CA GLU F 89 -20.44 14.44 -24.19
C GLU F 89 -20.87 15.89 -24.18
N ARG F 90 -21.34 16.41 -23.05
CA ARG F 90 -21.55 17.84 -22.93
C ARG F 90 -20.29 18.55 -22.43
N ALA F 91 -19.48 17.87 -21.61
CA ALA F 91 -18.23 18.42 -21.14
C ALA F 91 -17.06 18.16 -22.09
N ARG F 92 -17.15 17.14 -22.93
CA ARG F 92 -16.12 16.94 -23.95
C ARG F 92 -16.29 17.91 -25.10
N ILE F 93 -17.54 18.18 -25.50
CA ILE F 93 -17.77 19.12 -26.59
C ILE F 93 -17.58 20.56 -26.13
N LEU F 94 -17.61 20.82 -24.82
CA LEU F 94 -17.28 22.14 -24.32
C LEU F 94 -15.77 22.33 -24.26
N GLY F 95 -15.00 21.24 -24.24
CA GLY F 95 -13.55 21.32 -24.18
C GLY F 95 -12.89 21.37 -25.53
N THR F 96 -13.38 20.55 -26.47
CA THR F 96 -12.81 20.53 -27.81
C THR F 96 -13.33 21.64 -28.70
N ARG F 97 -14.28 22.45 -28.24
CA ARG F 97 -14.67 23.67 -28.92
C ARG F 97 -13.93 24.88 -28.37
N ALA F 98 -13.73 24.94 -27.05
CA ALA F 98 -12.94 25.99 -26.45
C ALA F 98 -11.46 25.87 -26.77
N LEU F 99 -10.99 24.66 -27.10
CA LEU F 99 -9.63 24.49 -27.57
C LEU F 99 -9.47 24.99 -29.00
N GLN F 100 -10.56 25.02 -29.78
CA GLN F 100 -10.49 25.55 -31.13
C GLN F 100 -10.59 27.05 -31.17
N ILE F 101 -11.31 27.66 -30.22
CA ILE F 101 -11.36 29.12 -30.13
C ILE F 101 -9.99 29.66 -29.73
N SER F 102 -9.28 28.95 -28.86
CA SER F 102 -7.92 29.35 -28.50
C SER F 102 -6.95 29.18 -29.66
N MET F 103 -7.26 28.28 -30.60
CA MET F 103 -6.50 28.16 -31.84
C MET F 103 -7.17 28.90 -32.99
N ASN F 104 -7.89 29.98 -32.67
CA ASN F 104 -8.40 30.98 -33.62
C ASN F 104 -9.39 30.37 -34.62
N ALA F 105 -10.47 29.84 -34.09
CA ALA F 105 -11.58 29.46 -34.95
C ALA F 105 -12.62 30.58 -34.98
N PRO F 106 -13.31 30.79 -36.10
CA PRO F 106 -14.34 31.84 -36.13
C PRO F 106 -15.58 31.44 -35.33
N VAL F 107 -16.07 32.38 -34.52
CA VAL F 107 -17.25 32.13 -33.71
C VAL F 107 -18.51 32.24 -34.56
N PHE F 108 -19.59 31.62 -34.08
CA PHE F 108 -20.87 31.63 -34.77
C PHE F 108 -21.95 32.36 -33.98
N VAL F 109 -21.59 33.04 -32.91
CA VAL F 109 -22.55 33.72 -32.04
C VAL F 109 -22.07 35.14 -31.81
N ASP F 110 -23.02 36.04 -31.56
CA ASP F 110 -22.70 37.44 -31.30
C ASP F 110 -22.13 37.56 -29.89
N LEU F 111 -20.83 37.79 -29.78
CA LEU F 111 -20.18 37.91 -28.49
C LEU F 111 -20.32 39.34 -27.96
N GLU F 112 -20.50 39.46 -26.65
CA GLU F 112 -20.54 40.77 -26.00
C GLU F 112 -19.18 41.20 -25.50
N GLY F 113 -18.17 41.10 -26.37
CA GLY F 113 -16.81 41.50 -26.03
C GLY F 113 -16.18 40.68 -24.92
N GLU F 114 -16.48 39.39 -24.85
CA GLU F 114 -16.01 38.56 -23.75
C GLU F 114 -14.79 37.75 -24.15
N THR F 115 -13.93 37.53 -23.17
CA THR F 115 -12.76 36.66 -23.27
C THR F 115 -13.20 35.28 -22.76
N ASP F 116 -12.24 34.39 -22.41
CA ASP F 116 -12.47 33.08 -21.77
C ASP F 116 -13.30 32.17 -22.65
N PRO F 117 -12.68 31.50 -23.63
CA PRO F 117 -13.43 30.61 -24.55
C PRO F 117 -14.23 29.47 -23.91
N LEU F 118 -14.08 29.20 -22.62
CA LEU F 118 -15.05 28.37 -21.91
C LEU F 118 -16.43 29.03 -21.91
N ARG F 119 -16.47 30.36 -21.81
CA ARG F 119 -17.74 31.07 -21.81
C ARG F 119 -18.27 31.31 -23.22
N ILE F 120 -17.43 31.23 -24.24
CA ILE F 120 -17.90 31.36 -25.62
C ILE F 120 -18.54 30.06 -26.08
N ALA F 121 -17.90 28.92 -25.79
CA ALA F 121 -18.45 27.62 -26.19
C ALA F 121 -19.68 27.27 -25.37
N MET F 122 -19.80 27.81 -24.15
CA MET F 122 -21.04 27.65 -23.39
C MET F 122 -22.19 28.38 -24.07
N LYS F 123 -21.91 29.55 -24.65
CA LYS F 123 -22.92 30.27 -25.42
C LYS F 123 -23.22 29.55 -26.73
N GLU F 124 -22.22 28.87 -27.30
CA GLU F 124 -22.44 28.02 -28.47
C GLU F 124 -23.39 26.88 -28.16
N LEU F 125 -23.21 26.24 -27.01
CA LEU F 125 -24.14 25.18 -26.59
C LEU F 125 -25.51 25.74 -26.24
N ALA F 126 -25.57 26.96 -25.70
CA ALA F 126 -26.86 27.55 -25.37
C ALA F 126 -27.63 27.98 -26.62
N GLU F 127 -26.91 28.33 -27.69
CA GLU F 127 -27.55 28.75 -28.94
C GLU F 127 -27.65 27.63 -29.97
N LYS F 128 -26.98 26.49 -29.71
CA LYS F 128 -27.00 25.30 -30.58
C LYS F 128 -26.50 25.61 -31.99
N LYS F 129 -25.35 26.28 -32.06
CA LYS F 129 -24.72 26.66 -33.32
C LYS F 129 -23.31 26.11 -33.42
N ILE F 130 -23.11 24.88 -32.99
CA ILE F 130 -21.79 24.26 -32.91
C ILE F 130 -21.67 23.21 -34.01
N PRO F 131 -20.62 23.27 -34.85
CA PRO F 131 -20.52 22.39 -36.03
C PRO F 131 -19.75 21.09 -35.78
N LEU F 132 -20.21 20.30 -34.81
CA LEU F 132 -19.53 19.06 -34.46
C LEU F 132 -20.51 17.89 -34.51
N VAL F 133 -19.96 16.68 -34.56
CA VAL F 133 -20.73 15.44 -34.65
C VAL F 133 -20.14 14.42 -33.69
N ILE F 134 -20.97 13.87 -32.81
CA ILE F 134 -20.55 12.90 -31.80
C ILE F 134 -20.69 11.49 -32.36
N ARG F 135 -19.60 10.72 -32.29
CA ARG F 135 -19.55 9.35 -32.78
C ARG F 135 -19.61 8.38 -31.60
N ARG F 136 -20.77 7.78 -31.37
CA ARG F 136 -20.91 6.76 -30.34
C ARG F 136 -20.25 5.46 -30.77
N TYR F 137 -19.80 4.69 -29.78
CA TYR F 137 -19.14 3.40 -30.00
C TYR F 137 -19.92 2.29 -29.32
N LEU F 138 -20.29 1.27 -30.08
CA LEU F 138 -20.89 0.06 -29.56
C LEU F 138 -19.79 -0.89 -29.09
N PRO F 139 -20.11 -1.87 -28.23
CA PRO F 139 -19.08 -2.83 -27.82
C PRO F 139 -18.56 -3.72 -28.94
N ASP F 140 -19.32 -3.94 -30.00
CA ASP F 140 -18.77 -4.59 -31.19
C ASP F 140 -18.27 -3.57 -32.21
N GLY F 141 -18.82 -2.37 -32.21
CA GLY F 141 -18.32 -1.29 -33.05
C GLY F 141 -19.13 -1.07 -34.31
N SER F 142 -20.02 -0.07 -34.30
CA SER F 142 -20.78 0.24 -35.50
C SER F 142 -20.99 1.74 -35.71
N PHE F 143 -20.39 2.58 -34.85
CA PHE F 143 -20.00 3.97 -35.11
C PHE F 143 -21.13 5.00 -35.18
N GLU F 144 -22.40 4.57 -35.27
CA GLU F 144 -23.64 5.22 -34.82
C GLU F 144 -23.63 6.76 -34.80
N ASP F 145 -23.52 7.39 -35.97
CA ASP F 145 -23.27 8.84 -36.05
C ASP F 145 -24.49 9.64 -35.58
N TRP F 146 -24.34 10.36 -34.46
CA TRP F 146 -25.35 11.26 -33.93
C TRP F 146 -24.91 12.71 -34.12
N SER F 147 -25.86 13.57 -34.48
CA SER F 147 -25.59 14.99 -34.69
C SER F 147 -25.95 15.79 -33.44
N VAL F 148 -25.18 16.83 -33.20
CA VAL F 148 -25.30 17.60 -31.96
C VAL F 148 -26.51 18.52 -31.98
N GLU F 149 -26.89 19.03 -33.15
CA GLU F 149 -28.03 19.95 -33.26
C GLU F 149 -29.38 19.27 -33.02
N GLU F 150 -29.43 17.94 -32.94
CA GLU F 150 -30.66 17.22 -32.64
C GLU F 150 -30.58 16.39 -31.37
N LEU F 151 -29.46 16.41 -30.65
CA LEU F 151 -29.39 15.81 -29.31
C LEU F 151 -29.98 16.80 -28.32
N ILE F 152 -31.14 16.47 -27.78
CA ILE F 152 -31.84 17.37 -26.86
C ILE F 152 -31.15 17.32 -25.50
N VAL F 153 -31.06 18.48 -24.86
CA VAL F 153 -30.40 18.60 -23.57
C VAL F 153 -31.21 19.46 -22.62
N PHE G 2 5.21 13.12 -67.26
CA PHE G 2 3.82 13.51 -67.03
C PHE G 2 2.90 12.29 -66.96
N ILE G 3 2.86 11.67 -65.78
CA ILE G 3 1.90 10.61 -65.49
C ILE G 3 0.96 11.10 -64.39
N LEU G 4 -0.05 10.28 -64.09
CA LEU G 4 -1.11 10.66 -63.17
C LEU G 4 -1.31 9.54 -62.17
N SER G 5 -0.87 9.77 -60.93
CA SER G 5 -0.94 8.75 -59.89
C SER G 5 -2.27 8.83 -59.14
N LYS G 6 -2.41 8.01 -58.10
CA LYS G 6 -3.58 8.03 -57.23
C LYS G 6 -3.12 7.91 -55.78
N ILE G 7 -2.17 8.76 -55.39
CA ILE G 7 -1.61 8.72 -54.05
C ILE G 7 -2.64 9.16 -53.01
N ALA G 8 -2.80 8.36 -51.96
CA ALA G 8 -3.73 8.63 -50.87
C ALA G 8 -2.95 9.06 -49.63
N ASP G 9 -3.52 9.99 -48.87
CA ASP G 9 -2.80 10.64 -47.77
C ASP G 9 -3.82 11.27 -46.83
N LEU G 10 -3.47 11.32 -45.54
CA LEU G 10 -4.31 12.00 -44.56
C LEU G 10 -3.80 13.41 -44.35
N VAL G 11 -4.75 14.33 -44.16
CA VAL G 11 -4.48 15.77 -44.16
C VAL G 11 -4.95 16.35 -42.84
N ARG G 12 -4.08 17.11 -42.18
CA ARG G 12 -4.46 17.89 -41.01
C ARG G 12 -4.59 19.35 -41.41
N ILE G 13 -5.70 19.97 -41.05
CA ILE G 13 -5.89 21.39 -41.28
C ILE G 13 -5.89 22.08 -39.92
N PRO G 14 -5.25 23.23 -39.78
CA PRO G 14 -5.23 23.92 -38.49
C PRO G 14 -6.60 24.51 -38.19
N PRO G 15 -6.90 24.77 -36.91
CA PRO G 15 -8.15 25.48 -36.58
C PRO G 15 -8.14 26.95 -36.96
N ASP G 16 -7.00 27.50 -37.39
CA ASP G 16 -6.95 28.85 -37.93
C ASP G 16 -7.80 28.97 -39.19
N GLN G 17 -7.61 28.04 -40.13
CA GLN G 17 -8.28 28.11 -41.43
C GLN G 17 -9.50 27.20 -41.46
N PHE G 18 -10.47 27.52 -40.61
CA PHE G 18 -11.81 26.93 -40.69
C PHE G 18 -12.80 27.84 -41.41
N HIS G 19 -12.36 29.03 -41.83
CA HIS G 19 -13.25 29.97 -42.52
C HIS G 19 -13.23 29.80 -44.03
N ARG G 20 -12.19 29.17 -44.59
CA ARG G 20 -12.10 28.98 -46.02
C ARG G 20 -12.97 27.81 -46.46
N ASP G 21 -12.97 27.54 -47.76
CA ASP G 21 -13.72 26.40 -48.28
C ASP G 21 -12.99 25.10 -47.91
N THR G 22 -13.74 24.00 -47.92
CA THR G 22 -13.19 22.73 -47.44
C THR G 22 -12.15 22.17 -48.40
N ILE G 23 -12.49 22.08 -49.69
CA ILE G 23 -11.53 21.55 -50.67
C ILE G 23 -10.46 22.54 -51.04
N SER G 24 -10.60 23.80 -50.65
CA SER G 24 -9.55 24.79 -50.83
C SER G 24 -8.50 24.76 -49.73
N ALA G 25 -8.87 24.28 -48.54
CA ALA G 25 -7.91 24.13 -47.44
C ALA G 25 -7.16 22.81 -47.51
N ILE G 26 -7.79 21.77 -48.09
CA ILE G 26 -7.09 20.52 -48.30
C ILE G 26 -6.05 20.67 -49.41
N THR G 27 -6.40 21.39 -50.47
CA THR G 27 -5.49 21.63 -51.58
C THR G 27 -4.31 22.51 -51.16
N HIS G 28 -4.55 23.44 -50.23
CA HIS G 28 -3.46 24.25 -49.69
C HIS G 28 -2.47 23.41 -48.87
N GLN G 29 -2.96 22.38 -48.20
CA GLN G 29 -2.09 21.55 -47.36
C GLN G 29 -1.37 20.47 -48.17
N LEU G 30 -2.01 19.94 -49.21
CA LEU G 30 -1.35 18.99 -50.08
C LEU G 30 -0.25 19.64 -50.92
N ASN G 31 -0.34 20.94 -51.16
CA ASN G 31 0.71 21.66 -51.88
C ASN G 31 1.88 22.01 -50.98
N ASN G 32 1.78 21.80 -49.67
CA ASN G 32 2.90 21.95 -48.76
C ASN G 32 3.71 20.67 -48.61
N LYS G 33 3.35 19.62 -49.34
CA LYS G 33 4.03 18.34 -49.25
C LYS G 33 4.36 17.74 -50.61
N PHE G 34 3.71 18.17 -51.70
CA PHE G 34 4.00 17.65 -53.03
C PHE G 34 4.26 18.74 -54.05
N ALA G 35 4.81 19.89 -53.64
CA ALA G 35 5.10 20.95 -54.61
C ALA G 35 6.43 20.70 -55.32
N ASN G 36 7.52 20.74 -54.57
CA ASN G 36 8.84 20.36 -55.07
C ASN G 36 9.33 19.05 -54.49
N LYS G 37 8.70 18.58 -53.42
CA LYS G 37 9.13 17.34 -52.77
C LYS G 37 8.73 16.15 -53.63
N ILE G 38 9.68 15.28 -53.91
CA ILE G 38 9.47 14.18 -54.84
C ILE G 38 9.10 12.91 -54.06
N ILE G 39 8.17 12.15 -54.63
CA ILE G 39 7.87 10.83 -54.07
C ILE G 39 9.04 9.91 -54.38
N PRO G 40 9.47 9.04 -53.44
CA PRO G 40 10.47 8.02 -53.78
C PRO G 40 9.94 7.06 -54.85
N ASN G 41 10.79 6.84 -55.86
CA ASN G 41 10.64 6.05 -57.10
C ASN G 41 9.24 6.09 -57.74
N VAL G 42 8.62 7.26 -57.75
CA VAL G 42 7.38 7.47 -58.50
C VAL G 42 7.59 8.66 -59.44
N GLY G 43 8.43 9.61 -59.05
CA GLY G 43 8.77 10.72 -59.92
C GLY G 43 8.78 12.03 -59.16
N LEU G 44 8.60 13.11 -59.92
CA LEU G 44 8.65 14.48 -59.40
C LEU G 44 7.27 15.12 -59.56
N CYS G 45 6.68 15.53 -58.44
CA CYS G 45 5.34 16.11 -58.46
C CYS G 45 5.39 17.59 -58.82
N ILE G 46 4.26 18.08 -59.34
CA ILE G 46 4.13 19.48 -59.72
C ILE G 46 3.03 20.13 -58.89
N THR G 47 1.80 19.62 -59.03
CA THR G 47 0.65 20.21 -58.36
C THR G 47 -0.41 19.12 -58.16
N ILE G 48 -1.53 19.53 -57.56
CA ILE G 48 -2.63 18.63 -57.26
C ILE G 48 -3.74 18.89 -58.28
N TYR G 49 -4.25 17.81 -58.90
CA TYR G 49 -5.27 17.98 -59.93
C TYR G 49 -6.64 18.25 -59.30
N ASP G 50 -7.16 17.30 -58.53
CA ASP G 50 -8.40 17.48 -57.80
C ASP G 50 -8.40 16.58 -56.57
N LEU G 51 -9.56 16.46 -55.93
CA LEU G 51 -9.73 15.61 -54.76
C LEU G 51 -10.79 14.56 -55.03
N LEU G 52 -10.71 13.44 -54.33
CA LEU G 52 -11.67 12.34 -54.46
C LEU G 52 -11.89 11.69 -53.10
N THR G 53 -13.14 11.30 -52.85
CA THR G 53 -13.56 10.44 -51.73
C THR G 53 -13.14 11.06 -50.38
N VAL G 54 -13.76 12.20 -50.10
CA VAL G 54 -13.47 12.98 -48.91
C VAL G 54 -14.58 12.73 -47.89
N GLU G 55 -14.21 12.25 -46.71
CA GLU G 55 -15.16 11.85 -45.69
C GLU G 55 -14.98 12.73 -44.45
N GLU G 56 -15.67 12.34 -43.38
CA GLU G 56 -15.72 13.13 -42.16
C GLU G 56 -14.36 13.21 -41.49
N GLY G 57 -13.92 14.43 -41.19
CA GLY G 57 -12.64 14.64 -40.53
C GLY G 57 -12.74 14.58 -39.03
N GLN G 58 -11.99 13.67 -38.43
CA GLN G 58 -12.08 13.40 -36.99
C GLN G 58 -10.84 13.90 -36.27
N LEU G 59 -10.98 14.03 -34.96
CA LEU G 59 -10.01 14.70 -34.10
C LEU G 59 -9.35 13.72 -33.15
N LYS G 60 -8.21 14.16 -32.59
CA LYS G 60 -7.47 13.53 -31.51
C LYS G 60 -7.58 14.37 -30.25
N PRO G 61 -7.44 13.78 -29.04
CA PRO G 61 -7.68 14.56 -27.81
C PRO G 61 -6.57 15.54 -27.43
N GLY G 62 -5.60 15.82 -28.29
CA GLY G 62 -4.53 16.72 -27.91
C GLY G 62 -4.22 17.83 -28.89
N ASP G 63 -4.94 17.90 -30.00
CA ASP G 63 -4.60 18.90 -31.01
C ASP G 63 -5.77 19.80 -31.37
N GLY G 64 -6.97 19.26 -31.48
CA GLY G 64 -8.10 20.04 -31.92
C GLY G 64 -8.12 20.37 -33.40
N SER G 65 -7.32 19.69 -34.20
CA SER G 65 -7.28 19.88 -35.64
C SER G 65 -8.05 18.78 -36.35
N SER G 66 -8.60 19.11 -37.51
CA SER G 66 -9.40 18.16 -38.29
C SER G 66 -8.46 17.33 -39.14
N TYR G 67 -8.17 16.10 -38.70
CA TYR G 67 -7.34 15.16 -39.43
C TYR G 67 -8.19 14.48 -40.49
N ILE G 68 -8.38 15.16 -41.62
CA ILE G 68 -9.25 14.68 -42.67
C ILE G 68 -8.47 13.71 -43.55
N ASN G 69 -9.18 12.76 -44.17
CA ASN G 69 -8.57 11.67 -44.91
C ASN G 69 -9.06 11.74 -46.35
N VAL G 70 -8.14 11.94 -47.30
CA VAL G 70 -8.48 12.15 -48.70
C VAL G 70 -7.71 11.15 -49.54
N THR G 71 -8.08 11.09 -50.82
CA THR G 71 -7.26 10.49 -51.86
C THR G 71 -7.36 11.37 -53.10
N PHE G 72 -6.31 11.37 -53.91
CA PHE G 72 -6.20 12.40 -54.93
C PHE G 72 -5.25 11.94 -56.02
N ARG G 73 -5.33 12.62 -57.16
CA ARG G 73 -4.42 12.44 -58.28
C ARG G 73 -3.58 13.70 -58.44
N ALA G 74 -2.33 13.51 -58.84
CA ALA G 74 -1.38 14.61 -58.92
C ALA G 74 -0.60 14.53 -60.23
N VAL G 75 -0.34 15.69 -60.82
CA VAL G 75 0.44 15.77 -62.06
C VAL G 75 1.90 15.57 -61.67
N VAL G 76 2.41 14.36 -61.88
CA VAL G 76 3.77 14.00 -61.51
C VAL G 76 4.57 13.74 -62.79
N PHE G 77 5.73 14.37 -62.89
CA PHE G 77 6.58 14.26 -64.08
C PHE G 77 7.45 13.01 -63.97
N LYS G 78 7.11 11.99 -64.76
CA LYS G 78 7.90 10.75 -64.80
C LYS G 78 7.70 10.13 -66.17
N PRO G 79 8.67 10.28 -67.07
CA PRO G 79 8.55 9.65 -68.39
C PRO G 79 8.80 8.15 -68.33
N PHE G 80 8.23 7.45 -69.30
CA PHE G 80 8.34 6.00 -69.39
C PHE G 80 9.64 5.59 -70.07
N LEU G 81 9.72 4.32 -70.52
CA LEU G 81 10.99 3.70 -70.89
C LEU G 81 11.69 4.40 -72.06
N GLY G 82 10.95 4.94 -73.01
CA GLY G 82 11.57 5.70 -74.08
C GLY G 82 10.86 7.01 -74.39
N GLU G 83 11.53 8.14 -74.18
CA GLU G 83 10.89 9.43 -74.35
C GLU G 83 11.92 10.44 -74.84
N ILE G 84 11.63 11.09 -75.96
CA ILE G 84 12.48 12.18 -76.46
C ILE G 84 12.16 13.44 -75.68
N VAL G 85 13.18 14.07 -75.11
CA VAL G 85 13.00 15.23 -74.26
C VAL G 85 14.12 16.21 -74.55
N THR G 86 13.82 17.51 -74.47
CA THR G 86 14.76 18.57 -74.80
C THR G 86 15.49 19.05 -73.55
N GLY G 87 16.81 19.17 -73.64
CA GLY G 87 17.63 19.59 -72.53
C GLY G 87 18.40 20.85 -72.84
N TRP G 88 19.22 21.27 -71.86
CA TRP G 88 20.03 22.47 -71.96
C TRP G 88 21.34 22.24 -71.22
N ILE G 89 22.45 22.49 -71.90
CA ILE G 89 23.78 22.32 -71.33
C ILE G 89 24.24 23.62 -70.68
N SER G 90 24.72 23.51 -69.44
CA SER G 90 25.27 24.63 -68.69
C SER G 90 26.67 24.37 -68.16
N LYS G 91 26.96 23.15 -67.72
CA LYS G 91 28.25 22.79 -67.16
C LYS G 91 28.71 21.47 -67.76
N CYS G 92 29.97 21.41 -68.19
CA CYS G 92 30.56 20.19 -68.73
C CYS G 92 31.87 19.92 -67.99
N THR G 93 31.89 18.85 -67.20
CA THR G 93 33.06 18.46 -66.43
C THR G 93 33.93 17.51 -67.25
N ALA G 94 34.89 16.86 -66.59
CA ALA G 94 35.71 15.85 -67.25
C ALA G 94 34.94 14.59 -67.60
N GLU G 95 33.79 14.37 -66.94
CA GLU G 95 32.87 13.31 -67.30
C GLU G 95 31.97 13.76 -68.46
N GLY G 96 30.89 13.02 -68.69
CA GLY G 96 29.98 13.32 -69.78
C GLY G 96 29.16 14.59 -69.65
N ILE G 97 28.16 14.73 -70.50
CA ILE G 97 27.39 15.97 -70.60
C ILE G 97 26.43 16.05 -69.42
N LYS G 98 26.30 17.24 -68.83
CA LYS G 98 25.46 17.47 -67.67
C LYS G 98 24.39 18.48 -68.06
N VAL G 99 23.17 17.99 -68.30
CA VAL G 99 22.09 18.85 -68.79
C VAL G 99 20.90 18.84 -67.83
N SER G 100 19.87 19.59 -68.19
CA SER G 100 18.65 19.71 -67.40
C SER G 100 17.56 20.29 -68.28
N LEU G 101 16.32 20.20 -67.78
CA LEU G 101 15.25 21.00 -68.34
C LEU G 101 15.37 22.43 -67.82
N LEU G 102 14.61 23.35 -68.42
CA LEU G 102 14.75 24.78 -68.13
C LEU G 102 14.13 25.06 -66.77
N GLY G 103 14.93 24.86 -65.73
CA GLY G 103 14.54 25.14 -64.38
C GLY G 103 13.68 24.10 -63.71
N ILE G 104 13.94 22.80 -63.93
CA ILE G 104 13.15 21.72 -63.36
C ILE G 104 13.97 20.89 -62.39
N PHE G 105 15.02 20.23 -62.89
CA PHE G 105 15.82 19.34 -62.05
C PHE G 105 17.20 19.21 -62.68
N ASP G 106 18.21 19.77 -62.02
CA ASP G 106 19.56 19.86 -62.60
C ASP G 106 20.46 18.74 -62.08
N ASP G 107 20.06 17.50 -62.37
CA ASP G 107 20.97 16.38 -62.14
C ASP G 107 20.81 15.32 -63.25
N ILE G 108 20.37 15.72 -64.43
CA ILE G 108 20.19 14.76 -65.53
C ILE G 108 21.50 14.73 -66.30
N PHE G 109 22.42 13.90 -65.82
CA PHE G 109 23.74 13.78 -66.43
C PHE G 109 23.83 12.51 -67.26
N ILE G 110 24.49 12.61 -68.40
CA ILE G 110 24.66 11.50 -69.33
C ILE G 110 26.16 11.17 -69.46
N PRO G 111 26.58 9.93 -69.19
CA PRO G 111 27.98 9.54 -69.45
C PRO G 111 28.28 9.34 -70.93
N GLN G 112 29.46 8.75 -71.23
CA GLN G 112 30.05 8.71 -72.56
C GLN G 112 29.15 8.11 -73.64
N ASN G 113 28.85 6.80 -73.53
CA ASN G 113 27.81 6.11 -74.30
C ASN G 113 28.01 6.25 -75.81
N MET G 114 29.05 5.56 -76.30
CA MET G 114 29.63 5.68 -77.64
C MET G 114 28.62 5.58 -78.78
N LEU G 115 29.07 5.97 -79.99
CA LEU G 115 28.44 6.82 -81.02
C LEU G 115 28.73 8.29 -80.72
N PHE G 116 29.65 8.55 -79.80
CA PHE G 116 30.23 9.88 -79.62
C PHE G 116 31.73 9.90 -79.89
N GLU G 117 32.47 8.89 -79.39
CA GLU G 117 33.84 8.53 -79.74
C GLU G 117 34.89 9.51 -79.18
N GLY G 118 34.46 10.64 -78.61
CA GLY G 118 35.40 11.59 -78.06
C GLY G 118 34.89 12.33 -76.86
N CYS G 119 35.67 12.36 -75.77
CA CYS G 119 35.26 13.01 -74.53
C CYS G 119 36.42 13.78 -73.94
N TYR G 120 36.33 15.11 -74.02
CA TYR G 120 37.30 16.04 -73.44
C TYR G 120 36.60 16.92 -72.41
N TYR G 121 37.37 17.73 -71.70
CA TYR G 121 36.79 18.62 -70.69
C TYR G 121 36.55 20.04 -71.25
N THR G 122 37.61 20.74 -71.68
CA THR G 122 37.57 22.00 -72.43
C THR G 122 38.91 22.28 -73.11
N PRO G 123 39.19 21.63 -74.25
CA PRO G 123 40.50 21.84 -74.89
C PRO G 123 40.64 23.18 -75.59
N GLU G 124 39.63 23.62 -76.34
CA GLU G 124 39.65 24.92 -77.02
C GLU G 124 38.37 25.70 -76.75
N GLU G 125 37.90 25.63 -75.49
CA GLU G 125 36.56 26.05 -75.07
C GLU G 125 35.50 25.38 -75.94
N SER G 126 35.45 24.06 -75.76
CA SER G 126 34.48 23.19 -76.41
C SER G 126 34.29 21.99 -75.49
N ALA G 127 33.06 21.46 -75.46
CA ALA G 127 32.78 20.35 -74.56
C ALA G 127 33.41 19.06 -75.07
N TRP G 128 32.95 18.56 -76.20
CA TRP G 128 33.48 17.35 -76.82
C TRP G 128 33.87 17.63 -78.26
N ILE G 129 34.46 16.62 -78.90
CA ILE G 129 34.85 16.67 -80.30
C ILE G 129 34.06 15.59 -81.03
N TRP G 130 33.57 15.92 -82.23
CA TRP G 130 32.79 15.00 -83.03
C TRP G 130 33.60 14.52 -84.22
N PRO G 131 34.21 13.32 -84.17
CA PRO G 131 35.00 12.82 -85.33
C PRO G 131 34.14 12.23 -86.43
N MET G 132 33.53 13.11 -87.22
CA MET G 132 32.70 12.67 -88.34
C MET G 132 33.58 12.22 -89.51
N ASP G 133 32.98 11.40 -90.37
CA ASP G 133 33.68 10.85 -91.53
C ASP G 133 32.77 10.99 -92.75
N GLU G 134 33.00 12.01 -93.58
CA GLU G 134 34.09 12.97 -93.41
C GLU G 134 33.59 14.41 -93.61
N GLU G 135 32.35 14.66 -93.20
CA GLU G 135 31.75 15.98 -93.36
C GLU G 135 30.87 16.28 -92.18
N THR G 136 30.54 17.57 -92.03
CA THR G 136 29.68 18.12 -90.96
C THR G 136 30.21 17.77 -89.57
N LYS G 137 31.41 18.27 -89.28
CA LYS G 137 32.07 18.05 -87.99
C LYS G 137 31.60 19.11 -86.99
N LEU G 138 30.34 18.99 -86.60
CA LEU G 138 29.69 19.95 -85.71
C LEU G 138 29.74 19.45 -84.28
N TYR G 139 30.05 20.35 -83.35
CA TYR G 139 30.12 20.05 -81.94
C TYR G 139 29.20 21.00 -81.17
N PHE G 140 29.28 20.94 -79.84
CA PHE G 140 28.40 21.69 -78.96
C PHE G 140 29.17 22.10 -77.72
N ASP G 141 28.99 23.36 -77.30
CA ASP G 141 29.67 23.86 -76.12
C ASP G 141 28.71 24.24 -75.00
N VAL G 142 27.79 25.18 -75.24
CA VAL G 142 26.90 25.71 -74.21
C VAL G 142 25.51 25.93 -74.80
N ASN G 143 24.52 26.00 -73.89
CA ASN G 143 23.12 26.41 -74.03
C ASN G 143 22.44 26.07 -75.36
N GLU G 144 22.61 24.84 -75.82
CA GLU G 144 22.20 24.45 -77.15
C GLU G 144 21.18 23.32 -77.05
N LYS G 145 20.37 23.17 -78.10
CA LYS G 145 19.18 22.31 -78.06
C LYS G 145 19.53 20.83 -78.06
N ILE G 146 19.84 20.30 -76.89
CA ILE G 146 20.16 18.89 -76.71
C ILE G 146 18.86 18.11 -76.52
N ARG G 147 18.71 17.03 -77.29
CA ARG G 147 17.45 16.29 -77.43
C ARG G 147 17.65 14.82 -77.10
N PHE G 148 18.23 14.57 -75.93
CA PHE G 148 18.61 13.24 -75.46
C PHE G 148 17.41 12.36 -75.16
N ARG G 149 17.63 11.04 -75.26
CA ARG G 149 16.70 10.01 -74.82
C ARG G 149 16.98 9.71 -73.34
N ILE G 150 16.07 8.96 -72.69
CA ILE G 150 16.14 8.69 -71.26
C ILE G 150 15.85 7.22 -71.00
N GLU G 151 16.54 6.64 -70.00
CA GLU G 151 16.46 5.20 -69.70
C GLU G 151 16.72 4.96 -68.21
N ARG G 152 16.87 3.66 -67.88
CA ARG G 152 17.45 3.03 -66.69
C ARG G 152 16.58 3.06 -65.42
N GLU G 153 15.57 3.94 -65.35
CA GLU G 153 14.34 3.75 -64.59
C GLU G 153 14.44 3.62 -63.05
N VAL G 154 15.65 3.46 -62.50
CA VAL G 154 15.76 3.00 -61.10
C VAL G 154 15.70 4.14 -60.09
N PHE G 155 16.46 5.20 -60.34
CA PHE G 155 16.41 6.54 -59.72
C PHE G 155 16.89 6.63 -58.27
N VAL G 156 16.99 5.52 -57.53
CA VAL G 156 17.15 5.63 -56.08
C VAL G 156 17.65 4.34 -55.43
N ASP G 157 18.59 4.48 -54.48
CA ASP G 157 18.84 3.44 -53.49
C ASP G 157 19.21 4.01 -52.12
N VAL G 158 18.88 5.26 -51.83
CA VAL G 158 19.54 6.03 -50.77
C VAL G 158 18.54 6.37 -49.67
N LYS G 159 18.80 5.86 -48.46
CA LYS G 159 18.35 6.45 -47.19
C LYS G 159 19.19 5.93 -46.01
N PRO G 160 20.40 6.48 -45.77
CA PRO G 160 21.07 6.22 -44.48
C PRO G 160 20.84 7.34 -43.47
N LYS G 161 20.81 7.00 -42.18
CA LYS G 161 20.71 8.02 -41.14
C LYS G 161 21.29 7.42 -39.86
N SER G 162 22.48 7.85 -39.48
CA SER G 162 23.12 7.36 -38.26
C SER G 162 23.69 8.52 -37.44
N PRO G 163 23.51 8.50 -36.12
CA PRO G 163 23.89 9.68 -35.31
C PRO G 163 25.40 9.87 -35.18
N LYS G 164 26.19 8.81 -35.31
CA LYS G 164 27.64 8.97 -35.22
C LYS G 164 28.25 9.55 -36.49
N GLU G 165 27.49 9.58 -37.59
CA GLU G 165 27.95 10.16 -38.84
C GLU G 165 27.19 11.41 -39.25
N ARG G 166 25.94 11.57 -38.81
CA ARG G 166 25.23 12.81 -39.09
C ARG G 166 25.64 13.93 -38.14
N GLU G 167 26.12 13.59 -36.94
CA GLU G 167 26.74 14.57 -36.06
C GLU G 167 28.23 14.69 -36.29
N LEU G 168 28.78 13.90 -37.22
CA LEU G 168 30.12 14.14 -37.76
C LEU G 168 30.12 15.29 -38.77
N GLU G 169 28.94 15.71 -39.22
CA GLU G 169 28.80 16.89 -40.07
C GLU G 169 29.14 18.17 -39.32
N GLU G 170 29.10 18.15 -37.98
CA GLU G 170 29.59 19.28 -37.19
C GLU G 170 31.09 19.46 -37.37
N ARG G 171 31.83 18.37 -37.58
CA ARG G 171 33.24 18.49 -37.92
C ARG G 171 33.43 19.09 -39.31
N ALA G 172 32.51 18.82 -40.24
CA ALA G 172 32.56 19.48 -41.54
C ALA G 172 32.19 20.96 -41.44
N GLN G 173 31.34 21.32 -40.47
CA GLN G 173 31.06 22.72 -40.21
C GLN G 173 32.25 23.41 -39.56
N LEU G 174 33.02 22.68 -38.76
CA LEU G 174 34.30 23.19 -38.28
C LEU G 174 35.29 23.35 -39.43
N GLU G 175 35.23 22.46 -40.42
CA GLU G 175 36.01 22.60 -41.65
C GLU G 175 35.42 23.64 -42.61
N ASN G 176 34.25 24.20 -42.29
CA ASN G 176 33.63 25.28 -43.05
C ASN G 176 34.06 26.65 -42.54
N GLU G 177 35.28 26.77 -42.04
CA GLU G 177 35.83 27.98 -41.42
C GLU G 177 36.31 28.90 -42.54
N ILE G 178 37.10 29.93 -42.22
CA ILE G 178 37.49 30.95 -43.20
C ILE G 178 38.56 30.46 -44.16
N GLU G 179 38.97 29.20 -44.03
CA GLU G 179 39.75 28.53 -45.07
C GLU G 179 38.94 28.47 -46.36
N GLY G 180 39.50 29.01 -47.45
CA GLY G 180 38.74 29.18 -48.67
C GLY G 180 38.46 27.88 -49.38
N LYS G 181 39.48 27.06 -49.57
CA LYS G 181 39.33 25.78 -50.29
C LYS G 181 38.73 24.73 -49.36
N ASN G 182 37.43 24.90 -49.09
CA ASN G 182 36.69 24.00 -48.21
C ASN G 182 36.00 22.89 -49.02
N GLU G 183 36.80 22.21 -49.84
CA GLU G 183 36.31 21.15 -50.71
C GLU G 183 36.50 19.78 -50.05
N GLU G 184 35.85 19.60 -48.91
CA GLU G 184 35.79 18.30 -48.25
C GLU G 184 34.38 17.75 -48.18
N THR G 185 33.45 18.49 -47.58
CA THR G 185 32.04 18.09 -47.57
C THR G 185 31.18 18.38 -48.81
N PRO G 186 31.30 19.48 -49.59
CA PRO G 186 30.35 19.65 -50.69
C PRO G 186 30.67 18.81 -51.92
N GLN G 187 31.87 18.24 -52.01
CA GLN G 187 32.22 17.39 -53.14
C GLN G 187 31.62 15.99 -53.04
N ASN G 188 31.13 15.60 -51.87
CA ASN G 188 30.49 14.30 -51.65
C ASN G 188 29.06 14.56 -51.20
N GLU G 189 28.16 14.74 -52.16
CA GLU G 189 26.75 14.94 -51.89
C GLU G 189 25.99 13.63 -52.08
N LYS G 190 24.70 13.66 -51.74
CA LYS G 190 23.96 12.42 -51.93
C LYS G 190 23.33 12.38 -53.31
N PRO G 191 23.28 11.20 -53.94
CA PRO G 191 22.49 11.05 -55.17
C PRO G 191 21.01 11.03 -54.85
N PRO G 192 20.21 11.87 -55.52
CA PRO G 192 18.79 11.99 -55.16
C PRO G 192 17.95 10.82 -55.64
N ALA G 193 16.63 10.92 -55.46
CA ALA G 193 15.70 9.87 -55.84
C ALA G 193 15.22 10.01 -57.28
N TYR G 194 16.00 10.66 -58.14
CA TYR G 194 15.64 10.82 -59.55
C TYR G 194 16.96 10.93 -60.33
N ALA G 195 17.44 9.79 -60.85
CA ALA G 195 18.74 9.72 -61.51
C ALA G 195 18.54 9.09 -62.89
N LEU G 196 18.66 9.91 -63.93
CA LEU G 196 18.15 9.58 -65.25
C LEU G 196 19.22 9.83 -66.31
N LEU G 197 19.29 8.92 -67.30
CA LEU G 197 20.29 8.99 -68.35
C LEU G 197 19.75 8.25 -69.58
N GLY G 198 20.43 8.43 -70.71
CA GLY G 198 19.98 7.84 -71.96
C GLY G 198 21.04 7.41 -72.96
N SER G 199 20.85 7.73 -74.25
CA SER G 199 21.75 7.24 -75.29
C SER G 199 22.50 8.36 -76.01
N CYS G 200 21.80 9.29 -76.66
CA CYS G 200 22.43 10.29 -77.52
C CYS G 200 21.38 11.34 -77.86
N GLN G 201 21.83 12.44 -78.47
CA GLN G 201 20.96 13.58 -78.80
C GLN G 201 21.12 14.00 -80.27
N THR G 202 20.44 13.26 -81.16
CA THR G 202 20.02 13.64 -82.51
C THR G 202 21.18 13.85 -83.51
N ASP G 203 22.40 13.96 -82.99
CA ASP G 203 23.65 14.27 -83.72
C ASP G 203 23.50 15.41 -84.75
N GLY G 204 23.26 16.66 -84.29
CA GLY G 204 23.09 17.08 -82.90
C GLY G 204 21.76 17.75 -82.55
N MET G 205 21.20 18.51 -83.49
CA MET G 205 19.98 19.28 -83.21
C MET G 205 18.80 18.83 -84.03
N GLY G 206 18.90 18.87 -85.36
CA GLY G 206 17.77 18.62 -86.25
C GLY G 206 18.07 17.55 -87.27
N LEU G 207 18.71 16.47 -86.85
CA LEU G 207 19.38 15.55 -87.75
C LEU G 207 18.83 14.13 -87.56
N VAL G 208 19.59 13.16 -88.10
CA VAL G 208 19.08 11.82 -88.39
C VAL G 208 18.71 11.06 -87.13
N SER G 209 19.49 11.23 -86.05
CA SER G 209 19.37 10.51 -84.77
C SER G 209 19.43 8.99 -85.00
N TRP G 210 20.63 8.55 -85.43
CA TRP G 210 20.90 7.16 -85.78
C TRP G 210 20.67 6.19 -84.62
N TRP G 211 19.64 5.35 -84.76
CA TRP G 211 19.19 4.31 -83.82
C TRP G 211 19.11 4.82 -82.37
N GLU G 212 18.17 5.74 -82.18
CA GLU G 212 17.73 6.25 -80.87
C GLU G 212 18.84 6.94 -80.07
N MET H 1 -72.91 42.64 3.33
CA MET H 1 -72.91 42.30 1.92
C MET H 1 -72.15 41.01 1.65
N SER H 2 -71.78 40.78 0.38
CA SER H 2 -71.13 39.54 -0.01
C SER H 2 -69.68 39.44 0.49
N ASN H 3 -69.09 40.56 0.93
CA ASN H 3 -67.73 40.50 1.47
C ASN H 3 -67.68 39.92 2.87
N THR H 4 -68.82 39.84 3.55
CA THR H 4 -68.89 39.23 4.88
C THR H 4 -69.10 37.74 4.76
N LEU H 5 -68.35 36.99 5.57
CA LEU H 5 -68.39 35.53 5.61
C LEU H 5 -68.81 35.10 7.00
N PHE H 6 -68.54 33.83 7.35
CA PHE H 6 -68.93 33.13 8.57
C PHE H 6 -68.88 33.99 9.83
N ASP H 7 -69.93 33.89 10.64
CA ASP H 7 -70.23 34.86 11.68
C ASP H 7 -70.89 34.14 12.85
N ASP H 8 -70.16 33.97 13.96
CA ASP H 8 -70.74 33.32 15.12
C ASP H 8 -70.00 33.76 16.38
N ILE H 9 -70.73 33.80 17.50
CA ILE H 9 -70.15 34.14 18.79
C ILE H 9 -69.52 32.89 19.40
N PHE H 10 -68.25 32.99 19.79
CA PHE H 10 -67.54 31.86 20.38
C PHE H 10 -67.21 32.15 21.84
N GLN H 11 -66.72 31.11 22.53
CA GLN H 11 -66.45 31.19 23.96
C GLN H 11 -65.21 30.34 24.25
N VAL H 12 -64.13 31.01 24.65
CA VAL H 12 -62.83 30.37 24.82
C VAL H 12 -62.81 29.58 26.13
N SER H 13 -62.41 28.31 26.04
CA SER H 13 -62.44 27.40 27.19
C SER H 13 -61.05 27.21 27.81
N GLU H 14 -60.07 26.75 27.02
CA GLU H 14 -58.74 26.45 27.54
C GLU H 14 -57.69 27.34 26.87
N VAL H 15 -56.72 27.78 27.66
CA VAL H 15 -55.56 28.54 27.20
C VAL H 15 -54.32 27.83 27.74
N ASP H 16 -53.35 27.55 26.86
CA ASP H 16 -52.13 26.85 27.27
C ASP H 16 -50.91 27.31 26.48
N PRO H 17 -50.04 28.12 27.08
CA PRO H 17 -48.74 28.40 26.45
C PRO H 17 -47.76 27.25 26.64
N GLY H 18 -47.54 26.47 25.58
CA GLY H 18 -46.65 25.34 25.68
C GLY H 18 -45.25 25.65 25.21
N ARG H 19 -44.37 25.97 26.17
CA ARG H 19 -42.98 26.38 25.93
C ARG H 19 -42.89 27.62 25.02
N TYR H 20 -43.87 28.51 25.12
CA TYR H 20 -43.83 29.79 24.43
C TYR H 20 -44.13 30.90 25.42
N ASN H 21 -43.99 32.13 24.94
CA ASN H 21 -44.23 33.31 25.76
C ASN H 21 -45.01 34.43 25.07
N LYS H 22 -45.19 34.38 23.75
CA LYS H 22 -45.95 35.39 23.03
C LYS H 22 -46.98 34.79 22.09
N VAL H 23 -47.35 33.53 22.29
CA VAL H 23 -48.35 32.87 21.46
C VAL H 23 -49.00 31.77 22.30
N CYS H 24 -50.32 31.64 22.16
CA CYS H 24 -51.10 30.66 22.91
C CYS H 24 -52.08 29.97 21.99
N ARG H 25 -52.40 28.72 22.32
CA ARG H 25 -53.31 27.91 21.51
C ARG H 25 -54.66 27.85 22.23
N ILE H 26 -55.47 28.87 22.00
CA ILE H 26 -56.78 28.95 22.64
C ILE H 26 -57.75 28.02 21.93
N GLU H 27 -58.62 27.37 22.71
CA GLU H 27 -59.62 26.44 22.19
C GLU H 27 -60.98 26.96 22.61
N ALA H 28 -61.86 27.21 21.64
CA ALA H 28 -63.15 27.83 21.90
C ALA H 28 -64.28 26.95 21.39
N ALA H 29 -65.40 27.00 22.11
CA ALA H 29 -66.65 26.38 21.70
C ALA H 29 -67.59 27.47 21.19
N SER H 30 -68.83 27.07 20.89
CA SER H 30 -69.81 27.96 20.31
C SER H 30 -70.99 28.15 21.24
N THR H 31 -71.86 29.09 20.88
CA THR H 31 -73.15 29.27 21.52
C THR H 31 -74.26 29.10 20.49
N THR H 32 -75.31 28.36 20.87
CA THR H 32 -76.58 28.13 20.19
C THR H 32 -76.41 27.22 18.95
N GLN H 33 -75.18 26.93 18.56
CA GLN H 33 -74.85 26.03 17.45
C GLN H 33 -73.75 25.10 17.94
N ASP H 34 -74.14 23.99 18.56
CA ASP H 34 -73.17 23.05 19.13
C ASP H 34 -72.68 22.06 18.07
N GLN H 35 -72.04 22.62 17.04
CA GLN H 35 -71.43 21.82 15.98
C GLN H 35 -69.97 22.19 15.79
N CYS H 36 -69.63 23.47 15.92
CA CYS H 36 -68.34 23.99 15.51
C CYS H 36 -67.45 24.28 16.71
N LYS H 37 -66.17 23.98 16.53
CA LYS H 37 -65.11 24.25 17.51
C LYS H 37 -64.08 25.17 16.87
N LEU H 38 -63.00 25.42 17.60
CA LEU H 38 -61.96 26.33 17.13
C LEU H 38 -60.67 26.07 17.91
N THR H 39 -59.54 26.12 17.19
CA THR H 39 -58.21 25.88 17.74
C THR H 39 -57.24 26.96 17.25
N LEU H 40 -57.62 28.22 17.43
CA LEU H 40 -56.86 29.34 16.90
C LEU H 40 -55.58 29.57 17.70
N ASP H 41 -54.49 29.87 16.98
CA ASP H 41 -53.24 30.30 17.59
C ASP H 41 -53.29 31.82 17.75
N ILE H 42 -53.35 32.29 18.99
CA ILE H 42 -53.58 33.70 19.27
C ILE H 42 -52.27 34.34 19.69
N ASN H 43 -52.18 35.67 19.54
CA ASN H 43 -51.05 36.44 20.03
C ASN H 43 -51.44 37.00 21.40
N VAL H 44 -50.80 36.46 22.45
CA VAL H 44 -51.20 36.80 23.81
C VAL H 44 -50.69 38.18 24.23
N GLU H 45 -49.70 38.73 23.51
CA GLU H 45 -49.23 40.07 23.86
C GLU H 45 -50.16 41.16 23.34
N LEU H 46 -50.53 41.07 22.06
CA LEU H 46 -51.41 42.06 21.44
C LEU H 46 -52.89 41.75 21.62
N PHE H 47 -53.22 40.63 22.26
CA PHE H 47 -54.62 40.29 22.54
C PHE H 47 -54.65 39.44 23.80
N PRO H 48 -54.89 40.04 24.96
CA PRO H 48 -54.98 39.25 26.18
C PRO H 48 -56.27 38.45 26.23
N VAL H 49 -56.15 37.17 26.57
CA VAL H 49 -57.30 36.27 26.60
C VAL H 49 -57.03 35.18 27.63
N ALA H 50 -58.09 34.75 28.30
CA ALA H 50 -58.00 33.70 29.32
C ALA H 50 -59.23 32.81 29.19
N ALA H 51 -59.45 31.97 30.19
CA ALA H 51 -60.65 31.15 30.22
C ALA H 51 -61.86 32.01 30.56
N GLN H 52 -63.03 31.57 30.09
CA GLN H 52 -64.33 32.24 30.24
C GLN H 52 -64.27 33.66 29.66
N ASP H 53 -64.07 33.69 28.34
CA ASP H 53 -64.13 34.91 27.57
C ASP H 53 -65.11 34.74 26.42
N SER H 54 -65.61 35.85 25.91
CA SER H 54 -66.60 35.86 24.84
C SER H 54 -66.00 36.55 23.62
N LEU H 55 -65.52 35.76 22.67
CA LEU H 55 -64.91 36.26 21.45
C LEU H 55 -65.88 36.13 20.28
N THR H 56 -65.76 37.05 19.33
CA THR H 56 -66.59 37.07 18.13
C THR H 56 -65.65 36.80 16.95
N VAL H 57 -65.42 35.52 16.66
CA VAL H 57 -64.44 35.12 15.65
C VAL H 57 -65.16 35.02 14.31
N THR H 58 -65.04 36.06 13.49
CA THR H 58 -65.72 36.13 12.20
C THR H 58 -64.69 36.39 11.12
N ILE H 59 -64.48 35.41 10.26
CA ILE H 59 -63.60 35.59 9.11
C ILE H 59 -64.39 36.25 7.99
N ALA H 60 -63.68 36.98 7.14
CA ALA H 60 -64.28 37.72 6.04
C ALA H 60 -63.23 37.96 4.97
N SER H 61 -63.57 38.80 4.00
CA SER H 61 -62.64 39.19 2.95
C SER H 61 -62.99 40.60 2.49
N SER H 62 -61.97 41.32 2.01
CA SER H 62 -62.08 42.62 1.37
C SER H 62 -62.73 43.66 2.30
N LEU H 63 -61.98 44.02 3.36
CA LEU H 63 -62.47 45.03 4.31
C LEU H 63 -62.41 46.45 3.77
N ASN H 64 -63.08 46.70 2.65
CA ASN H 64 -63.08 48.00 1.97
C ASN H 64 -64.49 48.38 1.59
N LEU H 65 -65.40 48.35 2.57
CA LEU H 65 -66.86 48.26 2.53
C LEU H 65 -67.57 48.96 1.37
N GLU H 66 -67.19 50.20 1.05
CA GLU H 66 -67.83 50.96 -0.02
C GLU H 66 -67.25 50.58 -1.38
N ASP H 67 -67.52 51.40 -2.40
CA ASP H 67 -66.99 51.14 -3.74
C ASP H 67 -65.62 51.81 -3.85
N THR H 68 -64.57 51.04 -3.55
CA THR H 68 -63.19 51.51 -3.67
C THR H 68 -62.39 50.50 -4.47
N PRO H 69 -62.05 50.79 -5.73
CA PRO H 69 -61.10 49.93 -6.45
C PRO H 69 -59.68 50.17 -5.96
N ALA H 70 -58.97 49.08 -5.66
CA ALA H 70 -57.61 49.16 -5.13
C ALA H 70 -56.60 48.28 -5.84
N ASN H 71 -57.04 47.35 -6.70
CA ASN H 71 -56.09 46.49 -7.41
C ASN H 71 -55.40 47.22 -8.56
N ASP H 72 -55.94 48.36 -8.99
CA ASP H 72 -55.37 49.16 -10.06
C ASP H 72 -54.83 50.51 -9.58
N SER H 73 -54.72 50.70 -8.26
CA SER H 73 -54.26 51.96 -7.70
C SER H 73 -52.74 51.93 -7.54
N SER H 74 -52.07 52.11 -8.69
CA SER H 74 -50.61 52.06 -8.84
C SER H 74 -50.03 50.75 -8.31
N ALA H 75 -50.45 49.66 -8.96
CA ALA H 75 -50.06 48.31 -8.55
C ALA H 75 -48.60 48.08 -8.87
N THR H 76 -47.75 48.10 -7.85
CA THR H 76 -46.33 47.79 -7.98
C THR H 76 -45.98 46.45 -7.34
N ARG H 77 -46.99 45.59 -7.13
CA ARG H 77 -46.88 44.25 -6.54
C ARG H 77 -46.37 44.26 -5.10
N SER H 78 -46.41 45.40 -4.42
CA SER H 78 -46.01 45.50 -3.03
C SER H 78 -47.18 46.06 -2.24
N TRP H 79 -47.35 45.54 -1.02
CA TRP H 79 -48.49 45.90 -0.19
C TRP H 79 -48.33 47.31 0.35
N ARG H 80 -49.41 48.10 0.29
CA ARG H 80 -49.43 49.42 0.91
C ARG H 80 -50.67 49.58 1.77
N PRO H 81 -50.56 50.26 2.92
CA PRO H 81 -51.69 50.40 3.83
C PRO H 81 -52.66 51.47 3.35
N PRO H 82 -53.90 51.47 3.85
CA PRO H 82 -54.83 52.57 3.55
C PRO H 82 -54.37 53.88 4.16
N GLN H 83 -54.74 54.97 3.49
CA GLN H 83 -54.15 56.29 3.73
C GLN H 83 -54.41 56.87 5.12
N ALA H 84 -55.66 57.29 5.37
CA ALA H 84 -56.00 57.94 6.64
C ALA H 84 -57.51 57.84 6.83
N GLY H 85 -57.95 56.90 7.66
CA GLY H 85 -59.37 56.72 7.92
C GLY H 85 -60.14 56.27 6.70
N ASP H 86 -59.87 55.05 6.24
CA ASP H 86 -60.49 54.51 5.04
C ASP H 86 -61.91 54.02 5.29
N ARG H 87 -62.36 54.02 6.55
CA ARG H 87 -63.65 53.48 7.01
C ARG H 87 -63.77 52.01 6.56
N SER H 88 -62.89 51.21 7.12
CA SER H 88 -62.80 49.79 6.80
C SER H 88 -63.82 49.01 7.62
N LEU H 89 -63.85 47.69 7.40
CA LEU H 89 -64.73 46.83 8.16
C LEU H 89 -64.20 46.61 9.58
N ALA H 90 -62.91 46.81 9.80
CA ALA H 90 -62.28 46.59 11.09
C ALA H 90 -62.03 47.88 11.85
N ASP H 91 -62.90 48.88 11.70
CA ASP H 91 -62.71 50.14 12.40
C ASP H 91 -63.08 50.06 13.88
N ASP H 92 -63.85 49.06 14.28
CA ASP H 92 -64.24 48.88 15.68
C ASP H 92 -63.84 47.52 16.21
N TYR H 93 -62.91 46.84 15.54
CA TYR H 93 -62.49 45.50 15.90
C TYR H 93 -61.08 45.54 16.49
N ASP H 94 -60.72 44.47 17.18
CA ASP H 94 -59.60 44.51 18.11
C ASP H 94 -58.36 43.76 17.65
N TYR H 95 -58.51 42.70 16.86
CA TYR H 95 -57.36 41.87 16.48
C TYR H 95 -57.64 41.27 15.11
N VAL H 96 -56.86 41.71 14.10
CA VAL H 96 -57.08 41.34 12.70
C VAL H 96 -55.82 40.65 12.18
N MET H 97 -55.99 39.50 11.53
CA MET H 97 -54.89 38.76 10.93
C MET H 97 -55.15 38.57 9.43
N TYR H 98 -54.17 37.96 8.76
CA TYR H 98 -54.22 37.70 7.32
C TYR H 98 -53.57 36.36 7.02
N GLY H 99 -54.28 35.51 6.29
CA GLY H 99 -53.74 34.21 5.98
C GLY H 99 -54.50 33.54 4.86
N THR H 100 -54.13 32.30 4.59
CA THR H 100 -54.71 31.50 3.52
C THR H 100 -55.37 30.26 4.08
N ALA H 101 -56.32 29.72 3.32
CA ALA H 101 -56.90 28.42 3.60
C ALA H 101 -56.33 27.39 2.63
N TYR H 102 -55.94 26.23 3.15
CA TYR H 102 -55.19 25.28 2.35
C TYR H 102 -55.71 23.85 2.39
N LYS H 103 -56.55 23.48 3.35
CA LYS H 103 -56.94 22.10 3.49
C LYS H 103 -58.38 22.02 3.98
N PHE H 104 -59.14 21.10 3.40
CA PHE H 104 -60.54 20.87 3.72
C PHE H 104 -60.78 19.41 4.06
N GLU H 105 -59.90 18.86 4.92
CA GLU H 105 -59.98 17.46 5.31
C GLU H 105 -61.19 17.24 6.21
N GLU H 106 -62.11 16.41 5.75
CA GLU H 106 -63.43 16.28 6.37
C GLU H 106 -63.42 15.23 7.48
N VAL H 107 -64.39 15.37 8.38
CA VAL H 107 -64.71 14.34 9.35
C VAL H 107 -65.79 13.46 8.71
N SER H 108 -65.72 12.15 8.96
CA SER H 108 -66.44 11.17 8.14
C SER H 108 -67.96 11.19 8.34
N LYS H 109 -68.49 12.00 9.25
CA LYS H 109 -69.94 12.07 9.47
C LYS H 109 -70.43 13.50 9.31
N ASP H 110 -70.69 13.89 8.07
CA ASP H 110 -71.53 15.02 7.67
C ASP H 110 -70.99 16.39 8.09
N LEU H 111 -69.71 16.51 8.41
CA LEU H 111 -69.15 17.80 8.79
C LEU H 111 -67.69 17.85 8.41
N ILE H 112 -67.24 19.02 7.92
CA ILE H 112 -65.91 19.18 7.38
C ILE H 112 -65.09 20.06 8.32
N ALA H 113 -63.78 20.11 8.08
CA ALA H 113 -62.86 20.92 8.87
C ALA H 113 -62.01 21.77 7.94
N VAL H 114 -61.90 23.06 8.25
CA VAL H 114 -61.20 24.03 7.41
C VAL H 114 -59.95 24.50 8.14
N TYR H 115 -58.82 24.49 7.44
CA TYR H 115 -57.52 24.78 8.01
C TYR H 115 -57.02 26.11 7.47
N TYR H 116 -56.55 26.98 8.37
CA TYR H 116 -55.99 28.26 7.99
C TYR H 116 -54.55 28.37 8.47
N SER H 117 -53.80 29.29 7.87
CA SER H 117 -52.40 29.52 8.24
C SER H 117 -52.15 31.02 8.15
N PHE H 118 -52.08 31.68 9.30
CA PHE H 118 -51.85 33.12 9.36
C PHE H 118 -50.36 33.41 9.54
N GLY H 119 -49.58 32.93 8.57
CA GLY H 119 -48.15 33.00 8.67
C GLY H 119 -47.54 32.00 9.62
N GLY H 120 -48.14 30.83 9.75
CA GLY H 120 -47.72 29.84 10.73
C GLY H 120 -48.60 29.76 11.95
N LEU H 121 -49.60 30.64 12.07
CA LEU H 121 -50.54 30.64 13.19
C LEU H 121 -51.79 29.92 12.70
N LEU H 122 -51.96 28.67 13.14
CA LEU H 122 -52.96 27.78 12.58
C LEU H 122 -54.35 28.08 13.15
N MET H 123 -55.37 27.58 12.46
CA MET H 123 -56.73 27.57 12.98
C MET H 123 -57.50 26.45 12.31
N ARG H 124 -58.28 25.71 13.10
CA ARG H 124 -59.11 24.61 12.62
C ARG H 124 -60.50 24.72 13.23
N LEU H 125 -61.51 24.85 12.38
CA LEU H 125 -62.90 24.87 12.80
C LEU H 125 -63.66 23.78 12.08
N GLU H 126 -64.61 23.14 12.77
CA GLU H 126 -65.35 22.02 12.22
C GLU H 126 -66.86 22.32 12.19
N GLY H 127 -67.30 23.00 11.14
CA GLY H 127 -68.71 23.17 10.88
C GLY H 127 -69.23 22.09 9.96
N ASN H 128 -70.53 22.16 9.68
CA ASN H 128 -71.16 21.19 8.77
C ASN H 128 -71.74 21.85 7.53
N TYR H 129 -72.63 22.83 7.67
CA TYR H 129 -73.31 23.45 6.54
C TYR H 129 -73.06 24.95 6.44
N ARG H 130 -72.43 25.56 7.44
CA ARG H 130 -72.16 26.99 7.43
C ARG H 130 -70.77 27.32 6.89
N ASN H 131 -70.14 26.39 6.19
CA ASN H 131 -68.84 26.59 5.56
C ASN H 131 -68.95 26.55 4.04
N LEU H 132 -70.06 27.04 3.50
CA LEU H 132 -70.31 27.01 2.07
C LEU H 132 -69.79 28.25 1.35
N ASN H 133 -68.97 29.07 2.00
CA ASN H 133 -68.39 30.25 1.39
C ASN H 133 -66.88 30.21 1.26
N ASN H 134 -66.20 29.43 2.11
CA ASN H 134 -64.76 29.27 2.05
C ASN H 134 -64.44 28.21 1.00
N LEU H 135 -64.16 28.64 -0.24
CA LEU H 135 -63.91 27.65 -1.29
C LEU H 135 -62.48 27.14 -1.23
N LYS H 136 -61.48 27.99 -1.49
CA LYS H 136 -60.13 27.75 -0.98
C LYS H 136 -59.42 29.05 -0.64
N GLN H 137 -59.86 30.15 -1.26
CA GLN H 137 -58.99 31.26 -1.64
C GLN H 137 -58.48 32.04 -0.42
N GLU H 138 -57.48 32.87 -0.67
CA GLU H 138 -56.85 33.72 0.34
C GLU H 138 -57.69 34.96 0.62
N ASN H 139 -57.06 35.97 1.23
CA ASN H 139 -57.75 37.12 1.86
C ASN H 139 -58.72 36.63 2.93
N ALA H 140 -58.23 35.74 3.79
CA ALA H 140 -59.00 35.28 4.94
C ALA H 140 -58.81 36.30 6.06
N TYR H 141 -59.54 37.40 5.95
CA TYR H 141 -59.46 38.49 6.92
C TYR H 141 -60.15 38.07 8.21
N LEU H 142 -59.41 37.36 9.05
CA LEU H 142 -59.90 37.06 10.39
C LEU H 142 -59.85 38.32 11.24
N LEU H 143 -60.90 38.51 12.05
CA LEU H 143 -61.05 39.71 12.86
C LEU H 143 -61.99 39.41 14.02
N ILE H 144 -61.51 39.62 15.25
CA ILE H 144 -62.18 39.17 16.46
C ILE H 144 -62.40 40.35 17.40
N ARG H 145 -63.20 40.10 18.44
CA ARG H 145 -63.46 41.07 19.50
C ARG H 145 -63.36 40.39 20.85
N ARG H 146 -63.47 41.20 21.91
CA ARG H 146 -63.49 40.68 23.27
C ARG H 146 -64.25 41.64 24.19
N MET I 1 -2.97 -45.88 35.73
CA MET I 1 -3.23 -46.53 37.01
C MET I 1 -2.89 -45.61 38.18
N LEU I 2 -1.82 -44.83 38.00
CA LEU I 2 -1.25 -43.93 39.01
C LEU I 2 -0.92 -44.67 40.31
N SER I 3 -0.28 -45.83 40.17
CA SER I 3 0.11 -46.66 41.29
C SER I 3 1.62 -46.75 41.35
N PHE I 4 2.18 -46.58 42.55
CA PHE I 4 3.61 -46.52 42.76
C PHE I 4 4.06 -47.65 43.68
N CYS I 5 5.34 -48.02 43.56
CA CYS I 5 5.96 -49.14 44.27
C CYS I 5 6.36 -48.73 45.68
N PRO I 6 6.21 -49.63 46.65
CA PRO I 6 6.73 -49.37 48.00
C PRO I 6 8.18 -49.78 48.14
N SER I 7 8.87 -49.10 49.05
CA SER I 7 10.21 -49.38 49.57
C SER I 7 11.33 -49.21 48.55
N CYS I 8 11.03 -48.93 47.28
CA CYS I 8 12.07 -48.66 46.29
C CYS I 8 11.76 -47.46 45.39
N ASN I 9 10.57 -46.86 45.50
CA ASN I 9 10.27 -45.47 45.14
C ASN I 9 10.49 -45.19 43.64
N ASN I 10 9.64 -45.80 42.84
CA ASN I 10 9.57 -45.49 41.40
C ASN I 10 8.12 -45.73 40.97
N MET I 11 7.89 -45.86 39.66
CA MET I 11 6.55 -46.07 39.13
C MET I 11 6.35 -47.52 38.72
N LEU I 12 5.26 -48.11 39.21
CA LEU I 12 4.86 -49.47 38.84
C LEU I 12 4.41 -49.52 37.39
N LEU I 13 4.59 -50.68 36.76
CA LEU I 13 4.08 -50.90 35.42
C LEU I 13 3.76 -52.37 35.21
N ILE I 14 2.86 -52.62 34.26
CA ILE I 14 2.37 -53.97 33.99
C ILE I 14 2.96 -54.44 32.66
N THR I 15 3.64 -55.59 32.69
CA THR I 15 4.24 -56.17 31.49
C THR I 15 3.72 -57.60 31.30
N SER I 16 4.13 -58.20 30.19
CA SER I 16 3.77 -59.59 29.90
C SER I 16 4.49 -60.53 30.85
N GLY I 17 3.76 -61.55 31.32
CA GLY I 17 4.28 -62.49 32.28
C GLY I 17 4.91 -63.75 31.73
N ASP I 18 5.13 -63.82 30.40
CA ASP I 18 5.79 -64.94 29.71
C ASP I 18 5.07 -66.28 29.89
N SER I 19 3.76 -66.22 30.18
CA SER I 19 2.86 -67.38 30.38
C SER I 19 3.35 -68.32 31.48
N GLY I 20 4.10 -67.80 32.45
CA GLY I 20 4.55 -68.62 33.57
C GLY I 20 4.01 -68.10 34.89
N VAL I 21 3.85 -66.79 34.98
CA VAL I 21 3.24 -66.14 36.13
C VAL I 21 2.35 -65.01 35.61
N TYR I 22 1.20 -64.84 36.24
CA TYR I 22 0.17 -63.93 35.75
C TYR I 22 0.09 -62.75 36.71
N THR I 23 0.96 -61.77 36.48
CA THR I 23 1.12 -60.63 37.39
C THR I 23 1.80 -59.51 36.62
N LEU I 24 2.10 -58.42 37.34
CA LEU I 24 2.89 -57.33 36.78
C LEU I 24 4.36 -57.48 37.19
N ALA I 25 5.22 -56.86 36.40
CA ALA I 25 6.65 -56.79 36.71
C ALA I 25 7.17 -55.47 36.17
N CYS I 26 8.19 -54.92 36.83
CA CYS I 26 8.55 -53.53 36.63
C CYS I 26 10.03 -53.36 36.31
N ARG I 27 10.34 -52.25 35.64
CA ARG I 27 11.72 -51.88 35.36
C ARG I 27 12.32 -51.17 36.56
N SER I 28 13.48 -51.67 37.02
CA SER I 28 14.32 -51.12 38.08
C SER I 28 13.66 -51.11 39.46
N CYS I 29 12.50 -51.76 39.61
CA CYS I 29 11.77 -51.81 40.88
C CYS I 29 10.83 -53.01 40.93
N PRO I 30 11.34 -54.22 41.20
CA PRO I 30 10.51 -55.43 41.09
C PRO I 30 9.46 -55.52 42.18
N TYR I 31 8.30 -56.06 41.81
CA TYR I 31 7.13 -56.07 42.67
C TYR I 31 6.17 -57.16 42.21
N GLU I 32 5.33 -57.63 43.13
CA GLU I 32 4.37 -58.68 42.85
C GLU I 32 2.97 -58.21 43.22
N PHE I 33 1.99 -58.49 42.35
CA PHE I 33 0.62 -58.05 42.52
C PHE I 33 -0.31 -59.11 41.96
N PRO I 34 -1.36 -59.51 42.69
CA PRO I 34 -2.21 -60.60 42.22
C PRO I 34 -3.14 -60.23 41.08
N ILE I 35 -4.01 -61.16 40.69
CA ILE I 35 -4.88 -60.96 39.53
C ILE I 35 -6.06 -60.05 39.80
N GLU I 36 -6.35 -59.75 41.07
CA GLU I 36 -7.46 -58.87 41.42
C GLU I 36 -6.97 -57.44 41.51
N GLY I 37 -7.69 -56.53 40.84
CA GLY I 37 -7.33 -55.13 40.84
C GLY I 37 -8.36 -54.24 40.19
N ILE I 38 -8.71 -53.14 40.85
CA ILE I 38 -9.71 -52.20 40.37
C ILE I 38 -9.14 -50.79 40.42
N GLU I 39 -9.87 -49.86 39.81
CA GLU I 39 -9.47 -48.44 39.80
C GLU I 39 -10.74 -47.61 39.74
N ILE I 40 -11.19 -47.14 40.90
CA ILE I 40 -12.42 -46.38 41.03
C ILE I 40 -12.11 -44.91 40.77
N TYR I 41 -12.65 -44.38 39.66
CA TYR I 41 -12.50 -42.97 39.33
C TYR I 41 -13.69 -42.55 38.47
N ASP I 42 -14.27 -41.39 38.79
CA ASP I 42 -15.44 -40.88 38.11
C ASP I 42 -15.04 -39.74 37.20
N ARG I 43 -15.35 -39.86 35.91
CA ARG I 43 -15.10 -38.80 34.94
C ARG I 43 -16.39 -37.99 34.72
N LYS I 44 -16.81 -37.33 35.80
CA LYS I 44 -17.99 -36.46 35.88
C LYS I 44 -19.29 -37.14 35.44
N MET J 1 7.99 41.23 30.66
CA MET J 1 8.75 42.43 30.38
C MET J 1 8.17 43.61 31.17
N ILE J 2 8.26 44.80 30.59
CA ILE J 2 7.65 45.98 31.17
C ILE J 2 6.15 45.91 30.89
N VAL J 3 5.34 46.47 31.79
CA VAL J 3 3.89 46.62 31.66
C VAL J 3 3.56 47.31 30.34
N PRO J 4 2.56 46.83 29.60
CA PRO J 4 2.14 47.55 28.38
C PRO J 4 1.54 48.90 28.72
N VAL J 5 1.79 49.86 27.83
CA VAL J 5 1.41 51.24 28.09
C VAL J 5 -0.10 51.39 28.08
N ARG J 6 -0.79 50.62 27.26
CA ARG J 6 -2.22 50.79 27.02
C ARG J 6 -2.89 49.42 27.10
N CYS J 7 -4.08 49.38 27.71
CA CYS J 7 -4.82 48.13 27.81
C CYS J 7 -5.33 47.66 26.46
N PHE J 8 -5.47 46.34 26.34
CA PHE J 8 -5.70 45.72 25.03
C PHE J 8 -7.13 45.94 24.57
N SER J 9 -8.11 45.87 25.47
CA SER J 9 -9.51 45.94 25.10
C SER J 9 -10.09 47.33 25.29
N CYS J 10 -9.97 47.88 26.51
CA CYS J 10 -10.48 49.22 26.77
C CYS J 10 -9.64 50.28 26.05
N GLY J 11 -8.36 50.35 26.39
CA GLY J 11 -7.45 51.20 25.66
C GLY J 11 -7.11 52.51 26.35
N LYS J 12 -6.84 52.46 27.65
CA LYS J 12 -6.38 53.63 28.37
C LYS J 12 -4.97 53.41 28.90
N VAL J 13 -4.31 54.51 29.23
CA VAL J 13 -2.92 54.46 29.68
C VAL J 13 -2.86 53.92 31.10
N VAL J 14 -2.25 52.75 31.25
CA VAL J 14 -2.26 51.96 32.49
C VAL J 14 -0.80 51.64 32.85
N GLY J 15 0.07 51.68 31.85
CA GLY J 15 1.51 51.51 32.07
C GLY J 15 2.15 52.63 32.88
N ASP J 16 1.45 53.73 33.11
CA ASP J 16 1.89 54.74 34.07
C ASP J 16 1.50 54.42 35.50
N LYS J 17 0.75 53.35 35.72
CA LYS J 17 0.23 52.98 37.04
C LYS J 17 0.84 51.69 37.56
N TRP J 18 2.14 51.50 37.32
CA TRP J 18 2.88 50.36 37.85
C TRP J 18 3.90 50.72 38.90
N GLU J 19 4.66 51.81 38.68
CA GLU J 19 5.62 52.24 39.68
C GLU J 19 4.93 52.82 40.90
N SER J 20 3.86 53.58 40.69
CA SER J 20 3.08 54.10 41.81
C SER J 20 2.25 53.02 42.49
N TYR J 21 1.99 51.91 41.79
CA TYR J 21 1.30 50.78 42.40
C TYR J 21 2.25 49.92 43.23
N LEU J 22 3.49 49.78 42.78
CA LEU J 22 4.42 48.87 43.44
C LEU J 22 4.93 49.46 44.75
N ASN J 23 5.08 50.78 44.82
CA ASN J 23 5.45 51.43 46.07
C ASN J 23 4.26 51.63 47.00
N LEU J 24 3.05 51.32 46.55
CA LEU J 24 1.86 51.39 47.39
C LEU J 24 1.51 50.04 48.00
N LEU J 25 2.03 48.95 47.44
CA LEU J 25 1.82 47.61 47.98
C LEU J 25 2.95 47.18 48.89
N GLN J 26 4.19 47.62 48.62
CA GLN J 26 5.31 47.31 49.51
C GLN J 26 5.28 48.20 50.75
N GLU J 27 5.39 49.50 50.55
CA GLU J 27 5.18 50.45 51.64
C GLU J 27 3.68 50.51 51.95
N ASP J 28 3.37 50.80 53.23
CA ASP J 28 2.06 50.91 53.90
C ASP J 28 0.99 49.94 53.36
N GLU J 29 1.26 48.64 53.52
CA GLU J 29 0.63 47.55 52.76
C GLU J 29 -0.89 47.55 52.84
N LEU J 30 -1.53 47.77 51.68
CA LEU J 30 -2.96 47.63 51.55
C LEU J 30 -3.29 46.19 51.14
N ASP J 31 -4.53 45.97 50.72
CA ASP J 31 -4.94 44.71 50.11
C ASP J 31 -4.57 44.73 48.63
N GLU J 32 -5.10 43.79 47.87
CA GLU J 32 -4.87 43.78 46.42
C GLU J 32 -5.95 44.54 45.67
N GLY J 33 -7.21 44.24 45.97
CA GLY J 33 -8.32 44.89 45.27
C GLY J 33 -8.47 46.35 45.65
N THR J 34 -8.24 46.69 46.92
CA THR J 34 -8.32 48.09 47.33
C THR J 34 -7.16 48.90 46.78
N ALA J 35 -6.00 48.28 46.58
CA ALA J 35 -4.89 48.97 45.95
C ALA J 35 -5.13 49.16 44.46
N LEU J 36 -5.74 48.17 43.81
CA LEU J 36 -6.06 48.32 42.38
C LEU J 36 -7.22 49.28 42.15
N SER J 37 -8.11 49.45 43.13
CA SER J 37 -9.19 50.41 43.02
C SER J 37 -8.81 51.80 43.53
N ARG J 38 -7.70 51.91 44.26
CA ARG J 38 -7.23 53.21 44.73
C ARG J 38 -6.68 54.04 43.57
N LEU J 39 -5.97 53.40 42.64
CA LEU J 39 -5.33 54.08 41.53
C LEU J 39 -6.29 54.41 40.38
N GLY J 40 -7.55 54.02 40.48
CA GLY J 40 -8.54 54.38 39.49
C GLY J 40 -8.79 53.36 38.41
N LEU J 41 -8.56 52.08 38.67
CA LEU J 41 -8.80 51.03 37.70
C LEU J 41 -10.13 50.35 38.06
N LYS J 42 -11.22 50.94 37.56
CA LYS J 42 -12.55 50.51 37.96
C LYS J 42 -12.96 49.22 37.26
N ARG J 43 -13.06 49.25 35.94
CA ARG J 43 -13.54 48.09 35.19
C ARG J 43 -12.46 47.02 35.13
N TYR J 44 -12.90 45.77 34.97
CA TYR J 44 -12.05 44.62 35.24
C TYR J 44 -11.04 44.35 34.13
N CYS J 45 -11.20 44.95 32.95
CA CYS J 45 -10.20 44.79 31.91
C CYS J 45 -8.98 45.67 32.15
N CYS J 46 -9.16 46.85 32.71
CA CYS J 46 -8.03 47.70 33.07
C CYS J 46 -7.38 47.27 34.37
N ARG J 47 -8.03 46.42 35.15
CA ARG J 47 -7.45 45.96 36.41
C ARG J 47 -6.60 44.72 36.22
N ARG J 48 -6.99 43.82 35.32
CA ARG J 48 -6.30 42.55 35.10
C ARG J 48 -4.91 42.69 34.46
N MET J 49 -4.33 43.86 34.20
CA MET J 49 -2.98 43.93 33.68
C MET J 49 -1.96 44.42 34.70
N ILE J 50 -2.39 45.25 35.64
CA ILE J 50 -1.56 45.53 36.80
C ILE J 50 -1.63 44.37 37.78
N LEU J 51 -2.77 43.68 37.82
CA LEU J 51 -2.93 42.52 38.69
C LEU J 51 -2.05 41.37 38.24
N THR J 52 -2.01 41.09 36.94
CA THR J 52 -1.45 39.82 36.48
C THR J 52 0.07 39.87 36.37
N HIS J 53 0.59 40.54 35.33
CA HIS J 53 1.93 41.10 35.14
C HIS J 53 3.11 40.33 35.74
N VAL J 54 3.49 39.19 35.16
CA VAL J 54 4.72 38.53 35.57
C VAL J 54 5.91 39.48 35.41
N ASP J 55 6.71 39.58 36.48
CA ASP J 55 7.84 40.52 36.53
C ASP J 55 9.03 39.86 35.86
N LEU J 56 9.38 40.31 34.66
CA LEU J 56 10.29 39.58 33.80
C LEU J 56 11.45 40.41 33.24
N ILE J 57 11.30 41.73 33.10
CA ILE J 57 12.42 42.56 32.67
C ILE J 57 13.47 42.68 33.78
N GLU J 58 13.05 42.59 35.05
CA GLU J 58 14.01 42.64 36.15
C GLU J 58 14.83 41.35 36.22
N LYS J 59 14.24 40.23 35.79
CA LYS J 59 14.97 38.97 35.75
C LYS J 59 15.96 38.92 34.59
N PHE J 60 15.68 39.65 33.51
CA PHE J 60 16.55 39.64 32.33
C PHE J 60 17.73 40.59 32.47
N LEU J 61 17.79 41.40 33.52
CA LEU J 61 18.88 42.33 33.72
C LEU J 61 19.97 41.77 34.64
N ARG J 62 19.88 40.49 35.01
CA ARG J 62 20.97 39.88 35.77
C ARG J 62 22.21 39.69 34.91
N TYR J 63 22.03 39.49 33.60
CA TYR J 63 23.13 39.49 32.66
C TYR J 63 23.22 40.83 31.96
N ASN J 64 24.44 41.21 31.60
CA ASN J 64 24.69 42.44 30.85
C ASN J 64 26.06 42.34 30.19
N PRO J 65 26.25 43.00 29.05
CA PRO J 65 27.60 43.23 28.52
C PRO J 65 28.31 44.44 29.14
N LEU J 66 28.31 44.49 30.48
CA LEU J 66 29.08 45.48 31.22
C LEU J 66 29.89 44.78 32.31
N GLU J 67 29.32 43.72 32.89
CA GLU J 67 29.87 42.96 34.01
C GLU J 67 30.24 43.83 35.21
N GLU K 39 -8.87 70.50 -9.91
CA GLU K 39 -9.15 69.78 -8.67
C GLU K 39 -10.62 69.96 -8.26
N GLU K 40 -11.40 70.56 -9.15
CA GLU K 40 -12.82 70.83 -8.90
C GLU K 40 -13.73 69.69 -9.35
N GLU K 41 -13.17 68.52 -9.64
CA GLU K 41 -13.97 67.37 -10.03
C GLU K 41 -14.77 66.86 -8.83
N PRO K 42 -16.10 66.81 -8.90
CA PRO K 42 -16.93 66.50 -7.72
C PRO K 42 -17.09 65.00 -7.42
N ASP K 43 -15.96 64.28 -7.45
CA ASP K 43 -15.85 62.88 -7.01
C ASP K 43 -16.77 61.96 -7.80
N ARG K 44 -16.42 61.77 -9.08
CA ARG K 44 -17.10 60.80 -9.93
C ARG K 44 -16.99 59.37 -9.41
N GLU K 45 -15.98 59.06 -8.58
CA GLU K 45 -15.82 57.75 -7.97
C GLU K 45 -16.77 57.50 -6.79
N LYS K 46 -17.61 58.47 -6.45
CA LYS K 46 -18.70 58.33 -5.49
C LYS K 46 -19.91 57.79 -6.26
N ILE K 47 -21.13 57.96 -5.73
CA ILE K 47 -22.36 57.17 -5.94
C ILE K 47 -22.58 56.69 -7.37
N LYS K 48 -22.75 55.39 -7.55
CA LYS K 48 -22.94 54.79 -8.86
C LYS K 48 -24.30 54.10 -8.88
N LEU K 49 -25.22 54.63 -9.68
CA LEU K 49 -26.53 54.02 -9.85
C LEU K 49 -26.37 52.70 -10.60
N LEU K 50 -26.62 51.59 -9.91
CA LEU K 50 -26.49 50.27 -10.50
C LEU K 50 -27.60 50.05 -11.51
N THR K 51 -27.23 50.01 -12.80
CA THR K 51 -28.21 49.94 -13.86
C THR K 51 -28.85 48.57 -14.00
N GLN K 52 -28.20 47.52 -13.47
CA GLN K 52 -28.80 46.19 -13.50
C GLN K 52 -29.82 45.99 -12.39
N ALA K 53 -29.93 46.92 -11.45
CA ALA K 53 -30.89 46.83 -10.36
C ALA K 53 -32.09 47.76 -10.51
N THR K 54 -31.96 48.84 -11.27
CA THR K 54 -33.06 49.76 -11.47
C THR K 54 -34.05 49.16 -12.47
N SER K 55 -35.31 49.07 -12.06
CA SER K 55 -36.31 48.32 -12.81
C SER K 55 -37.02 49.18 -13.85
N GLU K 56 -37.65 50.26 -13.40
CA GLU K 56 -38.53 51.05 -14.26
C GLU K 56 -37.79 52.11 -15.06
N ASP K 57 -36.56 52.42 -14.67
CA ASP K 57 -35.70 53.63 -14.77
C ASP K 57 -36.03 54.59 -13.61
N GLY K 58 -36.98 54.24 -12.76
CA GLY K 58 -37.29 54.97 -11.55
C GLY K 58 -37.89 54.01 -10.55
N THR K 59 -38.24 54.56 -9.37
CA THR K 59 -39.13 53.98 -8.36
C THR K 59 -38.47 52.82 -7.59
N SER K 60 -37.31 52.37 -8.04
CA SER K 60 -36.59 51.27 -7.39
C SER K 60 -35.14 51.35 -7.85
N ALA K 61 -34.22 51.58 -6.91
CA ALA K 61 -32.83 51.82 -7.29
C ALA K 61 -31.91 51.29 -6.21
N SER K 62 -30.74 50.82 -6.64
CA SER K 62 -29.68 50.40 -5.72
C SER K 62 -28.46 51.28 -5.96
N PHE K 63 -27.91 51.83 -4.89
CA PHE K 63 -26.81 52.77 -4.96
C PHE K 63 -25.56 52.12 -4.39
N GLN K 64 -24.42 52.79 -4.57
CA GLN K 64 -23.13 52.22 -4.18
C GLN K 64 -22.18 53.34 -3.82
N ILE K 65 -21.86 53.45 -2.54
CA ILE K 65 -20.89 54.41 -2.02
C ILE K 65 -19.48 53.90 -2.30
N VAL K 66 -18.50 54.74 -2.02
CA VAL K 66 -17.14 54.27 -1.78
C VAL K 66 -16.70 54.81 -0.41
N GLU K 67 -15.99 53.96 0.34
CA GLU K 67 -15.27 54.31 1.56
C GLU K 67 -16.19 54.82 2.68
N GLU K 68 -17.14 53.98 3.07
CA GLU K 68 -17.93 54.21 4.28
C GLU K 68 -18.11 52.88 5.01
N ASP K 69 -18.89 52.92 6.09
CA ASP K 69 -19.02 51.84 7.05
C ASP K 69 -20.46 51.82 7.55
N HIS K 70 -20.69 51.17 8.69
CA HIS K 70 -21.99 51.11 9.34
C HIS K 70 -22.43 52.44 9.96
N THR K 71 -21.57 53.46 9.96
CA THR K 71 -21.91 54.75 10.56
C THR K 71 -23.02 55.45 9.79
N LEU K 72 -22.78 55.71 8.51
CA LEU K 72 -23.77 56.37 7.66
C LEU K 72 -24.81 55.39 7.13
N GLY K 73 -24.69 54.10 7.41
CA GLY K 73 -25.71 53.15 7.00
C GLY K 73 -27.00 53.29 7.77
N ASN K 74 -26.97 52.98 9.07
CA ASN K 74 -28.19 52.99 9.88
C ASN K 74 -28.69 54.40 10.12
N ALA K 75 -27.79 55.37 10.25
CA ALA K 75 -28.17 56.76 10.45
C ALA K 75 -28.86 57.38 9.24
N LEU K 76 -28.70 56.78 8.05
CA LEU K 76 -29.42 57.25 6.87
C LEU K 76 -30.64 56.41 6.56
N ARG K 77 -30.61 55.09 6.80
CA ARG K 77 -31.83 54.32 6.57
C ARG K 77 -32.86 54.52 7.66
N TYR K 78 -32.50 55.12 8.79
CA TYR K 78 -33.52 55.58 9.74
C TYR K 78 -34.26 56.78 9.19
N VAL K 79 -33.56 57.65 8.47
CA VAL K 79 -34.14 58.89 7.97
C VAL K 79 -34.94 58.64 6.70
N ILE K 80 -34.44 57.75 5.84
CA ILE K 80 -35.14 57.44 4.59
C ILE K 80 -36.45 56.71 4.87
N MET K 81 -36.48 55.87 5.92
CA MET K 81 -37.70 55.14 6.26
C MET K 81 -38.79 56.07 6.79
N LYS K 82 -38.44 57.26 7.27
CA LYS K 82 -39.44 58.24 7.68
C LYS K 82 -40.07 58.99 6.52
N ASN K 83 -39.55 58.84 5.31
CA ASN K 83 -40.23 59.36 4.13
C ASN K 83 -41.45 58.49 3.88
N PRO K 84 -42.67 59.03 3.92
CA PRO K 84 -43.87 58.18 3.86
C PRO K 84 -44.21 57.63 2.49
N ASP K 85 -43.35 57.78 1.48
CA ASP K 85 -43.59 57.21 0.17
C ASP K 85 -42.68 56.04 -0.16
N VAL K 86 -41.69 55.74 0.67
CA VAL K 86 -40.81 54.61 0.43
C VAL K 86 -41.40 53.37 1.09
N GLU K 87 -40.94 52.20 0.65
CA GLU K 87 -41.38 50.95 1.25
C GLU K 87 -40.27 49.93 1.44
N PHE K 88 -39.02 50.28 1.15
CA PHE K 88 -37.89 49.38 1.31
C PHE K 88 -36.62 50.22 1.35
N CYS K 89 -35.85 50.10 2.42
CA CYS K 89 -34.55 50.75 2.49
C CYS K 89 -33.62 49.95 3.40
N GLY K 90 -32.41 49.72 2.93
CA GLY K 90 -31.45 48.96 3.73
C GLY K 90 -30.06 48.89 3.16
N TYR K 91 -29.07 49.14 4.00
CA TYR K 91 -27.67 49.09 3.61
C TYR K 91 -27.14 47.67 3.77
N SER K 92 -26.04 47.39 3.09
CA SER K 92 -25.42 46.06 3.16
C SER K 92 -23.98 46.16 2.69
N ILE K 93 -23.05 45.68 3.50
CA ILE K 93 -21.65 45.54 3.12
C ILE K 93 -21.46 44.12 2.59
N PRO K 94 -21.09 43.95 1.32
CA PRO K 94 -20.96 42.59 0.78
C PRO K 94 -19.77 41.83 1.33
N HIS K 95 -18.67 42.51 1.64
CA HIS K 95 -17.48 41.87 2.14
C HIS K 95 -16.71 42.90 2.94
N PRO K 96 -16.38 42.62 4.21
CA PRO K 96 -15.62 43.59 5.01
C PRO K 96 -14.19 43.83 4.54
N SER K 97 -13.62 42.97 3.69
CA SER K 97 -12.29 43.24 3.15
C SER K 97 -12.32 44.40 2.17
N GLU K 98 -13.45 44.63 1.51
CA GLU K 98 -13.61 45.80 0.68
C GLU K 98 -14.07 46.98 1.55
N ASN K 99 -14.27 48.13 0.92
CA ASN K 99 -14.63 49.35 1.62
C ASN K 99 -15.90 49.94 1.01
N LEU K 100 -16.90 49.09 0.83
CA LEU K 100 -18.10 49.38 0.07
C LEU K 100 -19.33 49.20 0.93
N LEU K 101 -20.46 49.66 0.41
CA LEU K 101 -21.78 49.50 1.00
C LEU K 101 -22.83 49.77 -0.08
N ASN K 102 -23.89 48.97 -0.08
CA ASN K 102 -24.95 49.07 -1.08
C ASN K 102 -26.26 49.33 -0.36
N ILE K 103 -26.86 50.49 -0.61
CA ILE K 103 -28.22 50.79 -0.17
C ILE K 103 -29.17 50.55 -1.33
N ARG K 104 -30.42 50.23 -0.99
CA ARG K 104 -31.45 50.02 -1.99
C ARG K 104 -32.71 50.73 -1.56
N ILE K 105 -33.23 51.60 -2.43
CA ILE K 105 -34.44 52.37 -2.15
C ILE K 105 -35.53 51.89 -3.09
N GLN K 106 -36.66 51.48 -2.53
CA GLN K 106 -37.86 51.20 -3.30
C GLN K 106 -39.00 52.04 -2.74
N THR K 107 -39.78 52.64 -3.64
CA THR K 107 -40.80 53.60 -3.24
C THR K 107 -42.11 53.30 -3.95
N TYR K 108 -43.13 54.07 -3.59
CA TYR K 108 -44.45 54.01 -4.21
C TYR K 108 -44.44 54.86 -5.48
N GLY K 109 -45.62 55.17 -6.00
CA GLY K 109 -45.74 56.06 -7.14
C GLY K 109 -45.41 57.50 -6.78
N GLU K 110 -45.45 58.35 -7.83
CA GLU K 110 -45.24 59.81 -7.83
C GLU K 110 -43.96 60.28 -7.12
N THR K 111 -42.99 59.38 -6.91
CA THR K 111 -41.70 59.74 -6.34
C THR K 111 -40.60 58.97 -7.06
N THR K 112 -39.43 59.60 -7.17
CA THR K 112 -38.25 58.97 -7.75
C THR K 112 -37.36 58.49 -6.62
N ALA K 113 -36.77 57.29 -6.80
CA ALA K 113 -35.90 56.72 -5.77
C ALA K 113 -34.62 57.53 -5.59
N VAL K 114 -34.19 58.26 -6.62
CA VAL K 114 -33.07 59.19 -6.47
C VAL K 114 -33.50 60.39 -5.64
N ASP K 115 -34.73 60.87 -5.84
CA ASP K 115 -35.24 62.00 -5.07
C ASP K 115 -35.57 61.63 -3.63
N ALA K 116 -35.82 60.35 -3.36
CA ALA K 116 -36.05 59.93 -1.98
C ALA K 116 -34.74 59.83 -1.19
N LEU K 117 -33.62 59.63 -1.88
CA LEU K 117 -32.32 59.69 -1.22
C LEU K 117 -31.97 61.13 -0.88
N GLN K 118 -32.16 62.04 -1.84
CA GLN K 118 -31.81 63.45 -1.65
C GLN K 118 -32.70 64.11 -0.61
N LYS K 119 -33.95 63.67 -0.48
CA LYS K 119 -34.81 64.17 0.57
C LYS K 119 -34.37 63.67 1.94
N GLY K 120 -33.85 62.45 2.01
CA GLY K 120 -33.38 61.90 3.28
C GLY K 120 -31.95 62.19 3.62
N LEU K 121 -31.21 62.82 2.71
CA LEU K 121 -29.81 63.15 2.96
C LEU K 121 -29.61 64.61 3.33
N LYS K 122 -30.48 65.50 2.83
CA LYS K 122 -30.52 66.86 3.36
C LYS K 122 -31.16 66.88 4.73
N ASP K 123 -32.02 65.90 5.03
CA ASP K 123 -32.74 65.87 6.30
C ASP K 123 -31.85 65.45 7.45
N LEU K 124 -30.78 64.70 7.18
CA LEU K 124 -29.82 64.34 8.24
C LEU K 124 -28.95 65.53 8.62
N MET K 125 -28.77 66.47 7.68
CA MET K 125 -28.03 67.70 7.97
C MET K 125 -28.75 68.56 9.01
N ASP K 126 -30.07 68.67 8.90
CA ASP K 126 -30.84 69.43 9.88
C ASP K 126 -30.85 68.74 11.24
N LEU K 127 -30.81 67.41 11.24
CA LEU K 127 -30.72 66.66 12.49
C LEU K 127 -29.37 66.90 13.18
N CYS K 128 -28.29 66.88 12.41
CA CYS K 128 -26.98 67.16 13.01
C CYS K 128 -26.79 68.63 13.33
N ASP K 129 -27.57 69.52 12.71
CA ASP K 129 -27.50 70.93 13.06
C ASP K 129 -28.26 71.24 14.34
N VAL K 130 -29.38 70.55 14.57
CA VAL K 130 -30.16 70.83 15.77
C VAL K 130 -29.55 70.13 17.00
N VAL K 131 -28.82 69.03 16.81
CA VAL K 131 -28.10 68.42 17.92
C VAL K 131 -26.90 69.28 18.30
N GLU K 132 -26.22 69.85 17.32
CA GLU K 132 -25.08 70.74 17.56
C GLU K 132 -25.52 72.04 18.23
N SER K 133 -26.73 72.52 17.93
CA SER K 133 -27.19 73.78 18.51
C SER K 133 -27.63 73.61 19.96
N LYS K 134 -28.37 72.54 20.28
CA LYS K 134 -28.83 72.33 21.64
C LYS K 134 -27.71 71.91 22.58
N PHE K 135 -26.60 71.40 22.05
CA PHE K 135 -25.49 70.99 22.91
C PHE K 135 -24.63 72.19 23.30
N THR K 136 -24.42 73.13 22.38
CA THR K 136 -23.57 74.27 22.67
C THR K 136 -24.27 75.37 23.47
N GLU K 137 -25.60 75.33 23.58
CA GLU K 137 -26.33 76.26 24.41
C GLU K 137 -26.39 75.84 25.86
N LYS K 138 -26.00 74.60 26.18
CA LYS K 138 -25.98 74.11 27.54
C LYS K 138 -24.58 73.93 28.10
N ILE K 139 -23.56 73.81 27.25
CA ILE K 139 -22.20 73.68 27.72
C ILE K 139 -21.62 75.03 28.14
N LYS K 140 -22.23 76.13 27.72
CA LYS K 140 -21.80 77.46 28.11
C LYS K 140 -22.53 77.99 29.33
N SER K 141 -23.39 77.18 29.95
CA SER K 141 -24.14 77.58 31.12
C SER K 141 -23.67 76.84 32.38
N MET K 142 -23.67 75.51 32.33
CA MET K 142 -23.24 74.61 33.41
C MET K 142 -23.93 74.87 34.76
N THR L 26 37.60 49.91 14.24
CA THR L 26 36.66 50.97 14.57
C THR L 26 36.01 50.76 15.95
N LEU L 27 36.77 50.08 16.82
CA LEU L 27 36.44 49.82 18.23
C LEU L 27 35.12 49.04 18.34
N LYS L 28 35.22 47.78 17.90
CA LYS L 28 34.10 46.85 17.91
C LYS L 28 34.52 45.54 18.56
N TYR L 29 33.69 44.49 18.45
CA TYR L 29 33.90 43.15 19.03
C TYR L 29 34.03 43.20 20.56
N ILE L 30 32.91 43.49 21.22
CA ILE L 30 32.82 43.35 22.67
C ILE L 30 33.03 41.90 23.06
N CYS L 31 33.94 41.66 24.01
CA CYS L 31 34.14 40.33 24.57
C CYS L 31 32.92 39.90 25.37
N ALA L 32 32.77 38.58 25.52
CA ALA L 32 31.58 38.03 26.15
C ALA L 32 31.70 37.86 27.66
N GLU L 33 32.90 37.98 28.23
CA GLU L 33 33.08 37.76 29.65
C GLU L 33 33.56 39.00 30.38
N CYS L 34 34.64 39.64 29.90
CA CYS L 34 35.09 40.90 30.50
C CYS L 34 34.34 42.11 29.96
N SER L 35 33.55 41.94 28.89
CA SER L 35 32.82 43.02 28.20
C SER L 35 33.76 44.14 27.76
N SER L 36 34.94 43.77 27.26
CA SER L 36 35.92 44.75 26.81
C SER L 36 35.78 44.97 25.31
N LYS L 37 35.86 46.23 24.91
CA LYS L 37 35.74 46.62 23.49
C LYS L 37 37.14 46.64 22.90
N LEU L 38 37.47 45.62 22.11
CA LEU L 38 38.81 45.47 21.58
C LEU L 38 38.76 44.97 20.14
N SER L 39 39.60 45.55 19.30
CA SER L 39 39.69 45.17 17.90
C SER L 39 40.86 44.22 17.68
N LEU L 40 40.64 43.21 16.85
CA LEU L 40 41.65 42.20 16.56
C LEU L 40 42.15 42.35 15.13
N SER L 41 43.40 41.95 14.92
CA SER L 41 44.01 41.97 13.60
C SER L 41 43.86 40.62 12.91
N ARG L 42 44.10 40.60 11.60
CA ARG L 42 44.01 39.38 10.83
CA ARG L 42 44.01 39.38 10.84
C ARG L 42 45.21 38.49 11.09
N THR L 43 45.10 37.23 10.63
CA THR L 43 46.10 36.16 10.80
C THR L 43 46.46 35.94 12.26
N ASP L 44 45.49 36.12 13.15
CA ASP L 44 45.67 35.94 14.58
C ASP L 44 44.54 35.06 15.12
N ALA L 45 44.80 34.43 16.26
CA ALA L 45 43.78 33.65 16.94
C ALA L 45 42.78 34.57 17.61
N VAL L 46 41.49 34.30 17.40
CA VAL L 46 40.46 35.16 17.97
C VAL L 46 40.29 34.88 19.46
N ARG L 47 40.59 35.89 20.28
CA ARG L 47 40.50 35.82 21.74
C ARG L 47 40.54 37.23 22.28
N CYS L 48 40.29 37.35 23.59
CA CYS L 48 40.39 38.62 24.29
C CYS L 48 41.79 38.75 24.87
N LYS L 49 42.46 39.86 24.57
CA LYS L 49 43.84 40.07 25.01
C LYS L 49 43.93 40.41 26.50
N ASP L 50 42.82 40.75 27.14
CA ASP L 50 42.86 41.08 28.56
C ASP L 50 42.89 39.83 29.44
N CYS L 51 42.03 38.86 29.15
CA CYS L 51 41.93 37.64 29.94
C CYS L 51 42.26 36.39 29.16
N GLY L 52 41.67 36.22 27.97
CA GLY L 52 41.90 35.02 27.19
C GLY L 52 40.62 34.25 26.95
N HIS L 53 39.49 34.95 26.93
CA HIS L 53 38.20 34.30 26.75
C HIS L 53 37.96 34.04 25.27
N ARG L 54 37.26 32.94 24.98
CA ARG L 54 37.15 32.46 23.62
C ARG L 54 36.12 33.24 22.81
N ILE L 55 34.86 33.20 23.22
CA ILE L 55 33.77 33.74 22.40
C ILE L 55 33.70 35.25 22.58
N LEU L 56 33.34 35.94 21.49
CA LEU L 56 33.23 37.39 21.47
C LEU L 56 32.31 37.80 20.33
N LEU L 57 31.57 38.89 20.53
CA LEU L 57 30.45 39.26 19.67
C LEU L 57 30.60 40.69 19.18
N LYS L 58 30.08 40.94 17.98
CA LYS L 58 30.33 42.17 17.24
C LYS L 58 29.48 43.32 17.78
N ALA L 59 30.05 44.53 17.72
CA ALA L 59 29.37 45.73 18.19
C ALA L 59 28.25 46.15 17.26
N ARG L 60 27.27 46.87 17.82
CA ARG L 60 26.16 47.42 17.06
C ARG L 60 26.65 48.47 16.07
N THR L 61 26.03 48.49 14.88
CA THR L 61 26.44 49.34 13.78
C THR L 61 26.25 50.82 14.10
N LYS L 62 26.98 51.65 13.35
CA LYS L 62 26.85 53.10 13.42
C LYS L 62 25.71 53.59 12.54
N ARG L 63 25.25 52.77 11.60
CA ARG L 63 24.29 53.17 10.58
C ARG L 63 22.91 53.43 11.19
N LEU L 64 22.00 53.90 10.34
CA LEU L 64 20.65 54.23 10.73
C LEU L 64 19.70 53.12 10.31
N VAL L 65 18.65 52.91 11.10
CA VAL L 65 17.59 51.96 10.78
C VAL L 65 16.27 52.61 11.20
N GLN L 66 15.23 52.39 10.39
CA GLN L 66 13.93 52.99 10.64
C GLN L 66 12.92 51.90 10.94
N PHE L 67 11.92 52.26 11.75
CA PHE L 67 10.83 51.36 12.10
C PHE L 67 9.55 52.16 12.20
N GLU L 68 8.44 51.53 11.86
CA GLU L 68 7.14 52.12 12.06
C GLU L 68 6.59 51.72 13.42
N ALA L 69 5.83 52.62 14.03
CA ALA L 69 5.20 52.36 15.33
C ALA L 69 3.88 51.65 15.10
N ARG L 70 3.98 50.39 14.68
CA ARG L 70 2.84 49.61 14.24
C ARG L 70 3.11 48.12 14.35
N ILE M 71 5.61 -20.39 86.38
CA ILE M 71 4.83 -21.60 86.59
C ILE M 71 5.70 -22.83 86.45
N GLU M 72 6.37 -22.94 85.31
CA GLU M 72 7.26 -24.07 85.06
C GLU M 72 8.63 -23.57 84.66
N GLU M 73 9.59 -23.67 85.57
CA GLU M 73 10.94 -23.20 85.31
C GLU M 73 11.80 -24.24 84.60
N PHE M 74 11.44 -24.54 83.36
CA PHE M 74 12.21 -25.51 82.59
C PHE M 74 13.64 -24.99 82.47
N PRO M 75 14.63 -25.87 82.69
CA PRO M 75 16.05 -25.52 82.57
C PRO M 75 16.50 -25.53 81.12
N LEU M 76 17.73 -25.14 80.83
CA LEU M 76 18.05 -25.14 79.38
C LEU M 76 19.54 -24.77 79.21
N LYS M 77 20.36 -25.70 78.74
CA LYS M 77 21.81 -25.43 78.61
C LYS M 77 22.44 -25.80 77.26
N ILE M 78 23.57 -25.19 76.89
CA ILE M 78 24.15 -25.61 75.62
C ILE M 78 25.45 -26.34 75.87
N SER M 79 25.62 -27.51 75.26
CA SER M 79 26.85 -28.27 75.33
C SER M 79 27.12 -28.95 73.99
N GLY M 80 28.34 -29.44 73.82
CA GLY M 80 28.71 -30.17 72.63
C GLY M 80 29.81 -29.52 71.81
N GLU M 81 30.97 -30.16 71.73
CA GLU M 81 32.11 -29.65 70.98
C GLU M 81 32.56 -30.60 69.89
N GLU M 82 32.84 -31.86 70.21
CA GLU M 82 33.48 -32.80 69.30
C GLU M 82 32.49 -33.76 68.67
N GLU M 83 31.20 -33.42 68.65
CA GLU M 83 30.21 -34.33 68.11
C GLU M 83 30.19 -34.30 66.59
N SER M 84 29.82 -33.15 66.03
CA SER M 84 29.60 -32.95 64.59
C SER M 84 28.62 -33.98 64.02
N LEU M 85 27.38 -33.94 64.49
CA LEU M 85 26.42 -34.98 64.17
C LEU M 85 25.68 -34.67 62.87
N HIS M 86 25.54 -35.67 62.02
CA HIS M 86 24.99 -35.55 60.67
C HIS M 86 23.65 -36.28 60.62
N VAL M 87 22.55 -35.52 60.67
CA VAL M 87 21.23 -36.13 60.58
C VAL M 87 20.80 -36.18 59.12
N PHE M 88 20.12 -37.28 58.75
CA PHE M 88 19.76 -37.57 57.36
C PHE M 88 18.30 -37.23 57.12
N GLN M 89 17.78 -37.62 55.95
CA GLN M 89 16.35 -37.50 55.66
C GLN M 89 16.00 -38.50 54.55
N TYR M 90 15.42 -39.64 54.94
CA TYR M 90 15.07 -40.68 53.98
C TYR M 90 13.79 -40.31 53.24
N ALA M 91 13.87 -40.22 51.92
CA ALA M 91 12.70 -39.96 51.08
C ALA M 91 12.07 -41.26 50.57
N ASN M 92 11.80 -42.20 51.46
CA ASN M 92 11.30 -43.49 51.00
C ASN M 92 10.05 -43.96 51.74
N ARG M 93 9.93 -43.70 53.04
CA ARG M 93 8.88 -44.32 53.84
C ARG M 93 7.89 -43.27 54.35
N PRO M 94 6.58 -43.51 54.22
CA PRO M 94 5.58 -42.49 54.59
C PRO M 94 5.20 -42.51 56.07
N ARG M 95 4.32 -41.58 56.45
CA ARG M 95 3.96 -41.33 57.84
C ARG M 95 2.53 -41.78 58.11
N LEU M 96 2.31 -42.38 59.29
CA LEU M 96 1.03 -42.95 59.72
C LEU M 96 0.49 -43.98 58.73
N VAL M 97 1.25 -45.07 58.59
CA VAL M 97 0.82 -46.20 57.78
C VAL M 97 -0.30 -46.91 58.53
N GLY M 98 -1.54 -46.75 58.06
CA GLY M 98 -2.67 -47.34 58.73
C GLY M 98 -3.10 -46.66 60.01
N ARG M 99 -2.69 -45.38 60.20
CA ARG M 99 -3.05 -44.55 61.36
C ARG M 99 -2.60 -45.17 62.69
N LYS M 100 -1.45 -45.84 62.67
CA LYS M 100 -0.92 -46.52 63.86
C LYS M 100 0.51 -46.05 64.09
N PRO M 101 0.82 -45.51 65.28
CA PRO M 101 2.22 -45.15 65.57
C PRO M 101 3.12 -46.35 65.81
N ALA M 102 3.45 -47.08 64.74
CA ALA M 102 4.37 -48.20 64.81
C ALA M 102 5.08 -48.29 63.46
N GLU M 103 6.27 -47.72 63.39
CA GLU M 103 6.94 -47.53 62.11
C GLU M 103 8.46 -47.62 62.32
N HIS M 104 9.22 -47.10 61.35
CA HIS M 104 10.68 -46.99 61.20
C HIS M 104 11.49 -48.24 61.55
N PRO M 105 11.49 -49.27 60.70
CA PRO M 105 12.61 -50.22 60.72
C PRO M 105 13.66 -49.87 59.67
N PHE M 106 14.91 -50.22 59.98
CA PHE M 106 16.00 -50.08 59.04
C PHE M 106 17.07 -51.12 59.36
N ILE M 107 17.97 -51.34 58.40
CA ILE M 107 18.80 -52.54 58.36
C ILE M 107 20.26 -52.09 58.28
N SER M 108 21.18 -53.02 58.03
CA SER M 108 22.59 -52.97 58.39
C SER M 108 23.48 -52.09 57.49
N ALA M 109 24.80 -52.36 57.58
CA ALA M 109 25.94 -51.52 57.24
C ALA M 109 25.91 -50.73 55.94
N ALA M 110 26.64 -49.60 55.93
CA ALA M 110 26.66 -48.65 54.84
C ALA M 110 28.09 -48.25 54.44
N ARG M 111 28.21 -47.22 53.60
CA ARG M 111 29.49 -46.75 53.09
C ARG M 111 29.54 -45.23 53.19
N TYR M 112 30.66 -44.65 52.75
CA TYR M 112 30.89 -43.21 52.83
C TYR M 112 32.00 -42.83 51.84
N LYS M 113 32.02 -41.56 51.47
CA LYS M 113 32.93 -41.00 50.48
C LYS M 113 33.35 -39.61 50.96
N PRO M 114 34.62 -39.18 50.69
CA PRO M 114 35.12 -37.91 51.24
C PRO M 114 34.50 -36.63 50.67
N LYS M 115 35.13 -35.49 50.99
CA LYS M 115 34.46 -34.18 51.08
C LYS M 115 34.00 -33.65 49.72
N SER M 116 32.98 -34.31 49.18
CA SER M 116 31.99 -33.74 48.28
C SER M 116 30.66 -34.39 48.63
N HIS M 117 30.39 -34.47 49.94
CA HIS M 117 30.20 -35.73 50.66
C HIS M 117 29.64 -36.90 49.85
N LEU M 118 28.44 -36.74 49.28
CA LEU M 118 27.73 -37.77 48.49
C LEU M 118 27.74 -39.13 49.19
N TRP M 119 26.97 -39.20 50.28
CA TRP M 119 26.81 -40.39 51.13
C TRP M 119 26.45 -41.67 50.37
N GLU M 120 26.72 -42.83 50.96
CA GLU M 120 26.37 -44.12 50.36
C GLU M 120 25.71 -45.04 51.38
N ILE M 121 24.68 -44.52 52.05
CA ILE M 121 23.86 -45.36 52.91
C ILE M 121 23.07 -46.33 52.03
N ASP M 122 23.00 -47.59 52.45
CA ASP M 122 22.24 -48.58 51.70
C ASP M 122 21.65 -49.61 52.64
N ILE M 123 20.54 -50.21 52.20
CA ILE M 123 19.85 -51.22 52.99
C ILE M 123 19.68 -52.48 52.14
N PRO M 124 19.75 -53.67 52.72
CA PRO M 124 19.46 -54.89 51.96
C PRO M 124 17.96 -55.12 51.80
N LEU M 125 17.60 -56.27 51.23
CA LEU M 125 16.20 -56.58 51.01
C LEU M 125 15.58 -57.16 52.29
N ASP M 126 14.38 -57.72 52.15
CA ASP M 126 13.51 -58.06 53.27
C ASP M 126 12.74 -59.32 52.90
N GLU M 127 11.60 -59.53 53.55
CA GLU M 127 10.69 -60.63 53.22
C GLU M 127 10.16 -60.52 51.79
N GLN M 128 9.47 -61.58 51.36
CA GLN M 128 9.32 -61.91 49.95
C GLN M 128 8.56 -60.86 49.15
N ALA M 129 9.02 -60.63 47.93
CA ALA M 129 8.39 -59.71 46.99
C ALA M 129 8.35 -60.23 45.57
N PHE M 130 8.87 -61.44 45.31
CA PHE M 130 8.82 -62.13 44.02
C PHE M 130 9.51 -61.32 42.91
N TYR M 131 10.81 -61.12 43.09
CA TYR M 131 11.65 -60.48 42.08
C TYR M 131 12.26 -61.48 41.10
N ASN M 132 11.66 -62.66 40.97
CA ASN M 132 12.22 -63.75 40.17
C ASN M 132 12.04 -63.58 38.67
N LYS M 133 11.03 -62.81 38.24
CA LYS M 133 10.80 -62.65 36.80
C LYS M 133 11.83 -61.69 36.20
N ASP M 134 12.11 -60.59 36.90
CA ASP M 134 13.06 -59.57 36.45
C ASP M 134 14.39 -59.64 37.19
N LYS M 135 14.91 -60.85 37.41
CA LYS M 135 16.22 -61.00 38.04
C LYS M 135 17.33 -60.40 37.17
N ALA M 136 18.18 -59.56 37.78
CA ALA M 136 17.98 -59.07 39.15
C ALA M 136 17.87 -57.56 39.19
N GLU M 137 18.90 -56.89 38.67
CA GLU M 137 18.87 -55.42 38.59
C GLU M 137 18.42 -54.99 37.20
N SER M 138 19.22 -55.30 36.20
CA SER M 138 18.82 -55.17 34.81
C SER M 138 19.15 -56.39 33.98
N GLU M 139 20.30 -57.02 34.21
CA GLU M 139 20.82 -58.08 33.35
C GLU M 139 21.37 -59.25 34.18
N TRP M 140 20.57 -59.69 35.16
CA TRP M 140 20.79 -60.92 35.93
C TRP M 140 22.10 -60.86 36.74
N ASN M 141 22.17 -59.89 37.64
CA ASN M 141 23.42 -59.60 38.34
C ASN M 141 23.37 -59.94 39.84
N GLY M 142 22.30 -60.56 40.33
CA GLY M 142 22.25 -61.00 41.70
C GLY M 142 22.15 -59.90 42.75
N VAL M 143 21.00 -59.23 42.82
CA VAL M 143 20.81 -58.08 43.70
C VAL M 143 20.68 -58.57 45.14
N ASN M 144 21.23 -57.79 46.08
CA ASN M 144 21.01 -58.05 47.49
C ASN M 144 20.87 -56.75 48.28
N VAL M 145 20.83 -55.59 47.62
CA VAL M 145 20.92 -54.32 48.32
C VAL M 145 20.20 -53.24 47.50
N GLN M 146 19.67 -52.24 48.20
CA GLN M 146 19.09 -51.04 47.60
C GLN M 146 19.90 -49.84 48.11
N THR M 147 20.46 -49.07 47.19
CA THR M 147 21.36 -47.98 47.53
C THR M 147 20.66 -46.62 47.38
N LEU M 148 21.35 -45.60 47.88
CA LEU M 148 20.90 -44.20 47.82
C LEU M 148 22.06 -43.29 48.13
N LYS M 149 22.07 -42.09 47.51
CA LYS M 149 23.15 -41.14 47.70
C LYS M 149 22.58 -39.77 48.06
N GLY M 150 23.43 -38.94 48.67
CA GLY M 150 23.02 -37.59 49.03
C GLY M 150 24.17 -36.69 49.42
N VAL M 151 24.23 -35.50 48.82
CA VAL M 151 25.29 -34.53 49.06
C VAL M 151 24.86 -33.59 50.17
N GLY M 152 25.78 -33.29 51.09
CA GLY M 152 25.47 -32.73 52.39
C GLY M 152 25.68 -31.24 52.61
N VAL M 153 25.18 -30.40 51.69
CA VAL M 153 25.29 -28.94 51.83
C VAL M 153 24.65 -28.46 53.13
N GLU M 154 25.28 -27.48 53.77
CA GLU M 154 25.07 -27.17 55.18
C GLU M 154 24.25 -25.90 55.36
N ASN M 155 23.31 -25.95 56.30
CA ASN M 155 22.57 -24.77 56.74
C ASN M 155 23.20 -24.24 58.04
N ASN M 156 22.56 -23.26 58.67
CA ASN M 156 22.94 -22.81 59.99
C ASN M 156 21.71 -22.33 60.74
N GLY M 157 21.74 -22.50 62.06
CA GLY M 157 20.62 -22.05 62.88
C GLY M 157 19.97 -23.15 63.68
N GLN M 158 19.83 -24.34 63.10
CA GLN M 158 19.14 -25.43 63.78
C GLN M 158 20.06 -26.11 64.79
N TYR M 159 19.55 -27.15 65.46
CA TYR M 159 20.29 -27.88 66.48
C TYR M 159 19.72 -29.30 66.56
N ALA M 160 20.27 -30.07 67.49
CA ALA M 160 19.70 -31.35 67.91
C ALA M 160 19.55 -31.33 69.42
N ALA M 161 18.47 -31.91 69.94
CA ALA M 161 18.13 -31.67 71.34
C ALA M 161 17.19 -32.74 71.87
N PHE M 162 17.35 -33.08 73.15
CA PHE M 162 16.44 -33.97 73.85
C PHE M 162 16.44 -33.65 75.34
N VAL M 163 15.46 -34.24 76.04
CA VAL M 163 14.93 -33.68 77.28
C VAL M 163 15.12 -34.65 78.44
N LYS M 164 15.68 -34.15 79.55
CA LYS M 164 15.63 -34.86 80.83
C LYS M 164 14.48 -34.29 81.67
N ASP M 165 13.27 -34.64 81.23
CA ASP M 165 12.06 -34.13 81.87
C ASP M 165 12.36 -32.79 82.50
N MET M 166 13.35 -32.10 81.92
CA MET M 166 13.80 -30.81 82.37
C MET M 166 14.68 -30.21 81.29
N GLN M 167 15.97 -30.10 81.58
CA GLN M 167 16.96 -29.47 80.72
C GLN M 167 17.23 -29.99 79.29
N VAL M 168 16.66 -29.32 78.28
CA VAL M 168 16.98 -29.71 76.92
C VAL M 168 18.45 -29.36 76.68
N TYR M 169 19.06 -30.02 75.69
CA TYR M 169 20.52 -30.04 75.63
C TYR M 169 21.10 -29.20 74.49
N LEU M 170 20.49 -29.24 73.30
CA LEU M 170 20.74 -28.30 72.20
C LEU M 170 22.20 -28.35 71.72
N VAL M 171 22.52 -29.49 71.10
CA VAL M 171 23.89 -29.78 70.62
C VAL M 171 23.98 -29.41 69.14
N PRO M 172 25.18 -29.12 68.60
CA PRO M 172 25.26 -28.61 67.20
C PRO M 172 25.00 -29.69 66.15
N ILE M 173 24.88 -29.20 64.91
CA ILE M 173 24.09 -29.85 63.86
C ILE M 173 24.84 -29.94 62.50
N GLU M 174 26.17 -30.14 62.55
CA GLU M 174 27.06 -30.11 61.37
C GLU M 174 26.62 -30.99 60.20
N ARG M 175 27.19 -30.74 58.99
CA ARG M 175 26.53 -30.74 57.68
C ARG M 175 25.34 -31.67 57.48
N VAL M 176 24.20 -31.12 57.04
CA VAL M 176 22.93 -31.84 57.03
C VAL M 176 22.21 -31.60 55.71
N ALA M 177 21.90 -32.68 54.99
CA ALA M 177 21.03 -32.61 53.83
C ALA M 177 20.39 -33.97 53.61
N GLN M 178 19.59 -34.08 52.55
CA GLN M 178 18.76 -35.24 52.27
C GLN M 178 19.49 -36.23 51.36
N LEU M 179 18.76 -37.22 50.84
CA LEU M 179 19.34 -38.29 50.05
C LEU M 179 18.41 -38.63 48.88
N LYS M 180 19.00 -39.22 47.83
CA LYS M 180 18.32 -39.61 46.60
C LYS M 180 18.67 -41.05 46.25
N PRO M 181 17.71 -41.84 45.74
CA PRO M 181 17.97 -43.27 45.52
C PRO M 181 18.85 -43.58 44.32
N PHE M 182 20.17 -43.54 44.55
CA PHE M 182 21.13 -43.96 43.54
C PHE M 182 21.08 -45.47 43.32
N PHE M 183 21.37 -45.90 42.11
CA PHE M 183 21.19 -47.29 41.73
C PHE M 183 22.52 -48.00 41.52
N LYS M 184 22.45 -49.33 41.58
CA LYS M 184 23.54 -50.26 41.24
C LYS M 184 23.52 -50.46 39.73
N TYR M 185 24.05 -51.58 39.21
CA TYR M 185 24.37 -51.81 37.80
C TYR M 185 23.25 -51.62 36.78
N ILE M 186 22.01 -51.33 37.24
CA ILE M 186 21.01 -50.67 36.40
C ILE M 186 21.62 -49.42 35.75
N ASP M 187 22.27 -48.59 36.56
CA ASP M 187 22.96 -47.41 36.05
C ASP M 187 24.21 -47.77 35.27
N ASP M 188 24.91 -48.83 35.65
CA ASP M 188 26.20 -49.17 35.05
C ASP M 188 26.06 -50.03 33.81
N ALA M 189 24.84 -50.43 33.43
CA ALA M 189 24.65 -51.30 32.27
C ALA M 189 24.95 -50.58 30.97
N ASN M 190 24.57 -49.31 30.88
CA ASN M 190 24.79 -48.55 29.65
C ASN M 190 26.28 -48.27 29.43
N VAL M 191 27.02 -47.96 30.50
CA VAL M 191 28.45 -47.72 30.36
C VAL M 191 29.22 -49.04 30.27
N THR M 192 28.62 -50.15 30.72
CA THR M 192 29.24 -51.45 30.54
C THR M 192 29.06 -51.98 29.12
N ARG M 193 27.91 -51.65 28.50
CA ARG M 193 27.64 -52.07 27.12
C ARG M 193 28.61 -51.41 26.13
N LYS M 194 29.11 -50.21 26.46
CA LYS M 194 30.05 -49.51 25.59
C LYS M 194 31.38 -50.26 25.45
N GLN M 195 31.77 -51.03 26.46
CA GLN M 195 32.95 -51.87 26.38
C GLN M 195 32.63 -53.34 26.18
N GLU M 196 31.35 -53.72 26.31
CA GLU M 196 30.95 -55.10 26.06
C GLU M 196 30.70 -55.35 24.58
N ASP M 197 29.94 -54.47 23.92
CA ASP M 197 29.63 -54.66 22.51
C ASP M 197 30.63 -53.94 21.60
N ALA M 198 30.91 -52.67 21.88
CA ALA M 198 31.86 -51.90 21.09
C ALA M 198 33.27 -52.18 21.61
N ARG M 199 33.86 -53.26 21.10
CA ARG M 199 35.20 -53.66 21.52
C ARG M 199 36.23 -53.33 20.46
N GLN M 224 40.26 -22.72 26.97
CA GLN M 224 39.69 -22.06 28.15
C GLN M 224 40.31 -22.61 29.43
N ASN M 225 39.46 -23.05 30.35
CA ASN M 225 39.92 -23.55 31.64
C ASN M 225 39.11 -24.79 32.01
N ARG M 226 39.80 -25.93 32.10
CA ARG M 226 39.17 -27.20 32.45
C ARG M 226 39.21 -27.44 33.96
N LEU M 227 38.72 -26.48 34.72
CA LEU M 227 38.93 -26.42 36.18
C LEU M 227 37.67 -25.84 36.80
N THR M 228 37.84 -25.30 38.02
CA THR M 228 36.81 -24.77 38.90
C THR M 228 35.80 -23.87 38.19
N GLY M 229 34.52 -24.15 38.40
CA GLY M 229 33.46 -23.26 37.97
C GLY M 229 32.24 -23.94 37.37
N SER M 230 32.43 -25.04 36.65
CA SER M 230 31.29 -25.69 36.01
C SER M 230 31.24 -27.19 36.24
N LEU M 231 32.40 -27.84 36.35
CA LEU M 231 32.45 -29.29 36.32
C LEU M 231 33.40 -29.91 37.32
N LEU M 232 33.98 -29.14 38.25
CA LEU M 232 34.85 -29.71 39.27
C LEU M 232 34.05 -30.48 40.32
N ALA M 233 32.77 -30.18 40.49
CA ALA M 233 31.94 -30.93 41.41
C ALA M 233 31.66 -32.35 40.90
N HIS M 234 31.62 -32.52 39.59
CA HIS M 234 31.43 -33.83 38.97
C HIS M 234 32.75 -34.48 38.59
N LYS M 235 33.86 -34.02 39.16
CA LYS M 235 35.20 -34.48 38.81
C LYS M 235 35.97 -35.03 40.00
N VAL M 236 35.84 -34.40 41.18
CA VAL M 236 36.64 -34.75 42.34
C VAL M 236 35.68 -35.46 43.30
N ALA M 237 34.65 -36.08 42.76
CA ALA M 237 33.62 -36.73 43.57
C ALA M 237 33.54 -38.23 43.35
N ASP M 238 34.43 -38.82 42.54
CA ASP M 238 34.39 -40.24 42.22
C ASP M 238 35.81 -40.83 42.29
N GLU M 239 36.54 -40.55 43.36
CA GLU M 239 37.97 -40.83 43.38
C GLU M 239 38.37 -41.89 44.41
N GLU M 240 38.15 -41.68 45.70
CA GLU M 240 38.66 -42.61 46.70
C GLU M 240 37.61 -42.95 47.75
N ALA M 241 37.92 -43.96 48.55
CA ALA M 241 37.11 -44.41 49.67
C ALA M 241 37.80 -44.09 50.99
N ASN M 242 37.04 -44.19 52.08
CA ASN M 242 37.50 -43.68 53.37
C ASN M 242 36.91 -44.38 54.59
N ILE M 243 36.74 -43.59 55.65
CA ILE M 243 36.46 -43.90 57.05
C ILE M 243 35.50 -45.06 57.35
N GLU M 244 34.48 -45.25 56.49
CA GLU M 244 33.18 -45.84 56.85
C GLU M 244 33.25 -47.15 57.64
N LEU M 245 32.32 -47.30 58.57
CA LEU M 245 32.29 -48.42 59.50
C LEU M 245 30.87 -48.53 60.05
N THR M 246 30.54 -49.72 60.57
CA THR M 246 29.26 -49.97 61.20
C THR M 246 29.13 -49.18 62.50
N TRP M 247 27.92 -49.16 63.04
CA TRP M 247 27.65 -48.49 64.30
C TRP M 247 27.70 -49.48 65.45
N ALA M 248 27.40 -49.00 66.66
CA ALA M 248 27.36 -49.87 67.83
C ALA M 248 26.21 -49.53 68.78
N GLU M 249 25.31 -48.63 68.37
CA GLU M 249 24.22 -48.09 69.20
C GLU M 249 24.76 -47.48 70.50
N GLY M 250 25.50 -46.38 70.30
CA GLY M 250 26.04 -45.65 71.44
C GLY M 250 24.97 -44.89 72.18
N THR M 251 24.62 -45.37 73.37
CA THR M 251 23.56 -44.79 74.18
C THR M 251 24.08 -44.08 75.42
N PHE M 252 24.92 -44.76 76.20
CA PHE M 252 25.36 -44.24 77.50
C PHE M 252 26.49 -43.22 77.34
N GLU M 253 27.35 -43.40 76.34
CA GLU M 253 28.54 -42.57 76.21
C GLU M 253 28.21 -41.16 75.74
N GLN M 254 27.36 -41.03 74.72
CA GLN M 254 26.97 -39.71 74.25
C GLN M 254 26.06 -39.00 75.24
N PHE M 255 25.24 -39.77 75.98
CA PHE M 255 24.44 -39.21 77.05
C PHE M 255 25.32 -38.62 78.15
N LYS M 256 26.40 -39.34 78.53
CA LYS M 256 27.35 -38.82 79.49
C LYS M 256 28.09 -37.60 78.95
N ASP M 257 28.45 -37.63 77.66
CA ASP M 257 29.19 -36.52 77.06
C ASP M 257 28.33 -35.27 76.94
N THR M 258 27.01 -35.43 76.81
CA THR M 258 26.14 -34.26 76.81
C THR M 258 25.77 -33.80 78.21
N ILE M 259 25.78 -34.69 79.21
CA ILE M 259 25.38 -34.26 80.55
C ILE M 259 26.55 -33.73 81.39
N VAL M 260 27.79 -34.13 81.10
CA VAL M 260 28.90 -33.71 81.94
C VAL M 260 29.34 -32.29 81.63
N LYS M 261 29.42 -31.94 80.34
CA LYS M 261 29.97 -30.63 79.95
C LYS M 261 29.06 -29.47 80.35
N GLU M 262 27.75 -29.69 80.36
CA GLU M 262 26.81 -28.63 80.69
C GLU M 262 26.52 -28.53 82.19
N ALA M 263 27.27 -29.24 83.03
CA ALA M 263 26.98 -29.33 84.46
C ALA M 263 27.73 -28.28 85.28
N GLU M 264 28.02 -27.12 84.70
CA GLU M 264 28.74 -26.07 85.40
C GLU M 264 27.89 -24.82 85.67
N ASP M 265 26.84 -24.59 84.89
CA ASP M 265 26.05 -23.37 85.06
C ASP M 265 25.07 -23.51 86.23
N LYS M 266 24.14 -24.47 86.12
CA LYS M 266 23.03 -24.70 87.05
C LYS M 266 22.20 -23.43 87.32
N LYS N 274 -9.94 -11.42 60.16
CA LYS N 274 -10.28 -12.82 59.97
C LYS N 274 -9.03 -13.67 60.12
N GLU N 275 -7.92 -13.18 59.56
CA GLU N 275 -6.69 -13.97 59.55
C GLU N 275 -6.02 -14.01 60.92
N ALA N 276 -6.10 -12.91 61.69
CA ALA N 276 -5.47 -12.89 63.01
C ALA N 276 -6.24 -13.76 64.00
N ALA N 277 -7.57 -13.79 63.91
CA ALA N 277 -8.38 -14.58 64.83
C ALA N 277 -8.19 -16.07 64.59
N ALA N 278 -8.28 -16.51 63.32
CA ALA N 278 -8.01 -17.90 62.99
C ALA N 278 -6.54 -18.25 63.20
N GLU N 279 -5.66 -17.25 63.10
CA GLU N 279 -4.24 -17.44 63.39
C GLU N 279 -4.01 -17.77 64.85
N LEU N 280 -4.60 -16.99 65.75
CA LEU N 280 -4.44 -17.26 67.18
C LEU N 280 -5.20 -18.51 67.60
N GLU N 281 -6.29 -18.85 66.92
CA GLU N 281 -6.98 -20.11 67.24
C GLU N 281 -6.18 -21.32 66.77
N LEU N 282 -5.49 -21.21 65.62
CA LEU N 282 -4.61 -22.28 65.19
C LEU N 282 -3.39 -22.39 66.09
N LEU N 283 -2.89 -21.25 66.59
CA LEU N 283 -1.80 -21.27 67.57
C LEU N 283 -2.26 -21.91 68.87
N ASN N 284 -3.52 -21.67 69.27
CA ASN N 284 -4.05 -22.33 70.47
C ASN N 284 -4.23 -23.83 70.23
N ALA N 285 -4.63 -24.22 69.02
CA ALA N 285 -4.87 -25.64 68.74
C ALA N 285 -3.57 -26.42 68.61
N ASP N 286 -2.50 -25.79 68.12
CA ASP N 286 -1.22 -26.46 67.98
C ASP N 286 -0.17 -25.94 68.97
N HIS N 287 -0.62 -25.32 70.06
CA HIS N 287 0.30 -24.78 71.06
C HIS N 287 0.55 -25.75 72.20
N GLN N 288 -0.38 -26.69 72.41
CA GLN N 288 -0.26 -27.73 73.42
C GLN N 288 0.68 -28.86 72.99
N HIS N 289 1.04 -28.91 71.71
CA HIS N 289 1.73 -30.06 71.14
C HIS N 289 3.16 -30.22 71.68
N ILE N 290 3.87 -29.11 71.88
CA ILE N 290 5.19 -29.25 72.51
C ILE N 290 5.04 -29.47 74.01
N LEU N 291 3.94 -29.00 74.62
CA LEU N 291 3.66 -29.37 76.01
C LEU N 291 3.18 -30.81 76.10
N ARG N 292 2.57 -31.33 75.02
CA ARG N 292 2.24 -32.74 74.94
C ARG N 292 3.50 -33.59 74.83
N LYS N 293 4.46 -33.15 74.01
CA LYS N 293 5.70 -33.90 73.81
C LYS N 293 6.64 -33.76 75.00
N LEU N 294 6.51 -32.67 75.78
CA LEU N 294 7.43 -32.43 76.88
C LEU N 294 7.18 -33.39 78.05
N LYS N 295 5.91 -33.65 78.36
CA LYS N 295 5.59 -34.66 79.35
C LYS N 295 5.61 -36.07 78.77
N LYS N 296 5.55 -36.20 77.45
CA LYS N 296 5.82 -37.47 76.79
C LYS N 296 7.28 -37.85 76.99
N MET N 297 7.54 -39.16 77.04
CA MET N 297 8.87 -39.78 77.14
C MET N 297 9.54 -39.37 78.47
N ASN N 298 8.92 -39.80 79.56
CA ASN N 298 9.45 -39.54 80.90
C ASN N 298 10.75 -40.32 81.13
N ASN N 299 10.81 -41.55 80.66
CA ASN N 299 12.09 -42.24 80.58
C ASN N 299 12.95 -41.64 79.48
N LYS N 300 14.24 -41.97 79.49
CA LYS N 300 15.21 -41.37 78.56
C LYS N 300 15.86 -42.46 77.71
N PRO N 301 15.21 -42.89 76.61
CA PRO N 301 15.95 -43.62 75.58
C PRO N 301 16.59 -42.64 74.60
N GLU N 302 17.17 -43.16 73.53
CA GLU N 302 17.78 -42.29 72.52
C GLU N 302 16.68 -41.70 71.64
N ARG N 303 16.35 -40.44 71.91
CA ARG N 303 15.44 -39.65 71.08
C ARG N 303 16.06 -38.29 70.83
N PHE N 304 15.51 -37.55 69.87
CA PHE N 304 15.94 -36.19 69.58
C PHE N 304 14.77 -35.38 69.05
N MET N 305 14.92 -34.06 69.09
CA MET N 305 14.06 -33.14 68.37
C MET N 305 14.87 -31.88 68.06
N VAL N 306 14.51 -31.21 66.96
CA VAL N 306 15.33 -30.16 66.38
C VAL N 306 14.81 -28.81 66.84
N PHE N 307 15.68 -28.04 67.51
CA PHE N 307 15.46 -26.64 67.80
C PHE N 307 16.26 -25.79 66.84
N GLN N 308 15.74 -24.61 66.50
CA GLN N 308 16.46 -23.64 65.67
C GLN N 308 16.36 -22.24 66.25
N LEU N 309 17.52 -21.61 66.45
CA LEU N 309 17.61 -20.24 66.95
C LEU N 309 18.90 -19.59 66.49
N PRO N 310 18.82 -18.54 65.67
CA PRO N 310 20.01 -17.75 65.35
C PRO N 310 20.25 -16.65 66.37
N THR N 311 21.21 -15.75 66.08
CA THR N 311 21.48 -14.53 66.85
C THR N 311 21.88 -14.88 68.30
N ARG N 312 23.09 -15.42 68.41
CA ARG N 312 23.68 -15.74 69.70
C ARG N 312 23.80 -14.50 70.59
N LEU N 313 23.08 -14.52 71.76
CA LEU N 313 23.12 -13.51 72.80
C LEU N 313 24.19 -13.86 73.84
N PRO N 314 24.82 -12.85 74.45
CA PRO N 314 25.71 -13.13 75.59
C PRO N 314 24.97 -13.60 76.83
N ALA N 315 23.86 -12.93 77.16
CA ALA N 315 22.85 -13.20 78.19
C ALA N 315 23.32 -12.95 79.62
N PHE N 316 24.62 -12.84 79.87
CA PHE N 316 25.11 -12.08 81.00
C PHE N 316 26.42 -11.37 80.68
N GLU N 317 27.22 -11.98 79.78
CA GLU N 317 28.45 -11.46 79.19
C GLU N 317 28.93 -12.49 78.17
N ARG N 318 30.04 -12.19 77.51
CA ARG N 318 30.64 -13.12 76.53
C ARG N 318 31.88 -13.78 77.12
N PRO N 319 31.80 -15.04 77.57
CA PRO N 319 33.01 -15.69 78.10
C PRO N 319 33.99 -16.11 77.04
N ALA N 320 33.51 -16.45 75.84
CA ALA N 320 34.40 -16.88 74.75
C ALA N 320 33.82 -16.49 73.39
N LEU N 356 30.83 -19.00 71.36
CA LEU N 356 29.65 -19.62 70.77
C LEU N 356 28.80 -20.31 71.83
N ALA N 357 29.46 -21.05 72.73
CA ALA N 357 28.77 -21.76 73.80
C ALA N 357 28.43 -20.76 74.90
N GLY N 358 27.21 -20.23 74.86
CA GLY N 358 26.75 -19.26 75.84
C GLY N 358 25.69 -19.85 76.75
N LYS N 359 25.67 -19.37 77.99
CA LYS N 359 24.69 -19.84 78.96
C LYS N 359 23.31 -19.26 78.65
N VAL N 360 22.29 -20.13 78.69
CA VAL N 360 20.95 -19.73 78.28
C VAL N 360 19.97 -20.70 78.93
N GLY N 361 18.70 -20.29 79.01
CA GLY N 361 17.64 -21.15 79.52
C GLY N 361 16.24 -20.60 79.34
N SER N 362 15.36 -20.94 80.28
CA SER N 362 14.06 -20.29 80.49
C SER N 362 13.12 -20.43 79.29
N ILE N 363 12.67 -21.67 79.06
CA ILE N 363 11.76 -21.95 77.97
C ILE N 363 10.39 -22.45 78.43
N ARG N 364 10.04 -22.03 79.65
CA ARG N 364 8.82 -22.39 80.38
C ARG N 364 7.47 -22.09 79.78
N VAL N 365 6.42 -22.37 80.55
CA VAL N 365 5.04 -22.13 80.12
C VAL N 365 4.39 -21.10 81.04
N HIS N 366 3.86 -20.04 80.46
CA HIS N 366 3.03 -19.09 81.17
C HIS N 366 1.61 -19.64 81.25
N LYS N 367 0.84 -19.12 82.22
CA LYS N 367 -0.51 -19.58 82.49
C LYS N 367 -1.44 -19.33 81.30
N SER N 368 -2.55 -20.09 81.29
CA SER N 368 -3.53 -20.15 80.20
C SER N 368 -2.87 -20.51 78.87
N GLY N 369 -1.93 -21.46 78.92
CA GLY N 369 -1.31 -22.03 77.73
C GLY N 369 -0.47 -21.09 76.90
N LYS N 370 0.67 -20.66 77.43
CA LYS N 370 1.54 -19.72 76.73
C LYS N 370 2.99 -20.15 76.91
N LEU N 371 3.60 -20.70 75.87
CA LEU N 371 4.99 -21.12 75.90
C LEU N 371 5.88 -19.89 75.82
N SER N 372 6.43 -19.48 76.96
CA SER N 372 7.24 -18.26 77.03
C SER N 372 8.72 -18.63 76.98
N VAL N 373 9.14 -19.08 75.80
CA VAL N 373 10.57 -19.23 75.52
C VAL N 373 11.20 -17.85 75.45
N LYS N 374 12.33 -17.68 76.13
CA LYS N 374 13.02 -16.40 76.13
C LYS N 374 14.50 -16.60 76.39
N ILE N 375 15.32 -15.82 75.69
CA ILE N 375 16.75 -15.75 76.00
C ILE N 375 16.89 -14.78 77.18
N GLY N 376 17.72 -15.15 78.15
CA GLY N 376 17.69 -14.48 79.44
C GLY N 376 18.22 -13.06 79.50
N ASN N 377 18.78 -12.52 78.41
CA ASN N 377 19.39 -11.19 78.46
C ASN N 377 18.37 -10.07 78.68
N VAL N 378 17.59 -9.75 77.64
CA VAL N 378 16.56 -8.71 77.72
C VAL N 378 15.28 -9.27 77.14
N VAL N 379 15.41 -10.21 76.21
CA VAL N 379 14.40 -10.44 75.19
C VAL N 379 13.45 -11.55 75.61
N MET N 380 12.16 -11.33 75.35
CA MET N 380 11.16 -12.40 75.36
C MET N 380 11.18 -13.02 73.96
N ASP N 381 12.13 -13.93 73.75
CA ASP N 381 12.42 -14.49 72.43
C ASP N 381 11.42 -15.59 72.12
N ILE N 382 10.16 -15.17 71.94
CA ILE N 382 9.01 -16.06 72.04
C ILE N 382 8.52 -16.47 70.66
N GLY N 383 8.18 -17.74 70.51
CA GLY N 383 7.61 -18.26 69.28
C GLY N 383 7.94 -19.71 69.02
N LYS N 384 6.93 -20.50 68.68
CA LYS N 384 7.10 -21.92 68.38
C LYS N 384 6.18 -22.25 67.22
N GLY N 385 5.93 -23.55 66.99
CA GLY N 385 4.95 -23.99 66.02
C GLY N 385 5.42 -24.14 64.58
N ALA N 386 6.39 -25.02 64.34
CA ALA N 386 6.92 -25.19 62.99
C ALA N 386 6.12 -26.23 62.20
N GLU N 387 6.59 -26.47 60.98
CA GLU N 387 5.86 -27.28 60.01
C GLU N 387 6.02 -28.76 60.30
N THR N 388 4.93 -29.51 60.17
CA THR N 388 4.95 -30.96 60.37
C THR N 388 5.37 -31.65 59.07
N THR N 389 6.39 -32.50 59.17
CA THR N 389 6.92 -33.17 57.99
C THR N 389 6.08 -34.40 57.63
N PHE N 390 6.25 -34.86 56.40
CA PHE N 390 5.55 -36.02 55.88
C PHE N 390 6.42 -37.25 55.73
N LEU N 391 7.71 -37.06 55.42
CA LEU N 391 8.68 -38.15 55.45
C LEU N 391 8.87 -38.65 56.87
N GLN N 392 9.11 -39.95 57.00
CA GLN N 392 9.11 -40.61 58.30
C GLN N 392 10.50 -41.01 58.77
N ASP N 393 11.24 -41.76 57.98
CA ASP N 393 12.54 -42.26 58.43
C ASP N 393 13.57 -41.15 58.43
N VAL N 394 14.17 -40.93 59.58
CA VAL N 394 15.14 -39.87 59.79
C VAL N 394 15.99 -40.25 61.00
N ILE N 395 17.30 -40.09 60.88
CA ILE N 395 18.24 -40.68 61.82
C ILE N 395 19.47 -39.80 61.92
N ALA N 396 20.03 -39.72 63.13
CA ALA N 396 21.22 -38.91 63.39
C ALA N 396 22.45 -39.82 63.49
N LEU N 397 23.54 -39.40 62.85
CA LEU N 397 24.79 -40.14 62.86
C LEU N 397 25.93 -39.27 63.37
N SER N 398 27.16 -39.76 63.28
CA SER N 398 28.34 -39.00 63.71
C SER N 398 29.55 -39.58 62.99
N ILE N 399 30.27 -38.75 62.26
CA ILE N 399 31.42 -39.23 61.49
C ILE N 399 32.69 -38.50 61.87
N ALA N 400 32.77 -38.01 63.11
CA ALA N 400 34.06 -37.66 63.68
C ALA N 400 34.84 -38.96 63.82
N ASP N 401 35.90 -39.10 63.03
CA ASP N 401 36.49 -40.40 62.69
C ASP N 401 37.04 -41.20 63.88
N ASP N 402 38.09 -40.69 64.54
CA ASP N 402 38.73 -41.32 65.71
C ASP N 402 39.13 -42.76 65.41
N ALA N 403 40.09 -42.87 64.47
CA ALA N 403 40.51 -44.13 63.84
C ALA N 403 39.33 -44.79 63.12
N SER N 404 38.66 -44.00 62.27
CA SER N 404 37.72 -44.44 61.23
C SER N 404 36.51 -45.18 61.82
N SER N 405 35.70 -44.43 62.57
CA SER N 405 34.49 -44.96 63.19
C SER N 405 33.27 -44.14 62.76
N ALA N 406 32.09 -44.66 63.10
CA ALA N 406 30.81 -44.00 62.86
C ALA N 406 29.81 -44.52 63.87
N GLU N 407 28.72 -43.77 64.05
CA GLU N 407 27.73 -44.08 65.09
C GLU N 407 26.33 -43.97 64.51
N LEU N 408 25.34 -44.05 65.39
CA LEU N 408 23.92 -44.05 65.02
C LEU N 408 23.16 -43.60 66.26
N LEU N 409 22.61 -42.39 66.25
CA LEU N 409 22.26 -41.75 67.53
C LEU N 409 20.82 -41.97 68.00
N GLY N 410 19.84 -41.36 67.33
CA GLY N 410 18.58 -41.26 68.04
C GLY N 410 17.19 -41.23 67.42
N ARG N 411 17.05 -41.41 66.10
CA ARG N 411 15.79 -41.39 65.34
C ARG N 411 14.88 -40.21 65.72
N VAL N 412 15.38 -39.02 65.33
CA VAL N 412 14.81 -37.73 65.74
C VAL N 412 13.34 -37.58 65.32
N ASP N 413 12.52 -37.04 66.23
CA ASP N 413 11.08 -37.01 66.03
C ASP N 413 10.65 -35.82 65.18
N GLY N 414 10.89 -34.60 65.67
CA GLY N 414 10.32 -33.44 65.01
C GLY N 414 11.19 -32.21 65.11
N LYS N 415 10.63 -31.09 64.64
CA LYS N 415 11.32 -29.81 64.55
C LYS N 415 10.38 -28.69 64.96
N ILE N 416 10.87 -27.72 65.72
CA ILE N 416 10.06 -26.59 66.14
C ILE N 416 10.93 -25.33 66.15
N VAL N 417 10.33 -24.18 65.78
CA VAL N 417 11.07 -22.93 65.65
C VAL N 417 11.21 -22.25 67.01
N VAL N 418 12.22 -21.38 67.10
CA VAL N 418 12.35 -20.41 68.18
C VAL N 418 12.60 -19.07 67.50
N THR N 419 11.59 -18.20 67.49
CA THR N 419 11.54 -16.95 66.73
C THR N 419 11.74 -15.75 67.65
N PRO N 420 12.57 -14.78 67.26
CA PRO N 420 12.65 -13.54 68.03
C PRO N 420 11.39 -12.69 67.88
N GLN N 421 11.17 -11.84 68.87
CA GLN N 421 9.95 -11.02 68.95
C GLN N 421 10.30 -9.60 68.57
N ILE N 422 9.58 -9.05 67.59
CA ILE N 422 9.69 -7.65 67.22
C ILE N 422 8.31 -7.02 67.23
N VAL O 31 28.41 -4.93 -32.46
CA VAL O 31 28.61 -4.12 -33.66
C VAL O 31 29.61 -4.85 -34.57
N MET O 32 30.36 -5.78 -34.00
CA MET O 32 31.31 -6.60 -34.74
C MET O 32 30.69 -7.90 -35.26
N THR O 33 29.56 -7.79 -35.93
CA THR O 33 28.76 -8.95 -36.34
C THR O 33 29.46 -9.63 -37.52
N ILE O 34 30.51 -10.38 -37.20
CA ILE O 34 31.22 -11.23 -38.15
C ILE O 34 31.25 -12.62 -37.55
N SER O 35 31.22 -12.69 -36.21
CA SER O 35 31.50 -13.90 -35.46
C SER O 35 30.27 -14.77 -35.21
N SER O 36 29.16 -14.52 -35.94
CA SER O 36 27.92 -15.30 -35.87
C SER O 36 27.33 -15.34 -34.45
N LEU O 37 27.38 -14.20 -33.76
CA LEU O 37 26.76 -14.05 -32.45
C LEU O 37 25.28 -13.69 -32.55
N GLU O 38 24.80 -13.40 -33.76
CA GLU O 38 23.44 -12.94 -34.00
C GLU O 38 22.39 -14.01 -33.67
N GLN O 39 22.76 -15.29 -33.66
CA GLN O 39 21.78 -16.35 -33.45
C GLN O 39 22.32 -17.48 -32.56
N ARG O 40 23.06 -17.14 -31.51
CA ARG O 40 23.65 -18.19 -30.67
C ARG O 40 22.60 -18.93 -29.84
N THR O 41 21.58 -18.22 -29.37
CA THR O 41 20.40 -18.89 -28.79
C THR O 41 19.22 -18.93 -29.76
N LEU O 42 19.40 -19.50 -30.96
CA LEU O 42 18.29 -19.47 -31.91
C LEU O 42 17.44 -20.74 -31.86
N ASN O 43 17.99 -21.86 -32.34
CA ASN O 43 17.43 -23.21 -32.38
C ASN O 43 18.52 -24.07 -33.00
N PRO O 44 18.76 -25.31 -32.57
CA PRO O 44 19.60 -26.19 -33.37
C PRO O 44 18.84 -26.98 -34.44
N ASP O 45 17.54 -27.22 -34.25
CA ASP O 45 16.79 -28.06 -35.19
C ASP O 45 16.17 -27.24 -36.32
N LEU O 46 15.65 -26.05 -36.01
CA LEU O 46 15.15 -25.14 -37.04
C LEU O 46 16.25 -24.60 -37.92
N PHE O 47 17.49 -24.58 -37.43
CA PHE O 47 18.60 -23.93 -38.11
C PHE O 47 19.06 -24.72 -39.34
N LEU O 48 18.67 -25.98 -39.49
CA LEU O 48 19.03 -26.78 -40.64
C LEU O 48 17.88 -27.10 -41.58
N TYR O 49 16.69 -27.41 -41.05
CA TYR O 49 15.60 -27.92 -41.88
C TYR O 49 15.00 -26.84 -42.75
N LYS O 50 14.65 -25.69 -42.16
CA LYS O 50 14.17 -24.53 -42.90
C LYS O 50 15.21 -24.04 -43.90
N GLU O 51 16.49 -24.17 -43.54
CA GLU O 51 17.58 -23.79 -44.43
C GLU O 51 17.67 -24.70 -45.65
N LEU O 52 17.55 -26.02 -45.43
CA LEU O 52 17.59 -26.95 -46.56
C LEU O 52 16.36 -26.83 -47.44
N VAL O 53 15.21 -26.42 -46.88
CA VAL O 53 14.05 -26.20 -47.74
C VAL O 53 14.21 -24.91 -48.53
N LYS O 54 14.79 -23.87 -47.89
CA LYS O 54 15.05 -22.61 -48.57
C LYS O 54 16.10 -22.77 -49.68
N ALA O 55 17.01 -23.74 -49.52
CA ALA O 55 18.07 -23.95 -50.51
C ALA O 55 17.58 -24.47 -51.84
N HIS O 56 16.39 -25.09 -51.91
CA HIS O 56 15.93 -25.62 -53.19
C HIS O 56 14.72 -24.89 -53.76
N LEU O 57 13.81 -24.37 -52.93
CA LEU O 57 12.68 -23.60 -53.44
C LEU O 57 12.73 -22.16 -52.99
N GLY O 58 12.78 -21.90 -51.69
CA GLY O 58 12.82 -20.53 -51.21
C GLY O 58 12.05 -20.26 -49.94
N GLU O 59 11.65 -19.01 -49.73
CA GLU O 59 11.05 -18.61 -48.46
C GLU O 59 9.61 -19.11 -48.31
N ARG O 60 8.86 -19.23 -49.41
CA ARG O 60 7.47 -19.63 -49.30
C ARG O 60 7.32 -21.12 -49.03
N ALA O 61 8.35 -21.93 -49.33
CA ALA O 61 8.38 -23.32 -48.91
C ALA O 61 9.12 -23.51 -47.60
N ALA O 62 10.10 -22.66 -47.29
CA ALA O 62 10.78 -22.75 -46.01
C ALA O 62 9.93 -22.21 -44.86
N SER O 63 8.86 -21.49 -45.17
CA SER O 63 7.98 -20.94 -44.15
C SER O 63 6.89 -21.91 -43.70
N VAL O 64 6.97 -23.20 -44.07
CA VAL O 64 6.05 -24.20 -43.55
C VAL O 64 6.78 -25.37 -42.88
N ILE O 65 7.85 -25.90 -43.49
CA ILE O 65 8.63 -26.93 -42.81
C ILE O 65 9.41 -26.32 -41.64
N GLY O 66 9.89 -25.09 -41.81
CA GLY O 66 10.42 -24.35 -40.68
C GLY O 66 9.35 -23.92 -39.69
N MET O 67 8.09 -23.98 -40.08
CA MET O 67 6.98 -23.62 -39.20
C MET O 67 6.33 -24.85 -38.55
N LEU O 68 6.23 -25.97 -39.27
CA LEU O 68 5.75 -27.22 -38.70
C LEU O 68 6.78 -27.92 -37.82
N VAL O 69 8.00 -27.41 -37.73
CA VAL O 69 8.99 -27.92 -36.79
C VAL O 69 9.01 -27.13 -35.50
N ALA O 70 8.26 -26.02 -35.43
CA ALA O 70 8.30 -25.13 -34.28
C ALA O 70 7.13 -25.32 -33.32
N LEU O 71 6.03 -25.95 -33.73
CA LEU O 71 4.93 -26.21 -32.81
C LEU O 71 4.30 -27.58 -32.96
N GLY O 72 4.80 -28.44 -33.85
CA GLY O 72 4.27 -29.78 -33.97
C GLY O 72 3.44 -29.99 -35.22
N ARG O 73 2.36 -30.75 -35.11
CA ARG O 73 1.49 -31.02 -36.24
C ARG O 73 0.35 -30.01 -36.30
N LEU O 74 -0.09 -29.72 -37.52
CA LEU O 74 -1.01 -28.61 -37.75
C LEU O 74 -1.76 -28.85 -39.05
N SER O 75 -3.04 -28.46 -39.06
CA SER O 75 -3.86 -28.60 -40.24
C SER O 75 -3.64 -27.41 -41.18
N VAL O 76 -4.52 -27.27 -42.19
CA VAL O 76 -4.34 -26.21 -43.17
C VAL O 76 -5.06 -24.94 -42.73
N ARG O 77 -6.21 -25.09 -42.04
CA ARG O 77 -6.99 -23.94 -41.63
C ARG O 77 -6.27 -23.12 -40.55
N GLU O 78 -5.59 -23.80 -39.63
CA GLU O 78 -4.83 -23.13 -38.59
C GLU O 78 -3.37 -22.89 -38.98
N LEU O 79 -3.06 -22.98 -40.28
CA LEU O 79 -1.73 -22.73 -40.80
C LEU O 79 -1.56 -21.32 -41.38
N VAL O 80 -2.65 -20.74 -41.87
CA VAL O 80 -2.57 -19.51 -42.66
C VAL O 80 -2.30 -18.31 -41.78
N GLU O 81 -3.03 -18.18 -40.67
CA GLU O 81 -3.04 -16.96 -39.89
C GLU O 81 -1.80 -16.77 -39.00
N LYS O 82 -0.86 -17.72 -39.01
CA LYS O 82 0.32 -17.59 -38.16
C LYS O 82 1.60 -17.35 -38.95
N ILE O 83 1.71 -17.84 -40.19
CA ILE O 83 2.92 -17.63 -40.97
C ILE O 83 3.03 -16.23 -41.55
N ASP O 84 1.95 -15.43 -41.48
CA ASP O 84 1.87 -14.05 -41.97
C ASP O 84 2.19 -13.97 -43.47
N GLY O 85 1.31 -14.59 -44.26
CA GLY O 85 1.49 -14.59 -45.69
C GLY O 85 0.20 -14.61 -46.48
N MET O 86 0.19 -15.35 -47.57
CA MET O 86 -0.97 -15.46 -48.45
C MET O 86 -1.98 -16.44 -47.83
N ASP O 87 -3.17 -16.52 -48.40
CA ASP O 87 -4.29 -17.30 -47.90
C ASP O 87 -4.09 -18.79 -48.27
N VAL O 88 -5.17 -19.59 -48.20
CA VAL O 88 -5.11 -21.03 -48.39
C VAL O 88 -4.67 -21.42 -49.82
N ASP O 89 -4.72 -20.49 -50.78
CA ASP O 89 -4.29 -20.77 -52.14
C ASP O 89 -2.77 -20.86 -52.30
N SER O 90 -1.99 -20.58 -51.25
CA SER O 90 -0.53 -20.63 -51.37
C SER O 90 0.08 -21.62 -50.40
N VAL O 91 -0.52 -21.78 -49.21
CA VAL O 91 -0.04 -22.80 -48.27
C VAL O 91 -0.40 -24.20 -48.72
N LYS O 92 -1.34 -24.33 -49.66
CA LYS O 92 -1.69 -25.60 -50.28
C LYS O 92 -0.84 -25.91 -51.49
N THR O 93 -0.46 -24.89 -52.28
CA THR O 93 0.34 -25.11 -53.48
C THR O 93 1.77 -25.48 -53.13
N THR O 94 2.37 -24.77 -52.17
CA THR O 94 3.75 -25.02 -51.78
C THR O 94 3.91 -26.34 -51.01
N LEU O 95 2.83 -26.89 -50.46
CA LEU O 95 2.93 -28.18 -49.78
C LEU O 95 2.76 -29.33 -50.76
N VAL O 96 2.13 -29.08 -51.91
CA VAL O 96 2.13 -30.06 -53.00
C VAL O 96 3.55 -30.27 -53.54
N SER O 97 4.32 -29.18 -53.63
CA SER O 97 5.74 -29.28 -53.98
C SER O 97 6.54 -30.02 -52.91
N LEU O 98 6.05 -30.06 -51.67
CA LEU O 98 6.61 -30.89 -50.63
C LEU O 98 5.97 -32.28 -50.59
N THR O 99 4.84 -32.46 -51.28
CA THR O 99 4.17 -33.75 -51.31
C THR O 99 4.79 -34.66 -52.36
N GLN O 100 5.04 -34.13 -53.56
CA GLN O 100 5.72 -34.87 -54.61
C GLN O 100 7.24 -34.87 -54.45
N LEU O 101 7.75 -34.40 -53.32
CA LEU O 101 9.16 -34.51 -52.97
C LEU O 101 9.38 -35.35 -51.73
N ARG O 102 8.30 -35.76 -51.05
CA ARG O 102 8.28 -36.58 -49.83
C ARG O 102 9.07 -35.88 -48.71
N CYS O 103 8.51 -34.76 -48.27
CA CYS O 103 9.09 -33.99 -47.17
C CYS O 103 8.18 -33.85 -45.96
N VAL O 104 6.89 -34.17 -46.10
CA VAL O 104 5.94 -34.09 -45.00
C VAL O 104 5.18 -35.40 -44.89
N LYS O 105 4.48 -35.55 -43.76
CA LYS O 105 3.69 -36.74 -43.46
C LYS O 105 2.29 -36.27 -43.09
N TYR O 106 1.26 -36.91 -43.63
CA TYR O 106 -0.11 -36.52 -43.33
C TYR O 106 -0.84 -37.65 -42.60
N LEU O 107 -1.86 -37.27 -41.85
CA LEU O 107 -2.64 -38.18 -41.01
C LEU O 107 -4.11 -38.03 -41.36
N GLN O 108 -4.62 -38.89 -42.23
CA GLN O 108 -6.01 -38.83 -42.67
C GLN O 108 -6.88 -39.50 -41.61
N GLU O 109 -7.55 -38.68 -40.79
CA GLU O 109 -8.40 -39.19 -39.73
C GLU O 109 -9.54 -38.20 -39.49
N THR O 110 -10.65 -38.72 -38.98
CA THR O 110 -11.81 -37.91 -38.64
C THR O 110 -12.08 -37.96 -37.14
N ALA O 111 -12.90 -37.04 -36.67
CA ALA O 111 -13.27 -36.93 -35.27
C ALA O 111 -14.62 -37.62 -35.04
N ILE O 112 -15.17 -37.44 -33.84
CA ILE O 112 -16.48 -37.99 -33.52
C ILE O 112 -17.61 -37.05 -33.94
N SER O 113 -17.34 -35.76 -34.08
CA SER O 113 -18.34 -34.80 -34.52
C SER O 113 -17.83 -33.82 -35.57
N GLY O 114 -16.55 -33.85 -35.93
CA GLY O 114 -15.98 -32.92 -36.88
C GLY O 114 -15.85 -33.52 -38.27
N LYS O 115 -15.22 -32.74 -39.15
CA LYS O 115 -15.02 -33.13 -40.53
C LYS O 115 -13.75 -33.99 -40.66
N LYS O 116 -13.31 -34.21 -41.89
CA LYS O 116 -12.07 -34.93 -42.16
C LYS O 116 -10.92 -33.93 -42.21
N THR O 117 -9.99 -34.05 -41.28
CA THR O 117 -8.88 -33.12 -41.14
C THR O 117 -7.61 -33.71 -41.76
N THR O 118 -6.54 -32.91 -41.75
CA THR O 118 -5.31 -33.27 -42.44
C THR O 118 -4.14 -33.51 -41.49
N TYR O 119 -3.77 -32.52 -40.66
CA TYR O 119 -2.78 -32.62 -39.58
C TYR O 119 -1.40 -33.08 -40.09
N TYR O 120 -0.78 -32.19 -40.86
CA TYR O 120 0.51 -32.50 -41.48
C TYR O 120 1.64 -32.53 -40.45
N TYR O 121 2.65 -33.34 -40.75
CA TYR O 121 3.86 -33.53 -39.96
C TYR O 121 5.06 -32.99 -40.75
N TYR O 122 6.26 -33.23 -40.22
CA TYR O 122 7.50 -33.01 -40.94
C TYR O 122 8.31 -34.30 -40.94
N ASN O 123 9.05 -34.53 -42.02
CA ASN O 123 9.81 -35.75 -42.20
C ASN O 123 11.29 -35.46 -42.04
N GLU O 124 11.96 -36.25 -41.19
CA GLU O 124 13.39 -36.06 -40.95
C GLU O 124 14.23 -36.55 -42.12
N GLU O 125 14.06 -37.82 -42.48
CA GLU O 125 14.85 -38.38 -43.58
C GLU O 125 14.39 -37.84 -44.92
N GLY O 126 13.13 -37.44 -45.03
CA GLY O 126 12.63 -36.80 -46.24
C GLY O 126 13.15 -35.41 -46.49
N ILE O 127 13.90 -34.84 -45.54
CA ILE O 127 14.69 -33.64 -45.79
C ILE O 127 16.18 -33.89 -45.63
N HIS O 128 16.56 -35.03 -45.04
CA HIS O 128 17.96 -35.48 -45.14
C HIS O 128 18.30 -35.88 -46.56
N ILE O 129 17.30 -36.30 -47.35
CA ILE O 129 17.50 -36.70 -48.74
C ILE O 129 18.03 -35.54 -49.59
N LEU O 130 17.65 -34.30 -49.25
CA LEU O 130 18.08 -33.13 -50.01
C LEU O 130 19.54 -32.81 -49.74
N LEU O 131 19.98 -33.01 -48.50
CA LEU O 131 21.38 -32.85 -48.12
C LEU O 131 22.23 -34.04 -48.55
N TYR O 132 21.60 -35.15 -48.91
CA TYR O 132 22.27 -36.44 -48.99
C TYR O 132 22.37 -36.98 -50.42
N SER O 133 21.60 -36.43 -51.36
CA SER O 133 21.43 -37.00 -52.71
C SER O 133 22.72 -37.08 -53.52
N GLY O 134 23.60 -36.09 -53.38
CA GLY O 134 24.81 -36.06 -54.21
C GLY O 134 25.76 -37.19 -53.89
N LEU O 135 26.02 -37.41 -52.60
CA LEU O 135 26.83 -38.56 -52.21
C LEU O 135 26.11 -39.88 -52.45
N ILE O 136 24.75 -39.87 -52.38
CA ILE O 136 23.97 -41.05 -52.77
C ILE O 136 24.33 -41.51 -54.17
N ILE O 137 24.19 -40.61 -55.15
CA ILE O 137 24.45 -41.06 -56.51
C ILE O 137 25.95 -41.30 -56.71
N ASP O 138 26.81 -40.51 -56.05
CA ASP O 138 28.23 -40.57 -56.36
C ASP O 138 28.91 -41.81 -55.78
N GLU O 139 28.34 -42.47 -54.76
CA GLU O 139 28.92 -43.76 -54.41
C GLU O 139 27.97 -44.93 -54.63
N ILE O 140 26.74 -44.70 -55.12
CA ILE O 140 26.04 -45.74 -55.85
C ILE O 140 26.77 -46.05 -57.16
N ILE O 141 27.47 -45.05 -57.73
CA ILE O 141 28.43 -45.31 -58.81
C ILE O 141 29.49 -46.34 -58.38
N THR O 142 30.08 -46.14 -57.21
CA THR O 142 31.12 -47.07 -56.74
C THR O 142 30.55 -48.42 -56.34
N GLN O 143 29.28 -48.45 -55.93
CA GLN O 143 28.59 -49.72 -55.73
C GLN O 143 28.40 -50.46 -57.04
N MET O 144 28.02 -49.74 -58.10
CA MET O 144 27.74 -50.34 -59.40
C MET O 144 28.96 -50.36 -60.32
N ARG O 145 30.16 -50.13 -59.77
CA ARG O 145 31.42 -50.18 -60.50
C ARG O 145 31.77 -51.58 -61.01
N VAL O 146 31.11 -52.63 -60.50
CA VAL O 146 31.61 -54.01 -60.60
C VAL O 146 31.62 -54.52 -62.03
N ASN O 147 30.55 -54.27 -62.80
CA ASN O 147 30.39 -54.99 -64.06
C ASN O 147 31.27 -54.43 -65.18
N ASP O 148 31.13 -53.15 -65.53
CA ASP O 148 31.92 -52.57 -66.61
C ASP O 148 32.34 -51.16 -66.24
N GLU O 149 32.82 -50.42 -67.24
CA GLU O 149 33.60 -49.20 -67.00
C GLU O 149 32.91 -47.92 -67.42
N GLU O 150 32.47 -47.80 -68.69
CA GLU O 150 32.23 -46.50 -69.30
C GLU O 150 30.77 -46.07 -69.25
N GLU O 151 29.85 -46.84 -69.85
CA GLU O 151 28.48 -46.37 -70.01
C GLU O 151 27.66 -46.49 -68.73
N HIS O 152 28.08 -47.37 -67.81
CA HIS O 152 27.29 -47.65 -66.62
C HIS O 152 27.32 -46.47 -65.66
N LYS O 153 28.48 -45.81 -65.54
CA LYS O 153 28.62 -44.65 -64.66
C LYS O 153 27.74 -43.49 -65.12
N GLN O 154 27.83 -43.15 -66.41
CA GLN O 154 27.01 -42.07 -66.96
C GLN O 154 25.52 -42.41 -66.91
N LEU O 155 25.19 -43.69 -67.13
CA LEU O 155 23.77 -44.03 -67.17
C LEU O 155 23.15 -44.06 -65.78
N VAL O 156 23.89 -44.51 -64.76
CA VAL O 156 23.40 -44.43 -63.38
C VAL O 156 23.35 -42.97 -62.92
N ALA O 157 24.32 -42.16 -63.34
CA ALA O 157 24.30 -40.73 -63.02
C ALA O 157 23.20 -39.98 -63.76
N GLU O 158 22.61 -40.57 -64.79
CA GLU O 158 21.39 -40.03 -65.38
C GLU O 158 20.12 -40.58 -64.76
N ILE O 159 20.11 -41.85 -64.33
CA ILE O 159 18.89 -42.44 -63.76
C ILE O 159 18.63 -41.90 -62.35
N VAL O 160 19.58 -42.11 -61.43
CA VAL O 160 19.29 -41.90 -60.02
C VAL O 160 19.24 -40.41 -59.70
N GLN O 161 19.94 -39.59 -60.48
CA GLN O 161 19.88 -38.14 -60.32
C GLN O 161 18.47 -37.61 -60.62
N ASN O 162 17.80 -38.20 -61.60
CA ASN O 162 16.41 -37.84 -61.87
C ASN O 162 15.43 -38.53 -60.92
N VAL O 163 15.84 -39.67 -60.35
CA VAL O 163 14.98 -40.34 -59.37
C VAL O 163 14.88 -39.52 -58.08
N ILE O 164 16.01 -39.09 -57.54
CA ILE O 164 15.99 -38.37 -56.25
C ILE O 164 15.48 -36.94 -56.41
N SER O 165 15.64 -36.34 -57.59
CA SER O 165 15.17 -34.98 -57.79
C SER O 165 13.64 -34.91 -57.83
N LEU O 166 12.98 -36.02 -58.14
CA LEU O 166 11.56 -36.19 -57.93
C LEU O 166 11.35 -36.96 -56.63
N GLY O 167 10.08 -37.17 -56.26
CA GLY O 167 9.83 -37.93 -55.06
C GLY O 167 9.30 -39.32 -55.36
N SER O 168 8.58 -39.44 -56.48
CA SER O 168 7.96 -40.70 -56.86
C SER O 168 7.69 -40.65 -58.36
N LEU O 169 8.32 -41.54 -59.11
CA LEU O 169 8.12 -41.62 -60.55
C LEU O 169 7.97 -43.09 -60.95
N THR O 170 7.41 -43.30 -62.14
CA THR O 170 7.19 -44.62 -62.70
C THR O 170 8.24 -44.92 -63.75
N VAL O 171 8.06 -46.04 -64.45
CA VAL O 171 8.97 -46.45 -65.51
C VAL O 171 8.50 -45.98 -66.88
N GLU O 172 7.19 -46.07 -67.15
CA GLU O 172 6.66 -45.67 -68.44
C GLU O 172 6.66 -44.16 -68.64
N ASP O 173 6.67 -43.38 -67.56
CA ASP O 173 6.72 -41.93 -67.70
C ASP O 173 8.15 -41.46 -67.96
N TYR O 174 9.15 -42.20 -67.49
CA TYR O 174 10.54 -41.84 -67.76
C TYR O 174 10.95 -42.19 -69.18
N LEU O 175 10.47 -43.33 -69.70
CA LEU O 175 10.92 -43.85 -70.98
C LEU O 175 10.21 -43.20 -72.17
N SER O 176 9.42 -42.15 -71.96
CA SER O 176 8.77 -41.43 -73.03
C SER O 176 9.61 -40.28 -73.57
N SER O 177 10.89 -40.21 -73.18
CA SER O 177 11.78 -39.15 -73.63
C SER O 177 13.17 -39.70 -74.00
N VAL O 178 13.23 -40.96 -74.39
CA VAL O 178 14.49 -41.61 -74.74
C VAL O 178 14.76 -41.55 -76.24
N THR O 179 13.77 -41.99 -77.04
CA THR O 179 13.80 -42.00 -78.51
C THR O 179 15.00 -42.80 -79.03
N SER O 180 14.95 -44.10 -78.75
CA SER O 180 15.97 -45.04 -79.19
C SER O 180 15.36 -46.44 -79.18
N ASP O 181 16.18 -47.43 -79.54
CA ASP O 181 15.77 -48.82 -79.53
C ASP O 181 16.65 -49.72 -78.70
N SER O 182 17.97 -49.51 -78.72
CA SER O 182 18.88 -50.28 -77.89
C SER O 182 19.25 -49.57 -76.59
N MET O 183 19.31 -48.24 -76.64
CA MET O 183 19.56 -47.47 -75.42
C MET O 183 18.40 -47.60 -74.44
N LYS O 184 17.17 -47.66 -74.98
CA LYS O 184 15.99 -47.93 -74.15
C LYS O 184 16.06 -49.34 -73.55
N TYR O 185 16.62 -50.29 -74.30
CA TYR O 185 16.80 -51.63 -73.77
C TYR O 185 17.82 -51.66 -72.64
N THR O 186 18.90 -50.87 -72.77
CA THR O 186 19.89 -50.80 -71.69
C THR O 186 19.32 -50.11 -70.46
N ILE O 187 18.51 -49.07 -70.64
CA ILE O 187 17.88 -48.39 -69.50
C ILE O 187 16.87 -49.31 -68.81
N SER O 188 16.09 -50.07 -69.61
CA SER O 188 15.14 -51.01 -69.04
C SER O 188 15.84 -52.18 -68.34
N SER O 189 17.05 -52.54 -68.78
CA SER O 189 17.84 -53.50 -68.04
C SER O 189 18.35 -52.92 -66.73
N LEU O 190 18.84 -51.68 -66.74
CA LEU O 190 19.34 -51.07 -65.52
C LEU O 190 18.26 -50.75 -64.49
N PHE O 191 16.99 -50.64 -64.91
CA PHE O 191 15.90 -50.55 -63.94
C PHE O 191 15.86 -51.76 -63.02
N VAL O 192 15.85 -52.97 -63.60
CA VAL O 192 15.80 -54.15 -62.75
C VAL O 192 17.18 -54.44 -62.14
N GLN O 193 18.27 -53.95 -62.77
CA GLN O 193 19.59 -54.08 -62.15
C GLN O 193 19.72 -53.21 -60.91
N LEU O 194 19.02 -52.08 -60.85
CA LEU O 194 18.98 -51.30 -59.61
C LEU O 194 17.93 -51.80 -58.64
N CYS O 195 16.86 -52.44 -59.14
CA CYS O 195 15.85 -52.99 -58.25
C CYS O 195 16.33 -54.25 -57.53
N GLU O 196 17.22 -55.04 -58.15
CA GLU O 196 17.73 -56.23 -57.49
C GLU O 196 18.72 -55.91 -56.37
N MET O 197 19.30 -54.70 -56.37
CA MET O 197 20.24 -54.34 -55.31
C MET O 197 19.52 -53.99 -54.01
N GLY O 198 18.42 -53.28 -54.10
CA GLY O 198 17.71 -52.81 -52.92
C GLY O 198 17.68 -51.30 -52.82
N TYR O 199 17.68 -50.64 -53.98
CA TYR O 199 17.66 -49.19 -54.07
C TYR O 199 16.36 -48.64 -54.63
N LEU O 200 15.49 -49.48 -55.16
CA LEU O 200 14.23 -49.04 -55.77
C LEU O 200 13.12 -49.96 -55.27
N ILE O 201 12.23 -49.44 -54.43
CA ILE O 201 11.07 -50.19 -53.97
C ILE O 201 9.80 -49.43 -54.31
N GLN O 202 8.66 -50.10 -54.19
CA GLN O 202 7.37 -49.48 -54.45
C GLN O 202 6.97 -48.63 -53.24
N ILE O 203 6.88 -47.31 -53.43
CA ILE O 203 6.53 -46.40 -52.35
C ILE O 203 5.03 -46.55 -52.06
N SER O 204 4.72 -47.08 -50.88
CA SER O 204 3.34 -47.25 -50.46
C SER O 204 2.99 -46.20 -49.42
N LYS O 205 1.70 -46.14 -49.07
CA LYS O 205 1.24 -45.23 -48.03
C LYS O 205 1.70 -45.68 -46.65
N LEU O 206 1.94 -46.99 -46.48
CA LEU O 206 2.24 -47.58 -45.17
C LEU O 206 3.62 -47.20 -44.63
N HIS O 207 4.49 -46.62 -45.46
CA HIS O 207 5.68 -45.93 -44.97
C HIS O 207 5.67 -44.47 -45.37
N TYR O 208 4.53 -43.97 -45.84
CA TYR O 208 4.35 -42.56 -46.16
C TYR O 208 3.47 -41.87 -45.12
N THR O 209 3.01 -42.63 -44.09
CA THR O 209 2.23 -42.40 -42.89
C THR O 209 3.17 -42.23 -41.69
N PRO O 210 2.78 -41.45 -40.66
CA PRO O 210 3.65 -41.32 -39.48
C PRO O 210 3.71 -42.62 -38.67
N ILE O 211 4.92 -43.01 -38.31
CA ILE O 211 5.12 -44.30 -37.64
C ILE O 211 4.76 -44.21 -36.15
N GLU O 212 4.69 -43.02 -35.58
CA GLU O 212 4.29 -42.88 -34.19
C GLU O 212 2.79 -43.06 -33.99
N ASP O 213 2.00 -42.95 -35.05
CA ASP O 213 0.56 -43.14 -34.97
C ASP O 213 0.09 -44.33 -35.79
N LEU O 214 0.98 -44.92 -36.60
CA LEU O 214 0.61 -46.15 -37.31
C LEU O 214 0.51 -47.32 -36.36
N TRP O 215 1.27 -47.29 -35.26
CA TRP O 215 1.10 -48.29 -34.21
C TRP O 215 -0.24 -48.15 -33.52
N GLN O 216 -0.66 -46.91 -33.23
CA GLN O 216 -1.91 -46.68 -32.52
C GLN O 216 -3.12 -47.04 -33.37
N PHE O 217 -3.00 -46.89 -34.70
CA PHE O 217 -4.06 -47.35 -35.59
C PHE O 217 -4.13 -48.87 -35.63
N LEU O 218 -3.00 -49.55 -35.45
CA LEU O 218 -2.96 -50.99 -35.30
C LEU O 218 -3.19 -51.45 -33.87
N TYR O 219 -3.63 -50.54 -32.99
CA TYR O 219 -3.86 -50.85 -31.58
C TYR O 219 -5.28 -50.51 -31.12
N GLU O 220 -5.93 -49.52 -31.73
CA GLU O 220 -7.28 -49.17 -31.33
C GLU O 220 -8.33 -50.05 -31.99
N LYS O 221 -8.06 -50.54 -33.21
CA LYS O 221 -8.94 -51.53 -33.81
C LYS O 221 -8.64 -52.93 -33.30
N HIS O 222 -7.51 -53.11 -32.62
CA HIS O 222 -7.16 -54.40 -32.05
C HIS O 222 -7.82 -54.61 -30.69
N TYR O 223 -8.02 -53.54 -29.92
CA TYR O 223 -8.90 -53.60 -28.75
C TYR O 223 -10.36 -53.65 -29.17
N LYS O 224 -10.71 -53.04 -30.31
CA LYS O 224 -12.03 -53.19 -30.90
C LYS O 224 -12.23 -54.59 -31.47
N ASN O 225 -11.15 -55.31 -31.75
CA ASN O 225 -11.25 -56.67 -32.26
C ASN O 225 -11.76 -57.62 -31.19
N ILE O 226 -11.26 -57.51 -29.96
CA ILE O 226 -11.67 -58.39 -28.87
C ILE O 226 -12.28 -57.57 -27.73
N PRO O 227 -13.55 -57.10 -27.83
CA PRO O 227 -14.22 -56.60 -26.62
C PRO O 227 -15.05 -57.68 -25.95
N ARG O 228 -14.47 -58.84 -25.70
CA ARG O 228 -15.25 -59.97 -25.23
C ARG O 228 -15.54 -59.86 -23.73
N ASN O 229 -16.80 -60.00 -23.36
CA ASN O 229 -17.22 -60.05 -21.97
C ASN O 229 -16.77 -61.36 -21.34
N SER O 230 -15.64 -61.30 -20.64
CA SER O 230 -14.98 -62.47 -20.07
C SER O 230 -14.07 -61.99 -18.94
N PRO O 231 -13.90 -62.78 -17.87
CA PRO O 231 -13.04 -62.34 -16.77
C PRO O 231 -11.56 -62.31 -17.13
N LEU O 232 -11.15 -61.27 -17.85
CA LEU O 232 -9.75 -61.05 -18.20
C LEU O 232 -9.26 -59.80 -17.48
N SER O 233 -8.12 -59.93 -16.80
CA SER O 233 -7.49 -58.83 -16.08
C SER O 233 -6.66 -57.96 -17.03
N ASP O 234 -5.76 -57.16 -16.47
CA ASP O 234 -4.83 -56.33 -17.22
C ASP O 234 -3.80 -57.15 -18.03
N LEU O 235 -3.78 -58.48 -17.90
CA LEU O 235 -2.98 -59.36 -18.74
C LEU O 235 -3.39 -59.29 -20.21
N LYS O 236 -4.64 -58.90 -20.50
CA LYS O 236 -5.07 -58.72 -21.88
C LYS O 236 -4.36 -57.54 -22.54
N LYS O 237 -4.07 -56.49 -21.77
CA LYS O 237 -3.47 -55.28 -22.29
C LYS O 237 -1.95 -55.34 -22.37
N ARG O 238 -1.32 -56.48 -22.03
CA ARG O 238 0.13 -56.57 -22.10
C ARG O 238 0.60 -57.80 -22.85
N SER O 239 -0.19 -58.88 -22.81
CA SER O 239 0.23 -60.15 -23.39
C SER O 239 -0.46 -60.47 -24.71
N GLN O 240 -1.77 -60.27 -24.81
CA GLN O 240 -2.48 -60.65 -26.03
C GLN O 240 -2.34 -59.56 -27.10
N ALA O 241 -2.85 -58.36 -26.81
CA ALA O 241 -2.95 -57.31 -27.81
C ALA O 241 -1.57 -56.78 -28.20
N LYS O 242 -0.66 -56.64 -27.23
CA LYS O 242 0.66 -56.11 -27.51
C LYS O 242 1.48 -57.08 -28.37
N MET O 243 1.50 -58.36 -28.02
CA MET O 243 2.32 -59.31 -28.78
C MET O 243 1.71 -59.63 -30.13
N ASN O 244 0.38 -59.69 -30.23
CA ASN O 244 -0.22 -59.88 -31.55
C ASN O 244 -0.07 -58.64 -32.43
N ALA O 245 -0.04 -57.44 -31.84
CA ALA O 245 0.26 -56.26 -32.62
C ALA O 245 1.72 -56.21 -33.04
N LYS O 246 2.62 -56.75 -32.22
CA LYS O 246 4.02 -56.91 -32.62
C LYS O 246 4.15 -57.84 -33.81
N THR O 247 3.51 -59.02 -33.75
CA THR O 247 3.65 -59.96 -34.84
C THR O 247 2.79 -59.61 -36.06
N ASP O 248 1.89 -58.63 -35.95
CA ASP O 248 1.20 -58.10 -37.11
C ASP O 248 1.79 -56.79 -37.61
N PHE O 249 2.70 -56.18 -36.87
CA PHE O 249 3.38 -54.94 -37.24
C PHE O 249 4.75 -55.17 -37.84
N ALA O 250 5.53 -56.12 -37.28
CA ALA O 250 6.85 -56.40 -37.82
C ALA O 250 6.78 -57.07 -39.18
N LYS O 251 5.69 -57.81 -39.46
CA LYS O 251 5.48 -58.36 -40.78
C LYS O 251 5.09 -57.27 -41.78
N ILE O 252 4.32 -56.28 -41.33
CA ILE O 252 3.77 -55.29 -42.24
C ILE O 252 4.73 -54.13 -42.49
N ILE O 253 5.76 -53.95 -41.65
CA ILE O 253 6.79 -52.98 -42.00
C ILE O 253 7.81 -53.57 -42.96
N ASN O 254 7.94 -54.89 -43.01
CA ASN O 254 8.85 -55.56 -43.94
C ASN O 254 8.22 -55.79 -45.30
N LYS O 255 6.96 -55.40 -45.48
CA LYS O 255 6.32 -55.52 -46.79
C LYS O 255 6.95 -54.65 -47.90
N PRO O 256 7.37 -53.36 -47.68
CA PRO O 256 8.04 -52.66 -48.78
C PRO O 256 9.46 -53.12 -49.11
N ASN O 257 9.99 -54.14 -48.43
CA ASN O 257 11.30 -54.67 -48.78
C ASN O 257 11.26 -55.38 -50.13
N GLU O 258 10.30 -56.29 -50.32
CA GLU O 258 10.13 -56.96 -51.61
C GLU O 258 8.66 -57.37 -51.72
N LEU O 259 7.89 -56.57 -52.47
CA LEU O 259 6.48 -56.87 -52.70
C LEU O 259 6.06 -56.77 -54.17
N SER O 260 6.79 -56.02 -55.00
CA SER O 260 6.45 -55.88 -56.42
C SER O 260 7.31 -56.85 -57.23
N GLN O 261 7.00 -58.13 -57.10
CA GLN O 261 7.76 -59.20 -57.76
C GLN O 261 6.80 -60.16 -58.43
N ILE O 262 6.44 -59.86 -59.68
CA ILE O 262 5.85 -60.85 -60.57
C ILE O 262 6.75 -60.90 -61.81
N LEU O 263 6.78 -59.79 -62.56
CA LEU O 263 7.80 -59.49 -63.59
C LEU O 263 7.89 -60.57 -64.67
N THR O 264 6.77 -61.13 -65.09
CA THR O 264 6.80 -62.28 -65.98
C THR O 264 6.09 -61.92 -67.28
N VAL O 265 6.43 -60.75 -67.82
CA VAL O 265 5.88 -60.29 -69.09
C VAL O 265 6.80 -60.82 -70.19
N ASP O 266 6.36 -61.90 -70.85
CA ASP O 266 7.13 -62.58 -71.89
C ASP O 266 7.12 -61.95 -73.29
N PRO O 267 5.99 -61.59 -73.92
CA PRO O 267 6.08 -61.20 -75.35
C PRO O 267 6.66 -59.82 -75.60
N LYS O 268 6.84 -59.00 -74.58
CA LYS O 268 7.43 -57.67 -74.79
C LYS O 268 8.95 -57.76 -74.85
N THR O 269 9.59 -58.21 -73.77
CA THR O 269 11.03 -58.34 -73.70
C THR O 269 11.41 -59.77 -73.37
N SER O 270 12.63 -60.14 -73.74
CA SER O 270 13.18 -61.46 -73.43
C SER O 270 13.98 -61.46 -72.12
N LEU O 271 13.65 -60.57 -71.19
CA LEU O 271 14.38 -60.42 -69.95
C LEU O 271 13.40 -59.86 -68.92
N ARG O 272 13.82 -59.87 -67.64
CA ARG O 272 13.02 -59.33 -66.55
C ARG O 272 12.76 -57.83 -66.75
N ILE O 273 11.50 -57.47 -66.89
CA ILE O 273 11.08 -56.09 -67.13
C ILE O 273 10.31 -55.58 -65.92
N VAL O 274 10.62 -54.35 -65.50
CA VAL O 274 9.95 -53.72 -64.38
C VAL O 274 8.58 -53.25 -64.85
N LYS O 275 7.57 -53.42 -63.99
CA LYS O 275 6.19 -53.04 -64.26
C LYS O 275 6.08 -51.54 -64.53
N PRO O 276 5.40 -51.12 -65.61
CA PRO O 276 5.34 -49.69 -65.92
C PRO O 276 4.48 -48.89 -64.96
N THR O 277 3.32 -49.41 -64.57
CA THR O 277 2.41 -48.69 -63.68
C THR O 277 2.67 -49.02 -62.21
N VAL O 278 3.93 -48.92 -61.80
CA VAL O 278 4.38 -49.17 -60.43
C VAL O 278 5.42 -48.10 -60.10
N SER O 279 5.18 -47.35 -59.04
CA SER O 279 6.07 -46.27 -58.66
C SER O 279 7.34 -46.81 -58.01
N LEU O 280 8.32 -45.91 -57.82
CA LEU O 280 9.60 -46.30 -57.23
C LEU O 280 10.18 -45.14 -56.44
N THR O 281 10.74 -45.47 -55.28
CA THR O 281 11.45 -44.53 -54.42
C THR O 281 12.86 -45.08 -54.18
N ILE O 282 13.59 -44.45 -53.25
CA ILE O 282 15.01 -44.71 -53.05
C ILE O 282 15.24 -45.79 -51.98
N ASN O 283 14.20 -46.10 -51.17
CA ASN O 283 14.11 -47.08 -50.07
C ASN O 283 14.87 -46.59 -48.83
N LEU O 284 15.71 -45.56 -48.96
CA LEU O 284 16.18 -44.69 -47.88
C LEU O 284 17.06 -45.37 -46.82
N ASP O 285 17.20 -46.70 -46.88
CA ASP O 285 17.69 -47.44 -45.72
C ASP O 285 18.87 -48.33 -46.05
N ARG O 286 18.93 -48.84 -47.29
CA ARG O 286 20.08 -49.64 -47.66
C ARG O 286 21.31 -48.76 -47.86
N PHE O 287 21.11 -47.50 -48.27
CA PHE O 287 22.26 -46.63 -48.42
C PHE O 287 22.81 -46.16 -47.08
N MET O 288 21.92 -45.98 -46.09
CA MET O 288 22.31 -45.87 -44.68
C MET O 288 23.25 -46.99 -44.27
N LYS O 289 22.89 -48.21 -44.65
CA LYS O 289 23.65 -49.40 -44.30
C LYS O 289 24.99 -49.42 -45.03
N GLY O 290 25.01 -48.96 -46.28
CA GLY O 290 26.26 -48.90 -47.01
C GLY O 290 27.21 -47.85 -46.46
N ARG O 291 26.66 -46.70 -46.05
CA ARG O 291 27.47 -45.66 -45.43
C ARG O 291 28.03 -46.11 -44.09
N ARG O 292 27.23 -46.80 -43.29
CA ARG O 292 27.73 -47.30 -42.01
C ARG O 292 28.70 -48.47 -42.17
N SER O 293 28.53 -49.27 -43.22
CA SER O 293 29.52 -50.30 -43.52
C SER O 293 30.83 -49.68 -43.99
N LYS O 294 30.76 -48.57 -44.74
CA LYS O 294 31.96 -47.82 -45.09
C LYS O 294 32.63 -47.26 -43.84
N GLN O 295 31.84 -46.82 -42.86
CA GLN O 295 32.41 -46.39 -41.58
C GLN O 295 33.07 -47.54 -40.84
N LEU O 296 32.49 -48.74 -40.92
CA LEU O 296 33.09 -49.92 -40.29
C LEU O 296 34.40 -50.31 -40.98
N ILE O 297 34.47 -50.18 -42.31
CA ILE O 297 35.71 -50.49 -43.01
C ILE O 297 36.77 -49.42 -42.72
N ASN O 298 36.36 -48.16 -42.58
CA ASN O 298 37.29 -47.10 -42.19
C ASN O 298 37.80 -47.30 -40.77
N LEU O 299 36.97 -47.91 -39.90
CA LEU O 299 37.46 -48.32 -38.59
C LEU O 299 38.46 -49.46 -38.70
N ALA O 300 38.13 -50.48 -39.51
CA ALA O 300 38.95 -51.67 -39.63
C ALA O 300 40.29 -51.42 -40.31
N LYS O 301 40.40 -50.35 -41.09
CA LYS O 301 41.71 -49.96 -41.63
C LYS O 301 42.68 -49.53 -40.53
N THR O 302 42.18 -49.06 -39.39
CA THR O 302 43.03 -48.74 -38.25
C THR O 302 43.06 -49.84 -37.20
N ARG O 303 42.02 -50.68 -37.13
CA ARG O 303 42.01 -51.74 -36.12
C ARG O 303 42.96 -52.87 -36.47
N VAL O 304 42.76 -53.50 -37.63
CA VAL O 304 43.61 -54.59 -38.08
C VAL O 304 44.51 -54.09 -39.20
N GLY O 305 45.43 -54.95 -39.64
CA GLY O 305 46.42 -54.60 -40.63
C GLY O 305 45.84 -54.34 -42.01
N SER O 306 46.76 -54.08 -42.95
CA SER O 306 46.36 -53.65 -44.29
C SER O 306 45.80 -54.79 -45.12
N VAL O 307 46.16 -56.04 -44.81
CA VAL O 307 45.72 -57.18 -45.58
C VAL O 307 44.45 -57.82 -45.02
N THR O 308 44.13 -57.59 -43.74
CA THR O 308 42.96 -58.21 -43.14
C THR O 308 41.70 -57.41 -43.44
N ALA O 309 41.83 -56.08 -43.53
CA ALA O 309 40.67 -55.23 -43.79
C ALA O 309 40.14 -55.38 -45.21
N GLN O 310 40.97 -55.81 -46.17
CA GLN O 310 40.51 -56.00 -47.53
C GLN O 310 39.59 -57.20 -47.64
N VAL O 311 40.00 -58.34 -47.07
CA VAL O 311 39.15 -59.52 -47.06
C VAL O 311 37.97 -59.32 -46.10
N TYR O 312 38.13 -58.46 -45.09
CA TYR O 312 37.01 -58.10 -44.23
C TYR O 312 35.97 -57.29 -44.99
N LYS O 313 36.42 -56.43 -45.92
CA LYS O 313 35.51 -55.68 -46.77
C LYS O 313 34.81 -56.61 -47.75
N ILE O 314 35.55 -57.54 -48.36
CA ILE O 314 34.92 -58.41 -49.36
C ILE O 314 34.05 -59.48 -48.70
N ALA O 315 34.24 -59.73 -47.40
CA ALA O 315 33.36 -60.62 -46.66
C ALA O 315 32.28 -59.88 -45.89
N LEU O 316 32.31 -58.54 -45.89
CA LEU O 316 31.25 -57.76 -45.25
C LEU O 316 30.31 -57.11 -46.25
N ARG O 317 30.79 -56.74 -47.44
CA ARG O 317 29.97 -56.00 -48.41
C ARG O 317 29.23 -56.93 -49.36
N LEU O 318 28.54 -57.92 -48.80
CA LEU O 318 27.62 -58.74 -49.58
C LEU O 318 26.32 -59.05 -48.84
N THR O 319 26.22 -58.75 -47.55
CA THR O 319 25.06 -59.11 -46.74
C THR O 319 24.13 -57.93 -46.49
N GLU O 320 24.29 -56.83 -47.21
CA GLU O 320 23.46 -55.65 -47.02
C GLU O 320 22.18 -55.66 -47.84
N GLN O 321 22.03 -56.60 -48.78
CA GLN O 321 20.92 -56.60 -49.71
C GLN O 321 19.83 -57.62 -49.38
N LYS O 322 20.05 -58.49 -48.40
CA LYS O 322 19.10 -59.57 -48.15
C LYS O 322 18.07 -59.18 -47.09
N SER O 323 18.52 -58.90 -45.87
CA SER O 323 17.64 -58.65 -44.74
C SER O 323 18.04 -57.35 -44.06
N PRO O 324 17.41 -56.24 -44.45
CA PRO O 324 17.79 -54.96 -43.82
C PRO O 324 17.20 -54.74 -42.44
N LYS O 325 18.01 -55.00 -41.41
CA LYS O 325 17.83 -54.38 -40.09
C LYS O 325 19.22 -54.37 -39.45
N ILE O 326 19.97 -53.29 -39.71
CA ILE O 326 21.32 -53.16 -39.18
C ILE O 326 21.47 -51.79 -38.53
N ARG O 327 21.11 -50.72 -39.26
CA ARG O 327 21.21 -49.38 -38.69
C ARG O 327 20.15 -49.13 -37.63
N ASP O 328 18.90 -49.35 -37.98
CA ASP O 328 17.76 -48.60 -37.48
C ASP O 328 17.54 -48.76 -35.98
N PRO O 329 17.43 -47.66 -35.24
CA PRO O 329 16.60 -47.70 -34.03
C PRO O 329 15.21 -48.15 -34.45
N LEU O 330 14.73 -49.20 -33.80
CA LEU O 330 13.73 -50.10 -34.36
C LEU O 330 12.41 -49.38 -34.59
N THR O 331 11.63 -49.90 -35.55
CA THR O 331 10.43 -49.25 -36.05
C THR O 331 9.35 -49.14 -34.97
N GLN O 332 9.36 -50.03 -33.99
CA GLN O 332 8.36 -50.07 -32.95
C GLN O 332 8.86 -49.51 -31.61
N THR O 333 10.16 -49.44 -31.39
CA THR O 333 10.70 -49.08 -30.08
C THR O 333 10.60 -47.59 -29.75
N GLY O 334 10.01 -46.77 -30.63
CA GLY O 334 9.97 -45.34 -30.40
C GLY O 334 9.00 -44.88 -29.33
N LEU O 335 7.94 -45.65 -29.05
CA LEU O 335 6.91 -45.18 -28.15
C LEU O 335 6.36 -46.21 -27.17
N LEU O 336 6.95 -47.40 -27.07
CA LEU O 336 6.52 -48.38 -26.07
C LEU O 336 7.64 -48.83 -25.14
N GLN O 337 8.81 -48.20 -25.19
CA GLN O 337 9.90 -48.55 -24.28
C GLN O 337 9.76 -47.64 -23.07
N ASP O 338 8.78 -47.96 -22.23
CA ASP O 338 8.53 -47.15 -21.04
C ASP O 338 8.32 -47.98 -19.78
N LEU O 339 7.81 -49.21 -19.89
CA LEU O 339 7.60 -49.98 -18.66
C LEU O 339 8.76 -50.92 -18.34
N GLU O 340 8.96 -51.94 -19.16
CA GLU O 340 10.04 -52.88 -18.94
C GLU O 340 10.64 -53.44 -20.22
N GLU O 341 10.22 -52.97 -21.40
CA GLU O 341 10.38 -53.72 -22.64
C GLU O 341 11.79 -53.65 -23.23
N ALA O 342 12.71 -52.88 -22.66
CA ALA O 342 14.02 -52.66 -23.27
C ALA O 342 14.86 -53.93 -23.29
N LYS O 343 14.73 -54.77 -22.26
CA LYS O 343 15.39 -56.08 -22.27
C LYS O 343 14.81 -56.96 -23.38
N SER O 344 13.50 -56.86 -23.62
CA SER O 344 12.89 -57.59 -24.73
C SER O 344 13.33 -57.04 -26.08
N PHE O 345 13.58 -55.73 -26.18
CA PHE O 345 14.09 -55.17 -27.43
C PHE O 345 15.50 -55.66 -27.71
N GLN O 346 16.36 -55.66 -26.69
CA GLN O 346 17.72 -56.15 -26.87
C GLN O 346 17.73 -57.65 -27.18
N ASP O 347 16.86 -58.42 -26.53
CA ASP O 347 16.81 -59.86 -26.75
C ASP O 347 16.26 -60.19 -28.13
N GLU O 348 15.21 -59.50 -28.58
CA GLU O 348 14.68 -59.71 -29.92
C GLU O 348 15.65 -59.24 -30.98
N ALA O 349 16.41 -58.17 -30.69
CA ALA O 349 17.42 -57.67 -31.62
C ALA O 349 18.54 -58.68 -31.81
N GLU O 350 19.06 -59.23 -30.70
CA GLU O 350 20.09 -60.26 -30.83
C GLU O 350 19.53 -61.61 -31.26
N LEU O 351 18.22 -61.81 -31.21
CA LEU O 351 17.61 -63.04 -31.70
C LEU O 351 17.46 -63.04 -33.21
N VAL O 352 16.77 -62.02 -33.77
CA VAL O 352 16.65 -61.93 -35.22
C VAL O 352 17.88 -61.34 -35.87
N GLU O 353 18.89 -60.96 -35.07
CA GLU O 353 20.14 -60.42 -35.58
C GLU O 353 21.03 -61.49 -36.19
N GLU O 354 20.83 -62.75 -35.80
CA GLU O 354 21.59 -63.88 -36.34
C GLU O 354 20.67 -64.79 -37.15
N LYS O 355 21.31 -65.57 -38.03
CA LYS O 355 20.77 -66.65 -38.87
C LYS O 355 19.91 -66.13 -40.03
N THR O 356 19.56 -64.85 -40.02
CA THR O 356 18.82 -64.29 -41.15
C THR O 356 19.76 -63.86 -42.28
N PRO O 357 20.97 -63.23 -42.02
CA PRO O 357 21.95 -63.11 -43.12
C PRO O 357 22.80 -64.36 -43.32
N GLY O 358 22.35 -65.51 -42.82
CA GLY O 358 23.17 -66.70 -42.68
C GLY O 358 23.59 -67.41 -43.95
N LEU O 359 24.34 -66.72 -44.79
CA LEU O 359 24.99 -67.31 -45.96
C LEU O 359 26.32 -67.92 -45.53
N THR O 360 27.18 -68.24 -46.51
CA THR O 360 28.49 -68.83 -46.26
C THR O 360 29.38 -67.89 -45.45
N PHE O 361 29.70 -68.29 -44.21
CA PHE O 361 30.36 -67.39 -43.27
C PHE O 361 31.83 -67.19 -43.64
N ASN O 362 32.53 -68.28 -43.99
CA ASN O 362 33.94 -68.22 -44.37
C ASN O 362 34.14 -69.27 -45.47
N ALA O 363 34.00 -68.83 -46.71
CA ALA O 363 34.09 -69.73 -47.86
C ALA O 363 34.54 -68.92 -49.07
N ILE O 364 34.45 -69.53 -50.23
CA ILE O 364 34.88 -68.89 -51.48
C ILE O 364 33.66 -68.31 -52.18
N ASP O 365 33.90 -67.32 -53.03
CA ASP O 365 32.84 -66.69 -53.80
C ASP O 365 33.43 -66.11 -55.08
N LEU O 366 32.60 -66.07 -56.12
CA LEU O 366 33.00 -65.50 -57.41
C LEU O 366 32.61 -64.02 -57.53
N ALA O 367 32.92 -63.24 -56.50
CA ALA O 367 32.63 -61.81 -56.50
C ALA O 367 33.85 -60.99 -56.93
N ARG O 368 34.92 -61.03 -56.14
CA ARG O 368 36.16 -60.31 -56.37
C ARG O 368 37.19 -60.82 -55.36
N HIS O 369 38.44 -60.98 -55.82
CA HIS O 369 39.51 -61.41 -54.94
C HIS O 369 40.64 -60.41 -54.81
N LEU O 370 40.52 -59.22 -55.45
CA LEU O 370 41.49 -58.12 -55.42
C LEU O 370 42.89 -58.58 -55.83
N PRO O 371 43.17 -58.77 -57.15
CA PRO O 371 44.42 -59.42 -57.57
C PRO O 371 45.67 -58.63 -57.19
N ALA O 372 46.36 -59.17 -56.18
CA ALA O 372 47.48 -58.57 -55.47
C ALA O 372 48.05 -59.66 -54.59
N GLU O 373 48.88 -59.28 -53.62
CA GLU O 373 49.19 -60.17 -52.49
C GLU O 373 48.09 -60.14 -51.44
N LEU O 374 46.86 -60.45 -51.85
CA LEU O 374 45.66 -60.35 -51.02
C LEU O 374 44.75 -61.54 -51.26
N HIS O 448 53.45 -62.14 -47.90
CA HIS O 448 53.49 -62.89 -49.16
C HIS O 448 52.64 -64.14 -49.11
N SER O 449 51.66 -64.23 -50.01
CA SER O 449 50.79 -65.41 -50.11
C SER O 449 50.39 -65.57 -51.58
N ALA O 450 51.13 -66.39 -52.29
CA ALA O 450 50.83 -66.68 -53.70
C ALA O 450 49.98 -67.94 -53.84
N SER O 451 48.91 -68.02 -53.03
CA SER O 451 47.93 -69.10 -53.08
C SER O 451 46.71 -68.62 -52.33
N LEU O 452 45.54 -68.60 -52.98
CA LEU O 452 44.32 -68.09 -52.35
C LEU O 452 43.17 -69.10 -52.49
N ILE O 453 43.19 -70.10 -51.60
CA ILE O 453 42.01 -70.90 -51.23
C ILE O 453 42.28 -71.53 -49.87
N ASN O 454 41.35 -71.33 -48.92
CA ASN O 454 41.26 -71.98 -47.62
C ASN O 454 42.49 -71.80 -46.72
N SER O 455 43.45 -70.97 -47.10
CA SER O 455 44.65 -70.72 -46.30
C SER O 455 44.94 -69.23 -46.14
N HIS O 456 44.70 -68.43 -47.18
CA HIS O 456 44.78 -66.98 -47.08
C HIS O 456 43.42 -66.36 -46.76
N LEU O 457 42.33 -67.05 -47.08
CA LEU O 457 40.99 -66.62 -46.71
C LEU O 457 40.59 -67.05 -45.31
N LYS O 458 41.55 -67.41 -44.46
CA LYS O 458 41.31 -67.70 -43.05
C LYS O 458 41.92 -66.64 -42.14
N ILE O 459 42.42 -65.54 -42.71
CA ILE O 459 43.03 -64.49 -41.90
C ILE O 459 41.99 -63.64 -41.18
N LEU O 460 40.74 -63.63 -41.67
CA LEU O 460 39.68 -62.94 -40.95
C LEU O 460 39.14 -63.72 -39.78
N ALA O 461 39.53 -65.00 -39.63
CA ALA O 461 39.26 -65.73 -38.40
C ALA O 461 40.10 -65.19 -37.25
N SER O 462 41.28 -64.64 -37.56
CA SER O 462 42.11 -63.96 -36.58
C SER O 462 41.86 -62.46 -36.55
N SER O 463 40.66 -62.03 -36.93
CA SER O 463 40.28 -60.62 -36.91
C SER O 463 39.28 -60.29 -35.80
N ASN O 464 38.72 -61.30 -35.14
CA ASN O 464 37.73 -61.08 -34.10
C ASN O 464 38.26 -61.33 -32.69
N PHE O 465 39.19 -62.28 -32.53
CA PHE O 465 39.92 -62.50 -31.28
C PHE O 465 40.76 -61.30 -30.84
N PRO O 466 41.44 -60.50 -31.75
CA PRO O 466 42.01 -59.23 -31.27
C PRO O 466 40.97 -58.14 -31.00
N PHE O 467 41.47 -56.91 -30.81
CA PHE O 467 40.64 -55.74 -30.50
C PHE O 467 39.57 -55.53 -31.58
N LEU O 468 38.47 -54.90 -31.16
CA LEU O 468 37.11 -55.16 -31.62
C LEU O 468 36.91 -55.18 -33.13
N ASN O 469 36.33 -56.30 -33.59
CA ASN O 469 35.56 -56.38 -34.82
C ASN O 469 34.28 -57.12 -34.48
N GLU O 470 34.34 -57.94 -33.44
CA GLU O 470 33.21 -58.52 -32.71
C GLU O 470 32.34 -59.38 -33.64
N THR O 471 32.92 -60.51 -34.04
CA THR O 471 32.14 -61.67 -34.51
C THR O 471 32.70 -62.86 -33.73
N LYS O 472 32.27 -62.98 -32.47
CA LYS O 472 32.87 -63.94 -31.56
C LYS O 472 32.38 -65.38 -31.63
N PRO O 473 31.05 -65.69 -31.32
CA PRO O 473 30.74 -66.97 -30.66
C PRO O 473 31.00 -68.26 -31.44
N GLY O 474 30.21 -68.54 -32.48
CA GLY O 474 30.46 -69.78 -33.19
C GLY O 474 31.14 -69.69 -34.56
N VAL O 475 30.44 -69.09 -35.52
CA VAL O 475 30.94 -68.97 -36.89
C VAL O 475 30.79 -67.56 -37.44
N TYR O 476 29.57 -67.01 -37.40
CA TYR O 476 29.29 -65.67 -37.90
C TYR O 476 28.35 -64.90 -36.98
N TYR O 477 28.13 -65.39 -35.76
CA TYR O 477 27.09 -64.84 -34.89
C TYR O 477 27.50 -63.48 -34.34
N VAL O 478 26.48 -62.66 -34.07
CA VAL O 478 26.51 -61.27 -33.59
C VAL O 478 27.61 -60.40 -34.22
N PRO O 479 27.51 -60.01 -35.50
CA PRO O 479 28.50 -59.11 -36.07
C PRO O 479 28.21 -57.62 -35.97
N TYR O 480 27.00 -57.19 -35.61
CA TYR O 480 26.71 -55.76 -35.66
C TYR O 480 25.88 -55.26 -34.47
N SER O 481 25.92 -55.95 -33.33
CA SER O 481 25.16 -55.49 -32.17
C SER O 481 26.03 -54.83 -31.11
N LYS O 482 27.16 -55.44 -30.74
CA LYS O 482 28.03 -54.88 -29.71
C LYS O 482 29.18 -54.07 -30.30
N LEU O 483 28.95 -53.43 -31.45
CA LEU O 483 29.86 -52.41 -31.97
C LEU O 483 29.34 -51.00 -31.70
N MET O 484 28.03 -50.79 -31.86
CA MET O 484 27.44 -49.46 -31.77
C MET O 484 27.62 -48.71 -30.45
N PRO O 485 27.59 -49.33 -29.25
CA PRO O 485 27.99 -48.56 -28.06
C PRO O 485 29.47 -48.26 -27.98
N VAL O 486 30.32 -48.88 -28.81
CA VAL O 486 31.73 -48.58 -28.81
C VAL O 486 32.17 -47.90 -30.12
N LEU O 487 31.45 -48.12 -31.23
CA LEU O 487 31.71 -47.36 -32.45
C LEU O 487 31.42 -45.87 -32.26
N LYS O 488 30.45 -45.54 -31.40
CA LYS O 488 30.36 -44.16 -30.91
C LYS O 488 31.60 -43.79 -30.12
N SER O 489 31.95 -44.61 -29.12
CA SER O 489 33.03 -44.32 -28.18
C SER O 489 34.41 -44.37 -28.82
N SER O 490 34.56 -44.98 -29.99
CA SER O 490 35.84 -44.95 -30.70
C SER O 490 36.00 -43.68 -31.52
N VAL O 491 34.92 -43.19 -32.12
CA VAL O 491 34.98 -41.98 -32.94
C VAL O 491 34.91 -40.74 -32.05
N TYR O 492 34.14 -40.81 -30.95
CA TYR O 492 33.99 -39.68 -30.02
C TYR O 492 35.30 -39.32 -29.34
N GLU O 493 36.12 -40.31 -28.99
CA GLU O 493 37.43 -40.03 -28.40
C GLU O 493 38.41 -39.45 -29.42
N TYR O 494 38.31 -39.87 -30.67
CA TYR O 494 39.22 -39.37 -31.70
C TYR O 494 38.89 -37.96 -32.17
N VAL O 495 37.72 -37.45 -31.80
CA VAL O 495 37.38 -36.04 -32.03
C VAL O 495 37.81 -35.17 -30.86
N ILE O 496 37.51 -35.59 -29.63
CA ILE O 496 37.84 -34.78 -28.46
C ILE O 496 39.35 -34.78 -28.22
N ALA O 497 40.06 -35.83 -28.64
CA ALA O 497 41.51 -35.85 -28.50
C ALA O 497 42.18 -35.03 -29.59
N SER O 498 41.63 -35.05 -30.79
CA SER O 498 42.18 -34.26 -31.88
C SER O 498 41.84 -32.78 -31.77
N THR O 499 40.81 -32.43 -30.97
CA THR O 499 40.46 -31.04 -30.77
C THR O 499 41.06 -30.46 -29.49
N LEU O 500 40.75 -31.06 -28.33
CA LEU O 500 41.19 -30.49 -27.06
C LEU O 500 42.61 -30.87 -26.68
N GLY O 501 43.25 -31.76 -27.43
CA GLY O 501 44.63 -32.11 -27.15
C GLY O 501 44.79 -33.58 -26.80
N PRO O 502 46.03 -34.08 -26.86
CA PRO O 502 46.28 -35.49 -26.55
C PRO O 502 46.03 -35.86 -25.10
N SER O 503 46.07 -34.90 -24.18
CA SER O 503 45.78 -35.14 -22.77
C SER O 503 44.30 -35.12 -22.45
N ALA O 504 43.43 -34.91 -23.46
CA ALA O 504 41.99 -34.94 -23.22
C ALA O 504 41.46 -36.35 -23.21
N MET O 505 41.95 -37.22 -24.11
CA MET O 505 41.56 -38.62 -24.08
C MET O 505 42.20 -39.38 -22.92
N ARG O 506 43.26 -38.83 -22.32
CA ARG O 506 43.85 -39.46 -21.16
C ARG O 506 42.99 -39.26 -19.92
N LEU O 507 42.26 -38.15 -19.85
CA LEU O 507 41.37 -37.89 -18.73
C LEU O 507 39.95 -38.39 -18.98
N SER O 508 39.49 -38.37 -20.22
CA SER O 508 38.12 -38.77 -20.52
C SER O 508 37.93 -40.28 -20.51
N ARG O 509 39.01 -41.05 -20.68
CA ARG O 509 38.91 -42.51 -20.69
C ARG O 509 39.18 -43.11 -19.31
N CYS O 510 39.89 -42.39 -18.43
CA CYS O 510 40.12 -42.88 -17.07
C CYS O 510 38.82 -42.93 -16.27
N ILE O 511 37.97 -41.92 -16.41
CA ILE O 511 36.73 -41.85 -15.64
C ILE O 511 35.73 -42.90 -16.12
N ARG O 512 35.84 -43.33 -17.38
CA ARG O 512 35.02 -44.45 -17.87
C ARG O 512 35.38 -45.76 -17.19
N ASP O 513 36.64 -45.93 -16.79
CA ASP O 513 37.04 -47.17 -16.12
C ASP O 513 36.44 -47.25 -14.73
N ASN O 514 36.61 -46.20 -13.93
CA ASN O 514 36.02 -46.11 -12.60
C ASN O 514 35.23 -44.80 -12.48
N LYS O 515 33.91 -44.91 -12.59
CA LYS O 515 33.07 -43.75 -12.35
C LYS O 515 33.09 -43.38 -10.87
N LEU O 516 32.73 -42.12 -10.59
CA LEU O 516 32.79 -41.48 -9.28
C LEU O 516 34.23 -41.55 -8.74
N VAL O 517 35.13 -40.91 -9.48
CA VAL O 517 36.57 -40.98 -9.24
C VAL O 517 37.01 -39.68 -8.55
N SER O 518 37.94 -39.80 -7.62
CA SER O 518 38.48 -38.63 -6.95
C SER O 518 39.69 -38.11 -7.71
N GLU O 519 40.20 -36.96 -7.27
CA GLU O 519 41.39 -36.40 -7.88
C GLU O 519 42.66 -37.01 -7.31
N LYS O 520 42.61 -37.53 -6.07
CA LYS O 520 43.79 -38.14 -5.49
C LYS O 520 44.09 -39.49 -6.14
N ILE O 521 43.07 -40.28 -6.47
CA ILE O 521 43.31 -41.57 -7.11
C ILE O 521 43.39 -41.46 -8.62
N ILE O 522 43.04 -40.32 -9.21
CA ILE O 522 43.30 -40.13 -10.63
C ILE O 522 44.73 -39.64 -10.84
N ASN O 523 45.36 -39.09 -9.80
CA ASN O 523 46.79 -38.76 -9.88
C ASN O 523 47.63 -40.03 -9.87
N SER O 524 47.19 -41.06 -9.15
CA SER O 524 47.87 -42.35 -9.17
C SER O 524 47.61 -43.13 -10.45
N THR O 525 46.58 -42.76 -11.22
CA THR O 525 46.28 -43.44 -12.47
C THR O 525 46.86 -42.68 -13.67
N ALA O 526 46.84 -41.36 -13.63
CA ALA O 526 47.44 -40.54 -14.68
C ALA O 526 48.86 -40.14 -14.26
N LEU O 527 49.46 -39.21 -15.01
CA LEU O 527 50.85 -38.81 -14.80
C LEU O 527 51.03 -37.29 -14.83
N MET O 528 49.97 -36.52 -14.60
CA MET O 528 50.06 -35.07 -14.67
C MET O 528 50.80 -34.53 -13.45
N LYS O 529 51.49 -33.40 -13.65
CA LYS O 529 52.52 -32.92 -12.72
C LYS O 529 51.97 -32.50 -11.36
N GLU O 530 51.29 -31.36 -11.31
CA GLU O 530 50.61 -30.87 -10.11
C GLU O 530 49.21 -30.37 -10.40
N LYS O 531 49.01 -29.71 -11.54
CA LYS O 531 47.76 -29.02 -11.84
C LYS O 531 47.23 -29.30 -13.23
N ASP O 532 47.89 -30.16 -14.01
CA ASP O 532 47.41 -30.50 -15.34
C ASP O 532 46.28 -31.52 -15.28
N ILE O 533 45.98 -32.08 -14.10
CA ILE O 533 44.72 -32.80 -13.93
C ILE O 533 43.54 -31.86 -14.04
N ARG O 534 43.60 -30.72 -13.35
CA ARG O 534 42.47 -29.81 -13.27
C ARG O 534 42.46 -28.77 -14.38
N SER O 535 43.60 -28.52 -15.04
CA SER O 535 43.64 -27.50 -16.08
C SER O 535 42.92 -27.96 -17.34
N THR O 536 43.22 -29.17 -17.80
CA THR O 536 42.49 -29.75 -18.92
C THR O 536 41.09 -30.22 -18.51
N LEU O 537 40.81 -30.29 -17.20
CA LEU O 537 39.45 -30.53 -16.74
C LEU O 537 38.62 -29.25 -16.88
N ALA O 538 39.17 -28.11 -16.46
CA ALA O 538 38.48 -26.84 -16.62
C ALA O 538 38.41 -26.42 -18.08
N SER O 539 39.36 -26.86 -18.90
CA SER O 539 39.26 -26.66 -20.34
C SER O 539 38.23 -27.58 -20.98
N LEU O 540 37.75 -28.60 -20.26
CA LEU O 540 36.76 -29.53 -20.77
C LEU O 540 35.41 -29.42 -20.08
N ILE O 541 35.34 -28.78 -18.91
CA ILE O 541 34.12 -28.74 -18.11
C ILE O 541 33.01 -27.94 -18.79
N ARG O 542 33.35 -26.99 -19.68
CA ARG O 542 32.35 -26.28 -20.46
C ARG O 542 31.69 -27.18 -21.49
N TYR O 543 32.34 -28.26 -21.87
CA TYR O 543 31.76 -29.34 -22.64
C TYR O 543 31.23 -30.41 -21.66
N ASN O 544 30.38 -31.30 -22.17
CA ASN O 544 29.80 -32.36 -21.34
C ASN O 544 30.79 -33.50 -21.16
N SER O 545 30.29 -34.65 -20.68
CA SER O 545 31.07 -35.82 -20.25
C SER O 545 32.08 -35.47 -19.16
N VAL O 546 31.73 -34.51 -18.31
CA VAL O 546 32.57 -34.07 -17.20
C VAL O 546 31.72 -34.17 -15.94
N GLU O 547 30.40 -34.35 -16.17
CA GLU O 547 29.30 -34.00 -15.27
C GLU O 547 29.49 -34.53 -13.85
N ILE O 548 29.61 -33.59 -12.92
CA ILE O 548 30.08 -33.87 -11.56
C ILE O 548 28.86 -34.15 -10.69
N GLN O 549 29.07 -34.92 -9.62
CA GLN O 549 28.06 -35.12 -8.60
C GLN O 549 28.63 -34.70 -7.25
N GLU O 550 27.80 -34.08 -6.42
CA GLU O 550 28.23 -33.56 -5.13
C GLU O 550 27.72 -34.43 -3.99
N VAL O 551 28.58 -34.62 -2.98
CA VAL O 551 28.27 -35.43 -1.80
C VAL O 551 27.45 -34.75 -0.70
N PRO O 552 27.55 -33.42 -0.46
CA PRO O 552 27.78 -32.92 0.92
C PRO O 552 26.67 -33.25 1.91
N ARG O 553 27.09 -33.45 3.17
CA ARG O 553 26.19 -33.45 4.32
C ARG O 553 26.69 -32.35 5.26
N THR O 554 26.31 -31.11 4.95
CA THR O 554 26.61 -29.94 5.77
C THR O 554 25.36 -29.06 5.78
N ALA O 555 25.47 -27.89 6.41
CA ALA O 555 24.39 -26.92 6.35
C ALA O 555 24.47 -26.08 5.07
N ASP O 556 25.54 -25.30 4.94
CA ASP O 556 25.70 -24.41 3.79
C ASP O 556 27.16 -24.39 3.35
N ARG O 557 27.75 -25.59 3.17
CA ARG O 557 29.16 -25.79 2.78
C ARG O 557 30.11 -25.15 3.79
N SER O 558 30.18 -25.75 4.99
CA SER O 558 30.96 -25.21 6.08
C SER O 558 32.45 -25.52 5.97
N ALA O 559 32.82 -26.80 5.99
CA ALA O 559 34.22 -27.22 6.05
C ALA O 559 34.68 -27.93 4.79
N SER O 560 33.96 -27.70 3.68
CA SER O 560 34.29 -28.07 2.30
C SER O 560 34.25 -29.58 2.01
N ARG O 561 34.13 -30.43 3.03
CA ARG O 561 33.45 -31.72 3.00
C ARG O 561 33.99 -32.77 1.99
N ALA O 562 35.07 -32.46 1.27
CA ALA O 562 35.72 -33.32 0.27
C ALA O 562 34.72 -33.77 -0.81
N VAL O 563 34.31 -32.79 -1.62
CA VAL O 563 33.17 -32.91 -2.51
C VAL O 563 33.71 -33.02 -3.95
N PHE O 564 32.80 -33.21 -4.91
CA PHE O 564 32.99 -33.15 -6.36
C PHE O 564 33.90 -34.23 -6.92
N LEU O 565 33.45 -35.48 -6.82
CA LEU O 565 34.11 -36.61 -7.46
C LEU O 565 33.46 -36.84 -8.82
N PHE O 566 34.28 -37.16 -9.82
CA PHE O 566 33.89 -37.03 -11.22
C PHE O 566 33.31 -38.31 -11.80
N ARG O 567 32.22 -38.16 -12.57
CA ARG O 567 31.62 -39.23 -13.35
C ARG O 567 31.66 -38.87 -14.84
N CYS O 568 30.98 -39.68 -15.66
CA CYS O 568 30.94 -39.47 -17.11
C CYS O 568 29.58 -39.03 -17.61
N LYS O 569 28.53 -39.84 -17.38
CA LYS O 569 27.20 -39.68 -17.96
C LYS O 569 27.27 -39.56 -19.48
N GLU O 570 27.71 -40.66 -20.10
CA GLU O 570 28.03 -40.69 -21.53
C GLU O 570 26.82 -40.58 -22.44
N THR O 571 25.59 -40.67 -21.92
CA THR O 571 24.41 -40.51 -22.75
C THR O 571 24.07 -39.05 -23.04
N HIS O 572 24.68 -38.10 -22.33
CA HIS O 572 24.49 -36.69 -22.63
C HIS O 572 25.43 -36.21 -23.72
N SER O 573 26.71 -36.62 -23.65
CA SER O 573 27.74 -36.01 -24.46
C SER O 573 27.66 -36.45 -25.91
N TYR O 574 27.13 -37.65 -26.17
CA TYR O 574 26.95 -38.09 -27.55
C TYR O 574 25.88 -37.25 -28.25
N ASN O 575 24.77 -37.00 -27.55
CA ASN O 575 23.71 -36.14 -28.09
C ASN O 575 24.21 -34.70 -28.24
N PHE O 576 25.03 -34.24 -27.30
CA PHE O 576 25.53 -32.87 -27.38
C PHE O 576 26.54 -32.70 -28.52
N MET O 577 27.39 -33.71 -28.74
CA MET O 577 28.29 -33.72 -29.89
C MET O 577 27.50 -33.76 -31.19
N ARG O 578 26.37 -34.49 -31.20
CA ARG O 578 25.52 -34.54 -32.39
C ARG O 578 24.90 -33.18 -32.67
N GLN O 579 24.46 -32.47 -31.61
CA GLN O 579 23.93 -31.12 -31.76
C GLN O 579 24.99 -30.16 -32.29
N ASN O 580 26.21 -30.24 -31.77
CA ASN O 580 27.27 -29.32 -32.17
C ASN O 580 27.70 -29.58 -33.63
N LEU O 581 27.81 -30.86 -34.02
CA LEU O 581 28.15 -31.18 -35.40
C LEU O 581 27.05 -30.77 -36.36
N GLU O 582 25.78 -30.97 -35.99
CA GLU O 582 24.65 -30.59 -36.83
C GLU O 582 24.57 -29.07 -36.97
N TRP O 583 24.91 -28.33 -35.92
CA TRP O 583 24.93 -26.88 -36.01
C TRP O 583 26.07 -26.41 -36.91
N ASN O 584 27.24 -27.06 -36.85
CA ASN O 584 28.34 -26.67 -37.73
C ASN O 584 28.02 -26.97 -39.20
N MET O 585 27.32 -28.09 -39.45
CA MET O 585 26.76 -28.41 -40.76
C MET O 585 25.90 -27.27 -41.31
N ALA O 586 24.87 -26.89 -40.56
CA ALA O 586 23.95 -25.87 -41.06
C ALA O 586 24.58 -24.48 -41.10
N ASN O 587 25.56 -24.20 -40.25
CA ASN O 587 26.27 -22.92 -40.31
C ASN O 587 27.15 -22.84 -41.55
N LEU O 588 27.79 -23.96 -41.92
CA LEU O 588 28.53 -24.03 -43.18
C LEU O 588 27.62 -23.80 -44.39
N LEU O 589 26.42 -24.39 -44.35
CA LEU O 589 25.47 -24.14 -45.43
C LEU O 589 24.99 -22.68 -45.47
N PHE O 590 24.86 -22.02 -44.32
CA PHE O 590 24.55 -20.59 -44.34
C PHE O 590 25.73 -19.73 -44.80
N LYS O 591 26.97 -20.19 -44.61
CA LYS O 591 28.09 -19.52 -45.25
C LYS O 591 27.98 -19.61 -46.77
N LYS O 592 27.59 -20.79 -47.27
CA LYS O 592 27.32 -20.95 -48.71
C LYS O 592 26.19 -20.03 -49.16
N GLU O 593 25.13 -19.90 -48.35
CA GLU O 593 23.98 -19.10 -48.73
C GLU O 593 24.31 -17.61 -48.75
N LYS O 594 25.08 -17.13 -47.78
CA LYS O 594 25.51 -15.73 -47.80
C LYS O 594 26.50 -15.46 -48.93
N LEU O 595 27.31 -16.46 -49.30
CA LEU O 595 28.20 -16.30 -50.46
C LEU O 595 27.40 -16.17 -51.75
N LYS O 596 26.42 -17.03 -51.97
CA LYS O 596 25.60 -16.92 -53.18
C LYS O 596 24.64 -15.75 -53.14
N GLN O 597 24.36 -15.19 -51.95
CA GLN O 597 23.53 -14.00 -51.83
C GLN O 597 24.31 -12.71 -52.01
N GLU O 598 25.62 -12.73 -51.74
CA GLU O 598 26.43 -11.52 -51.81
C GLU O 598 26.57 -11.01 -53.25
N ASN O 599 26.97 -11.89 -54.17
CA ASN O 599 27.17 -11.53 -55.56
C ASN O 599 26.21 -12.30 -56.46
N SER O 600 25.00 -11.74 -56.62
CA SER O 600 24.00 -12.30 -57.52
C SER O 600 23.88 -11.52 -58.82
N THR O 601 24.57 -10.39 -58.96
CA THR O 601 24.53 -9.60 -60.18
C THR O 601 25.46 -10.13 -61.26
N LEU O 602 26.38 -11.03 -60.92
CA LEU O 602 27.30 -11.64 -61.89
C LEU O 602 27.03 -13.13 -62.07
N LEU O 603 25.93 -13.64 -61.51
CA LEU O 603 25.58 -15.05 -61.63
C LEU O 603 24.50 -15.30 -62.68
N LYS O 604 23.62 -14.32 -62.92
CA LYS O 604 22.53 -14.52 -63.87
C LYS O 604 23.02 -14.55 -65.31
N LYS O 605 24.17 -13.95 -65.61
CA LYS O 605 24.73 -13.97 -66.94
C LYS O 605 25.79 -15.05 -67.13
N ALA O 606 26.46 -15.48 -66.05
CA ALA O 606 27.57 -16.42 -66.16
C ALA O 606 27.11 -17.84 -66.42
N ASN O 607 25.82 -18.14 -66.28
CA ASN O 607 25.31 -19.48 -66.52
C ASN O 607 24.24 -19.54 -67.61
N ARG O 608 23.73 -18.40 -68.08
CA ARG O 608 22.70 -18.42 -69.11
C ARG O 608 23.28 -18.56 -70.50
N ASP O 609 24.09 -17.61 -70.93
CA ASP O 609 24.64 -17.58 -72.28
C ASP O 609 26.16 -17.66 -72.30
N ASP O 610 26.81 -17.89 -71.16
CA ASP O 610 28.26 -17.95 -71.07
C ASP O 610 28.63 -19.38 -70.64
N VAL O 611 28.87 -20.25 -71.62
CA VAL O 611 29.20 -21.64 -71.37
C VAL O 611 30.60 -21.98 -71.87
N LYS O 612 30.84 -21.82 -73.17
CA LYS O 612 32.13 -22.16 -73.77
C LYS O 612 33.03 -20.95 -73.99
N GLY O 613 32.48 -19.75 -74.03
CA GLY O 613 33.25 -18.54 -74.23
C GLY O 613 33.57 -17.75 -72.99
N ARG O 614 33.53 -18.37 -71.81
CA ARG O 614 33.78 -17.66 -70.56
C ARG O 614 35.21 -17.13 -70.46
N GLU O 615 36.16 -17.84 -71.05
CA GLU O 615 37.54 -17.39 -71.09
C GLU O 615 37.83 -16.53 -72.32
N ASN O 616 36.89 -16.40 -73.25
CA ASN O 616 37.09 -15.65 -74.48
C ASN O 616 36.61 -14.20 -74.35
N GLU O 617 37.08 -13.56 -73.29
CA GLU O 617 36.99 -12.10 -73.09
C GLU O 617 35.55 -11.58 -73.05
N LEU O 618 34.65 -12.36 -72.44
CA LEU O 618 33.29 -11.87 -72.25
C LEU O 618 33.17 -11.02 -70.99
N LEU O 619 34.09 -11.19 -70.05
CA LEU O 619 34.19 -10.34 -68.87
C LEU O 619 35.53 -9.62 -68.92
N LEU O 620 35.52 -8.34 -68.58
CA LEU O 620 36.74 -7.55 -68.60
C LEU O 620 37.66 -7.97 -67.46
N PRO O 621 38.99 -7.95 -67.64
CA PRO O 621 39.89 -8.37 -66.57
C PRO O 621 39.99 -7.40 -65.40
N SER O 622 38.88 -7.20 -64.68
CA SER O 622 38.88 -6.40 -63.47
C SER O 622 38.10 -7.14 -62.38
N GLU O 623 37.23 -8.06 -62.82
CA GLU O 623 36.42 -8.84 -61.89
C GLU O 623 36.32 -10.30 -62.30
N LEU O 624 37.14 -10.76 -63.25
CA LEU O 624 37.10 -12.15 -63.69
C LEU O 624 37.63 -13.09 -62.61
N ASN O 625 38.53 -12.59 -61.76
CA ASN O 625 39.02 -13.39 -60.64
C ASN O 625 37.95 -13.65 -59.57
N GLN O 626 36.87 -12.87 -59.57
CA GLN O 626 35.75 -13.16 -58.67
C GLN O 626 34.98 -14.39 -59.12
N LEU O 627 35.00 -14.69 -60.43
CA LEU O 627 34.33 -15.89 -60.92
C LEU O 627 35.09 -17.15 -60.50
N LYS O 628 36.41 -17.05 -60.34
CA LYS O 628 37.19 -18.13 -59.77
C LYS O 628 37.43 -17.95 -58.27
N MET O 629 36.74 -16.98 -57.66
CA MET O 629 36.68 -16.85 -56.21
C MET O 629 35.33 -17.29 -55.64
N VAL O 630 34.25 -17.08 -56.41
CA VAL O 630 32.94 -17.61 -56.02
C VAL O 630 32.81 -19.09 -56.37
N ASN O 631 33.80 -19.66 -57.05
CA ASN O 631 33.84 -21.09 -57.34
C ASN O 631 34.97 -21.79 -56.61
N GLU O 632 35.82 -21.06 -55.89
CA GLU O 632 36.95 -21.68 -55.20
C GLU O 632 36.56 -22.13 -53.79
N ARG O 633 36.09 -21.20 -52.95
CA ARG O 633 35.73 -21.55 -51.59
C ARG O 633 34.27 -21.96 -51.45
N GLU O 634 33.49 -21.87 -52.54
CA GLU O 634 32.20 -22.54 -52.58
C GLU O 634 32.38 -24.03 -52.88
N LEU O 635 33.49 -24.39 -53.55
CA LEU O 635 33.89 -25.78 -53.64
C LEU O 635 34.33 -26.31 -52.28
N ASN O 636 34.98 -25.45 -51.50
CA ASN O 636 35.48 -25.84 -50.18
C ASN O 636 34.34 -26.07 -49.19
N VAL O 637 33.23 -25.34 -49.34
CA VAL O 637 32.06 -25.56 -48.48
C VAL O 637 31.50 -26.97 -48.66
N PHE O 638 31.36 -27.40 -49.92
CA PHE O 638 30.86 -28.74 -50.18
C PHE O 638 31.89 -29.81 -49.87
N ALA O 639 33.19 -29.49 -49.94
CA ALA O 639 34.20 -30.45 -49.50
C ALA O 639 34.16 -30.65 -47.98
N ARG O 640 33.98 -29.56 -47.23
CA ARG O 640 33.78 -29.65 -45.79
C ARG O 640 32.50 -30.39 -45.44
N LEU O 641 31.45 -30.18 -46.24
CA LEU O 641 30.21 -30.92 -46.07
C LEU O 641 30.41 -32.41 -46.29
N SER O 642 31.16 -32.78 -47.33
CA SER O 642 31.44 -34.18 -47.62
C SER O 642 32.25 -34.83 -46.51
N ARG O 643 33.27 -34.15 -46.01
CA ARG O 643 34.07 -34.72 -44.92
C ARG O 643 33.45 -34.52 -43.54
N LEU O 644 32.29 -33.87 -43.46
CA LEU O 644 31.59 -33.73 -42.19
C LEU O 644 30.39 -34.66 -42.06
N LEU O 645 29.79 -35.07 -43.19
CA LEU O 645 28.81 -36.16 -43.15
C LEU O 645 29.40 -37.46 -42.65
N SER O 646 30.69 -37.70 -42.92
CA SER O 646 31.37 -38.91 -42.48
C SER O 646 31.68 -38.93 -40.99
N LEU O 647 31.38 -37.85 -40.27
CA LEU O 647 31.56 -37.79 -38.83
C LEU O 647 30.28 -37.48 -38.07
N TRP O 648 29.30 -36.84 -38.72
CA TRP O 648 28.04 -36.56 -38.01
C TRP O 648 27.18 -37.81 -37.84
N GLU O 649 27.19 -38.71 -38.84
CA GLU O 649 26.25 -39.82 -38.87
C GLU O 649 26.70 -41.04 -38.08
N VAL O 650 27.60 -40.87 -37.11
CA VAL O 650 28.01 -41.98 -36.26
C VAL O 650 27.39 -41.90 -34.87
N PHE O 651 26.83 -40.74 -34.48
CA PHE O 651 26.30 -40.54 -33.14
C PHE O 651 24.79 -40.78 -33.07
N GLN O 652 24.18 -41.28 -34.13
CA GLN O 652 22.74 -41.54 -34.15
C GLN O 652 22.45 -42.98 -34.55
N MET O 653 23.17 -43.91 -33.93
CA MET O 653 22.97 -45.34 -34.18
C MET O 653 21.75 -45.83 -33.39
N ALA O 654 21.52 -47.14 -33.42
CA ALA O 654 20.40 -47.74 -32.69
C ALA O 654 20.68 -47.78 -31.19
N PHE P 165 55.57 -44.00 -2.68
CA PHE P 165 56.39 -42.82 -2.89
C PHE P 165 57.37 -43.03 -4.04
N THR P 166 57.03 -43.95 -4.93
CA THR P 166 57.88 -44.26 -6.08
C THR P 166 57.59 -43.36 -7.29
N ASP P 167 56.55 -42.54 -7.23
CA ASP P 167 56.19 -41.65 -8.33
C ASP P 167 56.12 -40.19 -7.91
N GLY P 168 56.06 -39.90 -6.62
CA GLY P 168 55.96 -38.52 -6.15
C GLY P 168 57.29 -37.82 -6.05
N GLU P 169 58.39 -38.56 -6.21
CA GLU P 169 59.73 -38.01 -6.10
C GLU P 169 60.44 -37.92 -7.45
N LEU P 170 59.74 -38.15 -8.55
CA LEU P 170 60.35 -38.18 -9.87
C LEU P 170 59.81 -37.08 -10.79
N ASP P 171 58.90 -36.24 -10.29
CA ASP P 171 58.16 -35.21 -11.00
C ASP P 171 59.08 -34.20 -11.71
N ILE P 172 59.13 -34.18 -13.04
CA ILE P 172 58.45 -35.12 -13.96
C ILE P 172 59.50 -35.59 -14.98
N GLU P 173 60.77 -35.31 -14.65
CA GLU P 173 61.84 -35.12 -15.63
C GLU P 173 62.15 -36.33 -16.52
N PHE P 174 61.73 -37.55 -16.15
CA PHE P 174 61.99 -38.66 -17.04
C PHE P 174 60.85 -39.68 -17.12
N ILE P 175 59.64 -39.33 -16.69
CA ILE P 175 58.52 -40.27 -16.82
C ILE P 175 58.07 -40.36 -18.28
N ASN P 176 57.98 -39.21 -18.96
CA ASN P 176 57.67 -39.20 -20.39
C ASN P 176 58.79 -39.82 -21.22
N SER P 177 60.03 -39.77 -20.72
CA SER P 177 61.13 -40.44 -21.41
C SER P 177 61.09 -41.95 -21.14
N LEU P 178 60.64 -42.35 -19.95
CA LEU P 178 60.53 -43.77 -19.61
C LEU P 178 59.44 -44.48 -20.42
N LEU P 179 58.44 -43.73 -20.89
CA LEU P 179 57.41 -44.29 -21.77
C LEU P 179 57.99 -44.80 -23.08
N THR P 180 59.02 -44.12 -23.60
CA THR P 180 59.55 -44.45 -24.93
C THR P 180 60.26 -45.79 -24.94
N ILE P 181 61.02 -46.10 -23.89
CA ILE P 181 61.76 -47.36 -23.82
C ILE P 181 60.79 -48.54 -23.70
N VAL P 182 59.80 -48.44 -22.81
CA VAL P 182 58.88 -49.55 -22.62
C VAL P 182 57.94 -49.69 -23.82
N TRP P 183 57.58 -48.60 -24.48
CA TRP P 183 56.73 -48.71 -25.67
C TRP P 183 57.49 -49.29 -26.84
N ARG P 184 58.77 -48.91 -27.00
CA ARG P 184 59.61 -49.48 -28.04
C ARG P 184 59.87 -50.96 -27.78
N PHE P 185 59.98 -51.37 -26.51
CA PHE P 185 60.23 -52.78 -26.24
C PHE P 185 58.98 -53.63 -26.42
N ILE P 186 57.79 -53.09 -26.09
CA ILE P 186 56.57 -53.84 -26.38
C ILE P 186 56.32 -53.88 -27.90
N SER P 187 56.69 -52.81 -28.62
CA SER P 187 56.60 -52.83 -30.08
C SER P 187 57.59 -53.82 -30.69
N GLU P 188 58.74 -54.01 -30.04
CA GLU P 188 59.69 -55.03 -30.50
C GLU P 188 59.18 -56.44 -30.19
N ASN P 189 58.49 -56.59 -29.06
CA ASN P 189 57.93 -57.89 -28.69
C ASN P 189 56.78 -58.28 -29.62
N THR P 190 56.01 -57.30 -30.07
CA THR P 190 54.82 -57.57 -30.89
C THR P 190 55.03 -57.38 -32.38
N PHE P 191 56.07 -56.66 -32.80
CA PHE P 191 56.30 -56.38 -34.21
C PHE P 191 57.79 -56.36 -34.47
N PRO P 192 58.22 -56.51 -35.72
CA PRO P 192 59.62 -56.22 -36.05
C PRO P 192 59.92 -54.73 -35.94
N ASN P 193 61.20 -54.44 -35.73
CA ASN P 193 61.63 -53.05 -35.54
C ASN P 193 61.72 -52.30 -36.87
N GLY P 194 62.55 -52.80 -37.79
CA GLY P 194 62.79 -52.07 -39.04
C GLY P 194 61.68 -52.20 -40.05
N PHE P 195 60.92 -53.30 -40.02
CA PHE P 195 59.84 -53.50 -40.97
C PHE P 195 58.58 -52.74 -40.61
N LYS P 196 58.53 -52.14 -39.42
CA LYS P 196 57.40 -51.29 -39.05
C LYS P 196 57.54 -49.88 -39.64
N ASN P 197 58.78 -49.37 -39.75
CA ASN P 197 59.00 -48.00 -40.20
C ASN P 197 58.67 -47.81 -41.66
N PHE P 198 58.69 -48.87 -42.46
CA PHE P 198 58.33 -48.82 -43.87
C PHE P 198 57.18 -49.79 -44.13
N GLU P 199 56.68 -49.76 -45.36
CA GLU P 199 55.59 -50.64 -45.78
C GLU P 199 56.04 -51.73 -46.72
N ASN P 200 57.35 -51.86 -46.94
CA ASN P 200 57.90 -52.87 -47.84
C ASN P 200 57.85 -54.22 -47.14
N GLY P 201 56.95 -55.09 -47.59
CA GLY P 201 56.75 -56.38 -46.97
C GLY P 201 56.09 -56.28 -45.60
N PRO P 202 54.78 -55.97 -45.55
CA PRO P 202 54.14 -55.68 -44.25
C PRO P 202 53.97 -56.89 -43.33
N LYS P 203 55.09 -57.42 -42.84
CA LYS P 203 55.18 -58.30 -41.67
C LYS P 203 54.48 -59.65 -41.88
N LYS P 204 54.28 -60.05 -43.14
CA LYS P 204 53.88 -61.41 -43.54
C LYS P 204 52.52 -61.83 -42.97
N ASN P 205 51.48 -61.09 -43.41
CA ASN P 205 50.06 -61.35 -43.10
C ASN P 205 49.85 -61.38 -41.58
N VAL P 206 50.06 -60.21 -40.98
CA VAL P 206 51.08 -59.99 -39.94
C VAL P 206 51.25 -61.18 -39.03
N PHE P 207 52.48 -61.70 -39.01
CA PHE P 207 52.90 -62.91 -38.29
C PHE P 207 52.04 -64.15 -38.57
N TYR P 208 51.38 -64.20 -39.74
CA TYR P 208 50.58 -65.36 -40.19
C TYR P 208 49.52 -65.78 -39.16
N ALA P 209 48.48 -64.92 -39.02
CA ALA P 209 47.42 -65.02 -38.00
C ALA P 209 48.06 -65.02 -36.61
N PRO P 210 48.44 -63.85 -36.10
CA PRO P 210 49.57 -63.72 -35.16
C PRO P 210 49.31 -64.29 -33.77
N ASN P 211 50.15 -65.27 -33.40
CA ASN P 211 50.79 -65.39 -32.09
C ASN P 211 49.83 -65.30 -30.90
N VAL P 212 49.01 -66.35 -30.78
CA VAL P 212 48.14 -66.50 -29.62
C VAL P 212 48.97 -66.66 -28.33
N LYS P 213 50.14 -67.29 -28.44
CA LYS P 213 50.94 -67.61 -27.26
C LYS P 213 51.64 -66.39 -26.68
N ASN P 214 52.07 -65.45 -27.52
CA ASN P 214 52.98 -64.38 -27.10
C ASN P 214 52.24 -63.35 -26.25
N TYR P 215 52.58 -63.29 -24.97
CA TYR P 215 52.13 -62.26 -24.05
C TYR P 215 53.13 -61.11 -24.05
N SER P 216 53.02 -60.20 -23.09
CA SER P 216 53.91 -59.04 -23.02
C SER P 216 54.83 -59.04 -21.81
N THR P 217 54.28 -59.08 -20.60
CA THR P 217 55.07 -58.87 -19.38
C THR P 217 54.76 -59.93 -18.34
N THR P 218 55.80 -60.66 -17.91
CA THR P 218 55.71 -61.53 -16.73
C THR P 218 57.12 -61.69 -16.16
N GLN P 219 57.40 -60.96 -15.07
CA GLN P 219 58.47 -61.22 -14.10
C GLN P 219 59.88 -60.96 -14.63
N GLU P 220 60.03 -60.71 -15.93
CA GLU P 220 61.33 -60.45 -16.52
C GLU P 220 61.48 -59.05 -17.06
N ILE P 221 60.38 -58.42 -17.46
CA ILE P 221 60.43 -57.11 -18.10
C ILE P 221 60.77 -56.02 -17.08
N LEU P 222 60.37 -56.23 -15.82
CA LEU P 222 60.68 -55.28 -14.75
C LEU P 222 62.18 -55.21 -14.50
N GLU P 223 62.84 -56.36 -14.37
CA GLU P 223 64.29 -56.37 -14.21
C GLU P 223 65.00 -55.99 -15.51
N PHE P 224 64.35 -56.19 -16.65
CA PHE P 224 64.92 -55.74 -17.92
C PHE P 224 64.99 -54.22 -17.98
N ILE P 225 63.91 -53.54 -17.58
CA ILE P 225 63.91 -52.08 -17.54
C ILE P 225 64.79 -51.58 -16.40
N THR P 226 64.89 -52.36 -15.31
CA THR P 226 65.76 -52.00 -14.19
C THR P 226 67.23 -52.02 -14.59
N ALA P 227 67.64 -53.04 -15.36
CA ALA P 227 69.01 -53.15 -15.83
C ALA P 227 69.21 -52.58 -17.23
N ALA P 228 68.45 -51.55 -17.60
CA ALA P 228 68.54 -50.93 -18.92
C ALA P 228 69.30 -49.61 -18.91
N GLN P 229 69.97 -49.29 -17.80
CA GLN P 229 70.81 -48.10 -17.62
C GLN P 229 70.00 -46.82 -17.84
N VAL P 230 69.08 -46.59 -16.91
CA VAL P 230 68.13 -45.47 -16.99
C VAL P 230 68.66 -44.38 -16.07
N ALA P 231 69.98 -44.41 -15.83
CA ALA P 231 70.73 -43.42 -15.04
C ALA P 231 70.20 -43.31 -13.60
N ASN P 232 69.81 -44.44 -13.02
CA ASN P 232 69.29 -44.47 -11.67
C ASN P 232 69.88 -45.69 -10.96
N VAL P 233 69.87 -45.64 -9.63
CA VAL P 233 70.25 -46.77 -8.80
C VAL P 233 69.10 -47.77 -8.92
N GLU P 234 69.40 -49.07 -8.89
CA GLU P 234 68.41 -50.12 -9.11
C GLU P 234 67.47 -50.25 -7.91
N LEU P 235 66.64 -49.22 -7.72
CA LEU P 235 65.71 -49.14 -6.61
C LEU P 235 64.43 -48.48 -7.11
N THR P 236 63.30 -48.94 -6.59
CA THR P 236 61.92 -48.49 -6.78
C THR P 236 61.36 -48.46 -8.22
N PRO P 237 61.51 -49.53 -9.05
CA PRO P 237 60.36 -49.90 -9.89
C PRO P 237 59.55 -50.99 -9.20
N SER P 238 59.06 -50.70 -8.00
CA SER P 238 58.45 -51.72 -7.16
C SER P 238 56.97 -51.85 -7.47
N ASN P 239 56.26 -50.73 -7.52
CA ASN P 239 54.86 -50.71 -7.87
C ASN P 239 54.57 -50.01 -9.19
N ILE P 240 55.59 -49.80 -10.02
CA ILE P 240 55.43 -49.11 -11.29
C ILE P 240 55.39 -50.20 -12.36
N ARG P 241 55.43 -51.47 -11.92
CA ARG P 241 55.31 -52.57 -12.86
C ARG P 241 53.91 -52.69 -13.43
N SER P 242 52.88 -52.42 -12.61
CA SER P 242 51.50 -52.50 -13.05
C SER P 242 50.82 -51.15 -13.18
N LEU P 243 51.23 -50.15 -12.39
CA LEU P 243 50.61 -48.83 -12.49
C LEU P 243 50.98 -48.12 -13.79
N CYS P 244 52.26 -48.22 -14.20
CA CYS P 244 52.64 -47.70 -15.51
C CYS P 244 52.10 -48.58 -16.64
N GLU P 245 51.81 -49.85 -16.34
CA GLU P 245 51.29 -50.77 -17.35
C GLU P 245 49.83 -50.49 -17.67
N VAL P 246 49.03 -50.19 -16.65
CA VAL P 246 47.64 -49.81 -16.88
C VAL P 246 47.55 -48.33 -17.24
N LEU P 247 48.55 -47.54 -16.85
CA LEU P 247 48.59 -46.09 -17.11
C LEU P 247 48.67 -45.76 -18.59
N VAL P 248 49.12 -46.68 -19.42
CA VAL P 248 49.21 -46.45 -20.86
C VAL P 248 48.10 -47.25 -21.54
N TYR P 249 46.95 -46.61 -21.75
CA TYR P 249 45.72 -47.30 -22.08
C TYR P 249 44.89 -46.67 -23.19
N ASP P 250 45.21 -45.45 -23.63
CA ASP P 250 44.27 -44.66 -24.43
C ASP P 250 44.16 -45.17 -25.86
N ASP P 251 45.27 -45.12 -26.63
CA ASP P 251 45.29 -45.62 -28.00
C ASP P 251 46.51 -46.50 -28.24
N LYS P 252 47.17 -46.94 -27.18
CA LYS P 252 48.51 -47.49 -27.30
C LYS P 252 48.58 -48.98 -27.00
N LEU P 253 48.02 -49.43 -25.88
CA LEU P 253 48.20 -50.81 -25.46
C LEU P 253 46.86 -51.52 -25.30
N GLU P 254 46.93 -52.85 -25.12
CA GLU P 254 45.79 -53.74 -25.23
C GLU P 254 45.57 -54.50 -23.93
N LYS P 255 44.31 -54.81 -23.62
CA LYS P 255 43.90 -55.21 -22.28
C LYS P 255 43.34 -56.63 -22.17
N VAL P 256 42.90 -57.23 -23.29
CA VAL P 256 41.73 -58.12 -23.41
C VAL P 256 41.54 -59.14 -22.28
N THR P 257 42.53 -60.00 -22.03
CA THR P 257 42.41 -60.95 -20.93
C THR P 257 43.45 -60.74 -19.84
N HIS P 258 44.75 -60.86 -20.14
CA HIS P 258 45.85 -60.56 -19.23
C HIS P 258 47.15 -60.52 -20.02
N ASP P 259 47.93 -59.44 -19.85
CA ASP P 259 49.28 -59.29 -20.39
C ASP P 259 49.36 -59.45 -21.90
N CYS P 260 48.28 -59.10 -22.60
CA CYS P 260 48.19 -59.20 -24.06
C CYS P 260 48.40 -57.84 -24.70
N TYR P 261 49.31 -57.06 -24.13
CA TYR P 261 49.53 -55.67 -24.51
C TYR P 261 50.12 -55.58 -25.91
N ARG P 262 49.34 -55.04 -26.85
CA ARG P 262 49.71 -54.93 -28.25
C ARG P 262 49.70 -53.47 -28.68
N VAL P 263 50.32 -53.20 -29.82
CA VAL P 263 50.75 -51.84 -30.18
C VAL P 263 50.02 -51.28 -31.39
N THR P 264 49.47 -52.13 -32.27
CA THR P 264 49.24 -51.91 -33.70
C THR P 264 48.65 -50.58 -34.18
N LEU P 265 47.97 -49.82 -33.31
CA LEU P 265 47.26 -48.63 -33.77
C LEU P 265 48.20 -47.49 -34.14
N GLU P 266 48.94 -46.96 -33.16
CA GLU P 266 49.69 -45.73 -33.38
C GLU P 266 51.03 -45.95 -34.06
N SER P 267 51.36 -47.17 -34.46
CA SER P 267 52.58 -47.44 -35.21
C SER P 267 52.45 -47.09 -36.68
N ILE P 268 51.25 -46.72 -37.13
CA ILE P 268 51.05 -46.17 -38.45
C ILE P 268 50.85 -44.65 -38.41
N LEU P 269 50.22 -44.13 -37.35
CA LEU P 269 49.81 -42.74 -37.31
C LEU P 269 50.99 -41.81 -36.99
N GLN P 270 51.81 -42.16 -36.01
CA GLN P 270 52.91 -41.30 -35.61
C GLN P 270 54.30 -41.88 -35.86
N MET P 271 54.43 -43.19 -36.03
CA MET P 271 55.74 -43.78 -36.28
C MET P 271 56.21 -43.53 -37.71
N ASN P 272 55.33 -43.73 -38.68
CA ASN P 272 55.67 -43.52 -40.09
C ASN P 272 55.52 -42.07 -40.52
N GLN P 273 55.11 -41.17 -39.62
CA GLN P 273 54.93 -39.76 -39.93
C GLN P 273 55.98 -38.87 -39.28
N GLY P 274 56.18 -39.00 -37.97
CA GLY P 274 57.15 -38.18 -37.27
C GLY P 274 58.58 -38.58 -37.56
N GLU P 275 58.92 -39.84 -37.28
CA GLU P 275 60.27 -40.34 -37.53
C GLU P 275 60.35 -41.02 -38.89
N GLY P 276 59.97 -40.28 -39.92
CA GLY P 276 59.98 -40.79 -41.28
C GLY P 276 60.21 -39.68 -42.28
N GLU P 277 60.45 -40.10 -43.53
CA GLU P 277 60.71 -39.16 -44.61
C GLU P 277 59.40 -38.76 -45.28
N PRO P 278 59.32 -37.55 -45.84
CA PRO P 278 58.07 -37.13 -46.49
C PRO P 278 58.05 -37.44 -47.97
N GLU P 279 56.86 -37.72 -48.51
CA GLU P 279 56.72 -38.05 -49.93
C GLU P 279 55.29 -37.75 -50.35
N ALA P 280 55.15 -37.19 -51.55
CA ALA P 280 53.84 -36.93 -52.15
C ALA P 280 53.51 -38.06 -53.12
N GLY P 281 53.33 -39.25 -52.55
CA GLY P 281 53.14 -40.45 -53.33
C GLY P 281 51.69 -40.74 -53.65
N ASN P 282 51.24 -41.92 -53.21
CA ASN P 282 49.91 -42.43 -53.53
C ASN P 282 48.89 -42.06 -52.46
N LYS P 283 49.05 -40.89 -51.85
CA LYS P 283 48.21 -40.45 -50.74
C LYS P 283 46.85 -39.92 -51.18
N ALA P 284 46.51 -40.06 -52.47
CA ALA P 284 45.18 -39.69 -52.96
C ALA P 284 44.20 -40.86 -52.87
N LEU P 285 44.16 -41.50 -51.70
CA LEU P 285 43.19 -42.54 -51.39
C LEU P 285 42.58 -42.39 -50.00
N GLU P 286 43.13 -41.53 -49.14
CA GLU P 286 42.59 -41.32 -47.80
C GLU P 286 41.27 -40.56 -47.91
N ASP P 287 40.18 -41.25 -47.59
CA ASP P 287 38.83 -40.72 -47.81
C ASP P 287 38.14 -40.51 -46.48
N GLU P 288 38.34 -39.32 -45.90
CA GLU P 288 37.52 -38.78 -44.81
C GLU P 288 37.60 -39.63 -43.54
N GLU P 289 38.75 -40.27 -43.32
CA GLU P 289 38.90 -41.22 -42.24
C GLU P 289 39.39 -40.53 -40.98
N GLU P 290 39.83 -41.32 -40.00
CA GLU P 290 40.28 -40.85 -38.70
C GLU P 290 41.72 -40.34 -38.75
N PHE P 291 41.90 -39.06 -39.08
CA PHE P 291 43.24 -38.50 -39.15
C PHE P 291 43.40 -37.31 -38.20
N SER P 292 43.95 -37.56 -37.02
CA SER P 292 44.07 -36.54 -36.00
C SER P 292 45.28 -35.65 -36.24
N ILE P 293 46.45 -36.29 -36.36
CA ILE P 293 47.75 -35.62 -36.33
C ILE P 293 47.98 -34.82 -37.61
N PHE P 294 47.54 -35.36 -38.75
CA PHE P 294 47.86 -34.80 -40.06
C PHE P 294 47.17 -33.45 -40.27
N ASN P 295 47.58 -32.78 -41.36
CA ASN P 295 47.06 -31.49 -41.80
C ASN P 295 47.27 -30.39 -40.75
N TYR P 296 48.54 -30.05 -40.52
CA TYR P 296 48.94 -28.90 -39.72
C TYR P 296 48.83 -27.62 -40.56
N PHE P 297 49.44 -26.53 -40.04
CA PHE P 297 49.60 -25.25 -40.73
C PHE P 297 48.24 -24.64 -41.11
N LYS P 298 47.55 -24.19 -40.05
CA LYS P 298 46.11 -23.91 -40.06
C LYS P 298 45.65 -22.98 -41.19
N MET P 299 46.20 -21.77 -41.26
CA MET P 299 45.79 -20.85 -42.32
C MET P 299 46.94 -20.03 -42.87
N PHE P 300 46.85 -19.75 -44.17
CA PHE P 300 47.77 -18.83 -44.84
C PHE P 300 47.01 -18.11 -45.94
N PRO P 301 46.47 -16.91 -45.66
CA PRO P 301 46.15 -16.27 -44.39
C PRO P 301 44.64 -16.08 -44.17
N ALA P 302 44.30 -15.55 -42.99
CA ALA P 302 43.10 -14.75 -42.67
C ALA P 302 41.81 -15.54 -42.45
N SER P 303 41.82 -16.87 -42.62
CA SER P 303 40.76 -17.79 -42.15
C SER P 303 39.39 -17.45 -42.77
N LYS P 304 39.28 -17.75 -44.07
CA LYS P 304 38.19 -17.23 -44.89
C LYS P 304 36.80 -17.80 -44.57
N HIS P 305 36.30 -17.46 -43.37
CA HIS P 305 34.91 -17.56 -42.94
C HIS P 305 34.36 -18.98 -42.80
N ASP P 306 35.17 -20.01 -43.07
CA ASP P 306 34.66 -21.37 -42.92
C ASP P 306 35.69 -22.33 -42.32
N LYS P 307 36.77 -21.81 -41.76
CA LYS P 307 37.87 -22.63 -41.27
C LYS P 307 37.61 -22.92 -39.78
N GLU P 308 38.64 -23.35 -39.05
CA GLU P 308 38.65 -23.92 -37.70
C GLU P 308 38.24 -22.95 -36.60
N VAL P 309 37.83 -21.72 -36.95
CA VAL P 309 37.67 -20.65 -35.96
C VAL P 309 36.46 -20.92 -35.08
N VAL P 310 35.49 -21.68 -35.58
CA VAL P 310 34.24 -21.90 -34.84
C VAL P 310 34.16 -23.36 -34.36
N TYR P 311 34.48 -23.55 -33.08
CA TYR P 311 34.11 -24.72 -32.30
C TYR P 311 33.68 -24.37 -30.89
N PHE P 312 33.95 -23.14 -30.43
CA PHE P 312 33.66 -22.70 -29.08
C PHE P 312 32.16 -22.61 -28.78
N ASP P 313 31.33 -22.45 -29.82
CA ASP P 313 29.90 -22.36 -29.64
C ASP P 313 29.33 -23.71 -29.23
N GLU P 314 28.59 -23.76 -28.11
CA GLU P 314 28.18 -24.99 -27.47
C GLU P 314 27.25 -25.86 -28.30
N TRP P 315 26.01 -25.38 -28.52
CA TRP P 315 24.96 -26.03 -29.31
C TRP P 315 24.71 -27.50 -29.00
N THR Q 34 38.31 -14.88 -33.97
CA THR Q 34 38.33 -14.72 -32.52
C THR Q 34 38.31 -16.07 -31.81
N GLU Q 35 38.83 -16.09 -30.58
CA GLU Q 35 38.68 -17.08 -29.50
C GLU Q 35 39.28 -18.46 -29.81
N PHE Q 36 39.79 -18.66 -31.03
CA PHE Q 36 40.67 -19.70 -31.57
C PHE Q 36 40.55 -21.13 -31.02
N PRO Q 37 39.45 -21.86 -31.24
CA PRO Q 37 39.53 -23.32 -31.18
C PRO Q 37 40.00 -23.91 -32.49
N SER Q 38 39.98 -25.23 -32.64
CA SER Q 38 40.52 -25.86 -33.84
C SER Q 38 39.64 -27.03 -34.28
N ILE Q 39 39.64 -27.27 -35.60
CA ILE Q 39 38.94 -28.39 -36.23
C ILE Q 39 39.98 -29.23 -36.95
N PRO Q 40 39.96 -30.56 -36.81
CA PRO Q 40 41.05 -31.39 -37.36
C PRO Q 40 41.09 -31.49 -38.88
N LEU Q 41 39.92 -31.65 -39.49
CA LEU Q 41 39.76 -32.01 -40.90
C LEU Q 41 40.05 -31.04 -42.06
N PRO Q 42 39.93 -29.69 -41.95
CA PRO Q 42 39.56 -28.91 -43.14
C PRO Q 42 40.61 -28.79 -44.24
N ILE Q 43 41.87 -28.52 -43.92
CA ILE Q 43 42.81 -27.99 -44.90
C ILE Q 43 43.35 -29.12 -45.77
N ASN Q 44 43.68 -28.78 -47.04
CA ASN Q 44 44.36 -29.63 -48.01
C ASN Q 44 43.53 -30.88 -48.34
N GLY Q 45 42.32 -30.65 -48.83
CA GLY Q 45 41.44 -31.73 -49.21
C GLY Q 45 40.51 -31.67 -50.43
N PRO Q 46 40.42 -30.56 -51.17
CA PRO Q 46 39.82 -30.68 -52.52
C PRO Q 46 40.81 -30.87 -53.67
N ILE Q 47 42.09 -31.12 -53.38
CA ILE Q 47 43.06 -31.34 -54.46
C ILE Q 47 42.83 -32.70 -55.14
N THR Q 48 42.25 -33.66 -54.43
CA THR Q 48 41.94 -34.95 -55.02
C THR Q 48 40.65 -34.88 -55.82
N ASN Q 49 40.42 -35.90 -56.65
CA ASN Q 49 39.30 -35.88 -57.58
C ASN Q 49 37.99 -36.32 -56.94
N LYS Q 50 38.03 -37.03 -55.81
CA LYS Q 50 36.81 -37.63 -55.26
C LYS Q 50 35.98 -36.59 -54.53
N GLU Q 51 36.61 -35.81 -53.64
CA GLU Q 51 35.90 -34.74 -52.95
C GLU Q 51 35.45 -33.65 -53.92
N ARG Q 52 36.25 -33.38 -54.95
CA ARG Q 52 35.84 -32.47 -56.01
C ARG Q 52 34.66 -33.03 -56.79
N SER Q 53 34.61 -34.35 -56.97
CA SER Q 53 33.50 -34.99 -57.67
C SER Q 53 32.19 -34.84 -56.88
N LEU Q 54 32.24 -35.14 -55.57
CA LEU Q 54 31.07 -34.94 -54.72
C LEU Q 54 30.65 -33.47 -54.64
N ALA Q 55 31.63 -32.56 -54.65
CA ALA Q 55 31.29 -31.14 -54.56
C ALA Q 55 30.64 -30.62 -55.83
N VAL Q 56 31.22 -30.95 -56.99
CA VAL Q 56 30.65 -30.56 -58.28
C VAL Q 56 29.28 -31.21 -58.48
N LYS Q 57 29.09 -32.41 -57.96
CA LYS Q 57 27.76 -33.02 -58.05
C LYS Q 57 26.76 -32.35 -57.10
N TYR Q 58 27.24 -31.82 -55.96
CA TYR Q 58 26.36 -31.00 -55.13
C TYR Q 58 25.96 -29.70 -55.85
N ILE Q 59 26.90 -29.07 -56.55
CA ILE Q 59 26.59 -27.90 -57.38
C ILE Q 59 25.56 -28.25 -58.46
N ASN Q 60 25.72 -29.41 -59.10
CA ASN Q 60 24.81 -29.81 -60.16
C ASN Q 60 23.42 -30.13 -59.63
N PHE Q 61 23.34 -30.77 -58.46
CA PHE Q 61 22.05 -31.06 -57.84
C PHE Q 61 21.36 -29.77 -57.39
N GLY Q 62 22.11 -28.83 -56.82
CA GLY Q 62 21.53 -27.56 -56.43
C GLY Q 62 21.11 -26.70 -57.60
N LYS Q 63 21.80 -26.84 -58.73
CA LYS Q 63 21.41 -26.09 -59.92
C LYS Q 63 20.17 -26.68 -60.58
N THR Q 64 20.09 -28.01 -60.65
CA THR Q 64 18.91 -28.64 -61.24
C THR Q 64 17.68 -28.56 -60.35
N VAL Q 65 17.83 -28.60 -59.02
CA VAL Q 65 16.69 -28.68 -58.11
C VAL Q 65 15.87 -27.39 -58.09
N LYS Q 66 16.39 -26.28 -58.61
CA LYS Q 66 15.68 -25.01 -58.67
C LYS Q 66 14.92 -24.88 -60.00
N ASP Q 67 14.48 -26.00 -60.57
CA ASP Q 67 13.71 -26.00 -61.80
C ASP Q 67 12.34 -26.66 -61.64
N GLY Q 68 12.05 -27.24 -60.48
CA GLY Q 68 10.79 -27.90 -60.26
C GLY Q 68 10.71 -29.22 -61.01
N PRO Q 69 9.56 -29.47 -61.66
CA PRO Q 69 9.41 -30.71 -62.44
C PRO Q 69 10.25 -30.67 -63.71
N PHE Q 70 10.89 -31.81 -63.99
CA PHE Q 70 11.92 -31.92 -65.03
C PHE Q 70 11.35 -32.40 -66.37
N TYR Q 71 10.44 -31.60 -66.94
CA TYR Q 71 9.90 -31.68 -68.31
C TYR Q 71 8.97 -32.88 -68.54
N THR Q 72 8.92 -33.82 -67.59
CA THR Q 72 8.05 -35.00 -67.60
C THR Q 72 7.72 -35.29 -66.12
N GLY Q 73 6.60 -34.76 -65.66
CA GLY Q 73 6.25 -34.97 -64.27
C GLY Q 73 5.03 -34.17 -63.89
N SER Q 74 4.73 -34.21 -62.58
CA SER Q 74 3.59 -33.55 -61.94
C SER Q 74 2.24 -33.95 -62.55
N MET Q 75 2.15 -35.18 -63.09
CA MET Q 75 0.93 -35.62 -63.75
C MET Q 75 0.48 -37.02 -63.37
N SER Q 76 1.35 -37.88 -62.84
CA SER Q 76 1.04 -39.32 -62.81
C SER Q 76 0.55 -39.78 -61.45
N LEU Q 77 1.34 -39.56 -60.40
CA LEU Q 77 1.20 -40.27 -59.14
C LEU Q 77 0.63 -39.41 -58.02
N ILE Q 78 0.17 -38.20 -58.33
CA ILE Q 78 -0.29 -37.29 -57.29
C ILE Q 78 -1.71 -37.64 -56.83
N ILE Q 79 -2.56 -38.09 -57.74
CA ILE Q 79 -3.88 -38.61 -57.40
C ILE Q 79 -3.77 -39.94 -56.66
N ASP Q 80 -2.73 -40.72 -56.93
CA ASP Q 80 -2.56 -42.07 -56.38
C ASP Q 80 -2.16 -41.99 -54.91
N GLN Q 81 -3.18 -41.75 -54.07
CA GLN Q 81 -3.09 -41.79 -52.60
C GLN Q 81 -2.08 -40.81 -52.04
N GLN Q 82 -2.14 -39.57 -52.52
CA GLN Q 82 -1.29 -38.49 -52.00
C GLN Q 82 -2.17 -37.27 -51.74
N GLU Q 83 -2.60 -37.14 -50.47
CA GLU Q 83 -3.35 -35.99 -49.95
C GLU Q 83 -4.66 -35.78 -50.71
N ASN Q 84 -5.58 -36.73 -50.49
CA ASN Q 84 -6.87 -36.78 -51.19
C ASN Q 84 -7.68 -35.50 -51.05
N SER Q 85 -7.57 -34.80 -49.91
CA SER Q 85 -8.27 -33.52 -49.75
C SER Q 85 -7.64 -32.42 -50.59
N LYS Q 86 -6.40 -32.62 -51.06
CA LYS Q 86 -5.74 -31.67 -51.94
C LYS Q 86 -5.58 -32.19 -53.36
N SER Q 87 -5.66 -33.50 -53.57
CA SER Q 87 -5.69 -34.06 -54.92
C SER Q 87 -7.11 -34.22 -55.44
N GLY Q 88 -8.13 -33.88 -54.63
CA GLY Q 88 -9.50 -33.90 -55.09
C GLY Q 88 -10.06 -32.52 -55.35
N LYS Q 89 -9.59 -31.53 -54.60
CA LYS Q 89 -10.05 -30.16 -54.77
C LYS Q 89 -9.36 -29.45 -55.93
N ARG Q 90 -8.22 -29.95 -56.38
CA ARG Q 90 -7.42 -29.34 -57.43
C ARG Q 90 -7.03 -30.37 -58.48
N LYS Q 91 -8.02 -31.09 -59.02
CA LYS Q 91 -7.72 -32.18 -59.95
C LYS Q 91 -7.08 -31.71 -61.27
N PRO Q 92 -7.45 -30.57 -61.88
CA PRO Q 92 -6.60 -30.06 -62.97
C PRO Q 92 -5.60 -29.00 -62.56
N ASN Q 93 -5.51 -28.65 -61.27
CA ASN Q 93 -4.71 -27.51 -60.84
C ASN Q 93 -3.39 -27.92 -60.19
N ILE Q 94 -2.89 -29.12 -60.46
CA ILE Q 94 -1.56 -29.47 -60.01
C ILE Q 94 -0.55 -29.25 -61.15
N ILE Q 95 -1.02 -28.76 -62.29
CA ILE Q 95 -0.22 -28.65 -63.49
C ILE Q 95 0.37 -27.23 -63.53
N LEU Q 96 0.35 -26.55 -62.38
CA LEU Q 96 0.87 -25.18 -62.30
C LEU Q 96 2.39 -25.17 -62.36
N ASP Q 97 3.03 -26.26 -61.93
CA ASP Q 97 4.49 -26.33 -61.95
C ASP Q 97 4.95 -27.23 -63.09
N GLU Q 98 5.66 -26.64 -64.05
CA GLU Q 98 6.26 -27.37 -65.16
C GLU Q 98 7.55 -26.66 -65.57
N ASP Q 99 8.23 -27.24 -66.56
CA ASP Q 99 9.23 -26.55 -67.35
C ASP Q 99 8.87 -26.53 -68.82
N ASP Q 100 7.69 -27.00 -69.19
CA ASP Q 100 7.20 -26.94 -70.56
C ASP Q 100 6.37 -25.69 -70.83
N THR Q 101 5.67 -25.17 -69.83
CA THR Q 101 4.89 -23.95 -69.97
C THR Q 101 5.38 -22.81 -69.09
N ASN Q 102 5.83 -23.11 -67.86
CA ASN Q 102 6.35 -22.04 -67.01
C ASN Q 102 7.69 -21.54 -67.50
N ASP Q 103 8.52 -22.41 -68.07
CA ASP Q 103 9.66 -21.98 -68.86
C ASP Q 103 9.31 -21.73 -70.31
N GLY Q 104 8.03 -21.81 -70.67
CA GLY Q 104 7.60 -21.55 -72.03
C GLY Q 104 7.06 -20.15 -72.22
N ILE Q 105 6.23 -19.70 -71.27
CA ILE Q 105 5.58 -18.39 -71.34
C ILE Q 105 6.61 -17.26 -71.28
N GLU Q 106 7.62 -17.38 -70.42
CA GLU Q 106 8.68 -16.39 -70.34
C GLU Q 106 9.61 -16.39 -71.55
N ARG Q 107 9.56 -17.43 -72.39
CA ARG Q 107 10.38 -17.46 -73.59
C ARG Q 107 9.63 -17.02 -74.85
N TYR Q 108 8.31 -16.82 -74.78
CA TYR Q 108 7.60 -16.20 -75.89
C TYR Q 108 7.89 -14.70 -75.99
N SER Q 109 8.18 -14.04 -74.89
CA SER Q 109 8.32 -12.59 -74.83
C SER Q 109 9.60 -12.06 -75.46
N ASP Q 110 10.48 -12.94 -75.96
CA ASP Q 110 11.65 -12.48 -76.69
C ASP Q 110 11.29 -11.97 -78.08
N LYS Q 111 10.12 -12.37 -78.60
CA LYS Q 111 9.69 -11.98 -79.94
C LYS Q 111 8.55 -10.96 -79.94
N TYR Q 112 7.74 -10.89 -78.88
CA TYR Q 112 6.65 -9.93 -78.86
C TYR Q 112 7.15 -8.51 -78.60
N LEU Q 113 8.36 -8.37 -78.04
CA LEU Q 113 8.92 -7.05 -77.76
C LEU Q 113 9.77 -6.50 -78.88
N LYS Q 114 10.40 -7.37 -79.68
CA LYS Q 114 11.26 -6.91 -80.76
C LYS Q 114 10.47 -6.43 -81.98
N LYS Q 115 9.17 -6.71 -82.03
CA LYS Q 115 8.33 -6.27 -83.13
C LYS Q 115 7.23 -5.32 -82.73
N ARG Q 116 6.75 -5.39 -81.48
CA ARG Q 116 5.67 -4.53 -81.02
C ARG Q 116 6.03 -3.97 -79.66
N LYS Q 117 5.61 -2.72 -79.41
CA LYS Q 117 5.89 -2.03 -78.16
C LYS Q 117 4.60 -1.41 -77.62
N ILE Q 118 4.20 -1.89 -76.45
CA ILE Q 118 3.02 -1.37 -75.75
C ILE Q 118 3.51 -0.88 -74.39
N GLY Q 119 3.02 0.28 -73.96
CA GLY Q 119 3.51 0.82 -72.71
C GLY Q 119 2.79 0.25 -71.51
N ILE Q 120 3.39 -0.79 -70.93
CA ILE Q 120 2.88 -1.48 -69.74
C ILE Q 120 4.08 -1.66 -68.83
N SER Q 121 3.88 -1.50 -67.51
CA SER Q 121 4.94 -1.72 -66.54
C SER Q 121 5.32 -3.20 -66.50
N ILE Q 122 6.59 -3.44 -66.18
CA ILE Q 122 7.15 -4.79 -66.20
C ILE Q 122 6.63 -5.61 -65.02
#